data_6G1F
#
_entry.id   6G1F
#
_cell.length_a   329.280
_cell.length_b   83.900
_cell.length_c   133.420
_cell.angle_alpha   90.00
_cell.angle_beta   111.58
_cell.angle_gamma   90.00
#
_symmetry.space_group_name_H-M   'C 1 2 1'
#
loop_
_entity.id
_entity.type
_entity.pdbx_description
1 polymer 'D-phenylglycine aminotransferase'
2 water water
#
_entity_poly.entity_id   1
_entity_poly.type   'polypeptide(L)'
_entity_poly.pdbx_seq_one_letter_code
;MSHHHHHHGSSGSILNDYKRKTEGSVFWAQRARSVMPDGVTADTRVFDPHGLFISDAQGVHKTDVDGNVYLDFFGGHGAL
VLGHGHPRVNAAIAEALSHGVQYAASHPLEVRWAERIVAAFPSIRKLRFTGSGTETTLLALRVARAFTGRRMILRIATHY
HGWHDFSASGYNSHFDGQPAPGVLPEIAKNTLLIRPDDIEGMREVFAQHGSDIAAFIAEPVGSHFGVTPVSDSFLREGAE
LARQYGALFILDEVISGFRVGNHGMQALLDVQPDLTCLA(LLP)ASAGGLPGGILGGREDVMGVLSRGSDRKVLHQGTFT
GNPITAAAAIAAIDTILEDDVCAKINDLGQFAREAMNHLFARKGLNWLAYGRFSGFHLMPGLPPNTTDTGSITRAEVARP
DVKMIAAMRMALILEGVDIGGRGSVFLSAQHEREHVEHLVTTFDRVLDRLADENLLSWQPTNLSGNQS
;
_entity_poly.pdbx_strand_id   A,B,C,D,E,F
#
# COMPACT_ATOMS: atom_id res chain seq x y z
N GLY A 12 -19.32 58.83 47.01
CA GLY A 12 -19.71 59.42 45.69
C GLY A 12 -18.55 59.62 44.73
N SER A 13 -17.32 59.36 45.17
CA SER A 13 -16.18 59.53 44.29
C SER A 13 -16.09 58.39 43.28
N ILE A 14 -15.33 58.63 42.21
CA ILE A 14 -15.08 57.57 41.23
C ILE A 14 -14.47 56.37 41.92
N LEU A 15 -13.41 56.59 42.70
CA LEU A 15 -12.74 55.51 43.41
C LEU A 15 -13.72 54.71 44.25
N ASN A 16 -14.61 55.39 44.97
CA ASN A 16 -15.52 54.70 45.88
C ASN A 16 -16.62 53.99 45.10
N ASP A 17 -17.17 54.63 44.06
CA ASP A 17 -18.10 53.92 43.19
C ASP A 17 -17.45 52.68 42.59
N TYR A 18 -16.19 52.79 42.19
CA TYR A 18 -15.49 51.64 41.63
C TYR A 18 -15.45 50.49 42.62
N LYS A 19 -15.08 50.79 43.88
CA LYS A 19 -14.98 49.74 44.88
C LYS A 19 -16.34 49.09 45.15
N ARG A 20 -17.41 49.88 45.12
CA ARG A 20 -18.73 49.32 45.44
C ARG A 20 -19.27 48.47 44.29
N LYS A 21 -18.97 48.83 43.05
CA LYS A 21 -19.46 48.06 41.91
C LYS A 21 -18.68 46.75 41.72
N THR A 22 -17.43 46.70 42.17
CA THR A 22 -16.55 45.57 41.90
C THR A 22 -16.17 44.86 43.20
N GLU A 23 -17.12 44.75 44.13
CA GLU A 23 -16.85 44.16 45.43
C GLU A 23 -16.39 42.71 45.30
N GLY A 24 -16.90 41.98 44.30
CA GLY A 24 -16.43 40.63 44.09
C GLY A 24 -14.98 40.57 43.66
N SER A 25 -14.51 41.60 42.95
CA SER A 25 -13.12 41.60 42.48
C SER A 25 -12.14 41.93 43.59
N VAL A 26 -12.57 42.67 44.63
CA VAL A 26 -11.67 42.92 45.75
C VAL A 26 -11.51 41.66 46.60
N PHE A 27 -12.56 40.84 46.69
CA PHE A 27 -12.44 39.57 47.40
C PHE A 27 -11.45 38.64 46.70
N TRP A 28 -11.53 38.54 45.37
CA TRP A 28 -10.60 37.68 44.64
C TRP A 28 -9.20 38.28 44.61
N ALA A 29 -9.10 39.60 44.48
CA ALA A 29 -7.80 40.26 44.53
C ALA A 29 -7.06 39.94 45.81
N GLN A 30 -7.78 39.86 46.94
CA GLN A 30 -7.14 39.58 48.21
C GLN A 30 -6.60 38.15 48.24
N ARG A 31 -7.34 37.19 47.70
CA ARG A 31 -6.82 35.83 47.59
C ARG A 31 -5.62 35.79 46.65
N ALA A 32 -5.68 36.54 45.54
CA ALA A 32 -4.56 36.54 44.60
C ALA A 32 -3.29 37.09 45.23
N ARG A 33 -3.43 38.10 46.10
CA ARG A 33 -2.28 38.75 46.70
C ARG A 33 -1.54 37.86 47.68
N SER A 34 -2.18 36.82 48.20
CA SER A 34 -1.50 35.90 49.10
C SER A 34 -0.64 34.89 48.36
N VAL A 35 -0.88 34.66 47.07
CA VAL A 35 -0.14 33.65 46.32
C VAL A 35 0.64 34.21 45.15
N MET A 36 0.42 35.47 44.76
CA MET A 36 1.11 36.05 43.61
C MET A 36 1.65 37.43 43.95
N PRO A 37 2.78 37.82 43.35
CA PRO A 37 3.29 39.18 43.55
C PRO A 37 2.32 40.21 42.98
N ASP A 38 2.01 41.22 43.78
CA ASP A 38 1.03 42.25 43.44
C ASP A 38 -0.33 41.66 43.07
N GLY A 39 -0.60 40.43 43.50
CA GLY A 39 -1.89 39.82 43.22
C GLY A 39 -2.17 39.55 41.76
N VAL A 40 -1.16 39.51 40.90
CA VAL A 40 -1.34 39.30 39.48
C VAL A 40 -0.22 38.37 38.97
N THR A 41 -0.40 37.89 37.74
CA THR A 41 0.62 37.09 37.09
C THR A 41 1.23 37.79 35.88
N ALA A 42 0.95 39.08 35.70
CA ALA A 42 1.54 39.86 34.62
C ALA A 42 1.50 41.32 35.00
N ASP A 43 2.61 42.03 34.75
CA ASP A 43 2.73 43.42 35.20
C ASP A 43 1.65 44.31 34.61
N THR A 44 1.23 44.04 33.37
CA THR A 44 0.18 44.83 32.74
C THR A 44 -1.15 44.76 33.49
N ARG A 45 -1.31 43.83 34.43
CA ARG A 45 -2.55 43.69 35.19
C ARG A 45 -2.56 44.50 36.48
N VAL A 46 -1.42 45.04 36.90
CA VAL A 46 -1.37 45.82 38.13
C VAL A 46 -2.31 47.00 38.00
N PHE A 47 -3.20 47.16 38.98
CA PHE A 47 -4.13 48.29 38.99
C PHE A 47 -4.51 48.60 40.42
N ASP A 48 -4.13 49.80 40.88
CA ASP A 48 -4.52 50.28 42.19
C ASP A 48 -5.92 50.89 42.12
N PRO A 49 -6.83 50.53 43.03
CA PRO A 49 -6.67 49.65 44.20
C PRO A 49 -6.71 48.17 43.84
N HIS A 50 -7.49 47.83 42.82
CA HIS A 50 -7.61 46.44 42.39
C HIS A 50 -8.18 46.41 40.99
N GLY A 51 -7.90 45.33 40.28
CA GLY A 51 -8.39 45.13 38.93
C GLY A 51 -9.66 44.28 38.90
N LEU A 52 -10.26 44.21 37.73
CA LEU A 52 -11.42 43.36 37.54
C LEU A 52 -11.02 41.89 37.53
N PHE A 53 -11.92 41.05 38.02
CA PHE A 53 -11.82 39.60 37.86
C PHE A 53 -12.96 39.15 36.96
N ILE A 54 -12.60 38.62 35.79
CA ILE A 54 -13.55 38.30 34.73
C ILE A 54 -13.83 36.81 34.75
N SER A 55 -15.09 36.43 34.56
CA SER A 55 -15.49 35.03 34.54
C SER A 55 -16.10 34.59 33.21
N ASP A 56 -16.37 35.50 32.29
CA ASP A 56 -16.98 35.13 31.02
C ASP A 56 -16.74 36.24 30.00
N ALA A 57 -16.63 35.84 28.74
CA ALA A 57 -16.47 36.80 27.65
C ALA A 57 -16.97 36.16 26.36
N GLN A 58 -17.77 36.91 25.61
CA GLN A 58 -18.31 36.44 24.34
C GLN A 58 -18.56 37.65 23.45
N GLY A 59 -18.25 37.50 22.17
CA GLY A 59 -18.43 38.60 21.25
C GLY A 59 -17.52 39.76 21.61
N VAL A 60 -18.11 40.88 21.95
CA VAL A 60 -17.36 42.07 22.36
C VAL A 60 -17.65 42.44 23.82
N HIS A 61 -18.25 41.54 24.58
CA HIS A 61 -18.58 41.77 25.97
C HIS A 61 -17.89 40.77 26.88
N LYS A 62 -17.62 41.20 28.11
CA LYS A 62 -17.08 40.32 29.14
C LYS A 62 -17.79 40.64 30.45
N THR A 63 -17.80 39.67 31.35
CA THR A 63 -18.59 39.74 32.58
C THR A 63 -17.71 39.43 33.77
N ASP A 64 -17.82 40.25 34.82
CA ASP A 64 -17.01 40.08 36.01
C ASP A 64 -17.72 39.17 37.02
N VAL A 65 -17.04 38.87 38.12
CA VAL A 65 -17.57 37.96 39.12
C VAL A 65 -18.79 38.49 39.85
N ASP A 66 -19.15 39.76 39.64
CA ASP A 66 -20.36 40.33 40.22
C ASP A 66 -21.54 40.33 39.26
N GLY A 67 -21.34 39.94 38.00
CA GLY A 67 -22.39 39.99 37.01
C GLY A 67 -22.42 41.25 36.17
N ASN A 68 -21.54 42.20 36.42
CA ASN A 68 -21.47 43.40 35.60
C ASN A 68 -20.95 43.05 34.21
N VAL A 69 -21.61 43.58 33.19
CA VAL A 69 -21.25 43.34 31.80
C VAL A 69 -20.51 44.54 31.26
N TYR A 70 -19.40 44.30 30.56
CA TYR A 70 -18.58 45.37 30.01
C TYR A 70 -18.44 45.20 28.51
N LEU A 71 -18.53 46.31 27.79
CA LEU A 71 -18.14 46.35 26.39
C LEU A 71 -16.62 46.43 26.31
N ASP A 72 -16.00 45.41 25.72
CA ASP A 72 -14.56 45.22 25.80
C ASP A 72 -13.86 45.78 24.57
N PHE A 73 -12.73 46.46 24.79
CA PHE A 73 -11.92 46.99 23.70
C PHE A 73 -10.45 46.61 23.84
N PHE A 74 -10.11 45.62 24.67
CA PHE A 74 -8.70 45.31 24.87
C PHE A 74 -8.41 43.84 25.15
N GLY A 75 -9.43 43.06 25.52
CA GLY A 75 -9.24 41.64 25.72
C GLY A 75 -8.41 41.02 24.61
N GLY A 76 -7.38 40.26 24.98
CA GLY A 76 -6.50 39.64 24.03
C GLY A 76 -5.25 40.43 23.69
N HIS A 77 -5.15 41.69 24.12
CA HIS A 77 -3.99 42.53 23.82
C HIS A 77 -3.72 42.59 22.32
N GLY A 78 -4.77 42.43 21.51
CA GLY A 78 -4.67 42.42 20.07
C GLY A 78 -4.81 41.05 19.45
N ALA A 79 -4.67 39.98 20.24
CA ALA A 79 -4.75 38.63 19.67
C ALA A 79 -6.15 38.31 19.18
N LEU A 80 -7.18 38.92 19.77
CA LEU A 80 -8.56 38.57 19.44
C LEU A 80 -9.12 39.45 18.33
N VAL A 81 -8.41 39.46 17.20
CA VAL A 81 -8.88 40.11 15.98
C VAL A 81 -10.30 39.68 15.65
N LEU A 82 -10.67 38.44 16.00
CA LEU A 82 -12.01 37.93 15.70
C LEU A 82 -12.94 38.02 16.91
N GLY A 83 -12.50 38.57 18.04
CA GLY A 83 -13.33 38.71 19.20
C GLY A 83 -13.32 37.50 20.09
N HIS A 84 -14.16 37.54 21.12
CA HIS A 84 -14.25 36.45 22.09
C HIS A 84 -15.11 35.33 21.54
N GLY A 85 -14.60 34.11 21.61
CA GLY A 85 -15.36 32.93 21.21
C GLY A 85 -16.01 33.03 19.84
N HIS A 86 -15.25 33.42 18.83
CA HIS A 86 -15.74 33.34 17.46
C HIS A 86 -16.12 31.88 17.17
N PRO A 87 -17.36 31.60 16.76
CA PRO A 87 -17.80 30.20 16.70
C PRO A 87 -16.99 29.33 15.76
N ARG A 88 -16.44 29.90 14.68
CA ARG A 88 -15.62 29.11 13.78
C ARG A 88 -14.30 28.71 14.43
N VAL A 89 -13.75 29.56 15.29
CA VAL A 89 -12.51 29.23 15.98
C VAL A 89 -12.78 28.21 17.08
N ASN A 90 -13.80 28.45 17.91
CA ASN A 90 -14.07 27.55 19.03
C ASN A 90 -14.48 26.17 18.55
N ALA A 91 -15.19 26.08 17.41
CA ALA A 91 -15.53 24.76 16.87
C ALA A 91 -14.27 24.02 16.44
N ALA A 92 -13.32 24.71 15.81
CA ALA A 92 -12.06 24.07 15.44
C ALA A 92 -11.28 23.60 16.66
N ILE A 93 -11.25 24.42 17.71
CA ILE A 93 -10.59 24.02 18.95
C ILE A 93 -11.26 22.79 19.53
N ALA A 94 -12.59 22.81 19.63
CA ALA A 94 -13.32 21.70 20.22
C ALA A 94 -13.08 20.41 19.42
N GLU A 95 -13.02 20.52 18.10
CA GLU A 95 -12.77 19.35 17.27
C GLU A 95 -11.35 18.81 17.49
N ALA A 96 -10.36 19.70 17.54
CA ALA A 96 -8.98 19.25 17.74
C ALA A 96 -8.80 18.63 19.12
N LEU A 97 -9.44 19.21 20.14
CA LEU A 97 -9.28 18.69 21.50
C LEU A 97 -9.69 17.23 21.59
N SER A 98 -10.71 16.83 20.83
CA SER A 98 -11.15 15.44 20.83
C SER A 98 -10.16 14.51 20.08
N HIS A 99 -8.94 14.95 19.74
CA HIS A 99 -7.97 14.13 19.03
C HIS A 99 -6.57 14.17 19.66
N GLY A 100 -6.40 14.83 20.80
CA GLY A 100 -5.14 14.82 21.50
C GLY A 100 -4.41 16.16 21.42
N VAL A 101 -3.35 16.27 22.22
CA VAL A 101 -2.65 17.53 22.41
C VAL A 101 -1.16 17.40 22.12
N GLN A 102 -0.58 16.25 22.46
CA GLN A 102 0.87 16.07 22.36
C GLN A 102 1.13 14.62 22.02
N TYR A 103 1.66 14.37 20.83
CA TYR A 103 1.81 13.03 20.29
C TYR A 103 3.23 12.50 20.38
N ALA A 104 4.17 13.27 20.91
CA ALA A 104 5.59 12.94 20.80
C ALA A 104 5.93 12.64 19.35
N ALA A 105 5.45 13.51 18.46
CA ALA A 105 5.55 13.28 17.02
C ALA A 105 4.99 14.49 16.29
N SER A 106 5.33 14.57 15.00
CA SER A 106 4.73 15.55 14.11
C SER A 106 3.26 15.21 13.85
N HIS A 107 2.53 16.17 13.31
CA HIS A 107 1.11 15.98 13.03
C HIS A 107 0.71 16.96 11.94
N PRO A 108 -0.38 16.67 11.21
CA PRO A 108 -0.71 17.49 10.03
C PRO A 108 -1.09 18.92 10.34
N LEU A 109 -1.69 19.21 11.50
CA LEU A 109 -2.21 20.56 11.73
C LEU A 109 -1.11 21.59 11.82
N GLU A 110 0.06 21.23 12.37
CA GLU A 110 1.17 22.18 12.38
C GLU A 110 1.65 22.48 10.96
N VAL A 111 1.66 21.47 10.09
CA VAL A 111 2.03 21.70 8.69
C VAL A 111 1.04 22.65 8.03
N ARG A 112 -0.26 22.38 8.21
CA ARG A 112 -1.28 23.22 7.58
C ARG A 112 -1.22 24.65 8.10
N TRP A 113 -1.02 24.81 9.41
CA TRP A 113 -0.78 26.14 9.98
C TRP A 113 0.41 26.80 9.30
N ALA A 114 1.53 26.09 9.23
CA ALA A 114 2.75 26.64 8.65
C ALA A 114 2.52 27.06 7.20
N GLU A 115 1.76 26.28 6.44
CA GLU A 115 1.56 26.60 5.04
C GLU A 115 0.80 27.90 4.86
N ARG A 116 -0.12 28.22 5.79
CA ARG A 116 -0.82 29.50 5.71
C ARG A 116 0.10 30.66 6.03
N ILE A 117 1.00 30.49 7.01
CA ILE A 117 1.98 31.55 7.31
C ILE A 117 2.85 31.82 6.09
N VAL A 118 3.38 30.76 5.48
CA VAL A 118 4.25 30.93 4.32
C VAL A 118 3.50 31.56 3.16
N ALA A 119 2.20 31.28 3.04
CA ALA A 119 1.43 31.83 1.93
C ALA A 119 1.16 33.32 2.12
N ALA A 120 1.08 33.78 3.36
CA ALA A 120 0.79 35.18 3.65
C ALA A 120 2.03 36.05 3.67
N PHE A 121 3.19 35.48 4.01
CA PHE A 121 4.45 36.23 4.10
C PHE A 121 5.46 35.62 3.13
N PRO A 122 5.55 36.14 1.90
CA PRO A 122 6.56 35.61 0.97
C PRO A 122 7.98 35.71 1.48
N SER A 123 8.27 36.64 2.39
CA SER A 123 9.59 36.73 2.98
C SER A 123 9.94 35.47 3.79
N ILE A 124 8.93 34.72 4.21
CA ILE A 124 9.12 33.55 5.05
C ILE A 124 9.11 32.33 4.15
N ARG A 125 10.26 31.67 4.03
CA ARG A 125 10.34 30.38 3.36
C ARG A 125 10.44 29.21 4.34
N LYS A 126 10.91 29.47 5.55
CA LYS A 126 10.97 28.45 6.59
C LYS A 126 10.57 29.08 7.91
N LEU A 127 9.95 28.28 8.77
CA LEU A 127 9.55 28.79 10.07
C LEU A 127 9.65 27.70 11.12
N ARG A 128 9.61 28.13 12.38
CA ARG A 128 9.48 27.24 13.52
C ARG A 128 8.52 27.88 14.50
N PHE A 129 7.64 27.07 15.06
CA PHE A 129 6.73 27.54 16.07
C PHE A 129 7.45 27.68 17.40
N THR A 130 6.90 28.51 18.28
CA THR A 130 7.42 28.73 19.62
C THR A 130 6.25 28.72 20.59
N GLY A 131 6.55 28.89 21.88
CA GLY A 131 5.53 28.88 22.91
C GLY A 131 4.84 30.21 23.15
N SER A 132 5.45 31.31 22.71
CA SER A 132 4.92 32.64 23.03
C SER A 132 5.61 33.66 22.15
N GLY A 133 5.06 34.88 22.18
CA GLY A 133 5.72 36.00 21.52
C GLY A 133 7.08 36.30 22.10
N THR A 134 7.23 36.12 23.41
CA THR A 134 8.53 36.36 24.05
C THR A 134 9.56 35.32 23.62
N GLU A 135 9.15 34.05 23.49
CA GLU A 135 10.06 33.02 22.98
C GLU A 135 10.42 33.31 21.53
N THR A 136 9.46 33.80 20.75
CA THR A 136 9.72 34.10 19.35
C THR A 136 10.89 35.06 19.20
N THR A 137 10.82 36.22 19.86
CA THR A 137 11.88 37.21 19.71
C THR A 137 13.17 36.72 20.36
N LEU A 138 13.07 35.95 21.45
CA LEU A 138 14.27 35.37 22.03
C LEU A 138 14.97 34.46 21.03
N LEU A 139 14.21 33.61 20.34
CA LEU A 139 14.81 32.73 19.33
C LEU A 139 15.32 33.53 18.14
N ALA A 140 14.64 34.62 17.78
CA ALA A 140 15.11 35.45 16.66
C ALA A 140 16.49 36.02 16.95
N LEU A 141 16.73 36.49 18.17
CA LEU A 141 18.03 37.05 18.50
C LEU A 141 19.10 35.95 18.54
N ARG A 142 18.79 34.81 19.15
CA ARG A 142 19.72 33.68 19.11
C ARG A 142 20.07 33.32 17.68
N VAL A 143 19.07 33.23 16.80
CA VAL A 143 19.32 32.83 15.43
C VAL A 143 20.18 33.87 14.71
N ALA A 144 19.90 35.16 14.92
CA ALA A 144 20.68 36.20 14.26
C ALA A 144 22.15 36.16 14.70
N ARG A 145 22.38 36.06 16.01
CA ARG A 145 23.75 35.99 16.51
C ARG A 145 24.47 34.76 15.97
N ALA A 146 23.79 33.61 15.95
CA ALA A 146 24.43 32.39 15.48
C ALA A 146 24.69 32.44 13.98
N PHE A 147 23.76 32.99 13.21
CA PHE A 147 23.93 33.06 11.76
C PHE A 147 25.08 33.99 11.39
N THR A 148 25.10 35.20 11.98
CA THR A 148 26.10 36.20 11.63
C THR A 148 27.41 36.02 12.36
N GLY A 149 27.42 35.28 13.47
CA GLY A 149 28.59 35.21 14.31
C GLY A 149 28.92 36.50 15.04
N ARG A 150 27.95 37.41 15.14
CA ARG A 150 28.17 38.73 15.71
C ARG A 150 27.56 38.83 17.10
N ARG A 151 27.86 39.94 17.76
CA ARG A 151 27.62 40.11 19.19
C ARG A 151 26.45 41.02 19.51
N MET A 152 26.25 42.09 18.75
CA MET A 152 25.43 43.21 19.21
C MET A 152 24.05 43.20 18.58
N ILE A 153 23.09 43.75 19.33
CA ILE A 153 21.70 43.86 18.90
C ILE A 153 21.32 45.34 18.92
N LEU A 154 20.68 45.81 17.85
CA LEU A 154 20.22 47.18 17.76
C LEU A 154 18.72 47.22 18.01
N ARG A 155 18.32 47.95 19.04
CA ARG A 155 16.92 48.09 19.42
C ARG A 155 16.53 49.56 19.41
N ILE A 156 15.25 49.79 19.20
CA ILE A 156 14.68 51.13 19.34
C ILE A 156 14.15 51.26 20.76
N ALA A 157 14.57 52.32 21.44
CA ALA A 157 14.15 52.55 22.81
C ALA A 157 12.62 52.58 22.90
N THR A 158 12.09 51.92 23.93
CA THR A 158 10.66 51.84 24.23
C THR A 158 9.97 50.69 23.49
N HIS A 159 10.57 50.19 22.41
CA HIS A 159 9.94 49.11 21.68
C HIS A 159 9.90 47.85 22.54
N TYR A 160 8.77 47.13 22.50
CA TYR A 160 8.54 45.99 23.37
C TYR A 160 8.59 44.71 22.54
N HIS A 161 9.49 43.80 22.92
CA HIS A 161 9.67 42.52 22.24
C HIS A 161 9.50 41.34 23.18
N GLY A 162 8.97 41.57 24.37
CA GLY A 162 8.88 40.55 25.40
C GLY A 162 9.67 40.95 26.63
N TRP A 163 9.67 40.05 27.61
CA TRP A 163 10.26 40.31 28.91
C TRP A 163 11.59 39.60 29.12
N HIS A 164 12.11 38.90 28.10
CA HIS A 164 13.35 38.17 28.28
C HIS A 164 14.53 39.15 28.45
N ASP A 165 15.70 38.58 28.72
CA ASP A 165 16.83 39.37 29.20
C ASP A 165 17.28 40.40 28.17
N PHE A 166 17.26 40.05 26.89
CA PHE A 166 17.83 40.90 25.87
C PHE A 166 16.93 42.07 25.47
N SER A 167 15.69 42.11 25.96
CA SER A 167 14.78 43.21 25.65
C SER A 167 14.26 43.91 26.90
N ALA A 168 14.78 43.56 28.08
CA ALA A 168 14.27 44.10 29.33
C ALA A 168 14.91 45.42 29.73
N SER A 169 16.06 45.76 29.16
CA SER A 169 16.76 47.01 29.47
C SER A 169 16.53 48.00 28.33
N GLY A 170 16.16 49.23 28.69
CA GLY A 170 15.85 50.24 27.71
C GLY A 170 14.46 50.16 27.12
N TYR A 171 13.57 49.39 27.74
CA TYR A 171 12.17 49.29 27.28
C TYR A 171 11.34 50.38 27.97
N ASN A 172 11.16 50.27 29.29
CA ASN A 172 10.47 51.29 30.06
C ASN A 172 11.37 51.89 31.14
N SER A 173 12.68 51.71 31.01
CA SER A 173 13.64 52.24 31.98
C SER A 173 15.04 52.00 31.43
N HIS A 174 16.03 52.48 32.16
CA HIS A 174 17.44 52.26 31.82
C HIS A 174 17.73 52.70 30.39
N PHE A 175 17.20 53.86 30.01
CA PHE A 175 17.43 54.40 28.69
C PHE A 175 18.87 54.85 28.48
N ASP A 176 19.67 54.91 29.54
CA ASP A 176 21.10 55.21 29.45
C ASP A 176 21.95 53.99 29.12
N GLY A 177 21.33 52.89 28.68
CA GLY A 177 22.07 51.70 28.30
C GLY A 177 22.52 50.83 29.46
N GLN A 178 22.19 51.19 30.69
CA GLN A 178 22.56 50.38 31.84
C GLN A 178 21.69 49.12 31.91
N PRO A 179 22.18 48.07 32.56
CA PRO A 179 21.39 46.83 32.66
C PRO A 179 20.32 46.92 33.72
N ALA A 180 19.12 46.45 33.37
CA ALA A 180 18.06 46.32 34.33
C ALA A 180 18.42 45.27 35.38
N PRO A 181 17.78 45.29 36.54
CA PRO A 181 18.08 44.29 37.57
C PRO A 181 18.01 42.87 37.03
N GLY A 182 19.03 42.07 37.34
CA GLY A 182 19.08 40.69 36.89
C GLY A 182 19.62 40.49 35.49
N VAL A 183 19.79 41.55 34.72
CA VAL A 183 20.32 41.46 33.37
C VAL A 183 21.84 41.53 33.44
N LEU A 184 22.51 40.55 32.84
CA LEU A 184 23.97 40.56 32.84
C LEU A 184 24.46 41.86 32.21
N PRO A 185 25.35 42.61 32.87
CA PRO A 185 25.85 43.84 32.25
C PRO A 185 26.45 43.60 30.88
N GLU A 186 26.93 42.39 30.61
CA GLU A 186 27.46 42.06 29.29
C GLU A 186 26.34 42.06 28.25
N ILE A 187 25.11 41.79 28.64
CA ILE A 187 23.98 41.85 27.71
C ILE A 187 23.68 43.30 27.35
N ALA A 188 23.60 44.17 28.36
CA ALA A 188 23.37 45.58 28.08
C ALA A 188 24.54 46.17 27.30
N LYS A 189 25.77 45.75 27.63
CA LYS A 189 26.93 46.20 26.88
C LYS A 189 26.82 45.84 25.40
N ASN A 190 26.13 44.74 25.08
CA ASN A 190 25.96 44.27 23.72
C ASN A 190 24.63 44.70 23.10
N THR A 191 23.96 45.68 23.70
CA THR A 191 22.73 46.23 23.16
C THR A 191 22.98 47.68 22.76
N LEU A 192 22.60 48.03 21.54
CA LEU A 192 22.63 49.41 21.07
C LEU A 192 21.20 49.92 21.00
N LEU A 193 20.96 51.08 21.61
CA LEU A 193 19.64 51.72 21.61
C LEU A 193 19.69 52.96 20.75
N ILE A 194 18.71 53.10 19.87
CA ILE A 194 18.47 54.35 19.16
C ILE A 194 17.06 54.81 19.47
N ARG A 195 16.87 56.12 19.46
CA ARG A 195 15.54 56.66 19.67
C ARG A 195 14.73 56.55 18.39
N PRO A 196 13.41 56.42 18.51
CA PRO A 196 12.58 56.30 17.30
C PRO A 196 12.63 57.57 16.46
N ASP A 197 12.69 57.37 15.14
CA ASP A 197 12.74 58.46 14.16
C ASP A 197 14.00 59.29 14.26
N ASP A 198 15.03 58.82 14.97
CA ASP A 198 16.31 59.51 15.07
C ASP A 198 17.24 58.94 14.01
N ILE A 199 17.14 59.48 12.79
CA ILE A 199 17.79 58.84 11.64
C ILE A 199 19.30 59.05 11.67
N GLU A 200 19.76 60.27 11.98
CA GLU A 200 21.19 60.52 12.02
C GLU A 200 21.86 59.67 13.09
N GLY A 201 21.20 59.46 14.22
CA GLY A 201 21.72 58.54 15.22
C GLY A 201 21.86 57.13 14.70
N MET A 202 20.86 56.66 13.94
CA MET A 202 20.92 55.30 13.41
C MET A 202 22.05 55.14 12.39
N ARG A 203 22.22 56.13 11.51
CA ARG A 203 23.32 56.06 10.56
C ARG A 203 24.66 56.03 11.27
N GLU A 204 24.79 56.79 12.36
CA GLU A 204 26.05 56.85 13.09
C GLU A 204 26.31 55.56 13.85
N VAL A 205 25.27 54.88 14.34
CA VAL A 205 25.45 53.63 15.06
C VAL A 205 25.97 52.55 14.11
N PHE A 206 25.47 52.52 12.88
CA PHE A 206 25.96 51.55 11.91
C PHE A 206 27.37 51.91 11.44
N ALA A 207 27.65 53.21 11.29
CA ALA A 207 29.00 53.62 10.92
C ALA A 207 30.03 53.17 11.95
N GLN A 208 29.66 53.19 13.23
CA GLN A 208 30.59 52.85 14.29
C GLN A 208 30.61 51.36 14.63
N HIS A 209 29.45 50.68 14.54
CA HIS A 209 29.34 49.30 15.01
C HIS A 209 28.76 48.35 13.96
N GLY A 210 28.56 48.82 12.72
CA GLY A 210 27.76 48.06 11.77
C GLY A 210 28.23 46.63 11.57
N SER A 211 29.55 46.43 11.54
CA SER A 211 30.10 45.09 11.30
C SER A 211 29.93 44.16 12.49
N ASP A 212 29.59 44.67 13.67
CA ASP A 212 29.39 43.85 14.85
C ASP A 212 27.92 43.69 15.22
N ILE A 213 27.01 44.20 14.42
CA ILE A 213 25.57 44.13 14.70
C ILE A 213 25.02 42.85 14.10
N ALA A 214 24.54 41.95 14.96
CA ALA A 214 23.90 40.73 14.47
C ALA A 214 22.51 41.03 13.91
N ALA A 215 21.75 41.91 14.57
CA ALA A 215 20.38 42.15 14.16
C ALA A 215 19.93 43.53 14.56
N PHE A 216 19.08 44.10 13.72
CA PHE A 216 18.26 45.26 14.05
C PHE A 216 16.83 44.77 14.17
N ILE A 217 16.27 44.83 15.37
CA ILE A 217 14.91 44.39 15.63
C ILE A 217 14.05 45.61 15.90
N ALA A 218 12.85 45.62 15.33
CA ALA A 218 11.97 46.77 15.48
C ALA A 218 10.51 46.30 15.43
N GLU A 219 9.68 47.00 16.16
CA GLU A 219 8.25 46.83 16.14
C GLU A 219 7.65 47.86 15.19
N PRO A 220 6.85 47.46 14.20
CA PRO A 220 6.28 48.45 13.29
C PRO A 220 5.22 49.29 13.96
N VAL A 221 4.93 50.44 13.34
CA VAL A 221 3.92 51.39 13.81
C VAL A 221 4.47 52.14 15.02
N GLY A 222 4.97 51.40 16.01
CA GLY A 222 5.66 51.99 17.13
C GLY A 222 5.54 51.11 18.35
N SER A 223 6.17 51.57 19.43
CA SER A 223 6.09 50.89 20.71
C SER A 223 4.65 50.58 21.08
N HIS A 224 4.37 49.30 21.34
CA HIS A 224 3.02 48.84 21.68
C HIS A 224 2.02 49.23 20.60
N PHE A 225 2.38 48.94 19.35
CA PHE A 225 1.49 49.18 18.22
C PHE A 225 1.14 50.66 18.09
N GLY A 226 2.10 51.53 18.36
CA GLY A 226 1.98 52.94 18.04
C GLY A 226 1.73 53.88 19.21
N VAL A 227 1.77 53.40 20.45
CA VAL A 227 1.69 54.33 21.58
C VAL A 227 2.77 55.39 21.47
N THR A 228 3.99 54.97 21.13
CA THR A 228 5.06 55.88 20.74
C THR A 228 5.33 55.67 19.25
N PRO A 229 4.80 56.52 18.36
CA PRO A 229 4.89 56.22 16.93
C PRO A 229 6.32 56.24 16.42
N VAL A 230 6.60 55.32 15.50
CA VAL A 230 7.81 55.33 14.69
C VAL A 230 7.39 55.36 13.23
N SER A 231 8.13 56.10 12.41
CA SER A 231 7.71 56.29 11.03
C SER A 231 8.12 55.11 10.16
N ASP A 232 7.26 54.83 9.16
CA ASP A 232 7.56 53.79 8.19
C ASP A 232 8.92 54.02 7.54
N SER A 233 9.24 55.26 7.18
CA SER A 233 10.48 55.54 6.48
C SER A 233 11.70 55.30 7.36
N PHE A 234 11.57 55.54 8.67
CA PHE A 234 12.67 55.22 9.58
C PHE A 234 12.97 53.73 9.55
N LEU A 235 11.93 52.89 9.53
CA LEU A 235 12.16 51.44 9.49
C LEU A 235 12.73 51.01 8.14
N ARG A 236 12.25 51.60 7.04
CA ARG A 236 12.78 51.24 5.73
C ARG A 236 14.28 51.52 5.66
N GLU A 237 14.72 52.68 6.14
CA GLU A 237 16.15 52.97 6.10
C GLU A 237 16.92 52.08 7.06
N GLY A 238 16.34 51.77 8.22
CA GLY A 238 16.97 50.82 9.11
C GLY A 238 17.15 49.47 8.46
N ALA A 239 16.15 49.03 7.68
CA ALA A 239 16.24 47.73 7.01
C ALA A 239 17.33 47.74 5.95
N GLU A 240 17.50 48.86 5.24
CA GLU A 240 18.52 48.93 4.19
C GLU A 240 19.93 49.00 4.79
N LEU A 241 20.08 49.73 5.90
CA LEU A 241 21.39 49.78 6.56
C LEU A 241 21.78 48.41 7.09
N ALA A 242 20.82 47.67 7.66
CA ALA A 242 21.12 46.32 8.13
C ALA A 242 21.54 45.42 6.98
N ARG A 243 20.82 45.50 5.85
CA ARG A 243 21.21 44.71 4.68
C ARG A 243 22.60 45.08 4.20
N GLN A 244 22.90 46.39 4.15
CA GLN A 244 24.20 46.83 3.68
C GLN A 244 25.32 46.28 4.55
N TYR A 245 25.16 46.33 5.86
CA TYR A 245 26.23 45.95 6.79
C TYR A 245 26.19 44.48 7.18
N GLY A 246 25.25 43.70 6.65
CA GLY A 246 25.21 42.29 6.95
C GLY A 246 24.55 41.95 8.26
N ALA A 247 23.79 42.87 8.85
CA ALA A 247 22.94 42.57 9.99
C ALA A 247 21.59 42.09 9.49
N LEU A 248 20.98 41.21 10.28
CA LEU A 248 19.62 40.76 9.97
C LEU A 248 18.62 41.80 10.43
N PHE A 249 17.62 42.06 9.59
CA PHE A 249 16.49 42.89 9.97
C PHE A 249 15.37 41.99 10.49
N ILE A 250 15.02 42.15 11.76
CA ILE A 250 13.95 41.39 12.40
C ILE A 250 12.76 42.32 12.62
N LEU A 251 11.64 42.01 11.98
CA LEU A 251 10.42 42.78 12.16
C LEU A 251 9.50 42.04 13.13
N ASP A 252 9.21 42.67 14.27
CA ASP A 252 8.35 42.08 15.29
C ASP A 252 6.90 42.35 14.92
N GLU A 253 6.28 41.40 14.23
CA GLU A 253 4.89 41.54 13.80
C GLU A 253 3.92 40.80 14.71
N VAL A 254 4.21 40.75 16.02
CA VAL A 254 3.36 40.00 16.93
C VAL A 254 1.96 40.62 17.01
N ILE A 255 1.86 41.96 16.99
CA ILE A 255 0.55 42.62 17.01
C ILE A 255 0.03 42.86 15.59
N SER A 256 0.91 43.27 14.68
CA SER A 256 0.46 43.65 13.34
C SER A 256 0.06 42.43 12.51
N GLY A 257 0.65 41.27 12.78
CA GLY A 257 0.34 40.08 12.02
C GLY A 257 -1.12 39.72 12.00
N PHE A 258 -1.68 39.60 10.80
CA PHE A 258 -3.09 39.27 10.59
C PHE A 258 -4.03 40.23 11.29
N ARG A 259 -3.57 41.46 11.52
CA ARG A 259 -4.44 42.55 11.98
C ARG A 259 -4.44 43.72 11.02
N VAL A 260 -3.25 44.22 10.62
CA VAL A 260 -3.19 45.35 9.70
C VAL A 260 -3.53 44.96 8.27
N GLY A 261 -3.38 43.70 7.92
CA GLY A 261 -3.59 43.25 6.56
C GLY A 261 -3.24 41.78 6.45
N ASN A 262 -3.59 41.21 5.30
CA ASN A 262 -3.40 39.78 5.07
C ASN A 262 -1.93 39.40 4.86
N HIS A 263 -1.05 40.38 4.64
CA HIS A 263 0.34 40.10 4.33
C HIS A 263 1.26 40.87 5.27
N GLY A 264 0.78 41.16 6.47
CA GLY A 264 1.59 41.78 7.49
C GLY A 264 1.86 43.23 7.20
N MET A 265 2.53 43.86 8.17
CA MET A 265 2.97 45.24 8.00
C MET A 265 4.08 45.35 6.98
N GLN A 266 4.89 44.29 6.81
CA GLN A 266 6.03 44.37 5.93
C GLN A 266 5.60 44.59 4.48
N ALA A 267 4.46 44.04 4.07
CA ALA A 267 3.92 44.36 2.76
C ALA A 267 3.64 45.85 2.64
N LEU A 268 3.07 46.46 3.68
CA LEU A 268 2.73 47.88 3.62
C LEU A 268 3.97 48.76 3.71
N LEU A 269 5.03 48.28 4.39
CA LEU A 269 6.30 48.99 4.41
C LEU A 269 7.13 48.76 3.16
N ASP A 270 6.80 47.73 2.38
CA ASP A 270 7.63 47.30 1.25
C ASP A 270 9.04 46.96 1.71
N VAL A 271 9.13 46.17 2.78
CA VAL A 271 10.38 45.57 3.20
C VAL A 271 10.21 44.05 3.20
N GLN A 272 11.34 43.36 3.13
CA GLN A 272 11.40 41.90 3.23
C GLN A 272 12.32 41.56 4.39
N PRO A 273 11.80 41.44 5.61
CA PRO A 273 12.66 41.16 6.76
C PRO A 273 13.36 39.82 6.61
N ASP A 274 14.52 39.70 7.25
CA ASP A 274 15.22 38.43 7.29
C ASP A 274 14.56 37.46 8.27
N LEU A 275 13.95 37.99 9.33
CA LEU A 275 13.19 37.22 10.28
C LEU A 275 11.92 38.00 10.61
N THR A 276 10.81 37.28 10.76
CA THR A 276 9.54 37.88 11.16
C THR A 276 9.03 37.15 12.38
N CYS A 277 8.69 37.90 13.43
CA CYS A 277 8.14 37.33 14.65
C CYS A 277 6.62 37.47 14.62
N LEU A 278 5.91 36.38 14.90
CA LEU A 278 4.46 36.37 14.91
C LEU A 278 3.96 35.67 16.16
N ALA A 279 2.79 36.11 16.62
CA ALA A 279 2.07 35.46 17.71
C ALA A 279 0.68 36.07 17.76
N ALA A 281 -2.61 37.05 17.13
CA ALA A 281 -3.63 36.65 16.15
C ALA A 281 -3.15 35.54 15.21
N SER A 282 -1.85 35.53 14.91
CA SER A 282 -1.29 34.48 14.08
C SER A 282 -1.38 33.12 14.74
N ALA A 283 -1.67 33.05 16.05
CA ALA A 283 -1.86 31.80 16.76
C ALA A 283 -3.33 31.55 17.10
N GLY A 284 -4.25 32.25 16.43
CA GLY A 284 -5.67 31.98 16.57
C GLY A 284 -6.29 32.33 17.90
N GLY A 285 -5.56 33.02 18.77
CA GLY A 285 -6.08 33.38 20.07
C GLY A 285 -5.74 32.42 21.19
N LEU A 286 -4.74 31.57 20.99
CA LEU A 286 -4.26 30.64 21.99
C LEU A 286 -2.76 30.81 22.15
N PRO A 287 -2.18 30.22 23.19
CA PRO A 287 -0.73 30.33 23.37
C PRO A 287 0.04 29.79 22.18
N GLY A 288 1.08 30.52 21.79
CA GLY A 288 1.97 30.09 20.74
C GLY A 288 2.61 31.28 20.05
N GLY A 289 3.66 30.99 19.29
CA GLY A 289 4.33 32.00 18.50
C GLY A 289 4.94 31.36 17.26
N ILE A 290 5.47 32.22 16.38
CA ILE A 290 6.03 31.77 15.11
C ILE A 290 7.24 32.62 14.77
N LEU A 291 8.37 31.97 14.48
CA LEU A 291 9.52 32.61 13.87
C LEU A 291 9.69 32.07 12.46
N GLY A 292 9.66 32.96 11.47
CA GLY A 292 9.90 32.58 10.10
C GLY A 292 10.86 33.56 9.45
N GLY A 293 11.40 33.15 8.31
CA GLY A 293 12.29 34.05 7.59
C GLY A 293 13.10 33.37 6.52
N ARG A 294 14.25 33.96 6.22
CA ARG A 294 15.07 33.58 5.09
C ARG A 294 15.49 32.12 5.16
N GLU A 295 15.56 31.49 3.98
CA GLU A 295 15.94 30.08 3.90
C GLU A 295 17.31 29.84 4.53
N ASP A 296 18.32 30.64 4.16
CA ASP A 296 19.66 30.39 4.67
C ASP A 296 19.77 30.73 6.15
N VAL A 297 19.04 31.75 6.62
CA VAL A 297 19.10 32.11 8.03
C VAL A 297 18.47 31.01 8.90
N MET A 298 17.27 30.58 8.55
CA MET A 298 16.61 29.51 9.29
C MET A 298 17.38 28.20 9.21
N GLY A 299 18.34 28.08 8.28
CA GLY A 299 19.15 26.88 8.19
C GLY A 299 19.96 26.60 9.43
N VAL A 300 20.22 27.62 10.26
CA VAL A 300 20.95 27.39 11.51
C VAL A 300 20.13 26.60 12.51
N LEU A 301 18.84 26.37 12.22
CA LEU A 301 18.02 25.47 13.02
C LEU A 301 18.01 24.05 12.49
N SER A 302 18.66 23.79 11.35
CA SER A 302 18.72 22.44 10.80
C SER A 302 19.78 21.61 11.51
N ARG A 303 19.46 20.33 11.71
CA ARG A 303 20.41 19.42 12.35
C ARG A 303 21.77 19.44 11.67
N GLY A 304 21.79 19.62 10.35
CA GLY A 304 23.03 19.67 9.63
C GLY A 304 23.51 21.08 9.36
N SER A 305 23.79 21.84 10.43
CA SER A 305 24.32 23.19 10.32
C SER A 305 25.55 23.32 11.21
N ASP A 306 26.57 24.02 10.71
CA ASP A 306 27.76 24.29 11.50
C ASP A 306 27.52 25.37 12.56
N ARG A 307 26.36 26.01 12.55
CA ARG A 307 26.00 27.04 13.52
C ARG A 307 24.69 26.68 14.20
N LYS A 308 24.54 25.41 14.57
CA LYS A 308 23.26 24.86 15.00
C LYS A 308 22.77 25.52 16.28
N VAL A 309 21.59 26.12 16.21
CA VAL A 309 20.90 26.64 17.40
C VAL A 309 19.93 25.58 17.90
N LEU A 310 20.06 25.22 19.18
CA LEU A 310 19.12 24.28 19.79
C LEU A 310 17.78 24.95 20.02
N HIS A 311 16.71 24.31 19.55
CA HIS A 311 15.37 24.80 19.79
C HIS A 311 14.43 23.63 20.01
N GLN A 312 13.61 23.73 21.06
CA GLN A 312 12.68 22.67 21.45
C GLN A 312 11.43 23.33 22.03
N GLY A 313 10.54 22.53 22.58
CA GLY A 313 9.32 23.04 23.19
C GLY A 313 8.22 22.01 23.25
N THR A 314 7.84 21.58 24.46
CA THR A 314 6.89 20.50 24.60
C THR A 314 5.59 20.77 23.81
N PHE A 315 5.00 21.94 24.00
CA PHE A 315 3.70 22.23 23.41
C PHE A 315 3.79 23.15 22.21
N THR A 316 5.00 23.38 21.71
CA THR A 316 5.19 24.18 20.50
C THR A 316 4.53 23.49 19.29
N GLY A 317 3.70 24.25 18.58
CA GLY A 317 3.02 23.70 17.42
C GLY A 317 1.92 22.73 17.75
N ASN A 318 1.46 22.69 18.99
CA ASN A 318 0.47 21.69 19.40
C ASN A 318 -0.81 21.84 18.58
N PRO A 319 -1.56 20.74 18.41
CA PRO A 319 -2.70 20.77 17.48
C PRO A 319 -3.82 21.69 17.89
N ILE A 320 -4.01 21.95 19.18
CA ILE A 320 -5.10 22.82 19.61
C ILE A 320 -4.85 24.24 19.12
N THR A 321 -3.68 24.80 19.43
CA THR A 321 -3.32 26.11 18.91
C THR A 321 -3.36 26.13 17.40
N ALA A 322 -2.86 25.08 16.75
CA ALA A 322 -2.79 25.06 15.29
C ALA A 322 -4.20 25.08 14.68
N ALA A 323 -5.13 24.33 15.27
CA ALA A 323 -6.51 24.35 14.78
C ALA A 323 -7.11 25.75 14.91
N ALA A 324 -6.89 26.41 16.05
CA ALA A 324 -7.40 27.76 16.22
C ALA A 324 -6.80 28.71 15.20
N ALA A 325 -5.50 28.60 14.94
CA ALA A 325 -4.84 29.51 14.01
C ALA A 325 -5.31 29.27 12.59
N ILE A 326 -5.45 28.00 12.18
CA ILE A 326 -5.97 27.69 10.86
C ILE A 326 -7.35 28.31 10.67
N ALA A 327 -8.24 28.10 11.65
CA ALA A 327 -9.60 28.63 11.54
C ALA A 327 -9.60 30.16 11.56
N ALA A 328 -8.78 30.77 12.42
CA ALA A 328 -8.79 32.22 12.54
C ALA A 328 -8.23 32.89 11.29
N ILE A 329 -7.11 32.38 10.78
CA ILE A 329 -6.50 32.93 9.58
C ILE A 329 -7.47 32.83 8.41
N ASP A 330 -8.10 31.66 8.23
CA ASP A 330 -9.04 31.50 7.13
C ASP A 330 -10.22 32.45 7.26
N THR A 331 -10.70 32.68 8.48
CA THR A 331 -11.83 33.58 8.68
C THR A 331 -11.43 35.03 8.40
N ILE A 332 -10.23 35.41 8.83
CA ILE A 332 -9.76 36.78 8.60
C ILE A 332 -9.67 37.08 7.11
N LEU A 333 -9.14 36.14 6.32
CA LEU A 333 -9.01 36.35 4.89
C LEU A 333 -10.37 36.31 4.21
N GLU A 334 -11.18 35.31 4.53
CA GLU A 334 -12.46 35.13 3.83
C GLU A 334 -13.42 36.30 4.09
N ASP A 335 -13.49 36.78 5.33
CA ASP A 335 -14.44 37.81 5.71
C ASP A 335 -13.87 39.22 5.55
N ASP A 336 -12.68 39.36 4.99
CA ASP A 336 -12.07 40.67 4.76
C ASP A 336 -12.03 41.49 6.05
N VAL A 337 -11.57 40.85 7.12
CA VAL A 337 -11.65 41.45 8.45
C VAL A 337 -10.69 42.63 8.56
N CYS A 338 -9.47 42.49 8.06
CA CYS A 338 -8.48 43.55 8.24
C CYS A 338 -8.99 44.89 7.70
N ALA A 339 -9.58 44.87 6.50
CA ALA A 339 -10.11 46.11 5.92
C ALA A 339 -11.28 46.63 6.73
N LYS A 340 -12.09 45.73 7.30
CA LYS A 340 -13.20 46.17 8.14
C LYS A 340 -12.69 46.93 9.36
N ILE A 341 -11.80 46.31 10.14
CA ILE A 341 -11.35 46.93 11.38
C ILE A 341 -10.47 48.14 11.12
N ASN A 342 -9.83 48.22 9.95
CA ASN A 342 -9.06 49.42 9.62
C ASN A 342 -9.99 50.59 9.35
N ASP A 343 -11.13 50.34 8.71
CA ASP A 343 -12.13 51.39 8.51
C ASP A 343 -12.77 51.79 9.84
N LEU A 344 -13.12 50.81 10.67
CA LEU A 344 -13.70 51.12 11.98
C LEU A 344 -12.72 51.93 12.83
N GLY A 345 -11.44 51.59 12.78
CA GLY A 345 -10.46 52.31 13.57
C GLY A 345 -10.34 53.77 13.15
N GLN A 346 -10.37 54.02 11.84
CA GLN A 346 -10.35 55.39 11.35
C GLN A 346 -11.63 56.13 11.75
N PHE A 347 -12.78 55.47 11.63
CA PHE A 347 -14.02 56.05 12.12
C PHE A 347 -13.92 56.37 13.60
N ALA A 348 -13.32 55.48 14.39
CA ALA A 348 -13.24 55.70 15.83
C ALA A 348 -12.36 56.90 16.17
N ARG A 349 -11.25 57.07 15.44
CA ARG A 349 -10.36 58.19 15.74
C ARG A 349 -11.03 59.52 15.42
N GLU A 350 -11.77 59.58 14.31
CA GLU A 350 -12.47 60.81 13.96
C GLU A 350 -13.60 61.10 14.93
N ALA A 351 -14.33 60.08 15.37
CA ALA A 351 -15.41 60.28 16.31
C ALA A 351 -14.88 60.78 17.65
N MET A 352 -13.77 60.22 18.12
CA MET A 352 -13.22 60.66 19.40
C MET A 352 -12.70 62.09 19.32
N ASN A 353 -12.03 62.45 18.23
CA ASN A 353 -11.47 63.79 18.11
C ASN A 353 -12.56 64.82 17.88
N HIS A 354 -13.66 64.42 17.24
CA HIS A 354 -14.83 65.31 17.17
C HIS A 354 -15.41 65.53 18.56
N LEU A 355 -15.44 64.49 19.39
CA LEU A 355 -15.91 64.64 20.76
C LEU A 355 -15.04 65.62 21.53
N PHE A 356 -13.72 65.44 21.47
CA PHE A 356 -12.82 66.31 22.21
C PHE A 356 -12.99 67.77 21.79
N ALA A 357 -13.12 68.03 20.49
CA ALA A 357 -13.34 69.39 20.02
C ALA A 357 -14.70 69.91 20.48
N ARG A 358 -15.73 69.06 20.42
CA ARG A 358 -17.07 69.42 20.85
C ARG A 358 -17.05 69.99 22.27
N LYS A 359 -16.35 69.31 23.18
CA LYS A 359 -16.36 69.66 24.59
C LYS A 359 -15.30 70.69 24.97
N GLY A 360 -14.50 71.16 24.02
CA GLY A 360 -13.45 72.11 24.33
C GLY A 360 -12.35 71.51 25.17
N LEU A 361 -11.91 70.30 24.80
CA LEU A 361 -10.87 69.57 25.51
C LEU A 361 -9.67 69.38 24.61
N ASN A 362 -8.48 69.68 25.13
CA ASN A 362 -7.24 69.46 24.39
C ASN A 362 -6.73 68.04 24.67
N TRP A 363 -7.51 67.07 24.18
CA TRP A 363 -7.10 65.68 24.10
C TRP A 363 -7.03 65.28 22.63
N LEU A 364 -6.23 64.24 22.35
CA LEU A 364 -6.04 63.76 20.99
C LEU A 364 -6.14 62.24 20.97
N ALA A 365 -6.93 61.72 20.02
CA ALA A 365 -6.93 60.30 19.68
C ALA A 365 -6.05 60.10 18.46
N TYR A 366 -4.98 59.33 18.60
CA TYR A 366 -4.00 59.11 17.55
C TYR A 366 -3.84 57.61 17.31
N GLY A 367 -3.09 57.26 16.27
CA GLY A 367 -2.80 55.89 15.95
C GLY A 367 -3.13 55.56 14.52
N ARG A 368 -3.00 54.28 14.18
CA ARG A 368 -3.26 53.79 12.83
C ARG A 368 -4.00 52.46 12.92
N PHE A 369 -4.57 52.06 11.79
CA PHE A 369 -5.17 50.72 11.63
C PHE A 369 -6.31 50.57 12.66
N SER A 370 -6.41 49.42 13.33
CA SER A 370 -7.64 49.01 14.02
C SER A 370 -7.65 49.40 15.50
N GLY A 371 -7.36 50.67 15.79
CA GLY A 371 -7.48 51.13 17.15
C GLY A 371 -7.02 52.57 17.27
N PHE A 372 -6.81 53.00 18.50
CA PHE A 372 -6.29 54.33 18.75
C PHE A 372 -5.70 54.37 20.15
N HIS A 373 -4.94 55.43 20.40
CA HIS A 373 -4.43 55.76 21.71
C HIS A 373 -4.82 57.19 22.02
N LEU A 374 -4.82 57.53 23.31
CA LEU A 374 -5.19 58.86 23.77
C LEU A 374 -3.97 59.57 24.34
N MET A 375 -3.83 60.85 23.99
CA MET A 375 -2.79 61.71 24.55
C MET A 375 -3.47 62.95 25.12
N PRO A 376 -3.76 62.96 26.41
CA PRO A 376 -4.18 64.22 27.05
C PRO A 376 -3.09 65.27 26.91
N GLY A 377 -3.51 66.49 26.58
CA GLY A 377 -2.59 67.60 26.45
C GLY A 377 -2.25 68.00 25.02
N LEU A 378 -2.76 67.27 24.02
CA LEU A 378 -2.59 67.67 22.64
C LEU A 378 -3.94 67.98 22.01
N PRO A 379 -4.04 69.02 21.16
CA PRO A 379 -5.33 69.36 20.58
C PRO A 379 -5.82 68.26 19.66
N PRO A 380 -7.14 68.05 19.57
CA PRO A 380 -7.66 66.97 18.72
C PRO A 380 -7.44 67.21 17.23
N ASN A 381 -7.09 68.42 16.81
CA ASN A 381 -6.76 68.69 15.42
C ASN A 381 -5.27 68.56 15.13
N THR A 382 -4.51 67.93 16.03
CA THR A 382 -3.10 67.69 15.78
C THR A 382 -2.92 66.70 14.63
N THR A 383 -1.96 67.00 13.76
CA THR A 383 -1.62 66.13 12.64
C THR A 383 -0.32 65.38 12.85
N ASP A 384 0.65 66.00 13.50
CA ASP A 384 1.99 65.46 13.66
C ASP A 384 2.16 64.91 15.07
N THR A 385 2.40 63.61 15.17
CA THR A 385 2.65 62.96 16.45
C THR A 385 4.12 63.01 16.85
N GLY A 386 4.90 63.87 16.21
CA GLY A 386 6.33 63.95 16.50
C GLY A 386 6.64 64.28 17.94
N SER A 387 5.77 65.06 18.59
CA SER A 387 6.01 65.42 19.99
C SER A 387 5.80 64.22 20.91
N ILE A 388 4.98 63.26 20.49
CA ILE A 388 4.86 62.01 21.25
C ILE A 388 6.10 61.15 21.04
N THR A 389 6.57 61.06 19.79
CA THR A 389 7.72 60.22 19.48
C THR A 389 8.98 60.73 20.16
N ARG A 390 9.17 62.04 20.21
CA ARG A 390 10.31 62.65 20.88
C ARG A 390 10.12 62.80 22.38
N ALA A 391 9.02 62.28 22.92
CA ALA A 391 8.73 62.39 24.36
C ALA A 391 8.82 63.84 24.82
N GLU A 392 8.27 64.74 24.01
CA GLU A 392 8.21 66.15 24.39
C GLU A 392 6.95 66.49 25.17
N VAL A 393 5.83 65.84 24.86
CA VAL A 393 4.60 66.07 25.61
C VAL A 393 4.77 65.60 27.04
N ALA A 394 4.09 66.26 27.96
CA ALA A 394 4.16 65.89 29.36
C ALA A 394 3.37 64.61 29.61
N ARG A 395 3.77 63.88 30.64
CA ARG A 395 3.09 62.65 31.01
C ARG A 395 1.77 62.97 31.70
N PRO A 396 0.64 62.43 31.24
CA PRO A 396 -0.62 62.70 31.92
C PRO A 396 -0.57 62.27 33.39
N ASP A 397 -1.27 63.02 34.23
CA ASP A 397 -1.37 62.69 35.65
C ASP A 397 -1.81 61.25 35.83
N VAL A 398 -1.12 60.54 36.72
CA VAL A 398 -1.41 59.12 36.92
C VAL A 398 -2.74 58.93 37.65
N LYS A 399 -3.11 59.86 38.54
CA LYS A 399 -4.42 59.78 39.19
C LYS A 399 -5.54 59.92 38.17
N MET A 400 -5.36 60.81 37.20
CA MET A 400 -6.40 61.05 36.20
C MET A 400 -6.58 59.83 35.31
N ILE A 401 -5.48 59.26 34.81
CA ILE A 401 -5.56 58.06 33.97
C ILE A 401 -6.26 56.94 34.73
N ALA A 402 -5.88 56.74 35.99
CA ALA A 402 -6.52 55.72 36.80
C ALA A 402 -8.02 55.99 36.94
N ALA A 403 -8.37 57.24 37.26
CA ALA A 403 -9.78 57.60 37.41
C ALA A 403 -10.54 57.42 36.10
N MET A 404 -9.88 57.69 34.97
CA MET A 404 -10.51 57.48 33.67
C MET A 404 -10.85 56.01 33.45
N ARG A 405 -9.90 55.12 33.75
CA ARG A 405 -10.15 53.69 33.57
C ARG A 405 -11.25 53.20 34.49
N MET A 406 -11.26 53.67 35.74
CA MET A 406 -12.32 53.28 36.67
C MET A 406 -13.68 53.82 36.22
N ALA A 407 -13.73 55.08 35.78
CA ALA A 407 -15.00 55.68 35.38
C ALA A 407 -15.58 54.99 34.16
N LEU A 408 -14.73 54.62 33.20
CA LEU A 408 -15.19 53.83 32.06
C LEU A 408 -15.81 52.51 32.53
N ILE A 409 -15.18 51.86 33.49
CA ILE A 409 -15.71 50.61 34.03
C ILE A 409 -17.06 50.86 34.69
N LEU A 410 -17.20 51.97 35.42
CA LEU A 410 -18.50 52.33 35.98
C LEU A 410 -19.56 52.43 34.89
N GLU A 411 -19.18 52.91 33.70
CA GLU A 411 -20.11 53.10 32.60
C GLU A 411 -20.28 51.86 31.74
N GLY A 412 -19.62 50.75 32.07
CA GLY A 412 -19.78 49.52 31.31
C GLY A 412 -18.85 49.36 30.14
N VAL A 413 -17.64 49.93 30.22
CA VAL A 413 -16.66 49.87 29.15
C VAL A 413 -15.30 49.59 29.77
N ASP A 414 -14.47 48.83 29.05
CA ASP A 414 -13.10 48.60 29.48
C ASP A 414 -12.17 48.80 28.29
N ILE A 415 -11.12 49.59 28.51
CA ILE A 415 -10.06 49.78 27.53
C ILE A 415 -8.76 49.37 28.18
N GLY A 416 -7.64 49.53 27.48
CA GLY A 416 -6.36 49.09 27.99
C GLY A 416 -5.37 50.19 28.32
N GLY A 417 -4.38 49.85 29.15
CA GLY A 417 -3.25 50.72 29.40
C GLY A 417 -3.66 52.10 29.89
N ARG A 418 -3.01 53.12 29.33
CA ARG A 418 -3.29 54.51 29.68
C ARG A 418 -4.27 55.14 28.70
N GLY A 419 -4.95 54.34 27.89
CA GLY A 419 -5.95 54.84 26.97
C GLY A 419 -5.77 54.30 25.57
N SER A 420 -5.81 52.97 25.43
CA SER A 420 -5.64 52.32 24.14
C SER A 420 -6.85 51.44 23.86
N VAL A 421 -7.16 51.31 22.57
CA VAL A 421 -8.32 50.56 22.11
C VAL A 421 -7.92 49.68 20.95
N PHE A 422 -8.35 48.43 20.98
CA PHE A 422 -8.27 47.52 19.84
C PHE A 422 -9.68 47.20 19.37
N LEU A 423 -9.86 47.14 18.05
CA LEU A 423 -11.14 46.77 17.47
C LEU A 423 -11.04 45.37 16.86
N SER A 424 -12.15 44.64 16.91
CA SER A 424 -12.22 43.26 16.42
C SER A 424 -13.28 43.17 15.33
N ALA A 425 -13.32 42.00 14.70
CA ALA A 425 -14.29 41.74 13.63
C ALA A 425 -15.72 41.81 14.13
N GLN A 426 -15.95 41.67 15.43
CA GLN A 426 -17.29 41.71 15.99
C GLN A 426 -17.69 43.08 16.52
N HIS A 427 -16.78 44.05 16.52
CA HIS A 427 -17.15 45.42 16.79
C HIS A 427 -17.82 46.04 15.56
N GLU A 428 -18.73 46.98 15.82
CA GLU A 428 -19.45 47.67 14.77
C GLU A 428 -19.48 49.17 15.09
N ARG A 429 -19.87 49.96 14.10
CA ARG A 429 -19.97 51.40 14.30
C ARG A 429 -20.77 51.74 15.55
N GLU A 430 -21.86 51.00 15.79
CA GLU A 430 -22.67 51.28 16.98
C GLU A 430 -21.86 51.12 18.25
N HIS A 431 -20.99 50.10 18.33
CA HIS A 431 -20.15 49.94 19.51
C HIS A 431 -19.21 51.13 19.69
N VAL A 432 -18.62 51.60 18.59
CA VAL A 432 -17.73 52.77 18.67
C VAL A 432 -18.50 54.00 19.14
N GLU A 433 -19.71 54.19 18.61
CA GLU A 433 -20.50 55.35 19.03
C GLU A 433 -20.88 55.26 20.50
N HIS A 434 -21.16 54.06 21.01
CA HIS A 434 -21.39 53.91 22.44
C HIS A 434 -20.13 54.27 23.23
N LEU A 435 -18.96 53.90 22.72
CA LEU A 435 -17.71 54.28 23.36
C LEU A 435 -17.57 55.79 23.45
N VAL A 436 -17.92 56.50 22.37
CA VAL A 436 -17.83 57.96 22.37
C VAL A 436 -18.82 58.54 23.38
N THR A 437 -20.06 58.06 23.37
CA THR A 437 -21.05 58.50 24.34
C THR A 437 -20.56 58.26 25.77
N THR A 438 -19.95 57.09 26.01
CA THR A 438 -19.45 56.78 27.34
C THR A 438 -18.33 57.71 27.76
N PHE A 439 -17.42 58.02 26.83
CA PHE A 439 -16.31 58.91 27.17
C PHE A 439 -16.81 60.29 27.52
N ASP A 440 -17.85 60.76 26.83
CA ASP A 440 -18.47 62.02 27.20
C ASP A 440 -18.79 62.07 28.68
N ARG A 441 -19.47 61.05 29.20
CA ARG A 441 -19.79 61.02 30.63
C ARG A 441 -18.53 60.93 31.48
N VAL A 442 -17.56 60.11 31.07
CA VAL A 442 -16.35 59.94 31.88
C VAL A 442 -15.62 61.27 32.01
N LEU A 443 -15.45 61.98 30.89
CA LEU A 443 -14.75 63.26 30.93
C LEU A 443 -15.45 64.24 31.85
N ASP A 444 -16.79 64.21 31.88
CA ASP A 444 -17.52 65.06 32.83
C ASP A 444 -17.21 64.65 34.27
N ARG A 445 -17.15 63.34 34.54
CA ARG A 445 -16.84 62.90 35.89
C ARG A 445 -15.42 63.28 36.30
N LEU A 446 -14.48 63.28 35.34
CA LEU A 446 -13.11 63.71 35.66
C LEU A 446 -13.06 65.20 35.97
N ALA A 447 -13.87 66.00 35.27
CA ALA A 447 -13.96 67.41 35.59
C ALA A 447 -14.60 67.63 36.95
N ASP A 448 -15.64 66.86 37.26
CA ASP A 448 -16.30 66.97 38.56
C ASP A 448 -15.30 66.88 39.70
N GLU A 449 -14.27 66.04 39.56
CA GLU A 449 -13.27 65.83 40.59
C GLU A 449 -11.98 66.60 40.32
N ASN A 450 -11.97 67.51 39.35
CA ASN A 450 -10.84 68.42 39.11
C ASN A 450 -9.60 67.66 38.65
N LEU A 451 -9.78 66.64 37.82
CA LEU A 451 -8.66 65.85 37.32
C LEU A 451 -8.20 66.26 35.92
N LEU A 452 -9.01 67.01 35.19
CA LEU A 452 -8.58 67.54 33.90
C LEU A 452 -7.81 68.84 34.09
N SER A 453 -6.93 69.16 33.13
CA SER A 453 -5.95 70.23 33.31
C SER A 453 -6.32 71.53 32.59
N TRP A 454 -6.66 71.46 31.31
CA TRP A 454 -6.76 72.65 30.47
C TRP A 454 -5.45 73.44 30.52
N GLY B 12 -15.23 25.36 6.21
CA GLY B 12 -14.19 25.43 5.12
C GLY B 12 -13.86 24.08 4.49
N SER B 13 -14.76 23.11 4.64
CA SER B 13 -14.54 21.79 4.05
C SER B 13 -14.78 21.83 2.55
N ILE B 14 -14.29 20.79 1.87
CA ILE B 14 -14.57 20.63 0.44
C ILE B 14 -16.08 20.66 0.19
N LEU B 15 -16.81 19.84 0.94
CA LEU B 15 -18.26 19.74 0.74
C LEU B 15 -18.95 21.09 0.92
N ASN B 16 -18.57 21.84 1.96
CA ASN B 16 -19.24 23.12 2.22
C ASN B 16 -18.85 24.17 1.20
N ASP B 17 -17.58 24.23 0.81
CA ASP B 17 -17.18 25.13 -0.26
C ASP B 17 -17.91 24.81 -1.55
N TYR B 18 -18.06 23.52 -1.85
CA TYR B 18 -18.77 23.12 -3.06
C TYR B 18 -20.21 23.60 -3.03
N LYS B 19 -20.89 23.41 -1.90
CA LYS B 19 -22.26 23.90 -1.78
C LYS B 19 -22.32 25.43 -1.92
N ARG B 20 -21.36 26.13 -1.32
CA ARG B 20 -21.40 27.60 -1.37
C ARG B 20 -21.16 28.13 -2.78
N LYS B 21 -20.45 27.39 -3.62
CA LYS B 21 -20.12 27.85 -4.96
C LYS B 21 -21.19 27.51 -5.99
N THR B 22 -22.13 26.61 -5.67
CA THR B 22 -23.04 26.06 -6.66
C THR B 22 -24.49 26.15 -6.20
N GLU B 23 -24.86 27.28 -5.61
CA GLU B 23 -26.22 27.44 -5.10
C GLU B 23 -27.26 27.39 -6.20
N GLY B 24 -26.91 27.87 -7.40
CA GLY B 24 -27.85 27.78 -8.51
C GLY B 24 -28.09 26.36 -8.96
N SER B 25 -27.06 25.51 -8.88
CA SER B 25 -27.24 24.10 -9.25
C SER B 25 -28.09 23.37 -8.22
N VAL B 26 -28.03 23.76 -6.95
CA VAL B 26 -28.89 23.09 -5.97
C VAL B 26 -30.33 23.49 -6.21
N PHE B 27 -30.58 24.73 -6.65
CA PHE B 27 -31.93 25.15 -7.00
C PHE B 27 -32.45 24.31 -8.15
N TRP B 28 -31.63 24.10 -9.18
CA TRP B 28 -32.08 23.32 -10.33
C TRP B 28 -32.19 21.85 -9.99
N ALA B 29 -31.29 21.33 -9.14
CA ALA B 29 -31.42 19.95 -8.70
C ALA B 29 -32.75 19.72 -8.01
N GLN B 30 -33.23 20.70 -7.23
CA GLN B 30 -34.54 20.59 -6.62
C GLN B 30 -35.62 20.34 -7.67
N ARG B 31 -35.63 21.14 -8.73
CA ARG B 31 -36.59 20.92 -9.81
C ARG B 31 -36.36 19.56 -10.49
N ALA B 32 -35.10 19.17 -10.68
CA ALA B 32 -34.81 17.92 -11.35
C ALA B 32 -35.29 16.72 -10.54
N ARG B 33 -35.14 16.78 -9.21
CA ARG B 33 -35.53 15.66 -8.37
C ARG B 33 -37.03 15.44 -8.32
N SER B 34 -37.83 16.45 -8.66
CA SER B 34 -39.28 16.28 -8.68
C SER B 34 -39.78 15.49 -9.87
N VAL B 35 -39.03 15.46 -10.97
CA VAL B 35 -39.51 14.87 -12.21
C VAL B 35 -38.64 13.72 -12.73
N MET B 36 -37.47 13.49 -12.14
CA MET B 36 -36.58 12.44 -12.63
C MET B 36 -36.01 11.61 -11.48
N PRO B 37 -35.85 10.30 -11.65
CA PRO B 37 -35.21 9.49 -10.61
C PRO B 37 -33.79 9.97 -10.33
N ASP B 38 -33.51 10.23 -9.06
CA ASP B 38 -32.24 10.79 -8.61
C ASP B 38 -31.94 12.16 -9.20
N GLY B 39 -32.94 12.81 -9.81
CA GLY B 39 -32.74 14.11 -10.40
C GLY B 39 -31.91 14.12 -11.66
N VAL B 40 -31.73 12.98 -12.32
CA VAL B 40 -30.91 12.89 -13.52
C VAL B 40 -31.54 11.91 -14.50
N THR B 41 -31.08 11.98 -15.75
CA THR B 41 -31.61 11.12 -16.78
C THR B 41 -30.63 10.01 -17.19
N ALA B 42 -29.50 9.87 -16.49
CA ALA B 42 -28.58 8.78 -16.75
C ALA B 42 -27.76 8.49 -15.49
N ASP B 43 -27.50 7.20 -15.25
CA ASP B 43 -26.86 6.81 -14.00
C ASP B 43 -25.53 7.49 -13.79
N THR B 44 -24.78 7.74 -14.87
CA THR B 44 -23.46 8.35 -14.74
C THR B 44 -23.51 9.76 -14.17
N ARG B 45 -24.67 10.41 -14.15
CA ARG B 45 -24.76 11.79 -13.69
C ARG B 45 -25.15 11.91 -12.22
N VAL B 46 -25.36 10.79 -11.53
CA VAL B 46 -25.66 10.85 -10.10
C VAL B 46 -24.43 11.36 -9.37
N PHE B 47 -24.63 12.34 -8.49
CA PHE B 47 -23.53 12.93 -7.74
C PHE B 47 -24.05 13.46 -6.40
N ASP B 48 -23.54 12.88 -5.33
CA ASP B 48 -23.87 13.30 -3.97
C ASP B 48 -22.97 14.47 -3.58
N PRO B 49 -23.54 15.61 -3.13
CA PRO B 49 -24.93 15.96 -2.84
C PRO B 49 -25.74 16.42 -4.05
N HIS B 50 -25.05 16.86 -5.10
CA HIS B 50 -25.73 17.32 -6.30
C HIS B 50 -24.67 17.61 -7.35
N GLY B 51 -25.08 17.52 -8.61
CA GLY B 51 -24.17 17.80 -9.70
C GLY B 51 -24.26 19.22 -10.19
N LEU B 52 -23.32 19.59 -11.05
CA LEU B 52 -23.35 20.88 -11.70
C LEU B 52 -24.45 20.90 -12.76
N PHE B 53 -25.12 22.04 -12.86
CA PHE B 53 -26.02 22.31 -13.99
C PHE B 53 -25.31 23.26 -14.93
N ILE B 54 -24.99 22.75 -16.11
CA ILE B 54 -24.24 23.48 -17.13
C ILE B 54 -25.22 24.12 -18.10
N SER B 55 -24.98 25.38 -18.45
CA SER B 55 -25.81 26.07 -19.42
C SER B 55 -25.06 26.53 -20.66
N ASP B 56 -23.73 26.47 -20.66
CA ASP B 56 -22.96 26.90 -21.81
C ASP B 56 -21.66 26.11 -21.89
N ALA B 57 -21.16 25.93 -23.12
CA ALA B 57 -19.89 25.29 -23.35
C ALA B 57 -19.34 25.73 -24.70
N GLN B 58 -18.01 25.92 -24.76
CA GLN B 58 -17.34 26.31 -25.99
C GLN B 58 -15.87 25.99 -25.86
N GLY B 59 -15.30 25.38 -26.90
CA GLY B 59 -13.91 24.98 -26.84
C GLY B 59 -13.67 23.90 -25.81
N VAL B 60 -12.85 24.20 -24.81
CA VAL B 60 -12.57 23.26 -23.74
C VAL B 60 -13.12 23.77 -22.40
N HIS B 61 -14.01 24.75 -22.44
CA HIS B 61 -14.57 25.35 -21.24
C HIS B 61 -16.08 25.19 -21.20
N LYS B 62 -16.63 25.14 -19.99
CA LYS B 62 -18.08 25.11 -19.79
C LYS B 62 -18.44 25.95 -18.57
N THR B 63 -19.68 26.44 -18.57
CA THR B 63 -20.15 27.42 -17.60
C THR B 63 -21.41 26.90 -16.93
N ASP B 64 -21.45 26.95 -15.61
CA ASP B 64 -22.62 26.47 -14.89
C ASP B 64 -23.64 27.59 -14.72
N VAL B 65 -24.77 27.26 -14.07
CA VAL B 65 -25.86 28.22 -13.92
C VAL B 65 -25.51 29.37 -12.99
N ASP B 66 -24.46 29.22 -12.17
CA ASP B 66 -24.00 30.28 -11.29
C ASP B 66 -22.99 31.20 -11.96
N GLY B 67 -22.62 30.95 -13.21
CA GLY B 67 -21.61 31.72 -13.88
C GLY B 67 -20.19 31.23 -13.69
N ASN B 68 -19.99 30.13 -12.96
CA ASN B 68 -18.66 29.57 -12.79
C ASN B 68 -18.19 28.94 -14.09
N VAL B 69 -16.93 29.17 -14.43
CA VAL B 69 -16.33 28.64 -15.64
C VAL B 69 -15.40 27.49 -15.26
N TYR B 70 -15.43 26.42 -16.04
CA TYR B 70 -14.65 25.22 -15.76
C TYR B 70 -13.87 24.81 -16.99
N LEU B 71 -12.61 24.43 -16.78
CA LEU B 71 -11.85 23.72 -17.80
C LEU B 71 -12.32 22.27 -17.83
N ASP B 72 -12.83 21.84 -18.97
CA ASP B 72 -13.53 20.57 -19.09
C ASP B 72 -12.62 19.51 -19.68
N PHE B 73 -12.54 18.35 -19.00
CA PHE B 73 -11.78 17.20 -19.51
C PHE B 73 -12.65 15.96 -19.71
N PHE B 74 -13.98 16.11 -19.84
CA PHE B 74 -14.80 14.91 -19.99
C PHE B 74 -16.10 15.13 -20.74
N GLY B 75 -16.54 16.38 -20.91
CA GLY B 75 -17.70 16.65 -21.73
C GLY B 75 -17.71 15.81 -22.99
N GLY B 76 -18.81 15.09 -23.23
CA GLY B 76 -18.95 14.24 -24.40
C GLY B 76 -18.66 12.77 -24.16
N HIS B 77 -18.13 12.40 -22.99
CA HIS B 77 -17.76 11.02 -22.71
C HIS B 77 -16.89 10.45 -23.83
N GLY B 78 -16.06 11.30 -24.43
CA GLY B 78 -15.21 10.93 -25.55
C GLY B 78 -15.75 11.34 -26.90
N ALA B 79 -17.05 11.64 -27.00
CA ALA B 79 -17.65 11.96 -28.28
C ALA B 79 -17.11 13.25 -28.85
N LEU B 80 -16.76 14.22 -27.99
CA LEU B 80 -16.37 15.54 -28.45
C LEU B 80 -14.85 15.61 -28.68
N VAL B 81 -14.40 14.73 -29.58
CA VAL B 81 -13.01 14.73 -30.02
C VAL B 81 -12.58 16.13 -30.46
N LEU B 82 -13.52 16.91 -30.99
CA LEU B 82 -13.24 18.25 -31.50
C LEU B 82 -13.60 19.35 -30.52
N GLY B 83 -14.01 19.00 -29.30
CA GLY B 83 -14.37 19.99 -28.31
C GLY B 83 -15.80 20.47 -28.49
N HIS B 84 -16.19 21.39 -27.62
CA HIS B 84 -17.54 21.94 -27.66
C HIS B 84 -17.69 22.95 -28.78
N GLY B 85 -18.80 22.85 -29.51
CA GLY B 85 -19.14 23.82 -30.53
C GLY B 85 -18.01 24.14 -31.49
N HIS B 86 -17.38 23.12 -32.04
CA HIS B 86 -16.40 23.36 -33.08
C HIS B 86 -17.08 24.07 -34.23
N PRO B 87 -16.52 25.15 -34.76
CA PRO B 87 -17.27 25.98 -35.73
C PRO B 87 -17.62 25.24 -37.01
N ARG B 88 -16.78 24.32 -37.49
CA ARG B 88 -17.13 23.58 -38.70
C ARG B 88 -18.32 22.67 -38.45
N VAL B 89 -18.36 22.00 -37.30
CA VAL B 89 -19.48 21.10 -37.00
C VAL B 89 -20.77 21.89 -36.87
N ASN B 90 -20.75 22.95 -36.07
CA ASN B 90 -21.98 23.72 -35.86
C ASN B 90 -22.44 24.41 -37.14
N ALA B 91 -21.51 24.83 -38.00
CA ALA B 91 -21.91 25.39 -39.29
C ALA B 91 -22.62 24.34 -40.13
N ALA B 92 -22.10 23.12 -40.15
CA ALA B 92 -22.75 22.05 -40.91
C ALA B 92 -24.11 21.71 -40.34
N ILE B 93 -24.23 21.65 -39.01
CA ILE B 93 -25.52 21.38 -38.38
C ILE B 93 -26.54 22.43 -38.79
N ALA B 94 -26.18 23.71 -38.66
CA ALA B 94 -27.15 24.77 -38.92
C ALA B 94 -27.57 24.81 -40.37
N GLU B 95 -26.62 24.62 -41.29
CA GLU B 95 -26.98 24.55 -42.71
C GLU B 95 -27.94 23.40 -42.97
N ALA B 96 -27.64 22.22 -42.43
CA ALA B 96 -28.53 21.08 -42.62
C ALA B 96 -29.90 21.34 -42.02
N LEU B 97 -29.93 21.99 -40.85
CA LEU B 97 -31.19 22.22 -40.15
C LEU B 97 -32.20 22.92 -41.05
N SER B 98 -31.74 23.91 -41.83
CA SER B 98 -32.63 24.65 -42.71
C SER B 98 -33.17 23.83 -43.86
N HIS B 99 -32.79 22.56 -43.99
CA HIS B 99 -33.23 21.71 -45.10
C HIS B 99 -34.11 20.53 -44.65
N GLY B 100 -34.51 20.48 -43.39
CA GLY B 100 -35.42 19.45 -42.92
C GLY B 100 -34.69 18.34 -42.18
N VAL B 101 -35.48 17.53 -41.47
CA VAL B 101 -34.94 16.56 -40.53
C VAL B 101 -35.38 15.13 -40.85
N GLN B 102 -36.54 14.98 -41.47
CA GLN B 102 -37.07 13.66 -41.75
C GLN B 102 -37.98 13.74 -42.97
N TYR B 103 -37.63 13.01 -44.02
CA TYR B 103 -38.30 13.10 -45.31
C TYR B 103 -39.20 11.92 -45.63
N ALA B 104 -39.27 10.92 -44.74
CA ALA B 104 -39.90 9.65 -45.08
C ALA B 104 -39.29 9.09 -46.37
N ALA B 105 -37.97 9.19 -46.48
CA ALA B 105 -37.28 8.79 -47.70
C ALA B 105 -35.77 8.88 -47.45
N SER B 106 -35.02 8.23 -48.34
CA SER B 106 -33.58 8.37 -48.31
C SER B 106 -33.19 9.81 -48.64
N HIS B 107 -31.97 10.18 -48.28
CA HIS B 107 -31.46 11.52 -48.52
C HIS B 107 -29.96 11.43 -48.71
N PRO B 108 -29.35 12.43 -49.36
CA PRO B 108 -27.92 12.29 -49.73
C PRO B 108 -26.96 12.36 -48.56
N LEU B 109 -27.30 13.06 -47.47
CA LEU B 109 -26.33 13.23 -46.40
C LEU B 109 -25.99 11.91 -45.73
N GLU B 110 -26.98 11.02 -45.56
CA GLU B 110 -26.70 9.73 -44.96
C GLU B 110 -25.78 8.89 -45.84
N VAL B 111 -25.95 9.00 -47.16
CA VAL B 111 -25.02 8.33 -48.08
C VAL B 111 -23.62 8.90 -47.92
N ARG B 112 -23.52 10.23 -47.88
CA ARG B 112 -22.21 10.86 -47.77
C ARG B 112 -21.54 10.51 -46.44
N TRP B 113 -22.32 10.44 -45.37
CA TRP B 113 -21.80 9.96 -44.09
C TRP B 113 -21.31 8.53 -44.21
N ALA B 114 -22.12 7.66 -44.81
CA ALA B 114 -21.76 6.25 -44.90
C ALA B 114 -20.49 6.04 -45.70
N GLU B 115 -20.31 6.81 -46.78
CA GLU B 115 -19.12 6.65 -47.62
C GLU B 115 -17.85 6.96 -46.85
N ARG B 116 -17.92 7.84 -45.85
CA ARG B 116 -16.75 8.14 -45.04
C ARG B 116 -16.44 7.03 -44.05
N ILE B 117 -17.47 6.31 -43.57
CA ILE B 117 -17.23 5.19 -42.68
C ILE B 117 -16.55 4.06 -43.43
N VAL B 118 -17.06 3.75 -44.63
CA VAL B 118 -16.48 2.67 -45.42
C VAL B 118 -15.06 3.01 -45.84
N ALA B 119 -14.77 4.28 -46.09
CA ALA B 119 -13.40 4.67 -46.44
C ALA B 119 -12.45 4.53 -45.27
N ALA B 120 -12.94 4.78 -44.04
CA ALA B 120 -12.09 4.68 -42.87
C ALA B 120 -11.90 3.23 -42.42
N PHE B 121 -12.90 2.37 -42.63
CA PHE B 121 -12.86 0.99 -42.16
C PHE B 121 -13.04 0.03 -43.33
N PRO B 122 -11.96 -0.48 -43.92
CA PRO B 122 -12.10 -1.49 -44.98
C PRO B 122 -12.87 -2.71 -44.54
N SER B 123 -12.96 -2.97 -43.24
CA SER B 123 -13.73 -4.12 -42.76
C SER B 123 -15.23 -3.92 -42.91
N ILE B 124 -15.68 -2.69 -43.11
CA ILE B 124 -17.10 -2.39 -43.24
C ILE B 124 -17.41 -2.31 -44.73
N ARG B 125 -18.03 -3.37 -45.27
CA ARG B 125 -18.52 -3.35 -46.64
C ARG B 125 -19.95 -2.87 -46.72
N LYS B 126 -20.74 -3.09 -45.66
CA LYS B 126 -22.11 -2.61 -45.58
C LYS B 126 -22.34 -2.11 -44.16
N LEU B 127 -23.22 -1.13 -44.02
CA LEU B 127 -23.50 -0.58 -42.71
C LEU B 127 -24.96 -0.18 -42.61
N ARG B 128 -25.46 -0.17 -41.38
CA ARG B 128 -26.75 0.39 -41.02
C ARG B 128 -26.54 1.41 -39.93
N PHE B 129 -27.20 2.56 -40.05
CA PHE B 129 -27.22 3.54 -38.97
C PHE B 129 -28.22 3.13 -37.90
N THR B 130 -27.97 3.59 -36.68
CA THR B 130 -28.84 3.33 -35.55
C THR B 130 -28.99 4.62 -34.77
N GLY B 131 -29.80 4.57 -33.71
CA GLY B 131 -30.06 5.75 -32.91
C GLY B 131 -29.07 6.03 -31.79
N SER B 132 -28.20 5.07 -31.47
CA SER B 132 -27.30 5.25 -30.34
C SER B 132 -26.28 4.12 -30.34
N GLY B 133 -25.27 4.26 -29.48
CA GLY B 133 -24.32 3.19 -29.27
C GLY B 133 -24.96 1.97 -28.65
N THR B 134 -25.96 2.18 -27.79
CA THR B 134 -26.68 1.06 -27.19
C THR B 134 -27.48 0.31 -28.25
N GLU B 135 -28.09 1.04 -29.19
CA GLU B 135 -28.81 0.38 -30.29
C GLU B 135 -27.86 -0.36 -31.22
N THR B 136 -26.65 0.16 -31.40
CA THR B 136 -25.68 -0.49 -32.29
C THR B 136 -25.33 -1.88 -31.78
N THR B 137 -24.91 -1.99 -30.52
CA THR B 137 -24.51 -3.29 -30.01
C THR B 137 -25.70 -4.22 -29.86
N LEU B 138 -26.88 -3.68 -29.58
CA LEU B 138 -28.08 -4.52 -29.56
C LEU B 138 -28.35 -5.08 -30.95
N LEU B 139 -28.26 -4.22 -31.97
CA LEU B 139 -28.41 -4.71 -33.34
C LEU B 139 -27.30 -5.71 -33.69
N ALA B 140 -26.06 -5.42 -33.28
CA ALA B 140 -24.95 -6.32 -33.59
C ALA B 140 -25.19 -7.71 -33.03
N LEU B 141 -25.67 -7.80 -31.79
CA LEU B 141 -25.95 -9.11 -31.20
C LEU B 141 -27.08 -9.82 -31.94
N ARG B 142 -28.14 -9.09 -32.30
CA ARG B 142 -29.23 -9.70 -33.05
C ARG B 142 -28.76 -10.21 -34.40
N VAL B 143 -27.91 -9.44 -35.08
CA VAL B 143 -27.42 -9.84 -36.40
C VAL B 143 -26.54 -11.08 -36.30
N ALA B 144 -25.66 -11.13 -35.30
CA ALA B 144 -24.78 -12.27 -35.16
C ALA B 144 -25.55 -13.54 -34.84
N ARG B 145 -26.57 -13.43 -33.98
CA ARG B 145 -27.38 -14.60 -33.65
C ARG B 145 -28.18 -15.08 -34.85
N ALA B 146 -28.67 -14.14 -35.67
CA ALA B 146 -29.45 -14.52 -36.84
C ALA B 146 -28.57 -15.13 -37.93
N PHE B 147 -27.39 -14.55 -38.15
CA PHE B 147 -26.51 -15.06 -39.20
C PHE B 147 -26.00 -16.46 -38.87
N THR B 148 -25.56 -16.68 -37.63
CA THR B 148 -25.01 -17.97 -37.24
C THR B 148 -26.05 -18.98 -36.83
N GLY B 149 -27.25 -18.55 -36.48
CA GLY B 149 -28.24 -19.45 -35.91
C GLY B 149 -27.93 -19.90 -34.51
N ARG B 150 -26.92 -19.32 -33.86
CA ARG B 150 -26.50 -19.71 -32.54
C ARG B 150 -27.13 -18.82 -31.48
N ARG B 151 -27.05 -19.25 -30.23
CA ARG B 151 -27.73 -18.58 -29.11
C ARG B 151 -26.79 -17.73 -28.25
N MET B 152 -25.59 -18.21 -27.96
CA MET B 152 -24.82 -17.65 -26.85
C MET B 152 -23.92 -16.51 -27.29
N ILE B 153 -23.70 -15.58 -26.37
CA ILE B 153 -22.84 -14.42 -26.57
C ILE B 153 -21.70 -14.49 -25.56
N LEU B 154 -20.48 -14.27 -26.04
CA LEU B 154 -19.30 -14.22 -25.18
C LEU B 154 -18.87 -12.76 -25.05
N ARG B 155 -18.76 -12.28 -23.82
CA ARG B 155 -18.21 -10.96 -23.60
C ARG B 155 -17.32 -10.97 -22.36
N ILE B 156 -16.59 -9.88 -22.22
CA ILE B 156 -15.59 -9.74 -21.17
C ILE B 156 -16.23 -9.02 -19.99
N ALA B 157 -16.03 -9.57 -18.79
CA ALA B 157 -16.58 -8.96 -17.60
C ALA B 157 -16.05 -7.54 -17.44
N THR B 158 -16.96 -6.61 -17.15
CA THR B 158 -16.73 -5.18 -16.92
C THR B 158 -16.73 -4.37 -18.21
N HIS B 159 -16.66 -5.00 -19.38
CA HIS B 159 -16.75 -4.24 -20.61
C HIS B 159 -18.17 -3.67 -20.76
N TYR B 160 -18.25 -2.48 -21.34
CA TYR B 160 -19.51 -1.75 -21.46
C TYR B 160 -19.89 -1.66 -22.93
N HIS B 161 -21.07 -2.19 -23.25
CA HIS B 161 -21.62 -2.11 -24.60
C HIS B 161 -23.00 -1.45 -24.61
N GLY B 162 -23.41 -0.84 -23.51
CA GLY B 162 -24.71 -0.24 -23.38
C GLY B 162 -25.49 -0.85 -22.24
N TRP B 163 -26.72 -0.35 -22.09
CA TRP B 163 -27.57 -0.68 -20.95
C TRP B 163 -28.70 -1.64 -21.30
N HIS B 164 -28.76 -2.12 -22.55
CA HIS B 164 -29.82 -3.03 -22.95
C HIS B 164 -29.66 -4.38 -22.26
N ASP B 165 -30.63 -5.27 -22.47
CA ASP B 165 -30.76 -6.46 -21.65
C ASP B 165 -29.57 -7.40 -21.78
N PHE B 166 -28.91 -7.44 -22.95
CA PHE B 166 -27.87 -8.43 -23.18
C PHE B 166 -26.51 -8.00 -22.65
N SER B 167 -26.34 -6.73 -22.25
CA SER B 167 -25.07 -6.24 -21.73
C SER B 167 -25.19 -5.67 -20.32
N ALA B 168 -26.33 -5.87 -19.65
CA ALA B 168 -26.52 -5.29 -18.32
C ALA B 168 -25.96 -6.18 -17.21
N SER B 169 -25.91 -7.49 -17.41
CA SER B 169 -25.39 -8.41 -16.41
C SER B 169 -23.91 -8.65 -16.64
N GLY B 170 -23.16 -8.76 -15.55
CA GLY B 170 -21.73 -8.94 -15.64
C GLY B 170 -20.96 -7.71 -16.05
N TYR B 171 -21.58 -6.54 -15.97
CA TYR B 171 -20.92 -5.29 -16.30
C TYR B 171 -20.33 -4.64 -15.05
N ASN B 172 -21.19 -4.17 -14.15
CA ASN B 172 -20.74 -3.66 -12.85
C ASN B 172 -21.36 -4.42 -11.69
N SER B 173 -21.87 -5.62 -11.95
CA SER B 173 -22.48 -6.47 -10.92
C SER B 173 -22.71 -7.84 -11.53
N HIS B 174 -23.21 -8.76 -10.71
CA HIS B 174 -23.62 -10.10 -11.15
C HIS B 174 -22.54 -10.75 -12.02
N PHE B 175 -21.31 -10.75 -11.50
CA PHE B 175 -20.18 -11.33 -12.23
C PHE B 175 -20.17 -12.85 -12.18
N ASP B 176 -21.00 -13.46 -11.35
CA ASP B 176 -21.14 -14.92 -11.32
C ASP B 176 -22.08 -15.44 -12.39
N GLY B 177 -22.51 -14.58 -13.33
CA GLY B 177 -23.37 -15.00 -14.42
C GLY B 177 -24.85 -14.92 -14.14
N GLN B 178 -25.26 -14.38 -13.00
CA GLN B 178 -26.67 -14.27 -12.68
C GLN B 178 -27.30 -13.09 -13.42
N PRO B 179 -28.62 -13.11 -13.62
CA PRO B 179 -29.28 -12.03 -14.35
C PRO B 179 -29.54 -10.82 -13.46
N ALA B 180 -29.19 -9.63 -13.95
CA ALA B 180 -29.52 -8.41 -13.25
C ALA B 180 -31.05 -8.25 -13.20
N PRO B 181 -31.55 -7.38 -12.31
CA PRO B 181 -33.00 -7.23 -12.18
C PRO B 181 -33.65 -6.82 -13.50
N GLY B 182 -34.75 -7.49 -13.84
CA GLY B 182 -35.45 -7.26 -15.09
C GLY B 182 -34.96 -8.11 -16.25
N VAL B 183 -33.74 -8.62 -16.19
CA VAL B 183 -33.19 -9.45 -17.26
C VAL B 183 -33.75 -10.85 -17.14
N LEU B 184 -34.29 -11.35 -18.24
CA LEU B 184 -34.80 -12.72 -18.26
C LEU B 184 -33.69 -13.68 -17.85
N PRO B 185 -33.93 -14.59 -16.91
CA PRO B 185 -32.87 -15.52 -16.51
C PRO B 185 -32.27 -16.28 -17.68
N GLU B 186 -32.98 -16.39 -18.79
CA GLU B 186 -32.48 -17.11 -19.95
C GLU B 186 -31.53 -16.27 -20.80
N ILE B 187 -31.56 -14.94 -20.66
CA ILE B 187 -30.57 -14.11 -21.35
C ILE B 187 -29.22 -14.23 -20.67
N ALA B 188 -29.19 -14.25 -19.33
CA ALA B 188 -27.94 -14.50 -18.62
C ALA B 188 -27.48 -15.94 -18.81
N LYS B 189 -28.42 -16.87 -18.96
CA LYS B 189 -28.04 -18.25 -19.28
C LYS B 189 -27.33 -18.34 -20.61
N ASN B 190 -27.67 -17.46 -21.56
CA ASN B 190 -27.06 -17.45 -22.88
C ASN B 190 -25.90 -16.45 -22.97
N THR B 191 -25.35 -16.03 -21.84
CA THR B 191 -24.22 -15.13 -21.79
C THR B 191 -23.06 -15.83 -21.12
N LEU B 192 -21.90 -15.80 -21.77
CA LEU B 192 -20.67 -16.34 -21.21
C LEU B 192 -19.75 -15.17 -20.86
N LEU B 193 -19.28 -15.13 -19.62
CA LEU B 193 -18.41 -14.07 -19.13
C LEU B 193 -17.00 -14.62 -18.92
N ILE B 194 -16.02 -13.93 -19.49
CA ILE B 194 -14.61 -14.24 -19.24
C ILE B 194 -13.94 -13.01 -18.67
N ARG B 195 -12.89 -13.24 -17.90
CA ARG B 195 -12.15 -12.15 -17.31
C ARG B 195 -11.14 -11.60 -18.32
N PRO B 196 -10.90 -10.29 -18.34
CA PRO B 196 -9.92 -9.74 -19.27
C PRO B 196 -8.55 -10.37 -19.08
N ASP B 197 -7.89 -10.66 -20.21
CA ASP B 197 -6.54 -11.20 -20.27
C ASP B 197 -6.44 -12.62 -19.73
N ASP B 198 -7.58 -13.27 -19.44
CA ASP B 198 -7.57 -14.67 -18.99
C ASP B 198 -7.68 -15.55 -20.22
N ILE B 199 -6.53 -15.79 -20.85
CA ILE B 199 -6.51 -16.55 -22.10
C ILE B 199 -6.91 -17.99 -21.87
N GLU B 200 -6.55 -18.57 -20.71
CA GLU B 200 -6.92 -19.95 -20.44
C GLU B 200 -8.43 -20.09 -20.26
N GLY B 201 -9.04 -19.13 -19.55
CA GLY B 201 -10.49 -19.15 -19.43
C GLY B 201 -11.20 -19.00 -20.75
N MET B 202 -10.61 -18.21 -21.66
CA MET B 202 -11.21 -18.03 -22.98
C MET B 202 -11.14 -19.31 -23.80
N ARG B 203 -9.96 -19.91 -23.89
CA ARG B 203 -9.84 -21.19 -24.59
C ARG B 203 -10.76 -22.23 -23.98
N GLU B 204 -10.87 -22.25 -22.65
CA GLU B 204 -11.75 -23.20 -21.99
C GLU B 204 -13.21 -22.98 -22.39
N VAL B 205 -13.66 -21.72 -22.42
CA VAL B 205 -15.06 -21.43 -22.75
C VAL B 205 -15.35 -21.86 -24.18
N PHE B 206 -14.47 -21.52 -25.13
CA PHE B 206 -14.68 -21.93 -26.51
C PHE B 206 -14.66 -23.44 -26.66
N ALA B 207 -13.96 -24.15 -25.78
CA ALA B 207 -13.90 -25.60 -25.86
C ALA B 207 -15.16 -26.26 -25.32
N GLN B 208 -15.88 -25.59 -24.40
CA GLN B 208 -17.10 -26.14 -23.84
C GLN B 208 -18.35 -25.68 -24.57
N HIS B 209 -18.32 -24.49 -25.19
CA HIS B 209 -19.50 -23.92 -25.83
C HIS B 209 -19.22 -23.37 -27.23
N GLY B 210 -18.06 -23.70 -27.81
CA GLY B 210 -17.63 -23.00 -29.01
C GLY B 210 -18.65 -23.01 -30.13
N SER B 211 -19.34 -24.13 -30.32
CA SER B 211 -20.26 -24.25 -31.44
C SER B 211 -21.60 -23.57 -31.17
N ASP B 212 -21.89 -23.20 -29.93
CA ASP B 212 -23.13 -22.51 -29.58
C ASP B 212 -22.92 -21.01 -29.38
N ILE B 213 -21.73 -20.49 -29.68
CA ILE B 213 -21.42 -19.08 -29.46
C ILE B 213 -21.63 -18.33 -30.77
N ALA B 214 -22.58 -17.39 -30.77
CA ALA B 214 -22.86 -16.60 -31.96
C ALA B 214 -21.82 -15.52 -32.18
N ALA B 215 -21.33 -14.90 -31.11
CA ALA B 215 -20.39 -13.81 -31.27
C ALA B 215 -19.56 -13.65 -30.00
N PHE B 216 -18.34 -13.18 -30.20
CA PHE B 216 -17.49 -12.66 -29.13
C PHE B 216 -17.39 -11.15 -29.34
N ILE B 217 -17.95 -10.38 -28.41
CA ILE B 217 -17.94 -8.92 -28.49
C ILE B 217 -16.98 -8.39 -27.44
N ALA B 218 -16.22 -7.37 -27.81
CA ALA B 218 -15.24 -6.80 -26.90
C ALA B 218 -15.06 -5.32 -27.18
N GLU B 219 -14.67 -4.60 -26.15
CA GLU B 219 -14.25 -3.22 -26.22
C GLU B 219 -12.73 -3.18 -26.29
N PRO B 220 -12.12 -2.42 -27.20
CA PRO B 220 -10.65 -2.35 -27.24
C PRO B 220 -10.11 -1.43 -26.15
N VAL B 221 -8.82 -1.63 -25.86
CA VAL B 221 -8.10 -0.91 -24.81
C VAL B 221 -8.54 -1.40 -23.45
N GLY B 222 -9.84 -1.49 -23.22
CA GLY B 222 -10.37 -2.04 -21.99
C GLY B 222 -11.72 -1.43 -21.68
N SER B 223 -12.33 -1.94 -20.61
CA SER B 223 -13.58 -1.42 -20.10
C SER B 223 -13.54 0.10 -19.97
N HIS B 224 -14.50 0.78 -20.60
CA HIS B 224 -14.56 2.23 -20.59
C HIS B 224 -13.24 2.83 -21.07
N PHE B 225 -12.81 2.37 -22.24
CA PHE B 225 -11.59 2.88 -22.87
C PHE B 225 -10.40 2.78 -21.93
N GLY B 226 -10.30 1.66 -21.21
CA GLY B 226 -9.09 1.31 -20.49
C GLY B 226 -9.13 1.45 -18.98
N VAL B 227 -10.28 1.80 -18.39
CA VAL B 227 -10.38 1.78 -16.93
C VAL B 227 -9.85 0.46 -16.40
N THR B 228 -10.36 -0.65 -16.93
CA THR B 228 -9.79 -1.98 -16.72
C THR B 228 -9.07 -2.39 -18.00
N PRO B 229 -7.73 -2.31 -18.05
CA PRO B 229 -7.04 -2.58 -19.32
C PRO B 229 -7.22 -4.01 -19.78
N VAL B 230 -7.31 -4.18 -21.10
CA VAL B 230 -7.28 -5.48 -21.74
C VAL B 230 -6.25 -5.41 -22.87
N SER B 231 -5.43 -6.45 -22.98
CA SER B 231 -4.29 -6.41 -23.88
C SER B 231 -4.71 -6.66 -25.32
N ASP B 232 -4.01 -6.00 -26.24
CA ASP B 232 -4.25 -6.20 -27.68
C ASP B 232 -4.09 -7.66 -28.06
N SER B 233 -3.08 -8.34 -27.54
CA SER B 233 -2.87 -9.73 -27.90
C SER B 233 -4.04 -10.60 -27.45
N PHE B 234 -4.59 -10.31 -26.28
CA PHE B 234 -5.77 -11.06 -25.83
C PHE B 234 -6.91 -10.94 -26.83
N LEU B 235 -7.17 -9.72 -27.33
CA LEU B 235 -8.23 -9.53 -28.32
C LEU B 235 -7.90 -10.24 -29.63
N ARG B 236 -6.64 -10.21 -30.05
CA ARG B 236 -6.24 -10.94 -31.26
C ARG B 236 -6.47 -12.43 -31.11
N GLU B 237 -6.14 -12.98 -29.93
CA GLU B 237 -6.40 -14.38 -29.66
C GLU B 237 -7.88 -14.68 -29.75
N GLY B 238 -8.71 -13.83 -29.14
CA GLY B 238 -10.14 -14.08 -29.13
C GLY B 238 -10.76 -13.99 -30.52
N ALA B 239 -10.25 -13.08 -31.36
CA ALA B 239 -10.71 -13.02 -32.74
C ALA B 239 -10.36 -14.29 -33.49
N GLU B 240 -9.16 -14.84 -33.23
CA GLU B 240 -8.75 -16.07 -33.91
C GLU B 240 -9.56 -17.27 -33.42
N LEU B 241 -9.77 -17.38 -32.11
CA LEU B 241 -10.63 -18.44 -31.58
C LEU B 241 -12.03 -18.36 -32.19
N ALA B 242 -12.63 -17.16 -32.19
CA ALA B 242 -13.97 -17.00 -32.73
C ALA B 242 -14.02 -17.49 -34.18
N ARG B 243 -13.04 -17.09 -34.99
CA ARG B 243 -12.98 -17.56 -36.37
C ARG B 243 -12.92 -19.08 -36.44
N GLN B 244 -12.04 -19.69 -35.63
CA GLN B 244 -11.88 -21.14 -35.69
C GLN B 244 -13.15 -21.88 -35.31
N TYR B 245 -13.94 -21.33 -34.39
CA TYR B 245 -15.14 -21.99 -33.92
C TYR B 245 -16.39 -21.54 -34.67
N GLY B 246 -16.27 -20.64 -35.63
CA GLY B 246 -17.41 -20.19 -36.39
C GLY B 246 -18.25 -19.13 -35.72
N ALA B 247 -17.72 -18.47 -34.70
CA ALA B 247 -18.39 -17.35 -34.06
C ALA B 247 -17.90 -16.05 -34.68
N LEU B 248 -18.78 -15.05 -34.68
CA LEU B 248 -18.41 -13.73 -35.16
C LEU B 248 -17.62 -12.99 -34.10
N PHE B 249 -16.71 -12.14 -34.54
CA PHE B 249 -15.97 -11.24 -33.66
C PHE B 249 -16.51 -9.83 -33.86
N ILE B 250 -17.06 -9.25 -32.78
CA ILE B 250 -17.65 -7.91 -32.81
C ILE B 250 -16.74 -7.00 -31.98
N LEU B 251 -16.19 -5.97 -32.63
CA LEU B 251 -15.35 -5.00 -31.95
C LEU B 251 -16.14 -3.74 -31.69
N ASP B 252 -16.28 -3.38 -30.41
CA ASP B 252 -17.06 -2.22 -30.00
C ASP B 252 -16.14 -1.00 -29.99
N GLU B 253 -16.12 -0.28 -31.12
CA GLU B 253 -15.26 0.89 -31.29
C GLU B 253 -16.03 2.20 -31.06
N VAL B 254 -17.04 2.19 -30.20
CA VAL B 254 -17.85 3.38 -29.98
C VAL B 254 -16.97 4.53 -29.46
N ILE B 255 -15.99 4.23 -28.62
CA ILE B 255 -15.09 5.28 -28.11
C ILE B 255 -13.85 5.41 -28.97
N SER B 256 -13.28 4.30 -29.43
CA SER B 256 -12.03 4.37 -30.17
C SER B 256 -12.23 4.94 -31.57
N GLY B 257 -13.43 4.80 -32.12
CA GLY B 257 -13.70 5.33 -33.46
C GLY B 257 -13.38 6.80 -33.61
N PHE B 258 -12.51 7.11 -34.56
CA PHE B 258 -12.12 8.49 -34.88
C PHE B 258 -11.57 9.23 -33.65
N ARG B 259 -11.04 8.48 -32.68
CA ARG B 259 -10.28 9.04 -31.58
C ARG B 259 -8.85 8.51 -31.53
N VAL B 260 -8.68 7.19 -31.62
CA VAL B 260 -7.34 6.62 -31.51
C VAL B 260 -6.57 6.78 -32.81
N GLY B 261 -7.26 6.81 -33.94
CA GLY B 261 -6.62 6.99 -35.23
C GLY B 261 -7.68 7.09 -36.30
N ASN B 262 -7.23 7.40 -37.52
CA ASN B 262 -8.15 7.62 -38.63
C ASN B 262 -8.79 6.35 -39.15
N HIS B 263 -8.34 5.18 -38.69
CA HIS B 263 -8.85 3.91 -39.19
C HIS B 263 -9.24 2.98 -38.04
N GLY B 264 -9.48 3.54 -36.86
CA GLY B 264 -10.00 2.78 -35.75
C GLY B 264 -8.92 1.98 -35.05
N MET B 265 -9.31 1.39 -33.92
CA MET B 265 -8.40 0.54 -33.18
C MET B 265 -8.09 -0.74 -33.95
N GLN B 266 -9.02 -1.22 -34.77
CA GLN B 266 -8.81 -2.48 -35.46
C GLN B 266 -7.62 -2.42 -36.40
N ALA B 267 -7.31 -1.24 -36.96
CA ALA B 267 -6.12 -1.11 -37.78
C ALA B 267 -4.86 -1.21 -36.92
N LEU B 268 -4.91 -0.70 -35.69
CA LEU B 268 -3.76 -0.80 -34.80
C LEU B 268 -3.63 -2.19 -34.20
N LEU B 269 -4.73 -2.93 -34.08
CA LEU B 269 -4.69 -4.32 -33.63
C LEU B 269 -4.36 -5.28 -34.75
N ASP B 270 -4.50 -4.87 -36.00
CA ASP B 270 -4.35 -5.75 -37.15
C ASP B 270 -5.36 -6.90 -37.08
N VAL B 271 -6.63 -6.53 -36.98
CA VAL B 271 -7.74 -7.47 -36.98
C VAL B 271 -8.82 -6.94 -37.88
N GLN B 272 -9.61 -7.86 -38.45
CA GLN B 272 -10.76 -7.53 -39.30
C GLN B 272 -12.01 -8.04 -38.61
N PRO B 273 -12.67 -7.22 -37.79
CA PRO B 273 -13.88 -7.70 -37.12
C PRO B 273 -14.97 -8.01 -38.12
N ASP B 274 -15.77 -9.01 -37.81
CA ASP B 274 -16.92 -9.32 -38.65
C ASP B 274 -17.96 -8.22 -38.55
N LEU B 275 -18.04 -7.56 -37.39
CA LEU B 275 -18.92 -6.43 -37.18
C LEU B 275 -18.19 -5.39 -36.35
N THR B 276 -18.42 -4.12 -36.66
CA THR B 276 -17.82 -3.01 -35.94
C THR B 276 -18.94 -2.08 -35.49
N CYS B 277 -18.92 -1.72 -34.22
CA CYS B 277 -19.90 -0.79 -33.64
C CYS B 277 -19.27 0.59 -33.52
N LEU B 278 -20.01 1.62 -33.94
CA LEU B 278 -19.53 2.99 -33.90
C LEU B 278 -20.62 3.90 -33.36
N ALA B 279 -20.18 4.93 -32.64
CA ALA B 279 -21.06 6.03 -32.25
C ALA B 279 -20.18 7.19 -31.81
N ALA B 281 -17.91 9.91 -31.48
CA ALA B 281 -17.21 10.78 -32.44
C ALA B 281 -17.58 10.45 -33.90
N SER B 282 -17.88 9.19 -34.17
CA SER B 282 -18.29 8.79 -35.50
C SER B 282 -19.63 9.39 -35.91
N ALA B 283 -20.39 9.95 -34.96
CA ALA B 283 -21.65 10.62 -35.25
C ALA B 283 -21.56 12.12 -35.05
N GLY B 284 -20.35 12.67 -35.02
CA GLY B 284 -20.16 14.11 -35.02
C GLY B 284 -20.49 14.83 -33.74
N GLY B 285 -20.64 14.10 -32.63
CA GLY B 285 -21.07 14.73 -31.40
C GLY B 285 -22.56 14.95 -31.30
N LEU B 286 -23.36 14.17 -32.02
CA LEU B 286 -24.81 14.20 -31.96
C LEU B 286 -25.35 12.79 -31.85
N PRO B 287 -26.61 12.62 -31.48
CA PRO B 287 -27.17 11.27 -31.33
C PRO B 287 -27.05 10.47 -32.62
N GLY B 288 -26.70 9.21 -32.47
CA GLY B 288 -26.60 8.31 -33.61
C GLY B 288 -25.59 7.21 -33.36
N GLY B 289 -25.71 6.15 -34.17
CA GLY B 289 -24.78 5.04 -34.12
C GLY B 289 -24.66 4.40 -35.49
N ILE B 290 -23.69 3.49 -35.61
CA ILE B 290 -23.41 2.83 -36.89
C ILE B 290 -23.00 1.39 -36.64
N LEU B 291 -23.65 0.46 -37.34
CA LEU B 291 -23.24 -0.93 -37.38
C LEU B 291 -22.79 -1.26 -38.79
N GLY B 292 -21.58 -1.79 -38.92
CA GLY B 292 -21.07 -2.18 -40.22
C GLY B 292 -20.14 -3.37 -40.11
N GLY B 293 -19.97 -4.05 -41.24
CA GLY B 293 -19.10 -5.21 -41.26
C GLY B 293 -19.18 -5.98 -42.56
N ARG B 294 -19.04 -7.30 -42.44
CA ARG B 294 -18.95 -8.17 -43.60
C ARG B 294 -20.22 -8.12 -44.45
N GLU B 295 -20.02 -8.25 -45.76
CA GLU B 295 -21.14 -8.28 -46.70
C GLU B 295 -22.18 -9.32 -46.30
N ASP B 296 -21.76 -10.58 -46.14
CA ASP B 296 -22.73 -11.65 -45.93
C ASP B 296 -23.41 -11.55 -44.56
N VAL B 297 -22.68 -11.09 -43.54
CA VAL B 297 -23.28 -10.93 -42.22
C VAL B 297 -24.36 -9.85 -42.26
N MET B 298 -24.03 -8.68 -42.83
CA MET B 298 -25.01 -7.62 -42.95
C MET B 298 -26.14 -7.98 -43.90
N GLY B 299 -26.00 -9.06 -44.67
CA GLY B 299 -27.04 -9.48 -45.58
C GLY B 299 -28.33 -9.91 -44.89
N VAL B 300 -28.26 -10.30 -43.62
CA VAL B 300 -29.47 -10.63 -42.89
C VAL B 300 -30.37 -9.42 -42.69
N LEU B 301 -29.86 -8.23 -42.96
CA LEU B 301 -30.68 -7.02 -42.95
C LEU B 301 -31.34 -6.75 -44.30
N SER B 302 -30.93 -7.45 -45.35
CA SER B 302 -31.53 -7.25 -46.66
C SER B 302 -32.93 -7.87 -46.71
N ARG B 303 -33.79 -7.28 -47.53
CA ARG B 303 -35.17 -7.71 -47.61
C ARG B 303 -35.29 -9.14 -48.12
N GLY B 304 -34.31 -9.62 -48.88
CA GLY B 304 -34.40 -10.94 -49.48
C GLY B 304 -33.56 -11.99 -48.79
N SER B 305 -33.52 -11.97 -47.47
CA SER B 305 -32.73 -12.91 -46.69
C SER B 305 -33.63 -13.93 -46.01
N ASP B 306 -33.19 -15.19 -46.02
CA ASP B 306 -33.89 -16.24 -45.30
C ASP B 306 -33.74 -16.14 -43.78
N ARG B 307 -33.00 -15.15 -43.29
CA ARG B 307 -32.80 -14.91 -41.87
C ARG B 307 -33.00 -13.43 -41.55
N LYS B 308 -34.05 -12.84 -42.10
CA LYS B 308 -34.21 -11.38 -42.07
C LYS B 308 -34.34 -10.87 -40.64
N VAL B 309 -33.54 -9.86 -40.31
CA VAL B 309 -33.61 -9.17 -39.03
C VAL B 309 -34.28 -7.82 -39.27
N LEU B 310 -35.38 -7.57 -38.56
CA LEU B 310 -36.09 -6.30 -38.70
C LEU B 310 -35.30 -5.20 -38.01
N HIS B 311 -34.93 -4.16 -38.78
CA HIS B 311 -34.30 -2.98 -38.22
C HIS B 311 -34.96 -1.73 -38.78
N GLN B 312 -35.26 -0.78 -37.90
CA GLN B 312 -36.01 0.42 -38.22
C GLN B 312 -35.44 1.58 -37.42
N GLY B 313 -36.09 2.74 -37.52
CA GLY B 313 -35.69 3.91 -36.75
C GLY B 313 -36.11 5.22 -37.38
N THR B 314 -36.99 5.95 -36.70
CA THR B 314 -37.56 7.17 -37.29
C THR B 314 -36.47 8.18 -37.65
N PHE B 315 -35.55 8.44 -36.73
CA PHE B 315 -34.50 9.44 -36.93
C PHE B 315 -33.14 8.83 -37.18
N THR B 316 -33.08 7.54 -37.46
CA THR B 316 -31.82 6.90 -37.81
C THR B 316 -31.29 7.46 -39.13
N GLY B 317 -30.05 7.94 -39.11
CA GLY B 317 -29.44 8.52 -40.29
C GLY B 317 -29.94 9.89 -40.66
N ASN B 318 -30.58 10.60 -39.72
CA ASN B 318 -31.17 11.89 -40.04
C ASN B 318 -30.11 12.86 -40.57
N PRO B 319 -30.53 13.88 -41.33
CA PRO B 319 -29.55 14.78 -41.96
C PRO B 319 -28.76 15.62 -40.96
N ILE B 320 -29.33 15.91 -39.78
CA ILE B 320 -28.63 16.74 -38.81
C ILE B 320 -27.41 16.01 -38.28
N THR B 321 -27.63 14.80 -37.73
CA THR B 321 -26.49 13.99 -37.29
C THR B 321 -25.52 13.74 -38.43
N ALA B 322 -26.04 13.40 -39.61
CA ALA B 322 -25.17 13.10 -40.75
C ALA B 322 -24.29 14.29 -41.10
N ALA B 323 -24.87 15.50 -41.11
CA ALA B 323 -24.08 16.69 -41.40
C ALA B 323 -22.98 16.90 -40.38
N ALA B 324 -23.32 16.81 -39.09
CA ALA B 324 -22.31 16.96 -38.05
C ALA B 324 -21.18 15.94 -38.22
N ALA B 325 -21.54 14.68 -38.47
CA ALA B 325 -20.53 13.63 -38.61
C ALA B 325 -19.63 13.89 -39.83
N ILE B 326 -20.24 14.27 -40.95
CA ILE B 326 -19.46 14.58 -42.14
C ILE B 326 -18.42 15.65 -41.83
N ALA B 327 -18.85 16.75 -41.22
CA ALA B 327 -17.93 17.83 -40.88
C ALA B 327 -16.88 17.36 -39.87
N ALA B 328 -17.31 16.66 -38.82
CA ALA B 328 -16.39 16.19 -37.80
C ALA B 328 -15.32 15.28 -38.38
N ILE B 329 -15.73 14.24 -39.13
CA ILE B 329 -14.78 13.31 -39.69
C ILE B 329 -13.77 14.04 -40.56
N ASP B 330 -14.26 14.93 -41.43
CA ASP B 330 -13.38 15.65 -42.33
C ASP B 330 -12.39 16.53 -41.56
N THR B 331 -12.84 17.15 -40.47
CA THR B 331 -11.94 17.97 -39.67
C THR B 331 -10.91 17.12 -38.94
N ILE B 332 -11.33 15.96 -38.44
CA ILE B 332 -10.40 15.07 -37.73
C ILE B 332 -9.28 14.64 -38.66
N LEU B 333 -9.62 14.26 -39.90
CA LEU B 333 -8.58 13.83 -40.83
C LEU B 333 -7.75 15.01 -41.32
N GLU B 334 -8.40 16.15 -41.59
CA GLU B 334 -7.71 17.29 -42.16
C GLU B 334 -6.72 17.91 -41.18
N ASP B 335 -7.13 18.09 -39.93
CA ASP B 335 -6.29 18.73 -38.92
C ASP B 335 -5.44 17.73 -38.13
N ASP B 336 -5.35 16.49 -38.60
CA ASP B 336 -4.54 15.45 -37.96
C ASP B 336 -4.78 15.43 -36.44
N VAL B 337 -6.05 15.34 -36.08
CA VAL B 337 -6.44 15.49 -34.67
C VAL B 337 -5.99 14.30 -33.85
N CYS B 338 -6.10 13.08 -34.39
CA CYS B 338 -5.79 11.88 -33.61
C CYS B 338 -4.34 11.87 -33.16
N ALA B 339 -3.43 12.29 -34.03
CA ALA B 339 -2.02 12.34 -33.65
C ALA B 339 -1.78 13.41 -32.59
N LYS B 340 -2.51 14.53 -32.66
CA LYS B 340 -2.34 15.59 -31.68
C LYS B 340 -2.74 15.12 -30.29
N ILE B 341 -3.96 14.60 -30.15
CA ILE B 341 -4.45 14.22 -28.83
C ILE B 341 -3.75 12.97 -28.30
N ASN B 342 -3.16 12.13 -29.16
CA ASN B 342 -2.36 11.02 -28.67
C ASN B 342 -1.04 11.51 -28.08
N ASP B 343 -0.40 12.48 -28.73
CA ASP B 343 0.79 13.08 -28.15
C ASP B 343 0.48 13.82 -26.87
N LEU B 344 -0.68 14.49 -26.81
CA LEU B 344 -1.06 15.21 -25.61
C LEU B 344 -1.37 14.25 -24.46
N GLY B 345 -2.03 13.13 -24.76
CA GLY B 345 -2.32 12.17 -23.71
C GLY B 345 -1.05 11.60 -23.10
N GLN B 346 -0.06 11.28 -23.93
CA GLN B 346 1.22 10.81 -23.40
C GLN B 346 1.85 11.86 -22.50
N PHE B 347 1.87 13.11 -22.95
CA PHE B 347 2.40 14.19 -22.13
C PHE B 347 1.66 14.28 -20.80
N ALA B 348 0.33 14.10 -20.82
CA ALA B 348 -0.45 14.23 -19.60
C ALA B 348 -0.15 13.10 -18.61
N ARG B 349 0.00 11.87 -19.11
CA ARG B 349 0.38 10.75 -18.24
C ARG B 349 1.72 11.02 -17.57
N GLU B 350 2.70 11.48 -18.33
CA GLU B 350 4.02 11.73 -17.76
C GLU B 350 3.98 12.86 -16.75
N ALA B 351 3.24 13.93 -17.06
CA ALA B 351 3.18 15.07 -16.16
C ALA B 351 2.50 14.70 -14.84
N MET B 352 1.45 13.89 -14.90
CA MET B 352 0.75 13.48 -13.69
C MET B 352 1.64 12.61 -12.81
N ASN B 353 2.25 11.57 -13.41
CA ASN B 353 3.09 10.67 -12.63
C ASN B 353 4.33 11.40 -12.08
N HIS B 354 4.85 12.38 -12.81
CA HIS B 354 5.93 13.18 -12.26
C HIS B 354 5.45 13.96 -11.03
N LEU B 355 4.19 14.40 -11.03
CA LEU B 355 3.63 15.07 -9.86
C LEU B 355 3.54 14.12 -8.68
N PHE B 356 2.92 12.95 -8.89
CA PHE B 356 2.78 11.99 -7.79
C PHE B 356 4.13 11.66 -7.17
N ALA B 357 5.14 11.38 -8.01
CA ALA B 357 6.46 11.10 -7.49
C ALA B 357 7.02 12.30 -6.73
N ARG B 358 6.75 13.51 -7.24
CA ARG B 358 7.24 14.73 -6.59
C ARG B 358 6.69 14.87 -5.19
N LYS B 359 5.43 14.47 -4.98
CA LYS B 359 4.77 14.60 -3.69
C LYS B 359 4.90 13.37 -2.81
N GLY B 360 5.63 12.35 -3.26
CA GLY B 360 5.77 11.12 -2.50
C GLY B 360 4.46 10.36 -2.39
N LEU B 361 3.67 10.35 -3.45
CA LEU B 361 2.33 9.77 -3.45
C LEU B 361 2.32 8.54 -4.34
N ASN B 362 1.78 7.43 -3.83
CA ASN B 362 1.64 6.20 -4.62
C ASN B 362 0.29 6.21 -5.35
N TRP B 363 0.20 7.11 -6.31
CA TRP B 363 -0.89 7.12 -7.29
C TRP B 363 -0.28 6.93 -8.68
N LEU B 364 -1.08 6.37 -9.58
CA LEU B 364 -0.64 6.10 -10.94
C LEU B 364 -1.63 6.69 -11.93
N ALA B 365 -1.10 7.45 -12.89
CA ALA B 365 -1.86 7.85 -14.08
C ALA B 365 -1.52 6.84 -15.19
N TYR B 366 -2.53 6.09 -15.62
CA TYR B 366 -2.34 5.03 -16.60
C TYR B 366 -3.33 5.21 -17.73
N GLY B 367 -3.16 4.42 -18.79
CA GLY B 367 -4.04 4.47 -19.94
C GLY B 367 -3.25 4.64 -21.22
N ARG B 368 -3.98 4.81 -22.31
CA ARG B 368 -3.39 4.92 -23.63
C ARG B 368 -4.11 5.98 -24.43
N PHE B 369 -3.48 6.42 -25.52
CA PHE B 369 -4.10 7.30 -26.51
C PHE B 369 -4.44 8.64 -25.83
N SER B 370 -5.65 9.18 -26.02
CA SER B 370 -5.94 10.57 -25.73
C SER B 370 -6.60 10.76 -24.37
N GLY B 371 -6.14 10.05 -23.35
CA GLY B 371 -6.65 10.28 -22.01
C GLY B 371 -5.83 9.54 -20.99
N PHE B 372 -6.32 9.54 -19.75
CA PHE B 372 -5.70 8.74 -18.71
C PHE B 372 -6.73 8.44 -17.64
N HIS B 373 -6.42 7.42 -16.84
CA HIS B 373 -7.19 7.07 -15.67
C HIS B 373 -6.26 7.10 -14.46
N LEU B 374 -6.86 7.04 -13.28
CA LEU B 374 -6.13 7.16 -12.04
C LEU B 374 -6.36 5.91 -11.20
N MET B 375 -5.27 5.38 -10.64
CA MET B 375 -5.34 4.25 -9.71
C MET B 375 -4.61 4.66 -8.44
N PRO B 376 -5.33 5.16 -7.45
CA PRO B 376 -4.71 5.34 -6.12
C PRO B 376 -4.14 4.02 -5.61
N GLY B 377 -2.95 4.09 -5.03
CA GLY B 377 -2.33 2.94 -4.41
C GLY B 377 -1.22 2.31 -5.20
N LEU B 378 -1.04 2.66 -6.47
CA LEU B 378 0.03 2.12 -7.26
C LEU B 378 1.12 3.17 -7.46
N PRO B 379 2.40 2.78 -7.46
CA PRO B 379 3.46 3.77 -7.67
C PRO B 379 3.33 4.41 -9.03
N PRO B 380 3.72 5.68 -9.16
CA PRO B 380 3.63 6.34 -10.48
C PRO B 380 4.63 5.81 -11.51
N ASN B 381 5.62 5.02 -11.10
CA ASN B 381 6.54 4.40 -12.04
C ASN B 381 6.15 2.97 -12.40
N THR B 382 4.96 2.51 -11.96
CA THR B 382 4.48 1.20 -12.34
C THR B 382 4.53 1.04 -13.86
N THR B 383 5.02 -0.12 -14.31
CA THR B 383 5.19 -0.38 -15.73
C THR B 383 4.08 -1.23 -16.33
N ASP B 384 3.49 -2.14 -15.58
CA ASP B 384 2.42 -2.99 -16.09
C ASP B 384 1.19 -2.88 -15.21
N THR B 385 0.03 -2.85 -15.85
CA THR B 385 -1.25 -2.67 -15.18
C THR B 385 -1.95 -3.99 -14.90
N GLY B 386 -1.21 -5.11 -14.85
CA GLY B 386 -1.84 -6.40 -14.62
C GLY B 386 -2.62 -6.45 -13.34
N SER B 387 -2.13 -5.79 -12.29
CA SER B 387 -2.85 -5.76 -11.01
C SER B 387 -4.23 -5.11 -11.16
N ILE B 388 -4.38 -4.17 -12.09
CA ILE B 388 -5.70 -3.59 -12.32
C ILE B 388 -6.56 -4.56 -13.13
N THR B 389 -6.01 -5.09 -14.21
CA THR B 389 -6.75 -6.03 -15.06
C THR B 389 -7.26 -7.23 -14.25
N ARG B 390 -6.44 -7.74 -13.33
CA ARG B 390 -6.83 -8.88 -12.52
C ARG B 390 -7.65 -8.50 -11.29
N ALA B 391 -7.97 -7.22 -11.11
CA ALA B 391 -8.72 -6.75 -9.95
C ALA B 391 -8.01 -7.14 -8.65
N GLU B 392 -6.69 -6.97 -8.62
CA GLU B 392 -5.92 -7.23 -7.41
C GLU B 392 -5.76 -6.00 -6.52
N VAL B 393 -5.95 -4.81 -7.06
CA VAL B 393 -5.86 -3.57 -6.29
C VAL B 393 -7.26 -3.10 -5.95
N ALA B 394 -7.44 -2.64 -4.71
CA ALA B 394 -8.73 -2.10 -4.30
C ALA B 394 -9.16 -0.97 -5.22
N ARG B 395 -10.44 -0.97 -5.60
CA ARG B 395 -10.97 0.10 -6.42
C ARG B 395 -10.96 1.41 -5.63
N PRO B 396 -10.80 2.55 -6.30
CA PRO B 396 -10.73 3.83 -5.58
C PRO B 396 -11.94 4.03 -4.67
N ASP B 397 -11.66 4.40 -3.42
CA ASP B 397 -12.73 4.65 -2.45
C ASP B 397 -13.71 5.70 -2.99
N VAL B 398 -15.00 5.45 -2.75
CA VAL B 398 -16.03 6.25 -3.41
C VAL B 398 -16.11 7.65 -2.82
N LYS B 399 -15.94 7.77 -1.50
CA LYS B 399 -16.00 9.10 -0.90
C LYS B 399 -14.78 9.93 -1.25
N MET B 400 -13.63 9.29 -1.46
CA MET B 400 -12.44 10.04 -1.88
C MET B 400 -12.60 10.56 -3.30
N ILE B 401 -13.15 9.74 -4.20
CA ILE B 401 -13.27 10.15 -5.59
C ILE B 401 -14.27 11.29 -5.74
N ALA B 402 -15.35 11.25 -4.95
CA ALA B 402 -16.34 12.33 -4.99
C ALA B 402 -15.74 13.62 -4.45
N ALA B 403 -14.94 13.52 -3.39
CA ALA B 403 -14.30 14.71 -2.84
C ALA B 403 -13.28 15.27 -3.82
N MET B 404 -12.58 14.39 -4.53
CA MET B 404 -11.61 14.83 -5.53
C MET B 404 -12.28 15.62 -6.64
N ARG B 405 -13.41 15.11 -7.15
CA ARG B 405 -14.15 15.83 -8.18
C ARG B 405 -14.65 17.16 -7.66
N MET B 406 -15.16 17.19 -6.43
CA MET B 406 -15.61 18.44 -5.84
C MET B 406 -14.47 19.44 -5.68
N ALA B 407 -13.31 18.96 -5.21
CA ALA B 407 -12.18 19.85 -5.02
C ALA B 407 -11.67 20.39 -6.35
N LEU B 408 -11.68 19.55 -7.39
CA LEU B 408 -11.32 20.03 -8.73
C LEU B 408 -12.30 21.09 -9.21
N ILE B 409 -13.59 20.86 -9.00
CA ILE B 409 -14.59 21.84 -9.40
C ILE B 409 -14.36 23.17 -8.71
N LEU B 410 -14.01 23.13 -7.41
CA LEU B 410 -13.69 24.35 -6.69
C LEU B 410 -12.51 25.09 -7.32
N GLU B 411 -11.62 24.37 -8.00
CA GLU B 411 -10.46 24.96 -8.65
C GLU B 411 -10.70 25.33 -10.10
N GLY B 412 -11.91 25.10 -10.61
CA GLY B 412 -12.23 25.46 -11.99
C GLY B 412 -12.00 24.37 -13.01
N VAL B 413 -11.99 23.10 -12.59
CA VAL B 413 -11.66 21.98 -13.46
C VAL B 413 -12.70 20.88 -13.25
N ASP B 414 -13.09 20.20 -14.33
CA ASP B 414 -14.00 19.08 -14.24
C ASP B 414 -13.42 17.88 -14.97
N ILE B 415 -13.42 16.71 -14.33
CA ILE B 415 -13.00 15.48 -14.95
C ILE B 415 -14.11 14.45 -14.80
N GLY B 416 -13.92 13.29 -15.45
CA GLY B 416 -14.95 12.29 -15.50
C GLY B 416 -15.07 11.48 -14.22
N GLY B 417 -16.26 10.88 -14.08
CA GLY B 417 -16.65 10.06 -12.94
C GLY B 417 -15.56 9.55 -12.01
N ARG B 418 -14.81 8.55 -12.45
CA ARG B 418 -13.86 7.86 -11.58
C ARG B 418 -12.44 8.39 -11.71
N GLY B 419 -12.28 9.66 -12.07
CA GLY B 419 -10.96 10.24 -12.24
C GLY B 419 -10.38 10.08 -13.61
N SER B 420 -11.20 9.89 -14.63
CA SER B 420 -10.72 9.73 -15.99
C SER B 420 -10.70 11.08 -16.71
N VAL B 421 -9.87 11.16 -17.75
CA VAL B 421 -9.71 12.38 -18.54
C VAL B 421 -9.74 12.00 -20.01
N PHE B 422 -10.51 12.75 -20.79
CA PHE B 422 -10.45 12.71 -22.24
C PHE B 422 -9.87 14.02 -22.75
N LEU B 423 -9.08 13.94 -23.81
CA LEU B 423 -8.49 15.12 -24.42
C LEU B 423 -9.12 15.33 -25.79
N SER B 424 -9.23 16.61 -26.17
CA SER B 424 -9.85 17.02 -27.42
C SER B 424 -8.87 17.81 -28.26
N ALA B 425 -9.25 18.04 -29.51
CA ALA B 425 -8.40 18.78 -30.44
C ALA B 425 -8.08 20.18 -29.94
N GLN B 426 -8.93 20.75 -29.09
CA GLN B 426 -8.75 22.11 -28.61
C GLN B 426 -7.97 22.18 -27.31
N HIS B 427 -7.67 21.05 -26.68
CA HIS B 427 -6.78 21.04 -25.53
C HIS B 427 -5.35 21.25 -25.96
N GLU B 428 -4.57 21.90 -25.09
CA GLU B 428 -3.18 22.21 -25.36
C GLU B 428 -2.37 21.84 -24.13
N ARG B 429 -1.04 21.82 -24.29
CA ARG B 429 -0.17 21.49 -23.17
C ARG B 429 -0.42 22.44 -21.99
N GLU B 430 -0.72 23.70 -22.29
CA GLU B 430 -1.01 24.66 -21.23
C GLU B 430 -2.17 24.21 -20.36
N HIS B 431 -3.20 23.62 -20.97
CA HIS B 431 -4.34 23.13 -20.20
C HIS B 431 -3.94 21.94 -19.33
N VAL B 432 -3.08 21.06 -19.86
CA VAL B 432 -2.65 19.89 -19.08
C VAL B 432 -1.82 20.34 -17.89
N GLU B 433 -0.90 21.28 -18.09
CA GLU B 433 -0.10 21.78 -16.99
C GLU B 433 -0.97 22.42 -15.92
N HIS B 434 -2.04 23.10 -16.33
CA HIS B 434 -2.97 23.68 -15.36
C HIS B 434 -3.69 22.58 -14.58
N LEU B 435 -4.09 21.50 -15.27
CA LEU B 435 -4.67 20.36 -14.56
C LEU B 435 -3.72 19.83 -13.50
N VAL B 436 -2.43 19.70 -13.85
CA VAL B 436 -1.45 19.18 -12.90
C VAL B 436 -1.28 20.13 -11.72
N THR B 437 -1.14 21.43 -12.01
CA THR B 437 -1.08 22.42 -10.95
C THR B 437 -2.29 22.31 -10.03
N THR B 438 -3.48 22.21 -10.62
CA THR B 438 -4.70 22.09 -9.83
C THR B 438 -4.68 20.82 -8.99
N PHE B 439 -4.27 19.69 -9.59
CA PHE B 439 -4.26 18.43 -8.86
C PHE B 439 -3.33 18.51 -7.65
N ASP B 440 -2.20 19.20 -7.79
CA ASP B 440 -1.28 19.36 -6.67
C ASP B 440 -2.00 19.91 -5.44
N ARG B 441 -2.81 20.95 -5.62
CA ARG B 441 -3.54 21.54 -4.50
C ARG B 441 -4.66 20.63 -4.03
N VAL B 442 -5.34 19.95 -4.95
CA VAL B 442 -6.47 19.10 -4.58
C VAL B 442 -5.99 17.94 -3.73
N LEU B 443 -4.89 17.28 -4.13
CA LEU B 443 -4.32 16.21 -3.32
C LEU B 443 -4.05 16.67 -1.89
N ASP B 444 -3.51 17.89 -1.73
CA ASP B 444 -3.27 18.43 -0.40
C ASP B 444 -4.56 18.60 0.39
N ARG B 445 -5.63 19.06 -0.26
CA ARG B 445 -6.91 19.21 0.44
C ARG B 445 -7.48 17.86 0.86
N LEU B 446 -7.41 16.86 -0.02
CA LEU B 446 -7.88 15.53 0.34
C LEU B 446 -7.12 14.99 1.56
N ALA B 447 -5.81 15.22 1.60
CA ALA B 447 -5.02 14.80 2.75
C ALA B 447 -5.41 15.58 4.00
N ASP B 448 -5.67 16.88 3.85
CA ASP B 448 -6.11 17.71 4.97
C ASP B 448 -7.32 17.08 5.67
N GLU B 449 -8.28 16.57 4.90
CA GLU B 449 -9.48 15.98 5.43
C GLU B 449 -9.34 14.49 5.69
N ASN B 450 -8.13 13.93 5.55
CA ASN B 450 -7.88 12.52 5.79
C ASN B 450 -8.71 11.65 4.83
N LEU B 451 -8.71 12.04 3.56
CA LEU B 451 -9.46 11.34 2.53
C LEU B 451 -8.58 10.63 1.51
N LEU B 452 -7.25 10.76 1.61
CA LEU B 452 -6.36 10.02 0.73
C LEU B 452 -6.25 8.57 1.19
N SER C 13 13.65 -6.21 6.00
CA SER C 13 14.53 -5.19 6.56
C SER C 13 13.71 -4.13 7.29
N ILE C 14 14.20 -3.72 8.47
CA ILE C 14 13.44 -2.80 9.31
C ILE C 14 13.15 -1.50 8.55
N LEU C 15 14.17 -0.95 7.88
CA LEU C 15 14.01 0.35 7.24
C LEU C 15 13.00 0.29 6.11
N ASN C 16 13.01 -0.78 5.32
CA ASN C 16 12.09 -0.87 4.19
C ASN C 16 10.66 -1.13 4.66
N ASP C 17 10.49 -1.96 5.69
CA ASP C 17 9.16 -2.17 6.25
C ASP C 17 8.61 -0.88 6.85
N TYR C 18 9.46 -0.13 7.56
CA TYR C 18 9.02 1.15 8.12
C TYR C 18 8.46 2.05 7.03
N LYS C 19 9.17 2.15 5.90
CA LYS C 19 8.71 3.00 4.81
C LYS C 19 7.38 2.51 4.25
N ARG C 20 7.23 1.20 4.08
CA ARG C 20 6.01 0.68 3.48
C ARG C 20 4.80 0.87 4.41
N LYS C 21 5.03 0.87 5.73
CA LYS C 21 3.92 1.05 6.66
C LYS C 21 3.52 2.50 6.85
N THR C 22 4.41 3.44 6.59
CA THR C 22 4.18 4.85 6.91
C THR C 22 4.16 5.71 5.66
N GLU C 23 3.57 5.19 4.58
CA GLU C 23 3.53 5.91 3.31
C GLU C 23 2.89 7.28 3.46
N GLY C 24 1.82 7.38 4.25
CA GLY C 24 1.15 8.65 4.43
C GLY C 24 1.99 9.65 5.20
N SER C 25 2.86 9.16 6.10
CA SER C 25 3.77 10.06 6.80
C SER C 25 4.84 10.61 5.86
N VAL C 26 5.27 9.83 4.87
CA VAL C 26 6.25 10.37 3.92
C VAL C 26 5.61 11.48 3.10
N PHE C 27 4.34 11.31 2.75
CA PHE C 27 3.61 12.37 2.05
C PHE C 27 3.59 13.65 2.87
N TRP C 28 3.25 13.54 4.16
CA TRP C 28 3.17 14.72 5.01
C TRP C 28 4.55 15.29 5.32
N ALA C 29 5.55 14.41 5.51
CA ALA C 29 6.91 14.90 5.73
C ALA C 29 7.37 15.75 4.55
N GLN C 30 6.95 15.40 3.33
CA GLN C 30 7.32 16.17 2.16
C GLN C 30 6.76 17.59 2.23
N ARG C 31 5.52 17.73 2.69
CA ARG C 31 4.95 19.07 2.87
C ARG C 31 5.62 19.80 4.02
N ALA C 32 5.91 19.07 5.11
CA ALA C 32 6.57 19.69 6.27
C ALA C 32 7.95 20.23 5.90
N ARG C 33 8.70 19.49 5.08
CA ARG C 33 10.06 19.90 4.75
C ARG C 33 10.10 21.12 3.85
N SER C 34 8.98 21.46 3.20
CA SER C 34 8.93 22.69 2.42
C SER C 34 8.87 23.93 3.31
N VAL C 35 8.35 23.79 4.53
CA VAL C 35 8.00 24.95 5.35
C VAL C 35 8.75 25.00 6.69
N MET C 36 9.43 23.93 7.10
CA MET C 36 10.10 23.92 8.40
C MET C 36 11.49 23.30 8.29
N PRO C 37 12.45 23.80 9.06
CA PRO C 37 13.77 23.15 9.09
C PRO C 37 13.64 21.70 9.54
N ASP C 38 14.18 20.80 8.72
CA ASP C 38 14.10 19.36 8.94
C ASP C 38 12.66 18.85 8.96
N GLY C 39 11.71 19.65 8.49
CA GLY C 39 10.32 19.25 8.48
C GLY C 39 9.69 19.11 9.85
N VAL C 40 10.27 19.73 10.88
CA VAL C 40 9.78 19.62 12.24
C VAL C 40 9.92 20.97 12.94
N THR C 41 9.19 21.13 14.04
CA THR C 41 9.23 22.35 14.82
C THR C 41 9.96 22.17 16.14
N ALA C 42 10.64 21.04 16.33
CA ALA C 42 11.40 20.78 17.55
C ALA C 42 12.47 19.75 17.25
N ASP C 43 13.68 20.00 17.76
CA ASP C 43 14.81 19.12 17.48
C ASP C 43 14.50 17.67 17.87
N THR C 44 13.76 17.47 18.95
CA THR C 44 13.46 16.11 19.40
C THR C 44 12.63 15.33 18.38
N ARG C 45 12.01 16.00 17.42
CA ARG C 45 11.18 15.33 16.43
C ARG C 45 11.95 14.87 15.20
N VAL C 46 13.22 15.27 15.06
CA VAL C 46 13.99 14.87 13.90
C VAL C 46 14.17 13.36 13.90
N PHE C 47 13.76 12.71 12.82
CA PHE C 47 13.90 11.26 12.71
C PHE C 47 14.15 10.91 11.25
N ASP C 48 15.19 10.14 11.02
CA ASP C 48 15.55 9.72 9.67
C ASP C 48 14.98 8.33 9.42
N PRO C 49 14.35 8.07 8.24
CA PRO C 49 14.15 8.97 7.11
C PRO C 49 13.03 9.98 7.32
N HIS C 50 12.10 9.66 8.22
CA HIS C 50 10.98 10.54 8.50
C HIS C 50 10.28 10.01 9.75
N GLY C 51 9.57 10.90 10.43
CA GLY C 51 8.84 10.54 11.63
C GLY C 51 7.39 10.20 11.33
N LEU C 52 6.72 9.67 12.34
CA LEU C 52 5.29 9.43 12.25
C LEU C 52 4.54 10.76 12.26
N PHE C 53 3.46 10.83 11.50
CA PHE C 53 2.50 11.93 11.56
C PHE C 53 1.24 11.39 12.23
N ILE C 54 0.96 11.90 13.43
CA ILE C 54 -0.13 11.43 14.27
C ILE C 54 -1.32 12.35 14.09
N SER C 55 -2.53 11.77 13.97
CA SER C 55 -3.75 12.54 13.83
C SER C 55 -4.79 12.26 14.90
N ASP C 56 -4.54 11.31 15.80
CA ASP C 56 -5.48 11.04 16.88
C ASP C 56 -4.77 10.32 18.01
N ALA C 57 -5.20 10.63 19.23
CA ALA C 57 -4.70 9.94 20.42
C ALA C 57 -5.80 9.94 21.48
N GLN C 58 -5.91 8.83 22.20
CA GLN C 58 -6.90 8.70 23.26
C GLN C 58 -6.46 7.55 24.17
N GLY C 59 -6.45 7.81 25.47
CA GLY C 59 -5.99 6.83 26.43
C GLY C 59 -4.49 6.64 26.37
N VAL C 60 -4.04 5.45 26.00
CA VAL C 60 -2.62 5.18 25.83
C VAL C 60 -2.30 4.79 24.39
N HIS C 61 -3.20 5.09 23.46
CA HIS C 61 -3.02 4.74 22.06
C HIS C 61 -3.07 6.00 21.19
N LYS C 62 -2.34 5.95 20.09
CA LYS C 62 -2.36 7.02 19.10
C LYS C 62 -2.36 6.40 17.72
N THR C 63 -2.87 7.16 16.75
CA THR C 63 -3.13 6.67 15.41
C THR C 63 -2.47 7.61 14.40
N ASP C 64 -1.75 7.05 13.44
CA ASP C 64 -1.08 7.86 12.44
C ASP C 64 -2.00 8.09 11.24
N VAL C 65 -1.54 8.91 10.31
CA VAL C 65 -2.34 9.27 9.15
C VAL C 65 -2.63 8.09 8.23
N ASP C 66 -1.93 6.98 8.41
CA ASP C 66 -2.19 5.77 7.64
C ASP C 66 -3.21 4.87 8.30
N GLY C 67 -3.70 5.22 9.50
CA GLY C 67 -4.62 4.39 10.23
C GLY C 67 -3.96 3.36 11.14
N ASN C 68 -2.64 3.35 11.23
CA ASN C 68 -1.97 2.45 12.15
C ASN C 68 -2.15 2.93 13.58
N VAL C 69 -2.44 1.99 14.47
CA VAL C 69 -2.61 2.29 15.89
C VAL C 69 -1.35 1.88 16.63
N TYR C 70 -0.93 2.71 17.58
CA TYR C 70 0.29 2.50 18.33
C TYR C 70 0.03 2.59 19.82
N LEU C 71 0.59 1.64 20.56
CA LEU C 71 0.68 1.75 22.02
C LEU C 71 1.77 2.74 22.37
N ASP C 72 1.40 3.83 23.05
CA ASP C 72 2.26 4.99 23.22
C ASP C 72 2.85 5.02 24.63
N PHE C 73 4.17 5.25 24.71
CA PHE C 73 4.85 5.38 26.00
C PHE C 73 5.64 6.69 26.11
N PHE C 74 5.31 7.71 25.31
CA PHE C 74 6.08 8.94 25.44
C PHE C 74 5.29 10.21 25.12
N GLY C 75 4.09 10.08 24.57
CA GLY C 75 3.26 11.23 24.32
C GLY C 75 3.21 12.18 25.50
N GLY C 76 3.50 13.46 25.25
CA GLY C 76 3.51 14.47 26.30
C GLY C 76 4.86 14.73 26.92
N HIS C 77 5.86 13.90 26.64
CA HIS C 77 7.20 14.05 27.24
C HIS C 77 7.12 14.13 28.75
N GLY C 78 6.13 13.44 29.34
CA GLY C 78 5.90 13.43 30.76
C GLY C 78 4.71 14.25 31.19
N ALA C 79 4.27 15.21 30.38
CA ALA C 79 3.19 16.10 30.79
C ALA C 79 1.87 15.37 30.94
N LEU C 80 1.67 14.29 30.19
CA LEU C 80 0.39 13.57 30.21
C LEU C 80 0.41 12.47 31.26
N VAL C 81 0.60 12.90 32.51
CA VAL C 81 0.48 12.00 33.65
C VAL C 81 -0.83 11.21 33.60
N LEU C 82 -1.88 11.81 33.03
CA LEU C 82 -3.20 11.21 32.99
C LEU C 82 -3.55 10.61 31.64
N GLY C 83 -2.61 10.62 30.68
CA GLY C 83 -2.86 10.03 29.38
C GLY C 83 -3.49 11.01 28.40
N HIS C 84 -3.81 10.49 27.22
CA HIS C 84 -4.42 11.31 26.19
C HIS C 84 -5.91 11.46 26.45
N GLY C 85 -6.37 12.71 26.47
CA GLY C 85 -7.79 13.00 26.58
C GLY C 85 -8.48 12.40 27.78
N HIS C 86 -7.94 12.61 28.97
CA HIS C 86 -8.65 12.18 30.17
C HIS C 86 -10.01 12.87 30.23
N PRO C 87 -11.09 12.15 30.55
CA PRO C 87 -12.41 12.80 30.50
C PRO C 87 -12.55 14.01 31.39
N ARG C 88 -12.08 13.95 32.63
CA ARG C 88 -12.19 15.10 33.53
C ARG C 88 -11.45 16.31 32.97
N VAL C 89 -10.25 16.10 32.43
CA VAL C 89 -9.45 17.21 31.93
C VAL C 89 -10.11 17.84 30.70
N ASN C 90 -10.54 17.00 29.76
CA ASN C 90 -11.12 17.54 28.53
C ASN C 90 -12.47 18.22 28.78
N ALA C 91 -13.25 17.72 29.74
CA ALA C 91 -14.50 18.38 30.08
C ALA C 91 -14.24 19.77 30.66
N ALA C 92 -13.27 19.88 31.57
CA ALA C 92 -12.92 21.17 32.14
C ALA C 92 -12.44 22.14 31.07
N ILE C 93 -11.60 21.65 30.15
CA ILE C 93 -11.13 22.49 29.05
C ILE C 93 -12.30 22.96 28.21
N ALA C 94 -13.20 22.04 27.83
CA ALA C 94 -14.34 22.41 27.00
C ALA C 94 -15.21 23.44 27.70
N GLU C 95 -15.45 23.28 29.00
CA GLU C 95 -16.25 24.25 29.75
C GLU C 95 -15.57 25.62 29.76
N ALA C 96 -14.28 25.67 30.06
CA ALA C 96 -13.57 26.94 30.13
C ALA C 96 -13.55 27.64 28.77
N LEU C 97 -13.39 26.87 27.69
CA LEU C 97 -13.36 27.47 26.37
C LEU C 97 -14.60 28.32 26.12
N SER C 98 -15.77 27.82 26.53
CA SER C 98 -17.03 28.51 26.27
C SER C 98 -17.15 29.84 27.01
N HIS C 99 -16.21 30.16 27.90
CA HIS C 99 -16.28 31.38 28.71
C HIS C 99 -15.16 32.38 28.41
N GLY C 100 -14.32 32.12 27.42
CA GLY C 100 -13.32 33.09 27.00
C GLY C 100 -11.91 32.63 27.35
N VAL C 101 -10.94 33.37 26.78
CA VAL C 101 -9.55 32.93 26.79
C VAL C 101 -8.62 34.03 27.28
N GLN C 102 -8.96 35.29 27.01
CA GLN C 102 -8.10 36.40 27.39
C GLN C 102 -8.98 37.60 27.71
N TYR C 103 -8.93 38.06 28.95
CA TYR C 103 -9.84 39.07 29.46
C TYR C 103 -9.19 40.44 29.59
N ALA C 104 -7.90 40.57 29.29
CA ALA C 104 -7.14 41.76 29.65
C ALA C 104 -7.36 42.08 31.12
N ALA C 105 -7.34 41.02 31.95
CA ALA C 105 -7.68 41.15 33.36
C ALA C 105 -7.45 39.78 34.02
N SER C 106 -7.45 39.80 35.34
CA SER C 106 -7.36 38.58 36.12
C SER C 106 -8.69 37.82 36.08
N HIS C 107 -8.67 36.61 36.62
CA HIS C 107 -9.85 35.75 36.59
C HIS C 107 -9.69 34.70 37.69
N PRO C 108 -10.80 34.12 38.15
CA PRO C 108 -10.72 33.23 39.34
C PRO C 108 -9.92 31.96 39.12
N LEU C 109 -9.84 31.43 37.89
CA LEU C 109 -9.21 30.13 37.70
C LEU C 109 -7.71 30.19 37.96
N GLU C 110 -7.05 31.30 37.64
CA GLU C 110 -5.61 31.39 37.92
C GLU C 110 -5.33 31.41 39.41
N VAL C 111 -6.22 32.04 40.19
CA VAL C 111 -6.07 32.02 41.65
C VAL C 111 -6.30 30.61 42.18
N ARG C 112 -7.37 29.96 41.73
CA ARG C 112 -7.66 28.61 42.20
C ARG C 112 -6.56 27.64 41.81
N TRP C 113 -6.01 27.80 40.61
CA TRP C 113 -4.85 27.01 40.18
C TRP C 113 -3.64 27.31 41.06
N ALA C 114 -3.38 28.60 41.32
CA ALA C 114 -2.25 28.96 42.16
C ALA C 114 -2.39 28.39 43.55
N GLU C 115 -3.62 28.40 44.11
CA GLU C 115 -3.81 27.91 45.46
C GLU C 115 -3.53 26.42 45.56
N ARG C 116 -3.74 25.66 44.48
CA ARG C 116 -3.38 24.25 44.49
C ARG C 116 -1.87 24.05 44.44
N ILE C 117 -1.15 24.95 43.75
CA ILE C 117 0.29 24.85 43.69
C ILE C 117 0.90 25.10 45.07
N VAL C 118 0.42 26.15 45.75
CA VAL C 118 0.97 26.52 47.05
C VAL C 118 0.62 25.47 48.10
N ALA C 119 -0.49 24.75 47.92
CA ALA C 119 -0.86 23.70 48.87
C ALA C 119 0.03 22.47 48.70
N ALA C 120 0.48 22.18 47.49
CA ALA C 120 1.34 21.02 47.26
C ALA C 120 2.79 21.30 47.58
N PHE C 121 3.22 22.56 47.46
CA PHE C 121 4.62 22.96 47.65
C PHE C 121 4.68 24.04 48.72
N PRO C 122 4.84 23.67 49.99
CA PRO C 122 4.95 24.69 51.04
C PRO C 122 6.13 25.64 50.82
N SER C 123 7.17 25.20 50.11
CA SER C 123 8.28 26.09 49.81
C SER C 123 7.87 27.27 48.95
N ILE C 124 6.73 27.16 48.26
CA ILE C 124 6.28 28.20 47.34
C ILE C 124 5.28 29.07 48.10
N ARG C 125 5.72 30.28 48.47
CA ARG C 125 4.85 31.24 49.13
C ARG C 125 4.22 32.21 48.15
N LYS C 126 4.97 32.59 47.11
CA LYS C 126 4.45 33.36 46.00
C LYS C 126 4.87 32.69 44.71
N LEU C 127 4.05 32.87 43.67
CA LEU C 127 4.36 32.25 42.39
C LEU C 127 3.92 33.16 41.26
N ARG C 128 4.50 32.92 40.10
CA ARG C 128 4.13 33.58 38.85
C ARG C 128 3.95 32.52 37.78
N PHE C 129 2.88 32.64 36.99
CA PHE C 129 2.71 31.75 35.86
C PHE C 129 3.56 32.23 34.68
N THR C 130 3.85 31.30 33.78
CA THR C 130 4.65 31.58 32.59
C THR C 130 4.03 30.83 31.41
N GLY C 131 4.63 31.01 30.24
CA GLY C 131 4.14 30.37 29.03
C GLY C 131 4.68 28.98 28.75
N SER C 132 5.72 28.53 29.45
CA SER C 132 6.36 27.26 29.14
C SER C 132 7.40 26.96 30.21
N GLY C 133 7.89 25.72 30.19
CA GLY C 133 8.99 25.37 31.07
C GLY C 133 10.24 26.17 30.77
N THR C 134 10.47 26.45 29.49
CA THR C 134 11.65 27.23 29.10
C THR C 134 11.55 28.66 29.62
N GLU C 135 10.35 29.26 29.58
CA GLU C 135 10.15 30.58 30.16
C GLU C 135 10.30 30.56 31.68
N THR C 136 9.94 29.44 32.31
CA THR C 136 10.04 29.36 33.77
C THR C 136 11.50 29.43 34.22
N THR C 137 12.38 28.63 33.60
CA THR C 137 13.77 28.63 34.04
C THR C 137 14.48 29.91 33.62
N LEU C 138 14.08 30.50 32.50
CA LEU C 138 14.59 31.82 32.13
C LEU C 138 14.24 32.85 33.20
N LEU C 139 12.97 32.90 33.60
CA LEU C 139 12.55 33.81 34.66
C LEU C 139 13.27 33.51 35.97
N ALA C 140 13.47 32.22 36.27
CA ALA C 140 14.10 31.86 37.54
C ALA C 140 15.53 32.36 37.62
N LEU C 141 16.28 32.25 36.53
CA LEU C 141 17.66 32.74 36.54
C LEU C 141 17.72 34.26 36.62
N ARG C 142 16.75 34.95 36.01
CA ARG C 142 16.69 36.40 36.12
C ARG C 142 16.38 36.82 37.56
N VAL C 143 15.35 36.22 38.15
CA VAL C 143 14.97 36.51 39.53
C VAL C 143 16.16 36.30 40.46
N ALA C 144 16.88 35.18 40.28
CA ALA C 144 18.00 34.88 41.16
C ALA C 144 19.11 35.92 41.03
N ARG C 145 19.40 36.35 39.80
CA ARG C 145 20.44 37.35 39.61
C ARG C 145 20.00 38.70 40.17
N ALA C 146 18.75 39.10 39.93
CA ALA C 146 18.27 40.36 40.46
C ALA C 146 18.27 40.34 41.99
N PHE C 147 17.82 39.23 42.59
CA PHE C 147 17.70 39.17 44.04
C PHE C 147 19.06 39.23 44.72
N THR C 148 20.07 38.56 44.16
CA THR C 148 21.39 38.48 44.76
C THR C 148 22.36 39.52 44.24
N GLY C 149 22.09 40.13 43.09
CA GLY C 149 23.06 41.02 42.48
C GLY C 149 24.29 40.31 41.95
N ARG C 150 24.24 38.99 41.81
CA ARG C 150 25.38 38.21 41.34
C ARG C 150 25.21 37.88 39.86
N ARG C 151 26.31 37.44 39.25
CA ARG C 151 26.38 37.20 37.81
C ARG C 151 26.32 35.73 37.42
N MET C 152 26.95 34.85 38.18
CA MET C 152 27.24 33.50 37.69
C MET C 152 26.16 32.51 38.07
N ILE C 153 25.96 31.52 37.19
CA ILE C 153 25.00 30.45 37.39
C ILE C 153 25.76 29.13 37.41
N LEU C 154 25.43 28.27 38.37
CA LEU C 154 25.99 26.93 38.44
C LEU C 154 24.93 25.94 37.99
N ARG C 155 25.26 25.10 37.01
CA ARG C 155 24.37 24.03 36.59
C ARG C 155 25.19 22.80 36.28
N ILE C 156 24.48 21.69 36.13
CA ILE C 156 25.09 20.37 35.96
C ILE C 156 25.11 20.03 34.48
N ALA C 157 26.25 19.54 34.01
CA ALA C 157 26.37 19.15 32.61
C ALA C 157 25.30 18.13 32.24
N THR C 158 24.70 18.34 31.06
CA THR C 158 23.69 17.44 30.47
C THR C 158 22.29 17.72 31.01
N HIS C 159 22.17 18.36 32.17
CA HIS C 159 20.86 18.72 32.67
C HIS C 159 20.18 19.68 31.70
N TYR C 160 18.86 19.53 31.54
CA TYR C 160 18.11 20.28 30.54
C TYR C 160 17.11 21.19 31.24
N HIS C 161 17.21 22.49 30.96
CA HIS C 161 16.30 23.48 31.52
C HIS C 161 15.58 24.28 30.44
N GLY C 162 15.77 23.93 29.17
CA GLY C 162 15.17 24.63 28.05
C GLY C 162 16.21 24.95 27.01
N TRP C 163 15.81 25.77 26.03
CA TRP C 163 16.67 26.12 24.91
C TRP C 163 17.11 27.58 24.92
N HIS C 164 16.79 28.32 25.97
CA HIS C 164 17.21 29.73 26.02
C HIS C 164 18.72 29.81 26.23
N ASP C 165 19.24 31.04 26.09
CA ASP C 165 20.69 31.24 25.99
C ASP C 165 21.45 30.80 27.23
N PHE C 166 20.82 30.77 28.40
CA PHE C 166 21.53 30.50 29.64
C PHE C 166 21.60 29.01 29.98
N SER C 167 21.00 28.15 29.17
CA SER C 167 21.08 26.70 29.41
C SER C 167 21.34 25.92 28.13
N ALA C 168 21.77 26.59 27.06
CA ALA C 168 22.01 25.93 25.79
C ALA C 168 23.43 25.39 25.66
N SER C 169 24.39 26.00 26.36
CA SER C 169 25.80 25.60 26.30
C SER C 169 26.10 24.65 27.45
N GLY C 170 26.74 23.53 27.13
CA GLY C 170 27.00 22.50 28.11
C GLY C 170 25.87 21.52 28.33
N TYR C 171 24.81 21.60 27.53
CA TYR C 171 23.70 20.65 27.64
C TYR C 171 24.01 19.37 26.86
N ASN C 172 24.11 19.47 25.53
CA ASN C 172 24.55 18.35 24.70
C ASN C 172 25.73 18.73 23.82
N SER C 173 26.51 19.73 24.23
CA SER C 173 27.64 20.21 23.45
C SER C 173 28.44 21.16 24.32
N HIS C 174 29.63 21.50 23.85
CA HIS C 174 30.48 22.50 24.48
C HIS C 174 30.58 22.25 25.99
N PHE C 175 30.94 21.02 26.36
CA PHE C 175 31.09 20.66 27.76
C PHE C 175 32.33 21.28 28.39
N ASP C 176 33.26 21.82 27.59
CA ASP C 176 34.43 22.51 28.12
C ASP C 176 34.09 23.86 28.71
N GLY C 177 32.90 24.39 28.45
CA GLY C 177 32.50 25.70 28.95
C GLY C 177 32.41 26.78 27.89
N GLN C 178 32.63 26.44 26.62
CA GLN C 178 32.58 27.42 25.55
C GLN C 178 31.14 27.71 25.15
N PRO C 179 30.90 28.84 24.47
CA PRO C 179 29.52 29.20 24.10
C PRO C 179 29.02 28.44 22.88
N ALA C 180 27.81 27.91 22.97
CA ALA C 180 27.15 27.36 21.81
C ALA C 180 26.88 28.48 20.80
N PRO C 181 26.68 28.14 19.53
CA PRO C 181 26.51 29.19 18.50
C PRO C 181 25.38 30.14 18.85
N GLY C 182 25.68 31.44 18.79
CA GLY C 182 24.72 32.47 19.11
C GLY C 182 24.69 32.88 20.57
N VAL C 183 25.32 32.12 21.45
CA VAL C 183 25.35 32.45 22.87
C VAL C 183 26.49 33.44 23.11
N LEU C 184 26.16 34.60 23.67
CA LEU C 184 27.20 35.56 24.00
C LEU C 184 28.28 34.88 24.82
N PRO C 185 29.55 34.89 24.37
CA PRO C 185 30.60 34.21 25.13
C PRO C 185 30.62 34.65 26.59
N GLU C 186 30.07 35.84 26.86
CA GLU C 186 29.98 36.32 28.23
C GLU C 186 28.93 35.54 29.03
N ILE C 187 27.90 35.04 28.37
CA ILE C 187 26.96 34.15 29.05
C ILE C 187 27.63 32.84 29.42
N ALA C 188 28.35 32.25 28.47
CA ALA C 188 29.16 31.07 28.78
C ALA C 188 30.20 31.39 29.85
N LYS C 189 30.79 32.58 29.80
CA LYS C 189 31.73 33.00 30.83
C LYS C 189 31.08 33.05 32.20
N ASN C 190 29.79 33.35 32.26
CA ASN C 190 29.06 33.46 33.52
C ASN C 190 28.34 32.17 33.91
N THR C 191 28.65 31.06 33.25
CA THR C 191 28.08 29.76 33.60
C THR C 191 29.18 28.85 34.11
N LEU C 192 28.90 28.15 35.20
CA LEU C 192 29.80 27.16 35.77
C LEU C 192 29.18 25.78 35.61
N LEU C 193 29.93 24.87 35.00
CA LEU C 193 29.45 23.52 34.73
C LEU C 193 30.18 22.53 35.64
N ILE C 194 29.40 21.68 36.31
CA ILE C 194 29.95 20.59 37.10
C ILE C 194 29.34 19.28 36.61
N ARG C 195 30.13 18.23 36.65
CA ARG C 195 29.62 16.91 36.26
C ARG C 195 28.72 16.36 37.36
N PRO C 196 27.66 15.64 37.00
CA PRO C 196 26.75 15.13 38.03
C PRO C 196 27.46 14.19 38.99
N ASP C 197 27.12 14.32 40.27
CA ASP C 197 27.68 13.52 41.36
C ASP C 197 29.15 13.83 41.65
N ASP C 198 29.76 14.76 40.91
CA ASP C 198 31.15 15.14 41.16
C ASP C 198 31.21 16.11 42.35
N ILE C 199 30.97 15.54 43.53
CA ILE C 199 30.86 16.34 44.75
C ILE C 199 32.17 17.09 45.01
N GLU C 200 33.30 16.45 44.74
CA GLU C 200 34.59 17.10 44.91
C GLU C 200 34.66 18.39 44.09
N GLY C 201 34.31 18.31 42.81
CA GLY C 201 34.40 19.48 41.95
C GLY C 201 33.41 20.56 42.30
N MET C 202 32.26 20.17 42.86
CA MET C 202 31.27 21.17 43.26
C MET C 202 31.79 22.04 44.39
N ARG C 203 32.43 21.42 45.40
CA ARG C 203 33.01 22.22 46.48
C ARG C 203 34.13 23.09 45.95
N GLU C 204 34.90 22.58 44.99
CA GLU C 204 35.96 23.37 44.37
C GLU C 204 35.39 24.63 43.71
N VAL C 205 34.25 24.50 43.04
CA VAL C 205 33.68 25.64 42.31
C VAL C 205 33.17 26.69 43.28
N PHE C 206 32.47 26.27 44.34
CA PHE C 206 31.97 27.22 45.32
C PHE C 206 33.11 27.91 46.06
N ALA C 207 34.28 27.27 46.15
CA ALA C 207 35.42 27.89 46.81
C ALA C 207 36.05 28.98 45.94
N GLN C 208 36.06 28.78 44.62
CA GLN C 208 36.65 29.75 43.71
C GLN C 208 35.69 30.86 43.30
N HIS C 209 34.37 30.59 43.31
CA HIS C 209 33.40 31.53 42.79
C HIS C 209 32.16 31.69 43.66
N GLY C 210 32.10 31.06 44.83
CA GLY C 210 30.86 31.02 45.59
C GLY C 210 30.22 32.38 45.78
N SER C 211 31.03 33.42 46.01
CA SER C 211 30.47 34.74 46.30
C SER C 211 29.83 35.38 45.08
N ASP C 212 30.16 34.93 43.88
CA ASP C 212 29.60 35.49 42.65
C ASP C 212 28.53 34.60 42.04
N ILE C 213 28.14 33.51 42.71
CA ILE C 213 27.16 32.58 42.16
C ILE C 213 25.77 33.01 42.61
N ALA C 214 24.92 33.37 41.65
CA ALA C 214 23.56 33.78 41.98
C ALA C 214 22.69 32.57 42.33
N ALA C 215 22.87 31.46 41.61
CA ALA C 215 21.99 30.31 41.79
C ALA C 215 22.70 29.04 41.37
N PHE C 216 22.35 27.96 42.07
CA PHE C 216 22.62 26.60 41.61
C PHE C 216 21.29 26.01 41.18
N ILE C 217 21.19 25.66 39.90
CA ILE C 217 19.97 25.08 39.33
C ILE C 217 20.27 23.63 38.93
N ALA C 218 19.31 22.76 39.19
CA ALA C 218 19.50 21.34 38.92
C ALA C 218 18.14 20.68 38.68
N GLU C 219 18.15 19.72 37.81
CA GLU C 219 17.02 18.84 37.58
C GLU C 219 17.12 17.65 38.52
N PRO C 220 16.04 17.26 39.20
CA PRO C 220 16.10 16.10 40.08
C PRO C 220 16.11 14.81 39.27
N VAL C 221 16.46 13.72 39.94
CA VAL C 221 16.53 12.39 39.34
C VAL C 221 17.68 12.29 38.35
N GLY C 222 17.78 13.26 37.45
CA GLY C 222 18.90 13.32 36.53
C GLY C 222 18.51 14.02 35.26
N SER C 223 19.49 14.14 34.37
CA SER C 223 19.26 14.71 33.05
C SER C 223 18.07 14.03 32.38
N HIS C 224 17.12 14.83 31.91
CA HIS C 224 15.91 14.33 31.26
C HIS C 224 15.25 13.26 32.12
N PHE C 225 15.07 13.59 33.40
CA PHE C 225 14.39 12.69 34.34
C PHE C 225 15.11 11.34 34.47
N GLY C 226 16.44 11.40 34.55
CA GLY C 226 17.23 10.24 34.94
C GLY C 226 18.02 9.56 33.84
N VAL C 227 17.99 10.07 32.60
CA VAL C 227 18.81 9.48 31.54
C VAL C 227 20.27 9.42 31.98
N THR C 228 20.77 10.53 32.51
CA THR C 228 22.05 10.54 33.23
C THR C 228 21.74 10.74 34.71
N PRO C 229 21.71 9.68 35.52
CA PRO C 229 21.26 9.82 36.90
C PRO C 229 22.15 10.77 37.70
N VAL C 230 21.51 11.48 38.63
CA VAL C 230 22.20 12.27 39.64
C VAL C 230 21.63 11.82 40.98
N SER C 231 22.47 11.84 42.01
CA SER C 231 22.07 11.30 43.30
C SER C 231 21.34 12.34 44.13
N ASP C 232 20.39 11.87 44.93
CA ASP C 232 19.67 12.74 45.86
C ASP C 232 20.64 13.43 46.82
N SER C 233 21.62 12.69 47.34
CA SER C 233 22.56 13.28 48.28
C SER C 233 23.40 14.37 47.63
N PHE C 234 23.71 14.22 46.34
CA PHE C 234 24.45 15.25 45.62
C PHE C 234 23.65 16.54 45.54
N LEU C 235 22.35 16.44 45.26
CA LEU C 235 21.51 17.64 45.23
C LEU C 235 21.41 18.28 46.61
N ARG C 236 21.21 17.46 47.65
CA ARG C 236 21.18 17.99 49.01
C ARG C 236 22.50 18.68 49.36
N GLU C 237 23.62 18.05 49.01
CA GLU C 237 24.92 18.67 49.22
C GLU C 237 24.98 20.05 48.54
N GLY C 238 24.52 20.11 47.29
CA GLY C 238 24.56 21.37 46.57
C GLY C 238 23.65 22.42 47.16
N ALA C 239 22.44 22.03 47.54
CA ALA C 239 21.52 22.97 48.18
C ALA C 239 22.12 23.55 49.46
N GLU C 240 22.94 22.76 50.16
CA GLU C 240 23.57 23.25 51.37
C GLU C 240 24.70 24.22 51.05
N LEU C 241 25.58 23.85 50.12
CA LEU C 241 26.64 24.75 49.70
C LEU C 241 26.08 26.08 49.22
N ALA C 242 25.01 26.05 48.42
CA ALA C 242 24.43 27.28 47.92
C ALA C 242 23.94 28.16 49.06
N ARG C 243 23.18 27.58 49.99
CA ARG C 243 22.69 28.34 51.14
C ARG C 243 23.85 28.86 51.98
N GLN C 244 24.97 28.14 52.02
CA GLN C 244 26.11 28.55 52.84
C GLN C 244 26.90 29.69 52.20
N TYR C 245 26.90 29.78 50.87
CA TYR C 245 27.63 30.84 50.17
C TYR C 245 26.72 31.99 49.76
N GLY C 246 25.46 31.98 50.15
CA GLY C 246 24.55 33.05 49.79
C GLY C 246 23.96 32.92 48.41
N ALA C 247 24.02 31.74 47.81
CA ALA C 247 23.44 31.49 46.49
C ALA C 247 22.08 30.83 46.65
N LEU C 248 21.20 31.10 45.70
CA LEU C 248 19.88 30.48 45.69
C LEU C 248 19.98 29.05 45.16
N PHE C 249 19.00 28.24 45.55
CA PHE C 249 18.86 26.87 45.06
C PHE C 249 17.57 26.79 44.24
N ILE C 250 17.71 26.46 42.96
CA ILE C 250 16.59 26.33 42.04
C ILE C 250 16.42 24.86 41.69
N LEU C 251 15.30 24.27 42.08
CA LEU C 251 14.98 22.89 41.72
C LEU C 251 14.04 22.92 40.52
N ASP C 252 14.46 22.30 39.42
CA ASP C 252 13.69 22.29 38.18
C ASP C 252 12.79 21.05 38.18
N GLU C 253 11.56 21.22 38.67
CA GLU C 253 10.61 20.13 38.81
C GLU C 253 9.61 20.10 37.65
N VAL C 254 10.03 20.47 36.44
CA VAL C 254 9.10 20.48 35.31
C VAL C 254 8.61 19.08 34.98
N ILE C 255 9.46 18.07 35.15
CA ILE C 255 9.04 16.68 34.92
C ILE C 255 8.55 16.02 36.20
N SER C 256 9.21 16.27 37.33
CA SER C 256 8.85 15.59 38.57
C SER C 256 7.53 16.12 39.15
N GLY C 257 7.22 17.40 38.92
CA GLY C 257 6.00 17.99 39.45
C GLY C 257 4.75 17.19 39.13
N PHE C 258 4.02 16.81 40.17
CA PHE C 258 2.77 16.04 40.06
C PHE C 258 2.96 14.76 39.26
N ARG C 259 4.16 14.21 39.27
CA ARG C 259 4.42 12.88 38.73
C ARG C 259 5.03 11.95 39.78
N VAL C 260 6.13 12.37 40.42
CA VAL C 260 6.75 11.51 41.43
C VAL C 260 5.87 11.40 42.66
N GLY C 261 5.10 12.44 42.98
CA GLY C 261 4.29 12.44 44.18
C GLY C 261 3.51 13.74 44.27
N ASN C 262 2.57 13.77 45.22
CA ASN C 262 1.67 14.90 45.37
C ASN C 262 2.38 16.15 45.87
N HIS C 263 3.61 16.02 46.38
CA HIS C 263 4.34 17.15 46.92
C HIS C 263 5.70 17.32 46.24
N GLY C 264 5.83 16.81 45.04
CA GLY C 264 7.04 17.01 44.26
C GLY C 264 8.21 16.17 44.75
N MET C 265 9.31 16.31 44.03
CA MET C 265 10.55 15.64 44.42
C MET C 265 11.16 16.27 45.67
N GLN C 266 10.96 17.58 45.85
CA GLN C 266 11.59 18.26 46.98
C GLN C 266 11.10 17.72 48.31
N ALA C 267 9.86 17.22 48.37
CA ALA C 267 9.39 16.58 49.59
C ALA C 267 10.07 15.23 49.81
N LEU C 268 10.46 14.54 48.72
CA LEU C 268 11.20 13.29 48.83
C LEU C 268 12.67 13.52 49.11
N LEU C 269 13.21 14.69 48.73
CA LEU C 269 14.59 15.05 49.00
C LEU C 269 14.77 15.73 50.35
N ASP C 270 13.68 16.18 50.98
CA ASP C 270 13.75 16.94 52.22
C ASP C 270 14.57 18.22 52.03
N VAL C 271 14.20 19.00 51.02
CA VAL C 271 14.83 20.29 50.76
C VAL C 271 13.74 21.31 50.45
N GLN C 272 13.99 22.55 50.84
CA GLN C 272 13.13 23.66 50.46
C GLN C 272 13.89 24.54 49.48
N PRO C 273 13.69 24.39 48.17
CA PRO C 273 14.37 25.26 47.22
C PRO C 273 13.88 26.68 47.35
N ASP C 274 14.79 27.63 47.12
CA ASP C 274 14.39 29.03 47.10
C ASP C 274 13.50 29.34 45.91
N LEU C 275 13.62 28.57 44.83
CA LEU C 275 12.76 28.67 43.68
C LEU C 275 12.47 27.28 43.14
N THR C 276 11.25 27.09 42.65
CA THR C 276 10.83 25.83 42.07
C THR C 276 10.22 26.08 40.70
N CYS C 277 10.65 25.32 39.71
CA CYS C 277 10.14 25.43 38.35
C CYS C 277 9.17 24.28 38.08
N LEU C 278 8.00 24.63 37.56
CA LEU C 278 6.96 23.65 37.24
C LEU C 278 6.42 23.91 35.85
N ALA C 279 5.99 22.83 35.21
CA ALA C 279 5.29 22.90 33.94
C ALA C 279 4.76 21.51 33.63
N ALA C 281 3.07 18.51 33.61
CA ALA C 281 1.91 17.99 34.36
C ALA C 281 1.26 19.04 35.27
N SER C 282 2.05 19.98 35.79
CA SER C 282 1.51 21.02 36.66
C SER C 282 0.61 22.00 35.91
N ALA C 283 0.65 21.98 34.57
CA ALA C 283 -0.21 22.81 33.74
C ALA C 283 -1.32 22.01 33.06
N GLY C 284 -1.59 20.79 33.53
CA GLY C 284 -2.75 20.04 33.09
C GLY C 284 -2.64 19.45 31.70
N GLY C 285 -1.45 19.37 31.14
CA GLY C 285 -1.30 18.90 29.79
C GLY C 285 -1.54 19.94 28.72
N LEU C 286 -1.46 21.21 29.07
CA LEU C 286 -1.60 22.32 28.13
C LEU C 286 -0.40 23.24 28.28
N PRO C 287 -0.18 24.14 27.32
CA PRO C 287 0.94 25.08 27.45
C PRO C 287 0.84 25.92 28.71
N GLY C 288 1.97 26.07 29.38
CA GLY C 288 2.09 26.92 30.54
C GLY C 288 3.21 26.48 31.45
N GLY C 289 3.61 27.38 32.34
CA GLY C 289 4.62 27.09 33.34
C GLY C 289 4.36 27.88 34.60
N ILE C 290 5.10 27.56 35.66
CA ILE C 290 4.92 28.16 36.97
C ILE C 290 6.28 28.33 37.64
N LEU C 291 6.56 29.55 38.10
CA LEU C 291 7.72 29.83 38.94
C LEU C 291 7.23 30.26 40.32
N GLY C 292 7.75 29.61 41.36
CA GLY C 292 7.39 29.95 42.72
C GLY C 292 8.57 29.76 43.65
N GLY C 293 8.47 30.37 44.82
CA GLY C 293 9.53 30.21 45.81
C GLY C 293 9.38 31.15 46.99
N ARG C 294 10.52 31.48 47.57
CA ARG C 294 10.56 32.26 48.79
C ARG C 294 9.86 33.61 48.62
N GLU C 295 9.26 34.08 49.71
CA GLU C 295 8.57 35.37 49.70
C GLU C 295 9.50 36.49 49.25
N ASP C 296 10.66 36.61 49.90
CA ASP C 296 11.57 37.72 49.61
C ASP C 296 12.18 37.59 48.22
N VAL C 297 12.45 36.36 47.76
CA VAL C 297 13.01 36.18 46.42
C VAL C 297 12.01 36.64 45.37
N MET C 298 10.78 36.13 45.45
CA MET C 298 9.75 36.50 44.48
C MET C 298 9.36 37.96 44.59
N GLY C 299 9.79 38.66 45.64
CA GLY C 299 9.49 40.08 45.77
C GLY C 299 10.15 40.95 44.73
N VAL C 300 11.14 40.44 44.01
CA VAL C 300 11.75 41.20 42.93
C VAL C 300 10.80 41.39 41.76
N LEU C 301 9.68 40.67 41.74
CA LEU C 301 8.66 40.85 40.73
C LEU C 301 7.56 41.82 41.16
N SER C 302 7.72 42.49 42.30
CA SER C 302 6.73 43.43 42.80
C SER C 302 6.96 44.82 42.24
N ARG C 303 5.86 45.54 42.02
CA ARG C 303 5.94 46.91 41.50
C ARG C 303 6.95 47.75 42.28
N GLY C 304 6.98 47.59 43.60
CA GLY C 304 7.77 48.48 44.43
C GLY C 304 9.08 47.91 44.92
N SER C 305 9.60 46.90 44.23
CA SER C 305 10.91 46.36 44.55
C SER C 305 12.01 47.29 44.04
N ASP C 306 13.07 47.45 44.84
CA ASP C 306 14.25 48.16 44.39
C ASP C 306 15.02 47.38 43.33
N ARG C 307 14.68 46.11 43.10
CA ARG C 307 15.32 45.26 42.10
C ARG C 307 14.27 44.66 41.18
N LYS C 308 13.42 45.53 40.61
CA LYS C 308 12.25 45.09 39.87
C LYS C 308 12.64 44.31 38.62
N VAL C 309 12.06 43.12 38.47
CA VAL C 309 12.20 42.30 37.27
C VAL C 309 10.89 42.37 36.50
N LEU C 310 10.95 42.85 35.26
CA LEU C 310 9.77 42.92 34.41
C LEU C 310 9.35 41.52 33.99
N HIS C 311 8.08 41.20 34.20
CA HIS C 311 7.50 39.95 33.72
C HIS C 311 6.09 40.19 33.22
N GLN C 312 5.78 39.59 32.07
CA GLN C 312 4.46 39.69 31.45
C GLN C 312 4.22 38.40 30.65
N GLY C 313 3.11 38.37 29.93
CA GLY C 313 2.74 37.22 29.12
C GLY C 313 1.28 37.26 28.72
N THR C 314 1.03 37.37 27.41
CA THR C 314 -0.34 37.54 26.93
C THR C 314 -1.25 36.41 27.39
N PHE C 315 -0.81 35.16 27.24
CA PHE C 315 -1.62 33.99 27.56
C PHE C 315 -1.14 33.30 28.83
N THR C 316 -0.26 33.94 29.60
CA THR C 316 0.17 33.38 30.86
C THR C 316 -0.99 33.35 31.86
N GLY C 317 -1.17 32.21 32.50
CA GLY C 317 -2.26 32.02 33.44
C GLY C 317 -3.64 31.96 32.82
N ASN C 318 -3.74 31.80 31.50
CA ASN C 318 -5.03 31.86 30.83
C ASN C 318 -6.00 30.81 31.42
N PRO C 319 -7.31 31.07 31.33
CA PRO C 319 -8.26 30.17 31.99
C PRO C 319 -8.38 28.79 31.37
N ILE C 320 -8.00 28.60 30.11
CA ILE C 320 -8.04 27.24 29.54
C ILE C 320 -6.98 26.37 30.19
N THR C 321 -5.72 26.82 30.16
CA THR C 321 -4.66 26.08 30.83
C THR C 321 -4.96 25.89 32.31
N ALA C 322 -5.46 26.95 32.96
CA ALA C 322 -5.79 26.87 34.38
C ALA C 322 -6.90 25.85 34.64
N ALA C 323 -7.91 25.82 33.77
CA ALA C 323 -8.98 24.83 33.92
C ALA C 323 -8.43 23.41 33.81
N ALA C 324 -7.56 23.17 32.82
CA ALA C 324 -6.96 21.86 32.67
C ALA C 324 -6.09 21.50 33.87
N ALA C 325 -5.32 22.48 34.37
CA ALA C 325 -4.43 22.21 35.49
C ALA C 325 -5.22 21.88 36.75
N ILE C 326 -6.30 22.63 37.01
CA ILE C 326 -7.12 22.36 38.19
C ILE C 326 -7.68 20.95 38.14
N ALA C 327 -8.27 20.57 37.00
CA ALA C 327 -8.87 19.26 36.88
C ALA C 327 -7.83 18.15 36.97
N ALA C 328 -6.67 18.35 36.34
CA ALA C 328 -5.63 17.33 36.36
C ALA C 328 -5.08 17.13 37.78
N ILE C 329 -4.79 18.23 38.47
CA ILE C 329 -4.24 18.13 39.82
C ILE C 329 -5.24 17.44 40.74
N ASP C 330 -6.51 17.82 40.67
CA ASP C 330 -7.53 17.21 41.52
C ASP C 330 -7.72 15.73 41.19
N THR C 331 -7.60 15.35 39.92
CA THR C 331 -7.68 13.94 39.56
C THR C 331 -6.48 13.17 40.09
N ILE C 332 -5.28 13.74 39.94
CA ILE C 332 -4.06 13.05 40.37
C ILE C 332 -4.11 12.76 41.86
N LEU C 333 -4.57 13.72 42.67
CA LEU C 333 -4.63 13.51 44.11
C LEU C 333 -5.77 12.59 44.49
N GLU C 334 -6.94 12.77 43.85
CA GLU C 334 -8.13 12.01 44.22
C GLU C 334 -8.03 10.54 43.82
N ASP C 335 -7.33 10.24 42.73
CA ASP C 335 -7.19 8.87 42.24
C ASP C 335 -5.84 8.27 42.57
N ASP C 336 -5.04 8.93 43.40
CA ASP C 336 -3.76 8.38 43.86
C ASP C 336 -2.90 7.96 42.67
N VAL C 337 -2.79 8.86 41.69
CA VAL C 337 -2.17 8.51 40.42
C VAL C 337 -0.67 8.28 40.60
N CYS C 338 -0.01 9.07 41.44
CA CYS C 338 1.44 8.99 41.54
C CYS C 338 1.88 7.64 42.09
N ALA C 339 1.17 7.14 43.09
CA ALA C 339 1.52 5.82 43.62
C ALA C 339 1.33 4.74 42.57
N LYS C 340 0.29 4.85 41.75
CA LYS C 340 0.02 3.83 40.74
C LYS C 340 1.13 3.80 39.68
N ILE C 341 1.47 4.95 39.11
CA ILE C 341 2.45 4.95 38.03
C ILE C 341 3.85 4.68 38.58
N ASN C 342 4.10 4.98 39.86
CA ASN C 342 5.36 4.58 40.46
C ASN C 342 5.43 3.06 40.59
N ASP C 343 4.34 2.43 41.03
CA ASP C 343 4.30 0.97 41.09
C ASP C 343 4.47 0.35 39.71
N LEU C 344 3.74 0.87 38.72
CA LEU C 344 3.87 0.35 37.36
C LEU C 344 5.29 0.54 36.85
N GLY C 345 5.92 1.67 37.20
CA GLY C 345 7.29 1.90 36.77
C GLY C 345 8.26 0.87 37.32
N GLN C 346 8.08 0.49 38.59
CA GLN C 346 8.94 -0.53 39.17
C GLN C 346 8.76 -1.87 38.48
N PHE C 347 7.51 -2.24 38.19
CA PHE C 347 7.27 -3.47 37.45
C PHE C 347 7.91 -3.42 36.07
N ALA C 348 7.79 -2.28 35.38
CA ALA C 348 8.35 -2.15 34.04
C ALA C 348 9.86 -2.41 34.03
N ARG C 349 10.58 -1.80 34.98
CA ARG C 349 12.01 -2.03 35.06
C ARG C 349 12.32 -3.48 35.38
N GLU C 350 11.57 -4.08 36.29
CA GLU C 350 11.78 -5.49 36.64
C GLU C 350 11.50 -6.39 35.45
N ALA C 351 10.38 -6.15 34.76
CA ALA C 351 10.03 -6.99 33.61
C ALA C 351 11.06 -6.88 32.51
N MET C 352 11.47 -5.66 32.16
CA MET C 352 12.46 -5.48 31.09
C MET C 352 13.77 -6.17 31.44
N ASN C 353 14.25 -6.01 32.68
CA ASN C 353 15.51 -6.63 33.06
C ASN C 353 15.38 -8.14 33.15
N HIS C 354 14.19 -8.65 33.47
CA HIS C 354 13.96 -10.09 33.41
C HIS C 354 14.06 -10.58 31.96
N LEU C 355 13.50 -9.82 31.01
CA LEU C 355 13.64 -10.17 29.61
C LEU C 355 15.11 -10.22 29.20
N PHE C 356 15.85 -9.14 29.48
CA PHE C 356 17.26 -9.09 29.10
C PHE C 356 18.01 -10.30 29.65
N ALA C 357 17.64 -10.74 30.85
CA ALA C 357 18.32 -11.89 31.47
C ALA C 357 17.94 -13.19 30.79
N ARG C 358 16.65 -13.37 30.45
CA ARG C 358 16.23 -14.56 29.73
C ARG C 358 16.91 -14.66 28.38
N LYS C 359 17.21 -13.53 27.75
CA LYS C 359 17.85 -13.52 26.44
C LYS C 359 19.37 -13.51 26.53
N GLY C 360 19.94 -13.51 27.72
CA GLY C 360 21.39 -13.37 27.85
C GLY C 360 21.90 -12.06 27.29
N LEU C 361 21.09 -11.02 27.31
CA LEU C 361 21.45 -9.74 26.74
C LEU C 361 22.07 -8.83 27.80
N ASN C 362 23.16 -8.18 27.43
CA ASN C 362 23.84 -7.25 28.34
C ASN C 362 23.27 -5.84 28.21
N TRP C 363 21.97 -5.71 28.48
CA TRP C 363 21.27 -4.44 28.54
C TRP C 363 20.69 -4.23 29.94
N LEU C 364 20.44 -2.96 30.28
CA LEU C 364 19.92 -2.58 31.58
C LEU C 364 18.76 -1.60 31.41
N ALA C 365 17.63 -1.91 32.04
CA ALA C 365 16.55 -0.96 32.21
C ALA C 365 16.72 -0.29 33.56
N TYR C 366 16.92 1.03 33.56
CA TYR C 366 17.21 1.78 34.78
C TYR C 366 16.30 2.99 34.86
N GLY C 367 16.36 3.68 35.99
CA GLY C 367 15.52 4.83 36.26
C GLY C 367 14.73 4.66 37.54
N ARG C 368 13.85 5.64 37.78
CA ARG C 368 13.06 5.68 39.00
C ARG C 368 11.65 6.17 38.66
N PHE C 369 10.74 5.96 39.60
CA PHE C 369 9.37 6.50 39.53
C PHE C 369 8.69 5.92 38.29
N SER C 370 7.99 6.73 37.49
CA SER C 370 7.04 6.24 36.50
C SER C 370 7.65 6.17 35.10
N GLY C 371 8.84 5.61 35.00
CA GLY C 371 9.43 5.40 33.69
C GLY C 371 10.72 4.60 33.81
N PHE C 372 11.36 4.40 32.67
CA PHE C 372 12.68 3.80 32.68
C PHE C 372 13.45 4.23 31.45
N HIS C 373 14.76 4.01 31.50
CA HIS C 373 15.66 4.26 30.39
C HIS C 373 16.46 2.98 30.15
N LEU C 374 17.01 2.86 28.95
CA LEU C 374 17.75 1.68 28.54
C LEU C 374 19.22 2.02 28.36
N MET C 375 20.09 1.19 28.90
CA MET C 375 21.54 1.33 28.71
C MET C 375 22.11 0.05 28.12
N PRO C 376 22.31 -0.02 26.81
CA PRO C 376 23.06 -1.17 26.25
C PRO C 376 24.47 -1.19 26.80
N GLY C 377 24.95 -2.38 27.12
CA GLY C 377 26.30 -2.57 27.60
C GLY C 377 26.44 -2.74 29.09
N LEU C 378 25.34 -2.78 29.84
CA LEU C 378 25.39 -3.03 31.28
C LEU C 378 24.51 -4.23 31.62
N PRO C 379 24.94 -5.08 32.56
CA PRO C 379 24.13 -6.26 32.89
C PRO C 379 22.78 -5.83 33.46
N PRO C 380 21.74 -6.63 33.23
CA PRO C 380 20.42 -6.28 33.75
C PRO C 380 20.31 -6.33 35.27
N ASN C 381 21.27 -6.93 35.97
CA ASN C 381 21.29 -6.96 37.42
C ASN C 381 22.15 -5.85 38.02
N THR C 382 22.50 -4.84 37.24
CA THR C 382 23.28 -3.73 37.75
C THR C 382 22.49 -2.96 38.80
N THR C 383 23.15 -2.65 39.91
CA THR C 383 22.56 -1.82 40.96
C THR C 383 23.14 -0.43 41.05
N ASP C 384 24.30 -0.18 40.46
CA ASP C 384 24.98 1.11 40.54
C ASP C 384 25.08 1.71 39.15
N THR C 385 24.47 2.88 38.96
CA THR C 385 24.50 3.60 37.70
C THR C 385 25.70 4.55 37.60
N GLY C 386 26.66 4.43 38.52
CA GLY C 386 27.80 5.34 38.51
C GLY C 386 28.51 5.38 37.16
N SER C 387 28.57 4.25 36.48
CA SER C 387 29.21 4.21 35.17
C SER C 387 28.44 5.04 34.15
N ILE C 388 27.12 5.16 34.31
CA ILE C 388 26.35 6.03 33.44
C ILE C 388 26.57 7.50 33.82
N THR C 389 26.54 7.79 35.12
CA THR C 389 26.65 9.18 35.57
C THR C 389 28.00 9.78 35.19
N ARG C 390 29.06 8.97 35.22
CA ARG C 390 30.41 9.45 34.95
C ARG C 390 30.80 9.30 33.48
N ALA C 391 29.85 8.98 32.60
CA ALA C 391 30.12 8.87 31.17
C ALA C 391 31.16 7.79 30.88
N GLU C 392 31.22 6.76 31.72
CA GLU C 392 32.17 5.67 31.50
C GLU C 392 31.66 4.64 30.52
N VAL C 393 30.35 4.41 30.48
CA VAL C 393 29.75 3.49 29.53
C VAL C 393 29.43 4.26 28.26
N ALA C 394 29.84 3.71 27.12
CA ALA C 394 29.62 4.36 25.83
C ALA C 394 28.14 4.52 25.57
N ARG C 395 27.68 5.76 25.43
CA ARG C 395 26.29 6.01 25.11
C ARG C 395 25.93 5.26 23.82
N PRO C 396 24.72 4.71 23.72
CA PRO C 396 24.43 3.76 22.64
C PRO C 396 24.53 4.39 21.25
N ASP C 397 24.81 3.53 20.27
CA ASP C 397 24.85 3.96 18.89
C ASP C 397 23.49 4.51 18.45
N VAL C 398 23.51 5.57 17.64
CA VAL C 398 22.26 6.19 17.21
C VAL C 398 21.58 5.34 16.13
N LYS C 399 22.37 4.71 15.25
CA LYS C 399 21.77 3.86 14.22
C LYS C 399 21.02 2.69 14.84
N MET C 400 21.53 2.16 15.96
CA MET C 400 20.83 1.08 16.65
C MET C 400 19.54 1.59 17.28
N ILE C 401 19.62 2.71 18.00
CA ILE C 401 18.45 3.27 18.68
C ILE C 401 17.36 3.59 17.66
N ALA C 402 17.74 4.18 16.53
CA ALA C 402 16.76 4.51 15.50
C ALA C 402 16.15 3.25 14.90
N ALA C 403 16.97 2.24 14.62
CA ALA C 403 16.44 0.97 14.14
C ALA C 403 15.50 0.35 15.16
N MET C 404 15.85 0.44 16.44
CA MET C 404 15.01 -0.10 17.50
C MET C 404 13.65 0.61 17.54
N ARG C 405 13.67 1.94 17.48
CA ARG C 405 12.41 2.69 17.49
C ARG C 405 11.57 2.33 16.28
N MET C 406 12.19 2.26 15.10
CA MET C 406 11.48 1.84 13.89
C MET C 406 10.88 0.46 14.05
N ALA C 407 11.64 -0.48 14.62
CA ALA C 407 11.14 -1.84 14.76
C ALA C 407 9.98 -1.90 15.74
N LEU C 408 10.07 -1.17 16.86
CA LEU C 408 8.95 -1.09 17.78
C LEU C 408 7.71 -0.52 17.09
N ILE C 409 7.90 0.49 16.25
CA ILE C 409 6.78 1.06 15.51
C ILE C 409 6.17 0.01 14.58
N LEU C 410 7.02 -0.83 13.97
CA LEU C 410 6.50 -1.91 13.12
C LEU C 410 5.64 -2.89 13.93
N GLU C 411 5.89 -2.99 15.23
CA GLU C 411 5.10 -3.85 16.11
C GLU C 411 3.94 -3.11 16.79
N GLY C 412 3.74 -1.83 16.51
CA GLY C 412 2.65 -1.09 17.09
C GLY C 412 2.94 -0.46 18.44
N VAL C 413 4.18 -0.07 18.69
CA VAL C 413 4.60 0.51 19.97
C VAL C 413 5.49 1.71 19.68
N ASP C 414 5.36 2.75 20.49
CA ASP C 414 6.20 3.94 20.34
C ASP C 414 6.75 4.34 21.71
N ILE C 415 8.05 4.58 21.76
CA ILE C 415 8.74 5.02 22.96
C ILE C 415 9.55 6.26 22.62
N GLY C 416 10.21 6.82 23.63
CA GLY C 416 10.91 8.08 23.48
C GLY C 416 12.27 7.96 22.81
N GLY C 417 12.78 9.12 22.39
CA GLY C 417 13.95 9.25 21.55
C GLY C 417 15.10 8.29 21.76
N ARG C 418 15.64 8.23 22.97
CA ARG C 418 16.83 7.44 23.23
C ARG C 418 16.52 6.07 23.81
N GLY C 419 15.24 5.70 23.90
CA GLY C 419 14.86 4.46 24.54
C GLY C 419 14.39 4.71 25.95
N SER C 420 13.49 5.67 26.11
CA SER C 420 12.93 6.02 27.40
C SER C 420 11.42 5.86 27.35
N VAL C 421 10.83 5.65 28.52
CA VAL C 421 9.41 5.36 28.64
C VAL C 421 8.82 6.18 29.79
N PHE C 422 7.71 6.84 29.53
CA PHE C 422 6.88 7.46 30.57
C PHE C 422 5.58 6.69 30.70
N LEU C 423 5.14 6.48 31.93
CA LEU C 423 3.90 5.78 32.20
C LEU C 423 2.85 6.77 32.70
N SER C 424 1.60 6.53 32.32
CA SER C 424 0.48 7.39 32.68
C SER C 424 -0.52 6.61 33.52
N ALA C 425 -1.51 7.33 34.03
CA ALA C 425 -2.53 6.72 34.87
C ALA C 425 -3.39 5.71 34.11
N GLN C 426 -3.41 5.77 32.79
CA GLN C 426 -4.23 4.87 31.98
C GLN C 426 -3.44 3.67 31.48
N HIS C 427 -2.14 3.61 31.71
CA HIS C 427 -1.37 2.40 31.46
C HIS C 427 -1.66 1.37 32.54
N GLU C 428 -1.64 0.10 32.13
CA GLU C 428 -1.90 -1.03 33.00
C GLU C 428 -0.78 -2.04 32.82
N ARG C 429 -0.77 -3.05 33.69
CA ARG C 429 0.28 -4.07 33.60
C ARG C 429 0.24 -4.77 32.26
N GLU C 430 -0.95 -4.96 31.69
CA GLU C 430 -1.05 -5.64 30.40
C GLU C 430 -0.34 -4.85 29.29
N HIS C 431 -0.33 -3.51 29.39
CA HIS C 431 0.39 -2.70 28.41
C HIS C 431 1.89 -2.88 28.55
N VAL C 432 2.39 -2.96 29.78
CA VAL C 432 3.82 -3.15 30.01
C VAL C 432 4.24 -4.54 29.53
N GLU C 433 3.43 -5.56 29.81
CA GLU C 433 3.75 -6.90 29.34
C GLU C 433 3.79 -6.95 27.81
N HIS C 434 2.84 -6.29 27.15
CA HIS C 434 2.88 -6.23 25.69
C HIS C 434 4.16 -5.55 25.23
N LEU C 435 4.59 -4.50 25.93
CA LEU C 435 5.84 -3.83 25.57
C LEU C 435 7.01 -4.80 25.67
N VAL C 436 7.07 -5.57 26.76
CA VAL C 436 8.16 -6.53 26.93
C VAL C 436 8.12 -7.58 25.83
N THR C 437 6.95 -8.16 25.58
CA THR C 437 6.81 -9.14 24.51
C THR C 437 7.27 -8.58 23.18
N THR C 438 6.97 -7.30 22.92
CA THR C 438 7.37 -6.69 21.66
C THR C 438 8.88 -6.48 21.61
N PHE C 439 9.49 -6.07 22.72
CA PHE C 439 10.93 -5.88 22.77
C PHE C 439 11.67 -7.18 22.47
N ASP C 440 11.09 -8.33 22.85
CA ASP C 440 11.74 -9.61 22.59
C ASP C 440 12.00 -9.81 21.10
N ARG C 441 10.97 -9.63 20.28
CA ARG C 441 11.14 -9.79 18.84
C ARG C 441 12.05 -8.72 18.27
N VAL C 442 11.88 -7.47 18.69
CA VAL C 442 12.66 -6.37 18.13
C VAL C 442 14.14 -6.60 18.38
N LEU C 443 14.49 -7.05 19.58
CA LEU C 443 15.89 -7.39 19.85
C LEU C 443 16.39 -8.47 18.89
N ASP C 444 15.54 -9.46 18.60
CA ASP C 444 15.93 -10.50 17.65
C ASP C 444 16.08 -9.95 16.24
N ARG C 445 15.22 -9.00 15.85
CA ARG C 445 15.37 -8.36 14.55
C ARG C 445 16.65 -7.55 14.46
N LEU C 446 16.94 -6.76 15.50
CA LEU C 446 18.17 -5.98 15.50
C LEU C 446 19.38 -6.89 15.37
N ALA C 447 19.36 -8.03 16.07
CA ALA C 447 20.46 -8.98 15.97
C ALA C 447 20.56 -9.56 14.56
N ASP C 448 19.41 -9.90 13.94
CA ASP C 448 19.43 -10.47 12.60
C ASP C 448 20.08 -9.51 11.61
N GLU C 449 19.88 -8.21 11.78
CA GLU C 449 20.50 -7.21 10.93
C GLU C 449 21.85 -6.75 11.47
N ASN C 450 22.35 -7.40 12.52
CA ASN C 450 23.65 -7.07 13.09
C ASN C 450 23.73 -5.59 13.46
N LEU C 451 22.76 -5.17 14.28
CA LEU C 451 22.68 -3.79 14.75
C LEU C 451 22.86 -3.64 16.26
N LEU C 452 22.94 -4.73 17.01
CA LEU C 452 23.18 -4.65 18.44
C LEU C 452 24.66 -4.36 18.71
N GLY D 12 -44.64 5.64 -71.34
CA GLY D 12 -46.01 6.15 -71.05
C GLY D 12 -46.64 5.51 -69.83
N SER D 13 -46.00 4.48 -69.30
CA SER D 13 -46.52 3.77 -68.14
C SER D 13 -46.05 4.45 -66.86
N ILE D 14 -46.72 4.10 -65.76
CA ILE D 14 -46.36 4.65 -64.46
C ILE D 14 -44.90 4.38 -64.15
N LEU D 15 -44.46 3.14 -64.37
CA LEU D 15 -43.09 2.76 -64.04
C LEU D 15 -42.07 3.59 -64.82
N ASN D 16 -42.29 3.74 -66.12
CA ASN D 16 -41.30 4.41 -66.96
C ASN D 16 -41.31 5.91 -66.72
N ASP D 17 -42.48 6.52 -66.57
CA ASP D 17 -42.54 7.94 -66.20
C ASP D 17 -41.82 8.17 -64.88
N TYR D 18 -42.06 7.30 -63.89
CA TYR D 18 -41.39 7.44 -62.60
C TYR D 18 -39.88 7.43 -62.78
N LYS D 19 -39.36 6.53 -63.62
CA LYS D 19 -37.92 6.46 -63.83
C LYS D 19 -37.41 7.72 -64.53
N ARG D 20 -38.16 8.22 -65.52
CA ARG D 20 -37.72 9.43 -66.20
C ARG D 20 -37.70 10.64 -65.28
N LYS D 21 -38.62 10.70 -64.31
CA LYS D 21 -38.70 11.85 -63.43
C LYS D 21 -37.64 11.82 -62.34
N THR D 22 -37.17 10.63 -61.97
CA THR D 22 -36.31 10.47 -60.80
C THR D 22 -34.92 9.98 -61.20
N GLU D 23 -34.41 10.47 -62.34
CA GLU D 23 -33.07 10.09 -62.78
C GLU D 23 -32.03 10.31 -61.67
N GLY D 24 -32.06 11.49 -61.05
CA GLY D 24 -31.10 11.80 -60.01
C GLY D 24 -31.17 10.86 -58.82
N SER D 25 -32.37 10.34 -58.53
CA SER D 25 -32.51 9.42 -57.40
C SER D 25 -31.89 8.06 -57.71
N VAL D 26 -31.90 7.63 -58.98
CA VAL D 26 -31.24 6.37 -59.33
C VAL D 26 -29.73 6.53 -59.20
N PHE D 27 -29.21 7.69 -59.57
CA PHE D 27 -27.79 7.99 -59.32
C PHE D 27 -27.46 7.80 -57.84
N TRP D 28 -28.22 8.46 -56.97
CA TRP D 28 -27.96 8.34 -55.53
C TRP D 28 -28.25 6.93 -55.03
N ALA D 29 -29.24 6.24 -55.62
CA ALA D 29 -29.49 4.86 -55.24
C ALA D 29 -28.25 4.00 -55.45
N GLN D 30 -27.52 4.25 -56.53
CA GLN D 30 -26.33 3.44 -56.81
C GLN D 30 -25.26 3.65 -55.74
N ARG D 31 -25.04 4.88 -55.32
CA ARG D 31 -24.08 5.12 -54.24
C ARG D 31 -24.56 4.48 -52.94
N ALA D 32 -25.86 4.56 -52.66
CA ALA D 32 -26.39 4.02 -51.41
C ALA D 32 -26.28 2.50 -51.38
N ARG D 33 -26.53 1.84 -52.51
CA ARG D 33 -26.50 0.38 -52.56
C ARG D 33 -25.09 -0.18 -52.43
N SER D 34 -24.07 0.65 -52.61
CA SER D 34 -22.70 0.21 -52.38
C SER D 34 -22.35 0.13 -50.90
N VAL D 35 -23.05 0.87 -50.04
CA VAL D 35 -22.65 1.00 -48.64
C VAL D 35 -23.71 0.55 -47.65
N MET D 36 -24.95 0.32 -48.08
CA MET D 36 -26.00 -0.07 -47.15
C MET D 36 -26.79 -1.24 -47.71
N PRO D 37 -27.28 -2.14 -46.85
CA PRO D 37 -28.15 -3.22 -47.32
C PRO D 37 -29.42 -2.68 -47.95
N ASP D 38 -29.68 -3.10 -49.18
CA ASP D 38 -30.83 -2.64 -49.98
C ASP D 38 -30.76 -1.13 -50.27
N GLY D 39 -29.63 -0.50 -50.03
CA GLY D 39 -29.49 0.92 -50.30
C GLY D 39 -30.25 1.83 -49.36
N VAL D 40 -30.60 1.36 -48.17
CA VAL D 40 -31.37 2.15 -47.21
C VAL D 40 -30.91 1.80 -45.80
N THR D 41 -31.20 2.69 -44.85
CA THR D 41 -30.86 2.46 -43.47
C THR D 41 -32.07 2.11 -42.61
N ALA D 42 -33.25 2.00 -43.20
CA ALA D 42 -34.45 1.57 -42.49
C ALA D 42 -35.31 0.77 -43.47
N ASP D 43 -35.91 -0.31 -42.97
CA ASP D 43 -36.65 -1.20 -43.85
C ASP D 43 -37.84 -0.49 -44.50
N THR D 44 -38.40 0.51 -43.82
CA THR D 44 -39.53 1.24 -44.39
C THR D 44 -39.17 1.98 -45.66
N ARG D 45 -37.88 2.25 -45.88
CA ARG D 45 -37.45 2.99 -47.06
C ARG D 45 -37.33 2.13 -48.31
N VAL D 46 -37.58 0.82 -48.21
CA VAL D 46 -37.41 -0.07 -49.35
C VAL D 46 -38.53 0.18 -50.34
N PHE D 47 -38.17 0.58 -51.56
CA PHE D 47 -39.14 0.89 -52.60
C PHE D 47 -38.56 0.47 -53.94
N ASP D 48 -39.24 -0.46 -54.62
CA ASP D 48 -38.82 -0.91 -55.93
C ASP D 48 -39.44 -0.04 -57.02
N PRO D 49 -38.70 0.34 -58.07
CA PRO D 49 -37.29 0.03 -58.34
C PRO D 49 -36.32 0.80 -57.46
N HIS D 50 -36.76 1.94 -56.94
CA HIS D 50 -35.94 2.78 -56.09
C HIS D 50 -36.81 3.87 -55.49
N GLY D 51 -36.41 4.33 -54.32
CA GLY D 51 -37.12 5.40 -53.65
C GLY D 51 -36.61 6.78 -54.04
N LEU D 52 -37.34 7.79 -53.60
CA LEU D 52 -36.91 9.16 -53.80
C LEU D 52 -35.76 9.51 -52.85
N PHE D 53 -34.87 10.37 -53.33
CA PHE D 53 -33.85 10.98 -52.49
C PHE D 53 -34.21 12.45 -52.31
N ILE D 54 -34.43 12.84 -51.06
CA ILE D 54 -34.95 14.16 -50.71
C ILE D 54 -33.80 14.99 -50.15
N SER D 55 -33.66 16.22 -50.64
CA SER D 55 -32.59 17.11 -50.20
C SER D 55 -33.10 18.37 -49.51
N ASP D 56 -34.42 18.59 -49.47
CA ASP D 56 -34.94 19.79 -48.83
C ASP D 56 -36.40 19.59 -48.49
N ALA D 57 -36.83 20.15 -47.37
CA ALA D 57 -38.22 20.14 -46.97
C ALA D 57 -38.50 21.40 -46.16
N GLN D 58 -39.69 21.96 -46.36
CA GLN D 58 -40.09 23.19 -45.68
C GLN D 58 -41.61 23.27 -45.71
N GLY D 59 -42.22 23.53 -44.56
CA GLY D 59 -43.67 23.57 -44.47
C GLY D 59 -44.31 22.22 -44.66
N VAL D 60 -45.05 22.06 -45.75
CA VAL D 60 -45.66 20.79 -46.11
C VAL D 60 -45.15 20.29 -47.46
N HIS D 61 -44.03 20.85 -47.93
CA HIS D 61 -43.45 20.48 -49.20
C HIS D 61 -42.02 19.99 -49.01
N LYS D 62 -41.60 19.10 -49.91
CA LYS D 62 -40.25 18.58 -49.92
C LYS D 62 -39.78 18.46 -51.37
N THR D 63 -38.47 18.55 -51.56
CA THR D 63 -37.87 18.61 -52.89
C THR D 63 -36.87 17.47 -53.05
N ASP D 64 -36.91 16.80 -54.19
CA ASP D 64 -35.99 15.70 -54.45
C ASP D 64 -34.72 16.23 -55.10
N VAL D 65 -33.76 15.33 -55.34
CA VAL D 65 -32.49 15.73 -55.93
C VAL D 65 -32.67 16.21 -57.35
N ASP D 66 -33.77 15.87 -58.00
CA ASP D 66 -34.06 16.29 -59.37
C ASP D 66 -34.75 17.64 -59.45
N GLY D 67 -35.10 18.24 -58.31
CA GLY D 67 -35.80 19.52 -58.30
C GLY D 67 -37.31 19.42 -58.30
N ASN D 68 -37.86 18.20 -58.36
CA ASN D 68 -39.31 18.04 -58.27
C ASN D 68 -39.78 18.35 -56.85
N VAL D 69 -40.84 19.15 -56.74
CA VAL D 69 -41.45 19.49 -55.47
C VAL D 69 -42.62 18.55 -55.23
N TYR D 70 -42.82 18.17 -53.97
CA TYR D 70 -43.87 17.23 -53.59
C TYR D 70 -44.65 17.76 -52.41
N LEU D 71 -45.97 17.62 -52.48
CA LEU D 71 -46.83 17.86 -51.32
C LEU D 71 -46.74 16.65 -50.40
N ASP D 72 -46.17 16.83 -49.23
CA ASP D 72 -45.77 15.73 -48.35
C ASP D 72 -46.85 15.44 -47.31
N PHE D 73 -47.23 14.18 -47.19
CA PHE D 73 -48.23 13.75 -46.21
C PHE D 73 -47.69 12.66 -45.29
N PHE D 74 -46.37 12.58 -45.09
CA PHE D 74 -45.86 11.49 -44.27
C PHE D 74 -44.46 11.74 -43.70
N GLY D 75 -43.73 12.71 -44.25
CA GLY D 75 -42.45 13.09 -43.66
C GLY D 75 -42.57 13.23 -42.16
N GLY D 76 -41.65 12.62 -41.42
CA GLY D 76 -41.67 12.64 -39.97
C GLY D 76 -42.30 11.41 -39.34
N HIS D 77 -43.03 10.60 -40.13
CA HIS D 77 -43.71 9.41 -39.61
C HIS D 77 -44.61 9.76 -38.43
N GLY D 78 -45.07 11.01 -38.37
CA GLY D 78 -45.90 11.51 -37.29
C GLY D 78 -45.20 12.48 -36.37
N ALA D 79 -43.86 12.44 -36.30
CA ALA D 79 -43.13 13.30 -35.38
C ALA D 79 -43.30 14.77 -35.74
N LEU D 80 -43.48 15.09 -37.02
CA LEU D 80 -43.55 16.47 -37.47
C LEU D 80 -45.00 16.97 -37.45
N VAL D 81 -45.57 16.95 -36.24
CA VAL D 81 -46.90 17.50 -36.03
C VAL D 81 -46.96 18.96 -36.46
N LEU D 82 -45.83 19.66 -36.39
CA LEU D 82 -45.72 21.06 -36.79
C LEU D 82 -45.21 21.23 -38.22
N GLY D 83 -44.96 20.14 -38.93
CA GLY D 83 -44.44 20.24 -40.28
C GLY D 83 -42.94 20.46 -40.31
N HIS D 84 -42.42 20.65 -41.53
CA HIS D 84 -40.99 20.81 -41.73
C HIS D 84 -40.53 22.22 -41.36
N GLY D 85 -39.46 22.29 -40.59
CA GLY D 85 -38.81 23.57 -40.32
C GLY D 85 -39.72 24.63 -39.73
N HIS D 86 -40.53 24.26 -38.76
CA HIS D 86 -41.34 25.26 -38.08
C HIS D 86 -40.40 26.30 -37.47
N PRO D 87 -40.64 27.59 -37.71
CA PRO D 87 -39.65 28.60 -37.30
C PRO D 87 -39.41 28.68 -35.80
N ARG D 88 -40.43 28.44 -34.97
CA ARG D 88 -40.20 28.43 -33.53
C ARG D 88 -39.27 27.28 -33.13
N VAL D 89 -39.49 26.10 -33.71
CA VAL D 89 -38.67 24.94 -33.35
C VAL D 89 -37.24 25.14 -33.84
N ASN D 90 -37.08 25.54 -35.10
CA ASN D 90 -35.73 25.71 -35.65
C ASN D 90 -34.98 26.82 -34.94
N ALA D 91 -35.68 27.91 -34.59
CA ALA D 91 -35.02 28.98 -33.85
C ALA D 91 -34.54 28.49 -32.48
N ALA D 92 -35.35 27.68 -31.81
CA ALA D 92 -34.93 27.12 -30.52
C ALA D 92 -33.73 26.20 -30.68
N ILE D 93 -33.68 25.42 -31.76
CA ILE D 93 -32.54 24.53 -31.99
C ILE D 93 -31.27 25.35 -32.23
N ALA D 94 -31.36 26.38 -33.07
CA ALA D 94 -30.18 27.18 -33.38
C ALA D 94 -29.67 27.93 -32.15
N GLU D 95 -30.58 28.40 -31.29
CA GLU D 95 -30.16 29.04 -30.06
C GLU D 95 -29.45 28.04 -29.15
N ALA D 96 -30.03 26.85 -28.98
CA ALA D 96 -29.40 25.83 -28.15
C ALA D 96 -28.05 25.42 -28.72
N LEU D 97 -27.95 25.31 -30.04
CA LEU D 97 -26.72 24.84 -30.67
C LEU D 97 -25.52 25.68 -30.25
N SER D 98 -25.70 27.00 -30.16
CA SER D 98 -24.64 27.89 -29.73
C SER D 98 -24.51 27.90 -28.21
N HIS D 99 -24.48 26.72 -27.59
CA HIS D 99 -24.36 26.62 -26.15
C HIS D 99 -23.84 25.25 -25.69
N GLY D 100 -23.70 24.29 -26.60
CA GLY D 100 -23.15 22.99 -26.24
C GLY D 100 -24.13 21.84 -26.42
N VAL D 101 -23.60 20.61 -26.48
CA VAL D 101 -24.39 19.43 -26.84
C VAL D 101 -24.33 18.39 -25.73
N GLN D 102 -23.24 18.35 -24.99
CA GLN D 102 -23.08 17.35 -23.94
C GLN D 102 -22.08 17.88 -22.93
N TYR D 103 -22.54 18.13 -21.70
CA TYR D 103 -21.75 18.79 -20.68
C TYR D 103 -21.15 17.82 -19.66
N ALA D 104 -21.32 16.51 -19.87
CA ALA D 104 -21.01 15.53 -18.83
C ALA D 104 -21.62 15.97 -17.51
N ALA D 105 -22.88 16.41 -17.57
CA ALA D 105 -23.55 16.99 -16.41
C ALA D 105 -25.02 17.20 -16.76
N SER D 106 -25.81 17.43 -15.72
CA SER D 106 -27.18 17.90 -15.87
C SER D 106 -27.20 19.30 -16.47
N HIS D 107 -28.36 19.69 -16.99
CA HIS D 107 -28.51 21.02 -17.56
C HIS D 107 -29.97 21.42 -17.50
N PRO D 108 -30.26 22.73 -17.57
CA PRO D 108 -31.63 23.19 -17.32
C PRO D 108 -32.65 22.74 -18.36
N LEU D 109 -32.29 22.64 -19.64
CA LEU D 109 -33.30 22.38 -20.65
C LEU D 109 -33.92 20.99 -20.50
N GLU D 110 -33.17 20.00 -20.00
CA GLU D 110 -33.76 18.68 -19.78
C GLU D 110 -34.79 18.74 -18.66
N VAL D 111 -34.56 19.57 -17.65
CA VAL D 111 -35.55 19.75 -16.59
C VAL D 111 -36.80 20.43 -17.15
N ARG D 112 -36.61 21.47 -17.97
CA ARG D 112 -37.77 22.19 -18.49
C ARG D 112 -38.58 21.32 -19.44
N TRP D 113 -37.91 20.47 -20.21
CA TRP D 113 -38.60 19.50 -21.05
C TRP D 113 -39.39 18.52 -20.18
N ALA D 114 -38.74 17.96 -19.15
CA ALA D 114 -39.41 17.01 -18.25
C ALA D 114 -40.63 17.64 -17.57
N GLU D 115 -40.50 18.88 -17.11
CA GLU D 115 -41.63 19.52 -16.42
C GLU D 115 -42.83 19.68 -17.36
N ARG D 116 -42.58 19.81 -18.66
CA ARG D 116 -43.69 19.90 -19.61
C ARG D 116 -44.36 18.55 -19.82
N ILE D 117 -43.57 17.46 -19.85
CA ILE D 117 -44.17 16.13 -19.95
C ILE D 117 -45.04 15.86 -18.73
N VAL D 118 -44.51 16.15 -17.53
CA VAL D 118 -45.24 15.85 -16.30
C VAL D 118 -46.51 16.70 -16.20
N ALA D 119 -46.50 17.92 -16.73
CA ALA D 119 -47.70 18.74 -16.70
C ALA D 119 -48.75 18.24 -17.68
N ALA D 120 -48.33 17.68 -18.82
CA ALA D 120 -49.28 17.18 -19.80
C ALA D 120 -49.87 15.83 -19.41
N PHE D 121 -49.10 14.99 -18.72
CA PHE D 121 -49.50 13.63 -18.40
C PHE D 121 -49.54 13.45 -16.89
N PRO D 122 -50.70 13.62 -16.25
CA PRO D 122 -50.77 13.42 -14.79
C PRO D 122 -50.38 12.03 -14.34
N SER D 123 -50.46 11.02 -15.22
CA SER D 123 -50.01 9.69 -14.84
C SER D 123 -48.49 9.62 -14.67
N ILE D 124 -47.76 10.55 -15.27
CA ILE D 124 -46.31 10.55 -15.22
C ILE D 124 -45.86 11.46 -14.07
N ARG D 125 -45.35 10.85 -13.00
CA ARG D 125 -44.72 11.61 -11.93
C ARG D 125 -43.20 11.61 -12.00
N LYS D 126 -42.62 10.57 -12.58
CA LYS D 126 -41.19 10.48 -12.82
C LYS D 126 -40.94 9.99 -14.24
N LEU D 127 -39.86 10.47 -14.84
CA LEU D 127 -39.56 10.10 -16.20
C LEU D 127 -38.05 10.02 -16.41
N ARG D 128 -37.68 9.33 -17.47
CA ARG D 128 -36.31 9.28 -17.96
C ARG D 128 -36.35 9.47 -19.47
N PHE D 129 -35.41 10.25 -19.98
CA PHE D 129 -35.26 10.35 -21.42
C PHE D 129 -34.48 9.16 -21.95
N THR D 130 -34.62 8.92 -23.26
CA THR D 130 -33.97 7.83 -23.94
C THR D 130 -33.54 8.32 -25.31
N GLY D 131 -32.82 7.46 -26.04
CA GLY D 131 -32.34 7.82 -27.36
C GLY D 131 -33.34 7.70 -28.49
N SER D 132 -34.47 7.04 -28.28
CA SER D 132 -35.39 6.76 -29.38
C SER D 132 -36.64 6.10 -28.82
N GLY D 133 -37.65 5.96 -29.68
CA GLY D 133 -38.84 5.21 -29.31
C GLY D 133 -38.54 3.76 -29.04
N THR D 134 -37.64 3.17 -29.83
CA THR D 134 -37.28 1.77 -29.62
C THR D 134 -36.61 1.58 -28.27
N GLU D 135 -35.73 2.51 -27.87
CA GLU D 135 -35.11 2.44 -26.55
C GLU D 135 -36.15 2.62 -25.45
N THR D 136 -37.15 3.47 -25.69
CA THR D 136 -38.15 3.73 -24.66
C THR D 136 -38.91 2.46 -24.31
N THR D 137 -39.42 1.74 -25.32
CA THR D 137 -40.20 0.54 -25.01
C THR D 137 -39.30 -0.58 -24.50
N LEU D 138 -38.04 -0.63 -24.93
CA LEU D 138 -37.11 -1.57 -24.33
C LEU D 138 -36.95 -1.30 -22.84
N LEU D 139 -36.73 -0.03 -22.47
CA LEU D 139 -36.60 0.32 -21.07
C LEU D 139 -37.89 0.04 -20.31
N ALA D 140 -39.04 0.28 -20.93
CA ALA D 140 -40.31 0.04 -20.26
C ALA D 140 -40.46 -1.44 -19.88
N LEU D 141 -40.11 -2.34 -20.80
CA LEU D 141 -40.20 -3.77 -20.49
C LEU D 141 -39.22 -4.16 -19.39
N ARG D 142 -37.97 -3.69 -19.47
CA ARG D 142 -37.00 -3.97 -18.41
C ARG D 142 -37.52 -3.49 -17.06
N VAL D 143 -38.04 -2.26 -17.02
CA VAL D 143 -38.55 -1.70 -15.77
C VAL D 143 -39.70 -2.54 -15.25
N ALA D 144 -40.63 -2.91 -16.12
CA ALA D 144 -41.78 -3.71 -15.68
C ALA D 144 -41.33 -5.06 -15.13
N ARG D 145 -40.40 -5.73 -15.80
CA ARG D 145 -39.95 -7.02 -15.31
C ARG D 145 -39.18 -6.88 -14.01
N ALA D 146 -38.38 -5.82 -13.87
CA ALA D 146 -37.63 -5.60 -12.64
C ALA D 146 -38.55 -5.23 -11.49
N PHE D 147 -39.54 -4.37 -11.75
CA PHE D 147 -40.45 -3.94 -10.69
C PHE D 147 -41.32 -5.09 -10.20
N THR D 148 -41.87 -5.89 -11.11
CA THR D 148 -42.78 -6.96 -10.73
C THR D 148 -42.07 -8.25 -10.32
N GLY D 149 -40.84 -8.44 -10.80
CA GLY D 149 -40.19 -9.73 -10.63
C GLY D 149 -40.69 -10.81 -11.54
N ARG D 150 -41.62 -10.50 -12.44
CA ARG D 150 -42.24 -11.47 -13.32
C ARG D 150 -41.52 -11.53 -14.67
N ARG D 151 -41.91 -12.52 -15.49
CA ARG D 151 -41.16 -12.86 -16.69
C ARG D 151 -41.88 -12.58 -17.99
N MET D 152 -43.22 -12.58 -18.01
CA MET D 152 -43.95 -12.62 -19.27
C MET D 152 -44.43 -11.22 -19.68
N ILE D 153 -44.50 -11.02 -20.99
CA ILE D 153 -45.00 -9.78 -21.58
C ILE D 153 -46.19 -10.14 -22.46
N LEU D 154 -47.29 -9.41 -22.29
CA LEU D 154 -48.47 -9.57 -23.13
C LEU D 154 -48.44 -8.48 -24.20
N ARG D 155 -48.40 -8.88 -25.46
CA ARG D 155 -48.46 -7.96 -26.59
C ARG D 155 -49.67 -8.28 -27.45
N ILE D 156 -50.07 -7.29 -28.24
CA ILE D 156 -51.13 -7.46 -29.23
C ILE D 156 -50.46 -7.75 -30.57
N ALA D 157 -50.93 -8.78 -31.25
CA ALA D 157 -50.36 -9.14 -32.54
C ALA D 157 -50.51 -7.98 -33.53
N THR D 158 -49.40 -7.63 -34.18
CA THR D 158 -49.25 -6.61 -35.22
C THR D 158 -48.90 -5.24 -34.64
N HIS D 159 -48.97 -5.04 -33.33
CA HIS D 159 -48.61 -3.75 -32.76
C HIS D 159 -47.11 -3.54 -32.81
N TYR D 160 -46.68 -2.36 -33.24
CA TYR D 160 -45.26 -2.03 -33.42
C TYR D 160 -44.78 -1.21 -32.24
N HIS D 161 -43.76 -1.72 -31.54
CA HIS D 161 -43.14 -1.01 -30.42
C HIS D 161 -41.65 -0.80 -30.62
N GLY D 162 -41.17 -0.93 -31.85
CA GLY D 162 -39.76 -0.86 -32.15
C GLY D 162 -39.23 -2.20 -32.65
N TRP D 163 -37.94 -2.22 -32.95
CA TRP D 163 -37.29 -3.36 -33.59
C TRP D 163 -36.47 -4.21 -32.62
N HIS D 164 -36.44 -3.86 -31.33
CA HIS D 164 -35.64 -4.63 -30.38
C HIS D 164 -36.21 -6.04 -30.22
N ASP D 165 -35.45 -6.87 -29.51
CA ASP D 165 -35.70 -8.32 -29.51
C ASP D 165 -37.09 -8.68 -28.97
N PHE D 166 -37.63 -7.88 -28.05
CA PHE D 166 -38.84 -8.29 -27.34
C PHE D 166 -40.12 -7.98 -28.10
N SER D 167 -40.06 -7.18 -29.17
CA SER D 167 -41.25 -6.89 -29.97
C SER D 167 -41.04 -7.20 -31.45
N ALA D 168 -39.96 -7.91 -31.81
CA ALA D 168 -39.71 -8.25 -33.20
C ALA D 168 -40.47 -9.49 -33.66
N SER D 169 -40.88 -10.35 -32.73
CA SER D 169 -41.59 -11.58 -33.05
C SER D 169 -43.07 -11.40 -32.79
N GLY D 170 -43.89 -11.67 -33.80
CA GLY D 170 -45.33 -11.46 -33.70
C GLY D 170 -45.78 -10.08 -34.11
N TYR D 171 -44.93 -9.31 -34.78
CA TYR D 171 -45.29 -7.98 -35.27
C TYR D 171 -45.77 -8.02 -36.72
N ASN D 172 -44.93 -8.49 -37.63
CA ASN D 172 -45.33 -8.68 -39.02
C ASN D 172 -45.06 -10.10 -39.50
N SER D 173 -44.96 -11.05 -38.58
CA SER D 173 -44.67 -12.44 -38.89
C SER D 173 -44.61 -13.20 -37.57
N HIS D 174 -44.47 -14.52 -37.68
CA HIS D 174 -44.32 -15.38 -36.51
C HIS D 174 -45.44 -15.15 -35.50
N PHE D 175 -46.68 -15.15 -36.02
CA PHE D 175 -47.85 -14.98 -35.15
C PHE D 175 -48.20 -16.26 -34.39
N ASP D 176 -47.49 -17.36 -34.65
CA ASP D 176 -47.67 -18.59 -33.90
C ASP D 176 -46.90 -18.60 -32.59
N GLY D 177 -46.26 -17.49 -32.23
CA GLY D 177 -45.49 -17.40 -31.01
C GLY D 177 -44.04 -17.84 -31.13
N GLN D 178 -43.55 -18.11 -32.34
CA GLN D 178 -42.20 -18.57 -32.56
C GLN D 178 -41.25 -17.39 -32.71
N PRO D 179 -39.95 -17.59 -32.47
CA PRO D 179 -39.01 -16.47 -32.51
C PRO D 179 -38.60 -16.09 -33.93
N ALA D 180 -38.52 -14.79 -34.16
CA ALA D 180 -37.95 -14.29 -35.40
C ALA D 180 -36.47 -14.61 -35.47
N PRO D 181 -35.88 -14.57 -36.67
CA PRO D 181 -34.44 -14.89 -36.79
C PRO D 181 -33.57 -14.05 -35.86
N GLY D 182 -32.85 -14.71 -34.96
CA GLY D 182 -31.97 -14.05 -34.03
C GLY D 182 -32.55 -13.80 -32.65
N VAL D 183 -33.86 -13.93 -32.49
CA VAL D 183 -34.49 -13.75 -31.18
C VAL D 183 -34.34 -15.06 -30.41
N LEU D 184 -33.73 -14.98 -29.23
CA LEU D 184 -33.66 -16.13 -28.35
C LEU D 184 -35.05 -16.76 -28.23
N PRO D 185 -35.20 -18.05 -28.51
CA PRO D 185 -36.53 -18.66 -28.34
C PRO D 185 -37.09 -18.48 -26.95
N GLU D 186 -36.26 -18.10 -25.97
CA GLU D 186 -36.75 -17.85 -24.62
C GLU D 186 -37.45 -16.50 -24.52
N ILE D 187 -37.07 -15.52 -25.35
CA ILE D 187 -37.81 -14.26 -25.40
C ILE D 187 -39.22 -14.50 -25.93
N ALA D 188 -39.32 -15.23 -27.05
CA ALA D 188 -40.64 -15.54 -27.59
C ALA D 188 -41.46 -16.38 -26.62
N LYS D 189 -40.81 -17.31 -25.92
CA LYS D 189 -41.53 -18.12 -24.94
C LYS D 189 -42.05 -17.29 -23.78
N ASN D 190 -41.42 -16.14 -23.50
CA ASN D 190 -41.87 -15.23 -22.46
C ASN D 190 -42.76 -14.13 -23.01
N THR D 191 -43.33 -14.33 -24.20
CA THR D 191 -44.20 -13.35 -24.84
C THR D 191 -45.55 -14.01 -25.10
N LEU D 192 -46.60 -13.40 -24.57
CA LEU D 192 -47.97 -13.81 -24.84
C LEU D 192 -48.55 -12.85 -25.88
N LEU D 193 -49.14 -13.41 -26.93
CA LEU D 193 -49.77 -12.63 -27.99
C LEU D 193 -51.27 -12.86 -27.94
N ILE D 194 -52.03 -11.78 -28.03
CA ILE D 194 -53.48 -11.86 -28.21
C ILE D 194 -53.84 -11.05 -29.43
N ARG D 195 -54.87 -11.51 -30.14
CA ARG D 195 -55.34 -10.78 -31.31
C ARG D 195 -56.04 -9.50 -30.87
N PRO D 196 -55.92 -8.43 -31.64
CA PRO D 196 -56.65 -7.19 -31.30
C PRO D 196 -58.15 -7.46 -31.23
N ASP D 197 -58.80 -6.85 -30.24
CA ASP D 197 -60.24 -6.91 -30.02
C ASP D 197 -60.74 -8.31 -29.63
N ASP D 198 -59.84 -9.26 -29.36
CA ASP D 198 -60.25 -10.58 -28.89
C ASP D 198 -60.30 -10.54 -27.35
N ILE D 199 -61.43 -10.04 -26.84
CA ILE D 199 -61.54 -9.83 -25.40
C ILE D 199 -61.62 -11.16 -24.66
N GLU D 200 -62.31 -12.14 -25.25
CA GLU D 200 -62.39 -13.46 -24.61
C GLU D 200 -61.00 -14.09 -24.49
N GLY D 201 -60.18 -13.96 -25.53
CA GLY D 201 -58.81 -14.44 -25.43
C GLY D 201 -58.01 -13.68 -24.39
N MET D 202 -58.20 -12.35 -24.32
CA MET D 202 -57.47 -11.56 -23.34
C MET D 202 -57.81 -11.98 -21.93
N ARG D 203 -59.11 -12.15 -21.64
CA ARG D 203 -59.52 -12.57 -20.31
C ARG D 203 -58.99 -13.95 -19.97
N GLU D 204 -58.92 -14.85 -20.97
CA GLU D 204 -58.42 -16.19 -20.71
C GLU D 204 -56.92 -16.17 -20.45
N VAL D 205 -56.16 -15.35 -21.18
CA VAL D 205 -54.73 -15.27 -20.97
C VAL D 205 -54.41 -14.78 -19.57
N PHE D 206 -55.17 -13.78 -19.08
CA PHE D 206 -54.97 -13.33 -17.71
C PHE D 206 -55.42 -14.37 -16.70
N ALA D 207 -56.47 -15.14 -17.02
CA ALA D 207 -56.91 -16.19 -16.11
C ALA D 207 -55.87 -17.31 -16.01
N GLN D 208 -55.10 -17.54 -17.07
CA GLN D 208 -54.11 -18.62 -17.09
C GLN D 208 -52.74 -18.15 -16.60
N HIS D 209 -52.33 -16.93 -16.95
CA HIS D 209 -50.97 -16.46 -16.69
C HIS D 209 -50.92 -15.16 -15.91
N GLY D 210 -52.06 -14.70 -15.38
CA GLY D 210 -52.15 -13.33 -14.87
C GLY D 210 -51.03 -12.96 -13.92
N SER D 211 -50.69 -13.84 -12.99
CA SER D 211 -49.71 -13.50 -11.97
C SER D 211 -48.27 -13.66 -12.44
N ASP D 212 -48.05 -14.12 -13.68
CA ASP D 212 -46.72 -14.15 -14.26
C ASP D 212 -46.51 -13.08 -15.33
N ILE D 213 -47.51 -12.25 -15.60
CA ILE D 213 -47.41 -11.21 -16.61
C ILE D 213 -46.83 -9.95 -15.95
N ALA D 214 -45.66 -9.53 -16.42
CA ALA D 214 -45.04 -8.32 -15.90
C ALA D 214 -45.67 -7.07 -16.47
N ALA D 215 -46.11 -7.12 -17.71
CA ALA D 215 -46.64 -5.93 -18.36
C ALA D 215 -47.54 -6.32 -19.52
N PHE D 216 -48.60 -5.57 -19.70
CA PHE D 216 -49.41 -5.55 -20.90
C PHE D 216 -49.10 -4.25 -21.61
N ILE D 217 -48.48 -4.34 -22.78
CA ILE D 217 -48.09 -3.17 -23.56
C ILE D 217 -48.97 -3.11 -24.78
N ALA D 218 -49.41 -1.90 -25.15
CA ALA D 218 -50.32 -1.74 -26.26
C ALA D 218 -50.15 -0.37 -26.88
N GLU D 219 -50.43 -0.31 -28.15
CA GLU D 219 -50.46 0.91 -28.94
C GLU D 219 -51.89 1.38 -29.07
N PRO D 220 -52.19 2.65 -28.82
CA PRO D 220 -53.56 3.12 -28.98
C PRO D 220 -53.96 3.23 -30.45
N VAL D 221 -55.27 3.23 -30.68
CA VAL D 221 -55.87 3.41 -32.01
C VAL D 221 -55.65 2.17 -32.86
N GLY D 222 -54.43 1.64 -32.86
CA GLY D 222 -54.14 0.41 -33.57
C GLY D 222 -52.67 0.35 -33.92
N SER D 223 -52.29 -0.78 -34.51
CA SER D 223 -50.91 -0.93 -34.97
C SER D 223 -50.62 0.16 -35.99
N HIS D 224 -49.47 0.81 -35.84
CA HIS D 224 -49.08 1.93 -36.69
C HIS D 224 -50.20 2.98 -36.73
N PHE D 225 -50.68 3.33 -35.54
CA PHE D 225 -51.64 4.42 -35.39
C PHE D 225 -52.94 4.12 -36.16
N GLY D 226 -53.33 2.85 -36.20
CA GLY D 226 -54.63 2.46 -36.68
C GLY D 226 -54.68 1.66 -37.97
N VAL D 227 -53.54 1.30 -38.56
CA VAL D 227 -53.57 0.47 -39.77
C VAL D 227 -54.37 -0.79 -39.51
N THR D 228 -54.19 -1.41 -38.34
CA THR D 228 -55.07 -2.46 -37.86
C THR D 228 -55.80 -1.94 -36.63
N PRO D 229 -57.02 -1.44 -36.76
CA PRO D 229 -57.65 -0.76 -35.62
C PRO D 229 -57.83 -1.67 -34.42
N VAL D 230 -57.70 -1.09 -33.23
CA VAL D 230 -58.02 -1.76 -31.98
C VAL D 230 -58.95 -0.84 -31.20
N SER D 231 -59.96 -1.42 -30.57
CA SER D 231 -61.02 -0.63 -29.97
C SER D 231 -60.59 -0.04 -28.62
N ASP D 232 -61.12 1.14 -28.32
CA ASP D 232 -60.80 1.78 -27.05
C ASP D 232 -61.27 0.93 -25.87
N SER D 233 -62.41 0.26 -26.00
CA SER D 233 -62.92 -0.56 -24.91
C SER D 233 -62.08 -1.80 -24.68
N PHE D 234 -61.46 -2.34 -25.74
CA PHE D 234 -60.53 -3.45 -25.58
C PHE D 234 -59.34 -3.04 -24.71
N LEU D 235 -58.80 -1.85 -24.94
CA LEU D 235 -57.66 -1.40 -24.15
C LEU D 235 -58.07 -1.08 -22.72
N ARG D 236 -59.27 -0.55 -22.53
CA ARG D 236 -59.74 -0.26 -21.17
C ARG D 236 -59.87 -1.53 -20.35
N GLU D 237 -60.37 -2.61 -20.96
CA GLU D 237 -60.48 -3.87 -20.23
C GLU D 237 -59.12 -4.49 -19.97
N GLY D 238 -58.21 -4.39 -20.95
CA GLY D 238 -56.86 -4.87 -20.72
C GLY D 238 -56.18 -4.15 -19.57
N ALA D 239 -56.36 -2.83 -19.50
CA ALA D 239 -55.73 -2.06 -18.44
C ALA D 239 -56.30 -2.43 -17.07
N GLU D 240 -57.62 -2.62 -17.00
CA GLU D 240 -58.23 -3.04 -15.74
C GLU D 240 -57.77 -4.44 -15.34
N LEU D 241 -57.68 -5.35 -16.32
CA LEU D 241 -57.17 -6.69 -16.03
C LEU D 241 -55.73 -6.63 -15.53
N ALA D 242 -54.88 -5.86 -16.22
CA ALA D 242 -53.51 -5.69 -15.78
C ALA D 242 -53.46 -5.18 -14.34
N ARG D 243 -54.28 -4.17 -14.02
CA ARG D 243 -54.30 -3.62 -12.66
C ARG D 243 -54.75 -4.68 -11.66
N GLN D 244 -55.77 -5.46 -12.01
CA GLN D 244 -56.29 -6.45 -11.07
C GLN D 244 -55.25 -7.51 -10.74
N TYR D 245 -54.50 -7.98 -11.73
CA TYR D 245 -53.58 -9.09 -11.54
C TYR D 245 -52.17 -8.65 -11.15
N GLY D 246 -51.88 -7.36 -11.18
CA GLY D 246 -50.57 -6.88 -10.79
C GLY D 246 -49.61 -6.69 -11.93
N ALA D 247 -50.07 -6.81 -13.17
CA ALA D 247 -49.26 -6.47 -14.32
C ALA D 247 -49.30 -4.97 -14.56
N LEU D 248 -48.18 -4.42 -15.01
CA LEU D 248 -48.16 -3.01 -15.39
C LEU D 248 -48.83 -2.85 -16.74
N PHE D 249 -49.58 -1.76 -16.91
CA PHE D 249 -50.13 -1.38 -18.19
C PHE D 249 -49.22 -0.32 -18.81
N ILE D 250 -48.65 -0.64 -19.97
CA ILE D 250 -47.75 0.24 -20.69
C ILE D 250 -48.48 0.71 -21.95
N LEU D 251 -48.70 2.01 -22.06
CA LEU D 251 -49.32 2.58 -23.25
C LEU D 251 -48.23 3.21 -24.11
N ASP D 252 -48.11 2.74 -25.35
CA ASP D 252 -47.10 3.22 -26.29
C ASP D 252 -47.69 4.41 -27.03
N GLU D 253 -47.45 5.60 -26.49
CA GLU D 253 -47.95 6.85 -27.06
C GLU D 253 -46.93 7.54 -27.94
N VAL D 254 -46.02 6.77 -28.56
CA VAL D 254 -44.97 7.39 -29.36
C VAL D 254 -45.57 8.20 -30.51
N ILE D 255 -46.62 7.67 -31.15
CA ILE D 255 -47.29 8.41 -32.23
C ILE D 255 -48.37 9.32 -31.69
N SER D 256 -49.19 8.84 -30.75
CA SER D 256 -50.34 9.60 -30.29
C SER D 256 -49.91 10.79 -29.42
N GLY D 257 -48.77 10.70 -28.75
CA GLY D 257 -48.31 11.78 -27.91
C GLY D 257 -48.21 13.12 -28.60
N PHE D 258 -48.93 14.11 -28.06
CA PHE D 258 -48.92 15.48 -28.58
C PHE D 258 -49.37 15.56 -30.04
N ARG D 259 -50.16 14.58 -30.46
CA ARG D 259 -50.81 14.61 -31.77
C ARG D 259 -52.32 14.50 -31.66
N VAL D 260 -52.83 13.53 -30.89
CA VAL D 260 -54.27 13.38 -30.74
C VAL D 260 -54.86 14.39 -29.76
N GLY D 261 -54.05 14.90 -28.85
CA GLY D 261 -54.53 15.83 -27.84
C GLY D 261 -53.37 16.30 -27.00
N ASN D 262 -53.64 17.30 -26.18
CA ASN D 262 -52.62 17.88 -25.33
C ASN D 262 -52.28 17.01 -24.12
N HIS D 263 -53.04 15.94 -23.89
CA HIS D 263 -52.87 15.11 -22.71
C HIS D 263 -52.80 13.63 -23.07
N GLY D 264 -52.42 13.33 -24.30
CA GLY D 264 -52.22 11.97 -24.74
C GLY D 264 -53.53 11.26 -25.04
N MET D 265 -53.39 10.10 -25.66
CA MET D 265 -54.56 9.25 -25.87
C MET D 265 -55.13 8.76 -24.55
N GLN D 266 -54.30 8.68 -23.51
CA GLN D 266 -54.77 8.14 -22.23
C GLN D 266 -55.86 9.01 -21.63
N ALA D 267 -55.81 10.33 -21.85
CA ALA D 267 -56.91 11.19 -21.40
C ALA D 267 -58.20 10.86 -22.15
N LEU D 268 -58.09 10.56 -23.45
CA LEU D 268 -59.27 10.22 -24.23
C LEU D 268 -59.76 8.81 -23.92
N LEU D 269 -58.86 7.92 -23.48
CA LEU D 269 -59.25 6.57 -23.08
C LEU D 269 -59.76 6.51 -21.65
N ASP D 270 -59.43 7.50 -20.83
CA ASP D 270 -59.72 7.48 -19.39
C ASP D 270 -59.02 6.30 -18.72
N VAL D 271 -57.74 6.16 -19.00
CA VAL D 271 -56.87 5.18 -18.36
C VAL D 271 -55.64 5.89 -17.84
N GLN D 272 -55.10 5.40 -16.72
CA GLN D 272 -53.87 5.91 -16.12
C GLN D 272 -52.81 4.82 -16.25
N PRO D 273 -52.04 4.79 -17.34
CA PRO D 273 -51.04 3.72 -17.48
C PRO D 273 -49.97 3.81 -16.40
N ASP D 274 -49.41 2.65 -16.06
CA ASP D 274 -48.30 2.61 -15.12
C ASP D 274 -47.03 3.13 -15.76
N LEU D 275 -46.90 3.02 -17.08
CA LEU D 275 -45.80 3.59 -17.83
C LEU D 275 -46.31 4.09 -19.17
N THR D 276 -45.76 5.21 -19.62
CA THR D 276 -46.09 5.78 -20.93
C THR D 276 -44.80 5.95 -21.72
N CYS D 277 -44.84 5.53 -22.99
CA CYS D 277 -43.71 5.69 -23.89
C CYS D 277 -44.00 6.85 -24.84
N LEU D 278 -43.06 7.78 -24.91
CA LEU D 278 -43.21 8.96 -25.76
C LEU D 278 -41.97 9.14 -26.62
N ALA D 279 -42.16 9.76 -27.78
CA ALA D 279 -41.08 10.17 -28.66
C ALA D 279 -41.68 10.98 -29.79
N ALA D 281 -43.20 13.44 -31.76
CA ALA D 281 -43.58 14.83 -31.51
C ALA D 281 -43.19 15.29 -30.10
N SER D 282 -43.24 14.36 -29.14
CA SER D 282 -42.83 14.68 -27.77
C SER D 282 -41.35 15.03 -27.67
N ALA D 283 -40.57 14.78 -28.73
CA ALA D 283 -39.16 15.13 -28.78
C ALA D 283 -38.87 16.24 -29.78
N GLY D 284 -39.91 16.93 -30.27
CA GLY D 284 -39.72 18.11 -31.09
C GLY D 284 -39.26 17.86 -32.50
N GLY D 285 -39.40 16.64 -33.00
CA GLY D 285 -38.90 16.32 -34.32
C GLY D 285 -37.41 16.10 -34.40
N LEU D 286 -36.76 15.75 -33.29
CA LEU D 286 -35.36 15.36 -33.24
C LEU D 286 -35.25 14.02 -32.54
N PRO D 287 -34.10 13.36 -32.64
CA PRO D 287 -33.94 12.05 -31.98
C PRO D 287 -34.14 12.15 -30.48
N GLY D 288 -34.85 11.17 -29.94
CA GLY D 288 -35.01 11.06 -28.49
C GLY D 288 -36.31 10.35 -28.16
N GLY D 289 -36.41 9.97 -26.88
CA GLY D 289 -37.61 9.35 -26.36
C GLY D 289 -37.77 9.70 -24.90
N ILE D 290 -38.90 9.27 -24.34
CA ILE D 290 -39.23 9.55 -22.94
C ILE D 290 -39.98 8.36 -22.38
N LEU D 291 -39.55 7.88 -21.22
CA LEU D 291 -40.31 6.90 -20.44
C LEU D 291 -40.73 7.54 -19.12
N GLY D 292 -42.03 7.60 -18.88
CA GLY D 292 -42.54 8.14 -17.63
C GLY D 292 -43.63 7.25 -17.08
N GLY D 293 -43.89 7.40 -15.78
CA GLY D 293 -44.95 6.62 -15.16
C GLY D 293 -45.00 6.79 -13.66
N ARG D 294 -45.54 5.75 -13.01
CA ARG D 294 -45.81 5.78 -11.58
C ARG D 294 -44.55 6.03 -10.77
N GLU D 295 -44.71 6.77 -9.67
CA GLU D 295 -43.58 7.08 -8.80
C GLU D 295 -42.89 5.82 -8.30
N ASP D 296 -43.67 4.83 -7.84
CA ASP D 296 -43.06 3.65 -7.26
C ASP D 296 -42.41 2.78 -8.33
N VAL D 297 -43.06 2.65 -9.48
CA VAL D 297 -42.47 1.87 -10.58
C VAL D 297 -41.15 2.47 -11.01
N MET D 298 -41.15 3.77 -11.34
CA MET D 298 -39.93 4.44 -11.75
C MET D 298 -38.87 4.42 -10.65
N GLY D 299 -39.22 4.01 -9.43
CA GLY D 299 -38.24 3.86 -8.39
C GLY D 299 -37.15 2.84 -8.67
N VAL D 300 -37.39 1.90 -9.61
CA VAL D 300 -36.36 0.92 -9.92
C VAL D 300 -35.20 1.52 -10.70
N LEU D 301 -35.32 2.78 -11.14
CA LEU D 301 -34.22 3.49 -11.79
C LEU D 301 -33.42 4.33 -10.82
N SER D 302 -33.79 4.36 -9.54
CA SER D 302 -33.04 5.07 -8.53
C SER D 302 -31.90 4.21 -7.99
N ARG D 303 -30.78 4.88 -7.68
CA ARG D 303 -29.60 4.19 -7.18
C ARG D 303 -29.90 3.41 -5.91
N GLY D 304 -30.88 3.84 -5.13
CA GLY D 304 -31.19 3.20 -3.87
C GLY D 304 -32.12 2.01 -3.93
N SER D 305 -32.43 1.50 -5.12
CA SER D 305 -33.44 0.46 -5.27
C SER D 305 -32.82 -0.92 -5.16
N ASP D 306 -33.53 -1.83 -4.49
CA ASP D 306 -33.13 -3.23 -4.45
C ASP D 306 -33.37 -3.94 -5.77
N ARG D 307 -34.09 -3.31 -6.70
CA ARG D 307 -34.38 -3.86 -8.02
C ARG D 307 -33.80 -2.95 -9.10
N LYS D 308 -32.65 -2.37 -8.82
CA LYS D 308 -32.10 -1.31 -9.67
C LYS D 308 -31.90 -1.78 -11.11
N VAL D 309 -32.48 -1.04 -12.05
CA VAL D 309 -32.28 -1.25 -13.48
C VAL D 309 -31.25 -0.23 -13.98
N LEU D 310 -30.23 -0.73 -14.67
CA LEU D 310 -29.20 0.15 -15.22
C LEU D 310 -29.73 0.91 -16.44
N HIS D 311 -29.54 2.23 -16.44
CA HIS D 311 -29.92 3.02 -17.61
C HIS D 311 -28.97 4.20 -17.77
N GLN D 312 -28.57 4.43 -19.01
CA GLN D 312 -27.60 5.46 -19.36
C GLN D 312 -27.87 5.92 -20.79
N GLY D 313 -26.92 6.66 -21.36
CA GLY D 313 -27.07 7.16 -22.72
C GLY D 313 -26.35 8.48 -22.92
N THR D 314 -25.36 8.49 -23.83
CA THR D 314 -24.49 9.65 -23.98
C THR D 314 -25.26 10.92 -24.32
N PHE D 315 -26.20 10.83 -25.26
CA PHE D 315 -26.92 12.01 -25.75
C PHE D 315 -28.38 12.01 -25.32
N THR D 316 -28.74 11.15 -24.38
CA THR D 316 -30.09 11.16 -23.84
C THR D 316 -30.37 12.49 -23.13
N GLY D 317 -31.50 13.11 -23.47
CA GLY D 317 -31.84 14.39 -22.88
C GLY D 317 -30.94 15.54 -23.27
N ASN D 318 -30.20 15.40 -24.37
CA ASN D 318 -29.29 16.46 -24.79
C ASN D 318 -30.05 17.76 -24.99
N PRO D 319 -29.37 18.91 -24.84
CA PRO D 319 -30.09 20.20 -24.91
C PRO D 319 -30.63 20.56 -26.29
N ILE D 320 -30.09 19.98 -27.37
CA ILE D 320 -30.61 20.28 -28.70
C ILE D 320 -31.99 19.68 -28.86
N THR D 321 -32.14 18.39 -28.54
CA THR D 321 -33.46 17.78 -28.56
C THR D 321 -34.41 18.45 -27.57
N ALA D 322 -33.92 18.72 -26.35
CA ALA D 322 -34.77 19.33 -25.34
C ALA D 322 -35.30 20.68 -25.80
N ALA D 323 -34.43 21.50 -26.39
CA ALA D 323 -34.87 22.80 -26.89
C ALA D 323 -35.95 22.65 -27.96
N ALA D 324 -35.77 21.68 -28.86
CA ALA D 324 -36.77 21.44 -29.89
C ALA D 324 -38.09 20.99 -29.27
N ALA D 325 -38.02 20.13 -28.25
CA ALA D 325 -39.23 19.62 -27.62
C ALA D 325 -39.97 20.70 -26.85
N ILE D 326 -39.22 21.57 -26.17
CA ILE D 326 -39.84 22.67 -25.44
C ILE D 326 -40.60 23.58 -26.39
N ALA D 327 -39.93 24.06 -27.43
CA ALA D 327 -40.58 24.92 -28.42
C ALA D 327 -41.76 24.21 -29.07
N ALA D 328 -41.56 22.96 -29.49
CA ALA D 328 -42.62 22.23 -30.18
C ALA D 328 -43.84 22.07 -29.30
N ILE D 329 -43.66 21.61 -28.06
CA ILE D 329 -44.77 21.38 -27.16
C ILE D 329 -45.51 22.69 -26.88
N ASP D 330 -44.77 23.77 -26.59
CA ASP D 330 -45.40 25.05 -26.31
C ASP D 330 -46.19 25.55 -27.51
N THR D 331 -45.69 25.30 -28.73
CA THR D 331 -46.41 25.72 -29.92
C THR D 331 -47.67 24.89 -30.13
N ILE D 332 -47.56 23.57 -29.99
CA ILE D 332 -48.72 22.70 -30.15
C ILE D 332 -49.84 23.14 -29.22
N LEU D 333 -49.50 23.48 -27.97
CA LEU D 333 -50.51 23.90 -27.01
C LEU D 333 -51.04 25.30 -27.33
N GLU D 334 -50.14 26.22 -27.65
CA GLU D 334 -50.52 27.63 -27.79
C GLU D 334 -51.34 27.88 -29.04
N ASP D 335 -51.11 27.11 -30.11
CA ASP D 335 -51.81 27.31 -31.37
C ASP D 335 -52.92 26.29 -31.59
N ASP D 336 -53.32 25.54 -30.57
CA ASP D 336 -54.46 24.63 -30.66
C ASP D 336 -54.28 23.64 -31.81
N VAL D 337 -53.06 23.14 -31.96
CA VAL D 337 -52.72 22.38 -33.16
C VAL D 337 -53.49 21.06 -33.20
N CYS D 338 -53.65 20.39 -32.06
CA CYS D 338 -54.24 19.06 -32.07
C CYS D 338 -55.69 19.11 -32.56
N ALA D 339 -56.46 20.08 -32.09
CA ALA D 339 -57.85 20.21 -32.54
C ALA D 339 -57.90 20.51 -34.04
N LYS D 340 -56.97 21.33 -34.53
CA LYS D 340 -56.95 21.66 -35.96
C LYS D 340 -56.68 20.41 -36.80
N ILE D 341 -55.61 19.67 -36.48
CA ILE D 341 -55.27 18.53 -37.33
C ILE D 341 -56.30 17.42 -37.18
N ASN D 342 -56.97 17.32 -36.02
CA ASN D 342 -58.05 16.36 -35.88
C ASN D 342 -59.24 16.71 -36.78
N ASP D 343 -59.64 17.98 -36.78
CA ASP D 343 -60.70 18.40 -37.69
C ASP D 343 -60.30 18.20 -39.15
N LEU D 344 -59.05 18.56 -39.49
CA LEU D 344 -58.57 18.33 -40.84
C LEU D 344 -58.58 16.86 -41.20
N GLY D 345 -58.32 15.98 -40.22
CA GLY D 345 -58.33 14.55 -40.50
C GLY D 345 -59.73 14.04 -40.81
N GLN D 346 -60.73 14.51 -40.08
CA GLN D 346 -62.11 14.13 -40.39
C GLN D 346 -62.51 14.61 -41.77
N PHE D 347 -62.10 15.83 -42.13
CA PHE D 347 -62.38 16.35 -43.46
C PHE D 347 -61.73 15.49 -44.54
N ALA D 348 -60.51 15.04 -44.32
CA ALA D 348 -59.80 14.25 -45.33
C ALA D 348 -60.45 12.88 -45.50
N ARG D 349 -60.85 12.24 -44.40
CA ARG D 349 -61.55 10.96 -44.50
C ARG D 349 -62.82 11.10 -45.31
N GLU D 350 -63.63 12.11 -44.99
CA GLU D 350 -64.90 12.30 -45.69
C GLU D 350 -64.69 12.65 -47.15
N ALA D 351 -63.69 13.48 -47.45
CA ALA D 351 -63.46 13.88 -48.82
C ALA D 351 -62.97 12.71 -49.67
N MET D 352 -62.12 11.85 -49.10
CA MET D 352 -61.61 10.69 -49.83
C MET D 352 -62.73 9.68 -50.10
N ASN D 353 -63.48 9.31 -49.07
CA ASN D 353 -64.56 8.35 -49.25
C ASN D 353 -65.64 8.87 -50.18
N HIS D 354 -65.81 10.19 -50.26
CA HIS D 354 -66.73 10.73 -51.25
C HIS D 354 -66.17 10.58 -52.65
N LEU D 355 -64.86 10.73 -52.81
CA LEU D 355 -64.22 10.46 -54.10
C LEU D 355 -64.46 9.02 -54.53
N PHE D 356 -64.25 8.07 -53.61
CA PHE D 356 -64.43 6.66 -53.95
C PHE D 356 -65.87 6.38 -54.35
N ALA D 357 -66.83 6.87 -53.58
CA ALA D 357 -68.24 6.71 -53.95
C ALA D 357 -68.52 7.39 -55.29
N ARG D 358 -68.06 8.63 -55.44
CA ARG D 358 -68.27 9.37 -56.67
C ARG D 358 -67.74 8.61 -57.89
N LYS D 359 -66.73 7.77 -57.70
CA LYS D 359 -66.14 6.99 -58.79
C LYS D 359 -66.61 5.55 -58.82
N GLY D 360 -67.52 5.16 -57.93
CA GLY D 360 -67.96 3.77 -57.88
C GLY D 360 -66.86 2.80 -57.52
N LEU D 361 -65.91 3.21 -56.68
CA LEU D 361 -64.78 2.39 -56.30
C LEU D 361 -65.01 1.79 -54.92
N ASN D 362 -64.67 0.51 -54.77
CA ASN D 362 -64.79 -0.17 -53.47
C ASN D 362 -63.50 -0.03 -52.66
N TRP D 363 -63.16 1.22 -52.36
CA TRP D 363 -62.06 1.55 -51.47
C TRP D 363 -62.60 2.30 -50.26
N LEU D 364 -61.88 2.19 -49.14
CA LEU D 364 -62.29 2.82 -47.89
C LEU D 364 -61.13 3.61 -47.30
N ALA D 365 -61.37 4.88 -47.00
CA ALA D 365 -60.50 5.65 -46.15
C ALA D 365 -61.01 5.54 -44.72
N TYR D 366 -60.17 5.02 -43.82
CA TYR D 366 -60.55 4.79 -42.43
C TYR D 366 -59.46 5.37 -41.53
N GLY D 367 -59.71 5.30 -40.22
CA GLY D 367 -58.77 5.81 -39.24
C GLY D 367 -59.39 6.89 -38.37
N ARG D 368 -58.54 7.48 -37.53
CA ARG D 368 -58.99 8.48 -36.57
C ARG D 368 -57.94 9.59 -36.47
N PHE D 369 -58.38 10.71 -35.90
CA PHE D 369 -57.51 11.84 -35.52
C PHE D 369 -56.88 12.41 -36.79
N SER D 370 -55.59 12.76 -36.76
CA SER D 370 -54.96 13.56 -37.81
C SER D 370 -54.36 12.72 -38.93
N GLY D 371 -55.09 11.71 -39.41
CA GLY D 371 -54.63 10.97 -40.57
C GLY D 371 -55.70 10.03 -41.07
N PHE D 372 -55.33 9.23 -42.07
CA PHE D 372 -56.21 8.16 -42.52
C PHE D 372 -55.38 7.07 -43.16
N HIS D 373 -56.04 5.95 -43.41
CA HIS D 373 -55.44 4.80 -44.08
C HIS D 373 -56.40 4.34 -45.17
N LEU D 374 -55.86 3.61 -46.14
CA LEU D 374 -56.63 3.15 -47.29
C LEU D 374 -56.74 1.62 -47.26
N MET D 375 -57.96 1.12 -47.48
CA MET D 375 -58.21 -0.32 -47.57
C MET D 375 -58.97 -0.61 -48.86
N PRO D 376 -58.25 -0.94 -49.92
CA PRO D 376 -58.93 -1.42 -51.14
C PRO D 376 -59.70 -2.70 -50.84
N GLY D 377 -60.96 -2.73 -51.26
CA GLY D 377 -61.81 -3.89 -51.07
C GLY D 377 -63.00 -3.67 -50.16
N LEU D 378 -63.10 -2.53 -49.49
CA LEU D 378 -64.25 -2.21 -48.67
C LEU D 378 -64.95 -0.95 -49.19
N PRO D 379 -66.28 -0.89 -49.13
CA PRO D 379 -66.97 0.29 -49.67
C PRO D 379 -66.71 1.51 -48.83
N PRO D 380 -66.74 2.71 -49.43
CA PRO D 380 -66.47 3.93 -48.66
C PRO D 380 -67.53 4.26 -47.62
N ASN D 381 -68.67 3.57 -47.62
CA ASN D 381 -69.69 3.77 -46.61
C ASN D 381 -69.51 2.86 -45.40
N THR D 382 -68.48 2.02 -45.41
CA THR D 382 -68.25 1.10 -44.29
C THR D 382 -68.18 1.86 -42.97
N THR D 383 -68.86 1.32 -41.95
CA THR D 383 -68.81 1.86 -40.60
C THR D 383 -67.93 1.03 -39.68
N ASP D 384 -68.11 -0.28 -39.68
CA ASP D 384 -67.34 -1.17 -38.80
C ASP D 384 -66.08 -1.63 -39.53
N THR D 385 -64.93 -1.39 -38.91
CA THR D 385 -63.64 -1.84 -39.43
C THR D 385 -63.22 -3.20 -38.87
N GLY D 386 -64.18 -3.99 -38.37
CA GLY D 386 -63.84 -5.28 -37.79
C GLY D 386 -63.19 -6.23 -38.77
N SER D 387 -63.59 -6.18 -40.04
CA SER D 387 -62.99 -7.06 -41.04
C SER D 387 -61.50 -6.76 -41.22
N ILE D 388 -61.09 -5.52 -41.03
CA ILE D 388 -59.66 -5.21 -41.05
C ILE D 388 -58.99 -5.73 -39.79
N THR D 389 -59.61 -5.51 -38.63
CA THR D 389 -59.00 -5.90 -37.36
C THR D 389 -58.81 -7.41 -37.30
N ARG D 390 -59.76 -8.18 -37.82
CA ARG D 390 -59.69 -9.63 -37.81
C ARG D 390 -58.93 -10.19 -39.00
N ALA D 391 -58.44 -9.34 -39.90
CA ALA D 391 -57.67 -9.78 -41.07
C ALA D 391 -58.52 -10.66 -41.98
N GLU D 392 -59.80 -10.31 -42.12
CA GLU D 392 -60.70 -11.00 -43.03
C GLU D 392 -60.74 -10.35 -44.41
N VAL D 393 -60.31 -9.11 -44.53
CA VAL D 393 -60.24 -8.43 -45.81
C VAL D 393 -58.94 -8.83 -46.50
N ALA D 394 -59.01 -9.12 -47.79
CA ALA D 394 -57.84 -9.53 -48.54
C ALA D 394 -56.88 -8.36 -48.68
N ARG D 395 -55.61 -8.59 -48.35
CA ARG D 395 -54.61 -7.55 -48.52
C ARG D 395 -54.46 -7.21 -49.99
N PRO D 396 -54.26 -5.94 -50.34
CA PRO D 396 -54.32 -5.54 -51.76
C PRO D 396 -53.08 -5.99 -52.54
N ASP D 397 -53.24 -5.95 -53.86
CA ASP D 397 -52.17 -6.32 -54.77
C ASP D 397 -50.95 -5.44 -54.56
N VAL D 398 -49.78 -6.06 -54.37
CA VAL D 398 -48.58 -5.30 -54.05
C VAL D 398 -48.16 -4.44 -55.24
N LYS D 399 -48.32 -4.96 -56.46
CA LYS D 399 -47.97 -4.16 -57.63
C LYS D 399 -48.87 -2.95 -57.77
N MET D 400 -50.14 -3.07 -57.37
CA MET D 400 -51.06 -1.94 -57.43
C MET D 400 -50.66 -0.86 -56.42
N ILE D 401 -50.32 -1.27 -55.20
CA ILE D 401 -49.98 -0.29 -54.16
C ILE D 401 -48.76 0.52 -54.58
N ALA D 402 -47.74 -0.14 -55.14
CA ALA D 402 -46.53 0.56 -55.55
C ALA D 402 -46.82 1.50 -56.72
N ALA D 403 -47.62 1.05 -57.69
CA ALA D 403 -47.97 1.93 -58.80
C ALA D 403 -48.78 3.13 -58.31
N MET D 404 -49.53 2.96 -57.23
CA MET D 404 -50.25 4.07 -56.63
C MET D 404 -49.28 5.10 -56.05
N ARG D 405 -48.27 4.63 -55.32
CA ARG D 405 -47.28 5.53 -54.76
C ARG D 405 -46.48 6.21 -55.86
N MET D 406 -46.15 5.49 -56.93
CA MET D 406 -45.40 6.07 -58.04
C MET D 406 -46.24 7.11 -58.77
N ALA D 407 -47.50 6.77 -59.08
CA ALA D 407 -48.35 7.71 -59.81
C ALA D 407 -48.63 8.96 -58.99
N LEU D 408 -48.79 8.82 -57.68
CA LEU D 408 -48.92 9.99 -56.82
C LEU D 408 -47.67 10.86 -56.93
N ILE D 409 -46.50 10.24 -56.94
CA ILE D 409 -45.25 10.99 -57.03
C ILE D 409 -45.17 11.72 -58.36
N LEU D 410 -45.62 11.07 -59.44
CA LEU D 410 -45.69 11.76 -60.73
C LEU D 410 -46.59 12.98 -60.66
N GLU D 411 -47.63 12.94 -59.84
CA GLU D 411 -48.58 14.04 -59.71
C GLU D 411 -48.13 15.08 -58.69
N GLY D 412 -46.96 14.92 -58.07
CA GLY D 412 -46.48 15.88 -57.10
C GLY D 412 -46.94 15.66 -55.69
N VAL D 413 -47.33 14.43 -55.32
CA VAL D 413 -47.77 14.13 -53.96
C VAL D 413 -47.05 12.88 -53.49
N ASP D 414 -46.76 12.84 -52.19
CA ASP D 414 -46.16 11.67 -51.56
C ASP D 414 -46.93 11.31 -50.30
N ILE D 415 -47.35 10.05 -50.20
CA ILE D 415 -47.98 9.53 -49.00
C ILE D 415 -47.13 8.39 -48.46
N GLY D 416 -47.55 7.78 -47.36
CA GLY D 416 -46.76 6.77 -46.69
C GLY D 416 -47.17 5.34 -47.02
N GLY D 417 -46.22 4.43 -46.80
CA GLY D 417 -46.46 3.00 -46.82
C GLY D 417 -47.40 2.50 -47.89
N ARG D 418 -48.51 1.89 -47.47
CA ARG D 418 -49.50 1.33 -48.37
C ARG D 418 -50.71 2.24 -48.55
N GLY D 419 -50.57 3.52 -48.23
CA GLY D 419 -51.66 4.46 -48.34
C GLY D 419 -52.06 5.05 -47.01
N SER D 420 -51.09 5.63 -46.31
CA SER D 420 -51.31 6.27 -45.03
C SER D 420 -50.91 7.73 -45.10
N VAL D 421 -51.65 8.57 -44.39
CA VAL D 421 -51.47 10.01 -44.41
C VAL D 421 -51.41 10.52 -42.99
N PHE D 422 -50.39 11.34 -42.70
CA PHE D 422 -50.35 12.14 -41.48
C PHE D 422 -50.52 13.61 -41.87
N LEU D 423 -51.21 14.36 -41.02
CA LEU D 423 -51.45 15.78 -41.23
C LEU D 423 -50.71 16.58 -40.17
N SER D 424 -50.14 17.71 -40.58
CA SER D 424 -49.41 18.60 -39.69
C SER D 424 -50.17 19.90 -39.49
N ALA D 425 -49.65 20.73 -38.59
CA ALA D 425 -50.27 22.02 -38.32
C ALA D 425 -50.24 22.95 -39.54
N GLN D 426 -49.37 22.68 -40.51
CA GLN D 426 -49.23 23.54 -41.67
C GLN D 426 -50.00 23.04 -42.88
N HIS D 427 -50.68 21.89 -42.77
CA HIS D 427 -51.62 21.48 -43.80
C HIS D 427 -52.92 22.27 -43.65
N GLU D 428 -53.62 22.43 -44.77
CA GLU D 428 -54.88 23.15 -44.81
C GLU D 428 -55.86 22.35 -45.65
N ARG D 429 -57.14 22.75 -45.61
CA ARG D 429 -58.14 22.07 -46.43
C ARG D 429 -57.76 22.13 -47.91
N GLU D 430 -57.13 23.23 -48.34
CA GLU D 430 -56.70 23.33 -49.73
C GLU D 430 -55.76 22.18 -50.11
N HIS D 431 -54.86 21.81 -49.19
CA HIS D 431 -53.92 20.73 -49.49
C HIS D 431 -54.65 19.39 -49.59
N VAL D 432 -55.61 19.14 -48.71
CA VAL D 432 -56.37 17.89 -48.78
C VAL D 432 -57.17 17.83 -50.07
N GLU D 433 -57.73 18.97 -50.50
CA GLU D 433 -58.49 19.00 -51.75
C GLU D 433 -57.59 18.63 -52.93
N HIS D 434 -56.35 19.12 -52.94
CA HIS D 434 -55.42 18.74 -54.01
C HIS D 434 -55.06 17.26 -53.92
N LEU D 435 -54.94 16.72 -52.71
CA LEU D 435 -54.70 15.29 -52.56
C LEU D 435 -55.85 14.48 -53.16
N VAL D 436 -57.09 14.91 -52.91
CA VAL D 436 -58.24 14.23 -53.49
C VAL D 436 -58.23 14.39 -55.01
N THR D 437 -58.04 15.63 -55.48
CA THR D 437 -57.93 15.88 -56.91
C THR D 437 -56.87 14.98 -57.55
N THR D 438 -55.70 14.89 -56.91
CA THR D 438 -54.63 14.07 -57.46
C THR D 438 -54.99 12.59 -57.44
N PHE D 439 -55.56 12.11 -56.34
CA PHE D 439 -56.01 10.72 -56.28
C PHE D 439 -57.01 10.42 -57.39
N ASP D 440 -57.87 11.39 -57.70
CA ASP D 440 -58.81 11.24 -58.81
C ASP D 440 -58.09 10.80 -60.08
N ARG D 441 -57.01 11.50 -60.43
CA ARG D 441 -56.27 11.16 -61.65
C ARG D 441 -55.53 9.84 -61.51
N VAL D 442 -54.91 9.61 -60.35
CA VAL D 442 -54.09 8.41 -60.18
C VAL D 442 -54.95 7.16 -60.32
N LEU D 443 -56.14 7.17 -59.70
CA LEU D 443 -57.04 6.03 -59.83
C LEU D 443 -57.35 5.74 -61.29
N ASP D 444 -57.50 6.78 -62.11
CA ASP D 444 -57.74 6.57 -63.53
C ASP D 444 -56.55 5.88 -64.19
N ARG D 445 -55.33 6.28 -63.84
CA ARG D 445 -54.15 5.64 -64.42
C ARG D 445 -54.08 4.17 -64.04
N LEU D 446 -54.34 3.85 -62.77
CA LEU D 446 -54.30 2.46 -62.35
C LEU D 446 -55.31 1.62 -63.12
N ALA D 447 -56.48 2.20 -63.42
CA ALA D 447 -57.45 1.52 -64.27
C ALA D 447 -56.91 1.36 -65.69
N ASP D 448 -56.41 2.45 -66.28
CA ASP D 448 -55.89 2.40 -67.65
C ASP D 448 -54.83 1.31 -67.81
N GLU D 449 -54.06 1.04 -66.76
CA GLU D 449 -53.08 -0.03 -66.79
C GLU D 449 -53.62 -1.34 -66.23
N ASN D 450 -54.92 -1.44 -66.01
CA ASN D 450 -55.56 -2.66 -65.53
C ASN D 450 -54.88 -3.17 -64.26
N LEU D 451 -55.06 -2.39 -63.18
CA LEU D 451 -54.51 -2.72 -61.88
C LEU D 451 -55.55 -2.74 -60.76
N LEU D 452 -56.78 -2.30 -61.02
CA LEU D 452 -57.83 -2.33 -60.00
C LEU D 452 -58.74 -3.54 -60.20
N GLY E 12 19.11 -42.43 -39.31
CA GLY E 12 18.48 -41.15 -38.89
C GLY E 12 17.42 -41.31 -37.81
N SER E 13 17.61 -42.32 -36.95
CA SER E 13 16.66 -42.63 -35.90
C SER E 13 16.93 -41.81 -34.65
N ILE E 14 16.03 -41.94 -33.67
CA ILE E 14 16.19 -41.21 -32.42
C ILE E 14 17.53 -41.55 -31.78
N LEU E 15 17.82 -42.84 -31.64
CA LEU E 15 19.05 -43.27 -30.98
C LEU E 15 20.28 -42.65 -31.63
N ASN E 16 20.37 -42.72 -32.95
CA ASN E 16 21.55 -42.20 -33.63
C ASN E 16 21.55 -40.67 -33.70
N ASP E 17 20.38 -40.03 -33.79
CA ASP E 17 20.34 -38.59 -33.71
C ASP E 17 20.73 -38.09 -32.33
N TYR E 18 20.32 -38.81 -31.29
CA TYR E 18 20.72 -38.46 -29.92
C TYR E 18 22.24 -38.56 -29.77
N LYS E 19 22.85 -39.63 -30.30
CA LYS E 19 24.29 -39.76 -30.24
C LYS E 19 25.01 -38.67 -31.01
N ARG E 20 24.43 -38.21 -32.12
CA ARG E 20 25.08 -37.16 -32.91
C ARG E 20 24.96 -35.81 -32.24
N LYS E 21 23.79 -35.49 -31.68
CA LYS E 21 23.61 -34.19 -31.03
C LYS E 21 24.42 -34.09 -29.74
N THR E 22 24.57 -35.20 -29.02
CA THR E 22 25.25 -35.20 -27.73
C THR E 22 26.63 -35.87 -27.80
N GLU E 23 27.32 -35.70 -28.93
CA GLU E 23 28.61 -36.36 -29.13
C GLU E 23 29.56 -36.06 -27.98
N GLY E 24 29.68 -34.80 -27.58
CA GLY E 24 30.55 -34.46 -26.47
C GLY E 24 30.21 -35.21 -25.21
N SER E 25 28.91 -35.43 -24.97
CA SER E 25 28.49 -36.16 -23.77
C SER E 25 28.91 -37.62 -23.83
N VAL E 26 28.91 -38.23 -25.02
CA VAL E 26 29.25 -39.65 -25.12
C VAL E 26 30.70 -39.86 -24.69
N PHE E 27 31.57 -38.89 -24.98
CA PHE E 27 32.98 -39.05 -24.63
C PHE E 27 33.27 -38.65 -23.19
N TRP E 28 32.45 -37.76 -22.61
CA TRP E 28 32.53 -37.56 -21.16
C TRP E 28 32.01 -38.78 -20.42
N ALA E 29 30.91 -39.37 -20.92
CA ALA E 29 30.39 -40.59 -20.31
C ALA E 29 31.42 -41.71 -20.34
N GLN E 30 32.26 -41.75 -21.38
CA GLN E 30 33.32 -42.76 -21.42
C GLN E 30 34.40 -42.46 -20.40
N ARG E 31 34.79 -41.20 -20.26
CA ARG E 31 35.72 -40.82 -19.19
C ARG E 31 35.13 -41.13 -17.82
N ALA E 32 33.82 -40.92 -17.65
CA ALA E 32 33.18 -41.22 -16.38
C ALA E 32 33.21 -42.72 -16.10
N ARG E 33 33.02 -43.55 -17.13
CA ARG E 33 32.99 -45.00 -16.94
C ARG E 33 34.35 -45.53 -16.46
N SER E 34 35.44 -44.85 -16.83
CA SER E 34 36.76 -45.30 -16.41
C SER E 34 36.97 -45.16 -14.91
N VAL E 35 36.20 -44.31 -14.23
CA VAL E 35 36.51 -43.94 -12.85
C VAL E 35 35.33 -44.15 -11.91
N MET E 36 34.13 -44.37 -12.45
CA MET E 36 32.95 -44.53 -11.62
C MET E 36 32.14 -45.73 -12.07
N PRO E 37 31.47 -46.42 -11.13
CA PRO E 37 30.57 -47.50 -11.52
C PRO E 37 29.47 -47.00 -12.43
N ASP E 38 29.32 -47.65 -13.59
CA ASP E 38 28.35 -47.29 -14.61
C ASP E 38 28.56 -45.89 -15.17
N GLY E 39 29.68 -45.25 -14.85
CA GLY E 39 29.96 -43.91 -15.33
C GLY E 39 29.17 -42.82 -14.67
N VAL E 40 28.52 -43.08 -13.54
CA VAL E 40 27.73 -42.08 -12.82
C VAL E 40 28.00 -42.23 -11.33
N THR E 41 27.57 -41.23 -10.57
CA THR E 41 27.72 -41.24 -9.12
C THR E 41 26.39 -41.39 -8.40
N ALA E 42 25.32 -41.71 -9.11
CA ALA E 42 24.00 -41.91 -8.51
C ALA E 42 23.17 -42.75 -9.47
N ASP E 43 22.48 -43.75 -8.93
CA ASP E 43 21.72 -44.67 -9.78
C ASP E 43 20.70 -43.94 -10.64
N THR E 44 20.23 -42.77 -10.19
CA THR E 44 19.23 -42.01 -10.94
C THR E 44 19.77 -41.43 -12.24
N ARG E 45 21.08 -41.37 -12.40
CA ARG E 45 21.69 -40.82 -13.61
C ARG E 45 22.09 -41.89 -14.62
N VAL E 46 21.81 -43.16 -14.34
CA VAL E 46 22.09 -44.23 -15.28
C VAL E 46 21.12 -44.15 -16.45
N PHE E 47 21.67 -44.09 -17.67
CA PHE E 47 20.83 -43.93 -18.86
C PHE E 47 21.57 -44.52 -20.05
N ASP E 48 21.00 -45.55 -20.67
CA ASP E 48 21.58 -46.15 -21.86
C ASP E 48 21.13 -45.37 -23.10
N PRO E 49 22.03 -45.08 -24.05
CA PRO E 49 23.45 -45.45 -24.09
C PRO E 49 24.33 -44.54 -23.21
N HIS E 50 23.84 -43.34 -22.92
CA HIS E 50 24.60 -42.37 -22.15
C HIS E 50 23.68 -41.21 -21.80
N GLY E 51 24.04 -40.50 -20.72
CA GLY E 51 23.30 -39.33 -20.30
C GLY E 51 23.94 -38.04 -20.78
N LEU E 52 23.21 -36.95 -20.56
CA LEU E 52 23.74 -35.62 -20.86
C LEU E 52 24.80 -35.22 -19.84
N PHE E 53 25.79 -34.48 -20.30
CA PHE E 53 26.74 -33.79 -19.43
C PHE E 53 26.45 -32.29 -19.54
N ILE E 54 25.93 -31.72 -18.47
CA ILE E 54 25.48 -30.34 -18.44
C ILE E 54 26.60 -29.47 -17.90
N SER E 55 26.80 -28.30 -18.53
CA SER E 55 27.84 -27.38 -18.12
C SER E 55 27.32 -26.04 -17.61
N ASP E 56 26.05 -25.72 -17.85
CA ASP E 56 25.49 -24.45 -17.42
C ASP E 56 23.99 -24.59 -17.24
N ALA E 57 23.43 -23.76 -16.37
CA ALA E 57 22.00 -23.75 -16.13
C ALA E 57 21.61 -22.42 -15.50
N GLN E 58 20.51 -21.85 -15.99
CA GLN E 58 20.03 -20.55 -15.50
C GLN E 58 18.53 -20.48 -15.75
N GLY E 59 17.78 -20.07 -14.73
CA GLY E 59 16.34 -19.96 -14.87
C GLY E 59 15.66 -21.30 -15.00
N VAL E 60 15.07 -21.57 -16.16
CA VAL E 60 14.48 -22.85 -16.47
C VAL E 60 15.20 -23.56 -17.60
N HIS E 61 16.41 -23.10 -17.95
CA HIS E 61 17.16 -23.66 -19.06
C HIS E 61 18.53 -24.16 -18.59
N LYS E 62 19.05 -25.16 -19.30
CA LYS E 62 20.36 -25.70 -19.03
C LYS E 62 21.05 -26.03 -20.34
N THR E 63 22.38 -25.98 -20.33
CA THR E 63 23.18 -26.15 -21.53
C THR E 63 24.17 -27.28 -21.33
N ASP E 64 24.33 -28.11 -22.37
CA ASP E 64 25.24 -29.24 -22.29
C ASP E 64 26.61 -28.85 -22.83
N VAL E 65 27.54 -29.81 -22.80
CA VAL E 65 28.91 -29.54 -23.20
C VAL E 65 29.02 -29.27 -24.71
N ASP E 66 28.04 -29.69 -25.49
CA ASP E 66 28.01 -29.42 -26.92
C ASP E 66 27.36 -28.09 -27.25
N GLY E 67 26.92 -27.33 -26.24
CA GLY E 67 26.27 -26.06 -26.46
C GLY E 67 24.77 -26.11 -26.66
N ASN E 68 24.17 -27.30 -26.64
CA ASN E 68 22.73 -27.41 -26.82
C ASN E 68 22.00 -26.89 -25.59
N VAL E 69 20.89 -26.22 -25.83
CA VAL E 69 20.08 -25.61 -24.78
C VAL E 69 18.82 -26.45 -24.58
N TYR E 70 18.38 -26.58 -23.34
CA TYR E 70 17.22 -27.39 -23.01
C TYR E 70 16.33 -26.69 -22.01
N LEU E 71 15.04 -26.67 -22.29
CA LEU E 71 14.04 -26.28 -21.30
C LEU E 71 13.94 -27.39 -20.27
N ASP E 72 14.28 -27.09 -19.02
CA ASP E 72 14.43 -28.09 -17.98
C ASP E 72 13.16 -28.20 -17.15
N PHE E 73 12.76 -29.44 -16.84
CA PHE E 73 11.59 -29.69 -16.02
C PHE E 73 11.88 -30.66 -14.87
N PHE E 74 13.14 -30.92 -14.55
CA PHE E 74 13.43 -31.89 -13.49
C PHE E 74 14.74 -31.62 -12.76
N GLY E 75 15.58 -30.75 -13.29
CA GLY E 75 16.79 -30.35 -12.59
C GLY E 75 16.52 -30.01 -11.14
N GLY E 76 17.26 -30.62 -10.22
CA GLY E 76 17.09 -30.42 -8.80
C GLY E 76 16.30 -31.50 -8.09
N HIS E 77 15.66 -32.40 -8.84
CA HIS E 77 14.84 -33.47 -8.26
C HIS E 77 13.76 -32.92 -7.33
N GLY E 78 13.35 -31.67 -7.54
CA GLY E 78 12.39 -31.00 -6.70
C GLY E 78 13.00 -29.95 -5.79
N ALA E 79 14.30 -30.02 -5.52
CA ALA E 79 14.94 -29.07 -4.62
C ALA E 79 14.89 -27.65 -5.18
N LEU E 80 14.90 -27.50 -6.50
CA LEU E 80 14.95 -26.18 -7.12
C LEU E 80 13.54 -25.64 -7.36
N VAL E 81 12.82 -25.45 -6.24
CA VAL E 81 11.52 -24.81 -6.27
C VAL E 81 11.60 -23.44 -6.93
N LEU E 82 12.74 -22.77 -6.82
CA LEU E 82 12.93 -21.43 -7.35
C LEU E 82 13.68 -21.43 -8.67
N GLY E 83 13.97 -22.60 -9.24
CA GLY E 83 14.69 -22.68 -10.49
C GLY E 83 16.19 -22.50 -10.31
N HIS E 84 16.90 -22.60 -11.43
CA HIS E 84 18.36 -22.49 -11.40
C HIS E 84 18.79 -21.05 -11.18
N GLY E 85 19.73 -20.86 -10.26
CA GLY E 85 20.34 -19.56 -10.04
C GLY E 85 19.36 -18.42 -9.81
N HIS E 86 18.44 -18.60 -8.88
CA HIS E 86 17.54 -17.51 -8.51
C HIS E 86 18.37 -16.36 -7.94
N PRO E 87 18.16 -15.12 -8.40
CA PRO E 87 19.07 -14.03 -7.99
C PRO E 87 19.13 -13.83 -6.49
N ARG E 88 18.00 -13.94 -5.78
CA ARG E 88 18.01 -13.78 -4.34
C ARG E 88 18.83 -14.87 -3.65
N VAL E 89 18.71 -16.11 -4.12
CA VAL E 89 19.42 -17.22 -3.49
C VAL E 89 20.91 -17.13 -3.79
N ASN E 90 21.27 -16.92 -5.06
CA ASN E 90 22.67 -16.83 -5.42
C ASN E 90 23.33 -15.61 -4.79
N ALA E 91 22.59 -14.51 -4.62
CA ALA E 91 23.15 -13.35 -3.93
C ALA E 91 23.50 -13.70 -2.50
N ALA E 92 22.61 -14.41 -1.80
CA ALA E 92 22.87 -14.79 -0.42
C ALA E 92 24.06 -15.75 -0.32
N ILE E 93 24.21 -16.63 -1.30
CA ILE E 93 25.32 -17.59 -1.24
C ILE E 93 26.64 -16.88 -1.46
N ALA E 94 26.69 -15.92 -2.39
CA ALA E 94 27.92 -15.17 -2.62
C ALA E 94 28.33 -14.39 -1.38
N GLU E 95 27.37 -13.72 -0.74
CA GLU E 95 27.68 -12.95 0.46
C GLU E 95 28.26 -13.85 1.54
N ALA E 96 27.56 -14.95 1.87
CA ALA E 96 28.02 -15.81 2.94
C ALA E 96 29.35 -16.50 2.60
N LEU E 97 29.60 -16.76 1.32
CA LEU E 97 30.84 -17.42 0.92
C LEU E 97 32.06 -16.59 1.31
N SER E 98 31.98 -15.27 1.14
CA SER E 98 33.10 -14.40 1.50
C SER E 98 33.36 -14.35 3.00
N HIS E 99 32.54 -15.01 3.82
CA HIS E 99 32.65 -14.92 5.26
C HIS E 99 32.92 -16.27 5.92
N GLY E 100 33.33 -17.27 5.15
CA GLY E 100 33.77 -18.55 5.70
C GLY E 100 32.75 -19.64 5.51
N VAL E 101 33.18 -20.87 5.83
CA VAL E 101 32.38 -22.07 5.59
C VAL E 101 32.40 -23.02 6.79
N GLN E 102 33.49 -23.02 7.55
CA GLN E 102 33.62 -23.92 8.70
C GLN E 102 34.40 -23.20 9.79
N TYR E 103 33.71 -22.90 10.89
CA TYR E 103 34.26 -22.09 11.97
C TYR E 103 34.71 -22.90 13.17
N ALA E 104 34.52 -24.22 13.15
CA ALA E 104 34.69 -25.03 14.36
C ALA E 104 33.89 -24.44 15.52
N ALA E 105 32.69 -23.94 15.19
CA ALA E 105 31.85 -23.25 16.16
C ALA E 105 30.52 -22.92 15.51
N SER E 106 29.57 -22.51 16.35
CA SER E 106 28.25 -22.14 15.88
C SER E 106 28.30 -20.80 15.14
N HIS E 107 27.21 -20.47 14.45
CA HIS E 107 27.10 -19.21 13.72
C HIS E 107 25.64 -18.81 13.65
N PRO E 108 25.36 -17.51 13.53
CA PRO E 108 23.95 -17.07 13.64
C PRO E 108 23.06 -17.53 12.50
N LEU E 109 23.62 -17.74 11.29
CA LEU E 109 22.78 -18.10 10.16
C LEU E 109 22.06 -19.43 10.36
N GLU E 110 22.69 -20.38 11.06
CA GLU E 110 22.01 -21.65 11.31
C GLU E 110 20.88 -21.47 12.32
N VAL E 111 21.05 -20.56 13.27
CA VAL E 111 19.97 -20.23 14.20
C VAL E 111 18.80 -19.61 13.43
N ARG E 112 19.09 -18.66 12.55
CA ARG E 112 18.02 -18.00 11.78
C ARG E 112 17.35 -18.99 10.84
N TRP E 113 18.12 -19.90 10.24
CA TRP E 113 17.52 -20.94 9.41
C TRP E 113 16.58 -21.79 10.24
N ALA E 114 17.04 -22.26 11.40
CA ALA E 114 16.20 -23.11 12.24
C ALA E 114 14.92 -22.41 12.65
N GLU E 115 15.00 -21.12 13.00
CA GLU E 115 13.81 -20.40 13.44
C GLU E 115 12.74 -20.36 12.35
N ARG E 116 13.15 -20.25 11.09
CA ARG E 116 12.17 -20.25 10.00
C ARG E 116 11.51 -21.62 9.86
N ILE E 117 12.26 -22.69 10.08
CA ILE E 117 11.68 -24.03 10.04
C ILE E 117 10.63 -24.17 11.14
N VAL E 118 10.97 -23.72 12.36
CA VAL E 118 10.06 -23.85 13.49
C VAL E 118 8.80 -23.02 13.27
N ALA E 119 8.91 -21.90 12.55
CA ALA E 119 7.73 -21.06 12.30
C ALA E 119 6.82 -21.68 11.25
N ALA E 120 7.38 -22.45 10.31
CA ALA E 120 6.57 -23.07 9.27
C ALA E 120 5.92 -24.36 9.74
N PHE E 121 6.60 -25.11 10.63
CA PHE E 121 6.12 -26.41 11.09
C PHE E 121 5.92 -26.35 12.59
N PRO E 122 4.71 -26.02 13.05
CA PRO E 122 4.47 -25.99 14.51
C PRO E 122 4.78 -27.31 15.19
N SER E 123 4.72 -28.43 14.46
CA SER E 123 5.06 -29.72 15.03
C SER E 123 6.55 -29.85 15.34
N ILE E 124 7.38 -28.98 14.76
CA ILE E 124 8.81 -29.01 14.99
C ILE E 124 9.13 -28.03 16.13
N ARG E 125 9.47 -28.58 17.29
CA ARG E 125 9.86 -27.75 18.43
C ARG E 125 11.36 -27.77 18.67
N LYS E 126 12.03 -28.86 18.31
CA LYS E 126 13.49 -28.92 18.27
C LYS E 126 13.90 -29.56 16.96
N LEU E 127 15.09 -29.20 16.48
CA LEU E 127 15.56 -29.74 15.22
C LEU E 127 17.08 -29.86 15.25
N ARG E 128 17.59 -30.68 14.33
CA ARG E 128 19.01 -30.78 14.07
C ARG E 128 19.21 -30.84 12.57
N PHE E 129 20.19 -30.07 12.08
CA PHE E 129 20.54 -30.16 10.67
C PHE E 129 21.36 -31.41 10.42
N THR E 130 21.36 -31.85 9.15
CA THR E 130 22.11 -33.03 8.75
C THR E 130 22.76 -32.73 7.40
N GLY E 131 23.49 -33.73 6.88
CA GLY E 131 24.20 -33.56 5.63
C GLY E 131 23.37 -33.77 4.39
N SER E 132 22.22 -34.43 4.51
CA SER E 132 21.45 -34.79 3.32
C SER E 132 20.12 -35.39 3.76
N GLY E 133 19.26 -35.63 2.78
CA GLY E 133 17.99 -36.30 3.06
C GLY E 133 18.18 -37.72 3.56
N THR E 134 19.16 -38.43 3.02
CA THR E 134 19.44 -39.79 3.47
C THR E 134 19.89 -39.80 4.92
N GLU E 135 20.70 -38.81 5.32
CA GLU E 135 21.11 -38.72 6.71
C GLU E 135 19.92 -38.40 7.62
N THR E 136 18.98 -37.59 7.14
CA THR E 136 17.84 -37.21 7.97
C THR E 136 17.00 -38.43 8.35
N THR E 137 16.62 -39.24 7.36
CA THR E 137 15.79 -40.40 7.64
C THR E 137 16.55 -41.42 8.48
N LEU E 138 17.86 -41.58 8.24
CA LEU E 138 18.66 -42.46 9.07
C LEU E 138 18.63 -42.00 10.53
N LEU E 139 18.93 -40.72 10.77
CA LEU E 139 18.86 -40.18 12.13
C LEU E 139 17.45 -40.30 12.69
N ALA E 140 16.43 -40.13 11.85
CA ALA E 140 15.06 -40.24 12.32
C ALA E 140 14.77 -41.64 12.86
N LEU E 141 15.24 -42.67 12.16
CA LEU E 141 15.03 -44.04 12.63
C LEU E 141 15.79 -44.30 13.92
N ARG E 142 17.08 -43.91 13.97
CA ARG E 142 17.85 -44.06 15.19
C ARG E 142 17.14 -43.40 16.37
N VAL E 143 16.74 -42.14 16.20
CA VAL E 143 16.08 -41.41 17.27
C VAL E 143 14.79 -42.13 17.68
N ALA E 144 14.05 -42.66 16.71
CA ALA E 144 12.80 -43.35 17.01
C ALA E 144 13.06 -44.60 17.85
N ARG E 145 14.12 -45.35 17.51
CA ARG E 145 14.43 -46.55 18.30
C ARG E 145 14.94 -46.18 19.68
N ALA E 146 15.83 -45.20 19.78
CA ALA E 146 16.39 -44.82 21.06
C ALA E 146 15.30 -44.33 22.02
N PHE E 147 14.33 -43.58 21.50
CA PHE E 147 13.29 -43.02 22.35
C PHE E 147 12.30 -44.08 22.81
N THR E 148 11.83 -44.93 21.89
CA THR E 148 10.81 -45.92 22.22
C THR E 148 11.39 -47.20 22.79
N GLY E 149 12.65 -47.51 22.50
CA GLY E 149 13.23 -48.78 22.90
C GLY E 149 12.81 -49.95 22.06
N ARG E 150 12.14 -49.72 20.94
CA ARG E 150 11.63 -50.80 20.09
C ARG E 150 12.52 -50.99 18.87
N ARG E 151 12.40 -52.16 18.26
CA ARG E 151 13.29 -52.58 17.17
C ARG E 151 12.72 -52.36 15.78
N MET E 152 11.41 -52.48 15.61
CA MET E 152 10.85 -52.62 14.27
C MET E 152 10.49 -51.27 13.66
N ILE E 153 10.59 -51.20 12.33
CA ILE E 153 10.21 -50.04 11.55
C ILE E 153 9.15 -50.46 10.54
N LEU E 154 8.09 -49.67 10.44
CA LEU E 154 7.03 -49.91 9.46
C LEU E 154 7.19 -48.93 8.30
N ARG E 155 7.42 -49.47 7.11
CA ARG E 155 7.54 -48.68 5.89
C ARG E 155 6.52 -49.13 4.87
N ILE E 156 6.15 -48.21 3.99
CA ILE E 156 5.31 -48.51 2.85
C ILE E 156 6.19 -48.96 1.69
N ALA E 157 5.88 -50.12 1.12
CA ALA E 157 6.68 -50.64 0.02
C ALA E 157 6.67 -49.66 -1.15
N THR E 158 7.83 -49.50 -1.79
CA THR E 158 8.04 -48.61 -2.93
C THR E 158 8.45 -47.21 -2.48
N HIS E 159 8.07 -46.81 -1.27
CA HIS E 159 8.40 -45.47 -0.79
C HIS E 159 9.91 -45.31 -0.62
N TYR E 160 10.41 -44.13 -1.00
CA TYR E 160 11.84 -43.86 -1.01
C TYR E 160 12.19 -42.92 0.13
N HIS E 161 13.06 -43.38 1.03
CA HIS E 161 13.51 -42.57 2.16
C HIS E 161 15.03 -42.40 2.16
N GLY E 162 15.69 -42.71 1.06
CA GLY E 162 17.14 -42.72 0.99
C GLY E 162 17.67 -44.12 0.71
N TRP E 163 19.00 -44.20 0.63
CA TRP E 163 19.68 -45.42 0.23
C TRP E 163 20.36 -46.13 1.40
N HIS E 164 20.20 -45.64 2.63
CA HIS E 164 20.85 -46.28 3.76
C HIS E 164 20.26 -47.67 4.00
N ASP E 165 20.86 -48.39 4.94
CA ASP E 165 20.59 -49.81 5.09
C ASP E 165 19.17 -50.11 5.53
N PHE E 166 18.44 -49.13 6.07
CA PHE E 166 17.15 -49.37 6.68
C PHE E 166 15.98 -49.02 5.77
N SER E 167 16.24 -48.58 4.53
CA SER E 167 15.17 -48.33 3.58
C SER E 167 15.51 -48.81 2.18
N ALA E 168 16.56 -49.61 2.01
CA ALA E 168 16.91 -50.16 0.71
C ALA E 168 16.20 -51.46 0.41
N SER E 169 15.70 -52.16 1.43
CA SER E 169 14.98 -53.41 1.24
C SER E 169 13.48 -53.11 1.17
N GLY E 170 12.87 -53.40 0.03
CA GLY E 170 11.46 -53.16 -0.19
C GLY E 170 11.13 -51.86 -0.90
N TYR E 171 12.12 -51.20 -1.48
CA TYR E 171 11.90 -49.96 -2.23
C TYR E 171 11.65 -50.23 -3.71
N ASN E 172 12.56 -50.96 -4.37
CA ASN E 172 12.34 -51.41 -5.74
C ASN E 172 12.72 -52.88 -5.90
N SER E 173 12.72 -53.64 -4.81
CA SER E 173 13.08 -55.05 -4.84
C SER E 173 12.80 -55.65 -3.47
N HIS E 174 12.80 -56.98 -3.42
CA HIS E 174 12.63 -57.71 -2.15
C HIS E 174 11.31 -57.35 -1.48
N PHE E 175 10.24 -57.36 -2.26
CA PHE E 175 8.90 -57.11 -1.73
C PHE E 175 8.44 -58.28 -0.86
N PRO E 179 15.86 -59.19 2.68
CA PRO E 179 17.00 -58.29 2.83
C PRO E 179 17.76 -58.08 1.53
N ALA E 180 18.10 -56.83 1.22
CA ALA E 180 18.85 -56.50 0.03
C ALA E 180 20.32 -56.88 0.24
N PRO E 181 21.11 -56.94 -0.84
CA PRO E 181 22.53 -57.25 -0.70
C PRO E 181 23.22 -56.25 0.22
N GLY E 182 24.06 -56.77 1.12
CA GLY E 182 24.75 -55.94 2.09
C GLY E 182 23.92 -55.49 3.27
N VAL E 183 22.61 -55.69 3.22
CA VAL E 183 21.73 -55.34 4.33
C VAL E 183 21.66 -56.52 5.28
N LEU E 184 22.06 -56.31 6.53
CA LEU E 184 22.02 -57.37 7.52
C LEU E 184 20.62 -57.98 7.56
N PRO E 185 20.50 -59.31 7.44
CA PRO E 185 19.16 -59.92 7.55
C PRO E 185 18.47 -59.55 8.85
N GLU E 186 19.27 -59.20 9.86
CA GLU E 186 18.71 -58.73 11.11
C GLU E 186 18.07 -57.35 10.97
N ILE E 187 18.42 -56.59 9.93
CA ILE E 187 17.74 -55.34 9.65
C ILE E 187 16.42 -55.58 8.94
N ALA E 188 16.47 -56.39 7.86
CA ALA E 188 15.23 -56.72 7.16
C ALA E 188 14.26 -57.45 8.07
N LYS E 189 14.77 -58.29 8.97
CA LYS E 189 13.92 -58.95 9.95
C LYS E 189 13.27 -57.94 10.89
N ASN E 190 13.85 -56.75 11.04
CA ASN E 190 13.28 -55.69 11.85
C ASN E 190 12.55 -54.64 11.02
N THR E 191 12.29 -54.92 9.74
CA THR E 191 11.54 -54.03 8.86
C THR E 191 10.21 -54.67 8.50
N LEU E 192 9.14 -53.90 8.61
CA LEU E 192 7.81 -54.33 8.19
C LEU E 192 7.39 -53.52 6.98
N LEU E 193 6.85 -54.20 5.97
CA LEU E 193 6.40 -53.57 4.74
C LEU E 193 4.90 -53.76 4.58
N ILE E 194 4.22 -52.68 4.21
CA ILE E 194 2.81 -52.72 3.82
C ILE E 194 2.66 -52.06 2.45
N ARG E 195 1.72 -52.57 1.66
CA ARG E 195 1.46 -51.98 0.36
C ARG E 195 0.68 -50.67 0.53
N PRO E 196 0.88 -49.72 -0.38
CA PRO E 196 0.20 -48.43 -0.23
C PRO E 196 -1.31 -48.55 -0.38
N ASP E 197 -2.02 -47.87 0.52
CA ASP E 197 -3.48 -47.82 0.57
C ASP E 197 -4.11 -49.13 1.02
N ASP E 198 -3.33 -50.07 1.54
CA ASP E 198 -3.85 -51.34 2.05
C ASP E 198 -4.17 -51.15 3.53
N ILE E 199 -5.35 -50.60 3.80
CA ILE E 199 -5.72 -50.25 5.17
C ILE E 199 -5.90 -51.52 6.00
N GLU E 200 -6.61 -52.51 5.46
CA GLU E 200 -6.77 -53.77 6.19
C GLU E 200 -5.43 -54.42 6.47
N GLY E 201 -4.45 -54.25 5.58
CA GLY E 201 -3.13 -54.80 5.82
C GLY E 201 -2.37 -54.02 6.89
N MET E 202 -2.57 -52.71 6.96
CA MET E 202 -1.89 -51.90 7.96
C MET E 202 -2.47 -52.15 9.35
N ARG E 203 -3.80 -52.10 9.48
CA ARG E 203 -4.42 -52.41 10.77
C ARG E 203 -4.07 -53.82 11.21
N GLU E 204 -3.79 -54.72 10.27
CA GLU E 204 -3.41 -56.09 10.62
C GLU E 204 -1.98 -56.17 11.13
N VAL E 205 -1.10 -55.28 10.69
CA VAL E 205 0.29 -55.32 11.12
C VAL E 205 0.44 -54.73 12.52
N PHE E 206 -0.26 -53.63 12.80
CA PHE E 206 -0.19 -53.05 14.14
C PHE E 206 -0.75 -53.99 15.19
N ALA E 207 -1.76 -54.80 14.84
CA ALA E 207 -2.30 -55.76 15.78
C ALA E 207 -1.37 -56.95 15.98
N GLN E 208 -0.45 -57.20 15.05
CA GLN E 208 0.50 -58.31 15.16
C GLN E 208 1.85 -57.88 15.74
N HIS E 209 2.26 -56.64 15.53
CA HIS E 209 3.57 -56.18 16.00
C HIS E 209 3.56 -54.78 16.61
N GLY E 210 2.41 -54.10 16.66
CA GLY E 210 2.34 -52.73 17.13
C GLY E 210 3.17 -52.45 18.36
N SER E 211 3.20 -53.39 19.29
CA SER E 211 3.99 -53.23 20.50
C SER E 211 5.48 -53.14 20.22
N ASP E 212 5.93 -53.60 19.04
CA ASP E 212 7.34 -53.65 18.70
C ASP E 212 7.73 -52.64 17.62
N ILE E 213 6.82 -51.77 17.21
CA ILE E 213 7.07 -50.81 16.13
C ILE E 213 7.54 -49.50 16.76
N ALA E 214 8.81 -49.17 16.54
CA ALA E 214 9.33 -47.89 17.01
C ALA E 214 8.76 -46.73 16.21
N ALA E 215 8.66 -46.88 14.89
CA ALA E 215 8.23 -45.78 14.05
C ALA E 215 7.53 -46.31 12.80
N PHE E 216 6.53 -45.55 12.36
CA PHE E 216 5.91 -45.72 11.06
C PHE E 216 6.31 -44.52 10.22
N ILE E 217 7.13 -44.75 9.19
CA ILE E 217 7.66 -43.70 8.33
C ILE E 217 6.97 -43.81 6.98
N ALA E 218 6.62 -42.66 6.40
CA ALA E 218 5.92 -42.66 5.12
C ALA E 218 6.23 -41.36 4.38
N GLU E 219 6.10 -41.44 3.07
CA GLU E 219 6.26 -40.29 2.17
C GLU E 219 4.89 -39.79 1.75
N PRO E 220 4.61 -38.51 1.83
CA PRO E 220 3.30 -38.01 1.41
C PRO E 220 3.15 -38.03 -0.10
N VAL E 221 1.89 -38.00 -0.54
CA VAL E 221 1.54 -38.00 -1.97
C VAL E 221 1.79 -39.38 -2.55
N GLY E 222 3.00 -39.90 -2.39
CA GLY E 222 3.31 -41.24 -2.82
C GLY E 222 4.80 -41.42 -3.01
N SER E 223 5.15 -42.62 -3.45
CA SER E 223 6.54 -42.94 -3.75
C SER E 223 7.10 -41.96 -4.79
N HIS E 224 8.21 -41.31 -4.45
CA HIS E 224 8.84 -40.32 -5.33
C HIS E 224 7.84 -39.22 -5.69
N PHE E 225 7.14 -38.73 -4.69
CA PHE E 225 6.20 -37.62 -4.86
C PHE E 225 5.04 -38.01 -5.76
N GLY E 226 4.59 -39.26 -5.64
CA GLY E 226 3.34 -39.69 -6.25
C GLY E 226 3.47 -40.60 -7.45
N VAL E 227 4.67 -41.03 -7.83
CA VAL E 227 4.80 -42.00 -8.92
C VAL E 227 3.94 -43.22 -8.62
N THR E 228 3.95 -43.68 -7.37
CA THR E 228 2.97 -44.63 -6.87
C THR E 228 2.11 -43.89 -5.84
N PRO E 229 0.92 -43.43 -6.19
CA PRO E 229 0.15 -42.59 -5.24
C PRO E 229 -0.24 -43.35 -3.99
N VAL E 230 -0.22 -42.63 -2.87
CA VAL E 230 -0.77 -43.10 -1.61
C VAL E 230 -1.79 -42.07 -1.13
N SER E 231 -2.95 -42.55 -0.68
CA SER E 231 -4.04 -41.65 -0.33
C SER E 231 -3.75 -40.92 0.98
N ASP E 232 -4.27 -39.69 1.07
CA ASP E 232 -4.12 -38.91 2.29
C ASP E 232 -4.80 -39.61 3.47
N SER E 233 -5.94 -40.25 3.23
CA SER E 233 -6.65 -40.94 4.30
C SER E 233 -5.83 -42.10 4.84
N PHE E 234 -5.10 -42.80 3.96
CA PHE E 234 -4.25 -43.90 4.41
C PHE E 234 -3.20 -43.42 5.40
N LEU E 235 -2.57 -42.29 5.11
CA LEU E 235 -1.56 -41.75 6.02
C LEU E 235 -2.19 -41.29 7.33
N ARG E 236 -3.36 -40.65 7.26
CA ARG E 236 -4.06 -40.27 8.49
C ARG E 236 -4.38 -41.49 9.34
N GLU E 237 -4.84 -42.57 8.71
CA GLU E 237 -5.11 -43.80 9.44
C GLU E 237 -3.83 -44.36 10.07
N GLY E 238 -2.72 -44.32 9.31
CA GLY E 238 -1.47 -44.83 9.84
C GLY E 238 -0.95 -44.00 10.99
N ALA E 239 -1.11 -42.67 10.93
CA ALA E 239 -0.68 -41.82 12.03
C ALA E 239 -1.48 -42.08 13.29
N GLU E 240 -2.74 -42.51 13.15
CA GLU E 240 -3.56 -42.77 14.32
C GLU E 240 -3.15 -44.06 14.99
N LEU E 241 -2.97 -45.12 14.20
CA LEU E 241 -2.58 -46.42 14.78
C LEU E 241 -1.22 -46.32 15.45
N ALA E 242 -0.28 -45.60 14.83
CA ALA E 242 1.01 -45.38 15.48
C ALA E 242 0.84 -44.75 16.86
N ARG E 243 -0.17 -43.91 17.02
CA ARG E 243 -0.44 -43.32 18.33
C ARG E 243 -1.05 -44.35 19.28
N GLN E 244 -2.00 -45.14 18.79
CA GLN E 244 -2.67 -46.13 19.65
C GLN E 244 -1.66 -47.08 20.26
N TYR E 245 -0.63 -47.46 19.50
CA TYR E 245 0.32 -48.48 19.92
C TYR E 245 1.63 -47.89 20.44
N GLY E 246 1.71 -46.56 20.59
CA GLY E 246 2.91 -45.95 21.11
C GLY E 246 4.08 -45.96 20.16
N ALA E 247 3.82 -46.00 18.85
CA ALA E 247 4.86 -45.89 17.85
C ALA E 247 4.91 -44.46 17.30
N LEU E 248 6.10 -44.03 16.92
CA LEU E 248 6.27 -42.70 16.37
C LEU E 248 5.82 -42.66 14.91
N PHE E 249 5.26 -41.53 14.51
CA PHE E 249 4.91 -41.27 13.13
C PHE E 249 5.93 -40.31 12.53
N ILE E 250 6.65 -40.77 11.52
CA ILE E 250 7.68 -39.98 10.84
C ILE E 250 7.17 -39.67 9.44
N LEU E 251 7.00 -38.38 9.14
CA LEU E 251 6.58 -37.95 7.82
C LEU E 251 7.80 -37.44 7.05
N ASP E 252 8.03 -37.99 5.87
CA ASP E 252 9.20 -37.66 5.06
C ASP E 252 8.78 -36.57 4.07
N GLU E 253 8.95 -35.31 4.50
CA GLU E 253 8.60 -34.15 3.69
C GLU E 253 9.81 -33.59 2.95
N VAL E 254 10.72 -34.45 2.52
CA VAL E 254 11.92 -34.00 1.83
C VAL E 254 11.57 -33.34 0.50
N ILE E 255 10.56 -33.86 -0.20
CA ILE E 255 10.10 -33.24 -1.45
C ILE E 255 8.95 -32.29 -1.20
N SER E 256 8.00 -32.67 -0.34
CA SER E 256 6.84 -31.83 -0.11
C SER E 256 7.20 -30.53 0.60
N GLY E 257 8.23 -30.55 1.44
CA GLY E 257 8.62 -29.39 2.21
C GLY E 257 8.89 -28.15 1.38
N PHE E 258 8.16 -27.07 1.69
CA PHE E 258 8.29 -25.80 0.99
C PHE E 258 8.06 -25.93 -0.51
N ARG E 259 7.38 -27.00 -0.95
CA ARG E 259 6.92 -27.11 -2.33
C ARG E 259 5.39 -27.15 -2.42
N VAL E 260 4.74 -28.02 -1.64
CA VAL E 260 3.28 -28.13 -1.72
C VAL E 260 2.59 -26.96 -1.03
N GLY E 261 3.28 -26.28 -0.12
CA GLY E 261 2.69 -25.18 0.64
C GLY E 261 3.67 -24.71 1.68
N ASN E 262 3.34 -23.56 2.27
CA ASN E 262 4.25 -22.90 3.20
C ASN E 262 4.33 -23.60 4.56
N HIS E 263 3.47 -24.58 4.82
CA HIS E 263 3.49 -25.30 6.09
C HIS E 263 3.55 -26.81 5.87
N GLY E 264 4.07 -27.23 4.71
CA GLY E 264 4.29 -28.63 4.47
C GLY E 264 3.01 -29.40 4.19
N MET E 265 3.16 -30.65 3.79
CA MET E 265 2.02 -31.53 3.57
C MET E 265 1.28 -31.84 4.86
N GLN E 266 1.96 -31.77 6.01
CA GLN E 266 1.31 -32.14 7.27
C GLN E 266 0.24 -31.14 7.66
N ALA E 267 0.33 -29.89 7.21
CA ALA E 267 -0.79 -28.98 7.36
C ALA E 267 -1.97 -29.40 6.49
N LEU E 268 -1.71 -29.80 5.24
CA LEU E 268 -2.78 -30.25 4.37
C LEU E 268 -3.39 -31.55 4.86
N LEU E 269 -2.57 -32.48 5.35
CA LEU E 269 -3.08 -33.73 5.89
C LEU E 269 -3.76 -33.54 7.24
N ASP E 270 -3.46 -32.45 7.94
CA ASP E 270 -3.95 -32.22 9.29
C ASP E 270 -3.45 -33.31 10.24
N VAL E 271 -2.13 -33.47 10.28
CA VAL E 271 -1.45 -34.38 11.19
C VAL E 271 -0.27 -33.66 11.81
N GLN E 272 0.15 -34.16 12.97
CA GLN E 272 1.29 -33.63 13.72
C GLN E 272 2.32 -34.75 13.87
N PRO E 273 3.16 -34.96 12.86
CA PRO E 273 4.16 -36.02 12.95
C PRO E 273 5.05 -35.83 14.17
N ASP E 274 5.39 -36.95 14.83
CA ASP E 274 6.34 -36.89 15.92
C ASP E 274 7.71 -36.46 15.43
N LEU E 275 8.02 -36.72 14.16
CA LEU E 275 9.26 -36.33 13.53
C LEU E 275 8.98 -35.97 12.08
N THR E 276 9.67 -34.95 11.57
CA THR E 276 9.55 -34.54 10.18
C THR E 276 10.94 -34.47 9.56
N CYS E 277 11.08 -35.06 8.38
CA CYS E 277 12.33 -35.03 7.63
C CYS E 277 12.22 -33.98 6.53
N LEU E 278 13.22 -33.10 6.46
CA LEU E 278 13.26 -32.07 5.44
C LEU E 278 14.62 -32.06 4.75
N ALA E 279 14.61 -31.65 3.48
CA ALA E 279 15.84 -31.41 2.74
C ALA E 279 15.48 -30.67 1.46
N ALA E 281 14.37 -28.43 -0.98
CA ALA E 281 13.95 -27.03 -0.97
C ALA E 281 14.13 -26.38 0.40
N SER E 282 13.93 -27.15 1.46
CA SER E 282 14.15 -26.63 2.81
C SER E 282 15.61 -26.25 3.05
N ALA E 283 16.53 -26.69 2.18
CA ALA E 283 17.94 -26.31 2.27
C ALA E 283 18.33 -25.33 1.18
N GLY E 284 17.36 -24.70 0.52
CA GLY E 284 17.65 -23.67 -0.46
C GLY E 284 18.38 -24.14 -1.69
N GLY E 285 18.22 -25.41 -2.06
CA GLY E 285 18.90 -25.94 -3.22
C GLY E 285 20.37 -26.22 -3.06
N LEU E 286 20.83 -26.44 -1.83
CA LEU E 286 22.20 -26.81 -1.54
C LEU E 286 22.21 -28.04 -0.65
N PRO E 287 23.36 -28.69 -0.49
CA PRO E 287 23.40 -29.91 0.33
C PRO E 287 22.97 -29.62 1.75
N GLY E 288 22.20 -30.53 2.32
CA GLY E 288 21.80 -30.43 3.71
C GLY E 288 20.45 -31.08 3.93
N GLY E 289 20.19 -31.41 5.21
CA GLY E 289 18.90 -31.93 5.62
C GLY E 289 18.53 -31.38 6.99
N ILE E 290 17.30 -31.67 7.40
CA ILE E 290 16.79 -31.23 8.69
C ILE E 290 15.91 -32.31 9.28
N LEU E 291 16.12 -32.60 10.56
CA LEU E 291 15.24 -33.47 11.33
C LEU E 291 14.68 -32.67 12.50
N GLY E 292 13.35 -32.66 12.62
CA GLY E 292 12.71 -31.97 13.72
C GLY E 292 11.48 -32.72 14.18
N GLY E 293 11.03 -32.38 15.38
CA GLY E 293 9.84 -33.00 15.91
C GLY E 293 9.63 -32.66 17.38
N ARG E 294 8.91 -33.55 18.06
CA ARG E 294 8.49 -33.32 19.44
C ARG E 294 9.68 -33.03 20.35
N GLU E 295 9.41 -32.23 21.38
CA GLU E 295 10.45 -31.87 22.34
C GLU E 295 11.09 -33.11 22.98
N ASP E 296 10.26 -34.02 23.49
CA ASP E 296 10.78 -35.16 24.24
C ASP E 296 11.47 -36.16 23.32
N VAL E 297 10.94 -36.36 22.11
CA VAL E 297 11.57 -37.28 21.17
C VAL E 297 12.97 -36.80 20.81
N MET E 298 13.09 -35.52 20.42
CA MET E 298 14.39 -34.95 20.10
C MET E 298 15.27 -34.80 21.34
N GLY E 299 14.75 -35.10 22.53
CA GLY E 299 15.57 -35.02 23.73
C GLY E 299 16.70 -36.04 23.74
N VAL E 300 16.55 -37.16 23.04
CA VAL E 300 17.58 -38.19 23.04
C VAL E 300 18.86 -37.72 22.35
N LEU E 301 18.82 -36.56 21.69
CA LEU E 301 20.03 -35.95 21.15
C LEU E 301 20.70 -35.01 22.14
N SER E 302 20.11 -34.82 23.33
CA SER E 302 20.69 -33.93 24.34
C SER E 302 21.77 -34.66 25.14
N ARG E 303 22.77 -33.88 25.56
CA ARG E 303 23.88 -34.43 26.32
C ARG E 303 23.40 -35.11 27.61
N GLY E 304 22.32 -34.60 28.22
CA GLY E 304 21.88 -35.12 29.49
C GLY E 304 20.75 -36.12 29.41
N SER E 305 20.80 -37.00 28.42
CA SER E 305 19.77 -38.01 28.21
C SER E 305 20.30 -39.38 28.60
N ASP E 306 19.41 -40.21 29.16
CA ASP E 306 19.73 -41.61 29.43
C ASP E 306 19.63 -42.48 28.19
N ARG E 307 19.36 -41.89 27.03
CA ARG E 307 19.29 -42.60 25.76
C ARG E 307 20.02 -41.79 24.69
N LYS E 308 21.20 -41.28 25.04
CA LYS E 308 21.91 -40.35 24.17
C LYS E 308 22.26 -40.99 22.83
N VAL E 309 21.89 -40.33 21.75
CA VAL E 309 22.23 -40.74 20.39
C VAL E 309 23.26 -39.77 19.85
N LEU E 310 24.38 -40.31 19.37
CA LEU E 310 25.45 -39.50 18.82
C LEU E 310 25.01 -38.91 17.48
N HIS E 311 25.27 -37.61 17.28
CA HIS E 311 25.08 -36.98 15.99
C HIS E 311 26.08 -35.85 15.82
N GLN E 312 26.70 -35.79 14.64
CA GLN E 312 27.70 -34.78 14.33
C GLN E 312 27.64 -34.50 12.83
N GLY E 313 28.61 -33.74 12.34
CA GLY E 313 28.66 -33.39 10.92
C GLY E 313 29.54 -32.18 10.66
N THR E 314 30.68 -32.43 10.00
CA THR E 314 31.66 -31.36 9.79
C THR E 314 31.03 -30.13 9.15
N PHE E 315 30.24 -30.33 8.10
CA PHE E 315 29.62 -29.23 7.36
C PHE E 315 28.11 -29.13 7.60
N THR E 316 27.59 -29.85 8.59
CA THR E 316 26.17 -29.79 8.89
C THR E 316 25.80 -28.38 9.35
N GLY E 317 24.76 -27.82 8.72
CA GLY E 317 24.31 -26.48 9.07
C GLY E 317 25.31 -25.38 8.73
N ASN E 318 26.21 -25.63 7.77
CA ASN E 318 27.23 -24.65 7.43
C ASN E 318 26.59 -23.33 6.99
N PRO E 319 27.34 -22.23 7.07
CA PRO E 319 26.73 -20.92 6.74
C PRO E 319 26.27 -20.81 5.29
N ILE E 320 26.87 -21.55 4.37
CA ILE E 320 26.50 -21.43 2.96
C ILE E 320 25.08 -21.97 2.74
N THR E 321 24.84 -23.21 3.19
CA THR E 321 23.50 -23.78 3.07
C THR E 321 22.47 -22.95 3.83
N ALA E 322 22.80 -22.54 5.05
CA ALA E 322 21.89 -21.73 5.84
C ALA E 322 21.49 -20.45 5.11
N ALA E 323 22.47 -19.76 4.52
CA ALA E 323 22.16 -18.54 3.78
C ALA E 323 21.22 -18.81 2.62
N ALA E 324 21.47 -19.89 1.87
CA ALA E 324 20.61 -20.22 0.74
C ALA E 324 19.20 -20.58 1.20
N ALA E 325 19.08 -21.36 2.28
CA ALA E 325 17.77 -21.78 2.73
C ALA E 325 16.96 -20.60 3.27
N ILE E 326 17.61 -19.67 3.96
CA ILE E 326 16.92 -18.48 4.44
C ILE E 326 16.38 -17.67 3.27
N ALA E 327 17.25 -17.31 2.33
CA ALA E 327 16.80 -16.55 1.16
C ALA E 327 15.70 -17.28 0.41
N ALA E 328 15.83 -18.60 0.26
CA ALA E 328 14.85 -19.36 -0.52
C ALA E 328 13.50 -19.40 0.18
N ILE E 329 13.49 -19.69 1.48
CA ILE E 329 12.24 -19.75 2.23
C ILE E 329 11.55 -18.39 2.21
N ASP E 330 12.31 -17.31 2.39
CA ASP E 330 11.71 -15.98 2.36
C ASP E 330 11.16 -15.65 0.98
N THR E 331 11.84 -16.09 -0.08
CA THR E 331 11.34 -15.86 -1.43
C THR E 331 10.08 -16.68 -1.71
N ILE E 332 10.06 -17.93 -1.25
CA ILE E 332 8.88 -18.77 -1.48
C ILE E 332 7.66 -18.17 -0.81
N LEU E 333 7.81 -17.69 0.43
CA LEU E 333 6.69 -17.10 1.14
C LEU E 333 6.28 -15.77 0.52
N GLU E 334 7.25 -14.91 0.24
CA GLU E 334 6.95 -13.55 -0.21
C GLU E 334 6.32 -13.54 -1.59
N ASP E 335 6.79 -14.40 -2.49
CA ASP E 335 6.29 -14.43 -3.86
C ASP E 335 5.15 -15.43 -4.05
N ASP E 336 4.65 -16.03 -2.97
CA ASP E 336 3.52 -16.95 -3.04
C ASP E 336 3.79 -18.05 -4.08
N VAL E 337 4.97 -18.64 -3.99
CA VAL E 337 5.44 -19.55 -5.03
C VAL E 337 4.65 -20.85 -5.01
N CYS E 338 4.33 -21.36 -3.82
CA CYS E 338 3.64 -22.65 -3.73
C CYS E 338 2.29 -22.59 -4.42
N ALA E 339 1.54 -21.50 -4.25
CA ALA E 339 0.26 -21.37 -4.92
C ALA E 339 0.45 -21.30 -6.43
N LYS E 340 1.52 -20.66 -6.88
CA LYS E 340 1.73 -20.49 -8.32
C LYS E 340 2.04 -21.83 -9.00
N ILE E 341 2.95 -22.61 -8.43
CA ILE E 341 3.37 -23.84 -9.09
C ILE E 341 2.33 -24.93 -8.95
N ASN E 342 1.52 -24.89 -7.88
CA ASN E 342 0.39 -25.81 -7.79
C ASN E 342 -0.62 -25.53 -8.88
N ASP E 343 -0.88 -24.24 -9.16
CA ASP E 343 -1.76 -23.88 -10.27
C ASP E 343 -1.14 -24.26 -11.61
N LEU E 344 0.18 -24.11 -11.74
CA LEU E 344 0.85 -24.50 -12.97
C LEU E 344 0.82 -26.02 -13.16
N GLY E 345 0.99 -26.77 -12.08
CA GLY E 345 0.95 -28.21 -12.18
C GLY E 345 -0.42 -28.74 -12.60
N GLN E 346 -1.48 -28.12 -12.09
CA GLN E 346 -2.83 -28.50 -12.50
C GLN E 346 -3.05 -28.19 -13.98
N PHE E 347 -2.59 -27.02 -14.42
CA PHE E 347 -2.73 -26.63 -15.81
C PHE E 347 -1.97 -27.58 -16.74
N ALA E 348 -0.78 -28.02 -16.31
CA ALA E 348 0.00 -28.94 -17.13
C ALA E 348 -0.66 -30.32 -17.20
N ARG E 349 -1.19 -30.78 -16.07
CA ARG E 349 -1.93 -32.04 -16.06
C ARG E 349 -3.08 -32.02 -17.04
N GLU E 350 -3.89 -30.95 -17.00
CA GLU E 350 -5.05 -30.88 -17.87
C GLU E 350 -4.65 -30.73 -19.33
N ALA E 351 -3.57 -30.00 -19.61
CA ALA E 351 -3.18 -29.78 -21.00
C ALA E 351 -2.57 -31.04 -21.61
N MET E 352 -1.87 -31.85 -20.81
CA MET E 352 -1.28 -33.08 -21.33
C MET E 352 -2.36 -34.12 -21.60
N ASN E 353 -3.34 -34.25 -20.71
CA ASN E 353 -4.42 -35.20 -20.93
C ASN E 353 -5.35 -34.76 -22.05
N HIS E 354 -5.44 -33.46 -22.29
CA HIS E 354 -6.20 -32.99 -23.45
C HIS E 354 -5.45 -33.32 -24.74
N LEU E 355 -4.12 -33.23 -24.72
CA LEU E 355 -3.32 -33.67 -25.86
C LEU E 355 -3.55 -35.15 -26.16
N PHE E 356 -3.48 -35.98 -25.11
CA PHE E 356 -3.64 -37.43 -25.30
C PHE E 356 -5.00 -37.75 -25.90
N ALA E 357 -6.07 -37.14 -25.36
CA ALA E 357 -7.41 -37.39 -25.90
C ALA E 357 -7.52 -36.90 -27.34
N ARG E 358 -6.90 -35.76 -27.63
CA ARG E 358 -6.93 -35.21 -28.99
C ARG E 358 -6.28 -36.16 -29.98
N LYS E 359 -5.15 -36.75 -29.61
CA LYS E 359 -4.41 -37.63 -30.48
C LYS E 359 -4.89 -39.07 -30.45
N GLY E 360 -5.95 -39.36 -29.70
CA GLY E 360 -6.45 -40.72 -29.60
C GLY E 360 -5.46 -41.66 -28.94
N LEU E 361 -4.75 -41.20 -27.92
CA LEU E 361 -3.73 -41.96 -27.24
C LEU E 361 -4.21 -42.32 -25.83
N ASN E 362 -4.00 -43.58 -25.44
CA ASN E 362 -4.34 -44.02 -24.08
C ASN E 362 -3.11 -43.87 -23.18
N TRP E 363 -2.77 -42.61 -22.93
CA TRP E 363 -1.80 -42.24 -21.91
C TRP E 363 -2.48 -41.37 -20.86
N LEU E 364 -1.91 -41.36 -19.65
CA LEU E 364 -2.47 -40.60 -18.54
C LEU E 364 -1.39 -39.74 -17.92
N ALA E 365 -1.68 -38.45 -17.75
CA ALA E 365 -0.88 -37.56 -16.92
C ALA E 365 -1.57 -37.46 -15.57
N TYR E 366 -0.93 -38.00 -14.53
CA TYR E 366 -1.49 -38.04 -13.18
C TYR E 366 -0.54 -37.37 -12.21
N GLY E 367 -0.99 -37.21 -10.97
CA GLY E 367 -0.19 -36.64 -9.91
C GLY E 367 -0.89 -35.48 -9.25
N ARG E 368 -0.16 -34.77 -8.40
CA ARG E 368 -0.69 -33.68 -7.61
C ARG E 368 0.33 -32.56 -7.49
N PHE E 369 -0.16 -31.38 -7.14
CA PHE E 369 0.68 -30.23 -6.77
C PHE E 369 1.50 -29.80 -7.99
N SER E 370 2.79 -29.49 -7.81
CA SER E 370 3.59 -28.84 -8.84
C SER E 370 4.30 -29.81 -9.78
N GLY E 371 3.60 -30.85 -10.24
CA GLY E 371 4.20 -31.77 -11.19
C GLY E 371 3.20 -32.77 -11.70
N PHE E 372 3.66 -33.61 -12.62
CA PHE E 372 2.87 -34.74 -13.07
C PHE E 372 3.80 -35.89 -13.40
N HIS E 373 3.20 -37.08 -13.48
CA HIS E 373 3.89 -38.28 -13.94
C HIS E 373 3.07 -38.85 -15.09
N LEU E 374 3.70 -39.72 -15.87
CA LEU E 374 3.05 -40.31 -17.04
C LEU E 374 2.86 -41.80 -16.83
N MET E 375 1.70 -42.30 -17.25
CA MET E 375 1.40 -43.72 -17.24
C MET E 375 0.82 -44.10 -18.60
N PRO E 376 1.67 -44.54 -19.52
CA PRO E 376 1.15 -45.16 -20.75
C PRO E 376 0.34 -46.41 -20.42
N GLY E 377 -0.74 -46.62 -21.16
CA GLY E 377 -1.63 -47.74 -20.95
C GLY E 377 -2.90 -47.40 -20.21
N LEU E 378 -3.05 -46.17 -19.71
CA LEU E 378 -4.28 -45.73 -19.08
C LEU E 378 -4.89 -44.59 -19.88
N PRO E 379 -6.22 -44.53 -19.98
CA PRO E 379 -6.84 -43.46 -20.75
C PRO E 379 -6.68 -42.12 -20.05
N PRO E 380 -6.64 -41.01 -20.80
CA PRO E 380 -6.42 -39.70 -20.16
C PRO E 380 -7.59 -39.22 -19.32
N ASN E 381 -8.78 -39.80 -19.47
CA ASN E 381 -9.92 -39.42 -18.64
C ASN E 381 -10.05 -40.30 -17.40
N THR E 382 -8.99 -41.04 -17.06
CA THR E 382 -8.98 -41.83 -15.84
C THR E 382 -9.12 -40.92 -14.63
N THR E 383 -9.98 -41.31 -13.69
CA THR E 383 -10.21 -40.53 -12.48
C THR E 383 -9.37 -41.03 -11.32
N ASP E 384 -9.54 -42.29 -10.92
CA ASP E 384 -8.79 -42.84 -9.81
C ASP E 384 -7.54 -43.55 -10.30
N THR E 385 -6.43 -43.34 -9.57
CA THR E 385 -5.16 -43.96 -9.90
C THR E 385 -4.96 -45.28 -9.15
N GLY E 386 -6.04 -45.94 -8.73
CA GLY E 386 -5.91 -47.15 -7.95
C GLY E 386 -5.09 -48.22 -8.63
N SER E 387 -5.29 -48.40 -9.94
CA SER E 387 -4.56 -49.44 -10.66
C SER E 387 -3.05 -49.21 -10.57
N ILE E 388 -2.63 -47.95 -10.50
CA ILE E 388 -1.20 -47.65 -10.33
C ILE E 388 -0.74 -48.01 -8.93
N THR E 389 -1.53 -47.63 -7.91
CA THR E 389 -1.17 -47.90 -6.54
C THR E 389 -1.08 -49.40 -6.27
N ARG E 390 -1.92 -50.19 -6.92
CA ARG E 390 -2.00 -51.63 -6.68
C ARG E 390 -1.14 -52.44 -7.64
N ALA E 391 -0.34 -51.78 -8.48
CA ALA E 391 0.55 -52.46 -9.43
C ALA E 391 -0.23 -53.31 -10.42
N GLU E 392 -1.49 -52.99 -10.67
CA GLU E 392 -2.31 -53.71 -11.65
C GLU E 392 -2.10 -53.20 -13.07
N VAL E 393 -1.26 -52.18 -13.25
CA VAL E 393 -0.97 -51.63 -14.57
C VAL E 393 0.40 -52.14 -15.00
N ALA E 394 0.54 -52.36 -16.30
CA ALA E 394 1.78 -52.90 -16.84
C ALA E 394 2.90 -51.86 -16.75
N ARG E 395 4.13 -52.36 -16.65
CA ARG E 395 5.30 -51.48 -16.66
C ARG E 395 5.54 -50.99 -18.08
N PRO E 396 5.60 -49.67 -18.32
CA PRO E 396 5.84 -49.20 -19.69
C PRO E 396 7.10 -49.80 -20.29
N ASP E 397 7.10 -49.94 -21.62
CA ASP E 397 8.25 -50.46 -22.32
C ASP E 397 9.47 -49.60 -22.04
N VAL E 398 10.59 -50.24 -21.68
CA VAL E 398 11.80 -49.51 -21.36
C VAL E 398 12.37 -48.84 -22.61
N LYS E 399 12.31 -49.53 -23.75
CA LYS E 399 12.74 -48.92 -25.01
C LYS E 399 11.95 -47.66 -25.30
N MET E 400 10.62 -47.72 -25.14
CA MET E 400 9.78 -46.57 -25.41
C MET E 400 10.13 -45.41 -24.49
N ILE E 401 10.21 -45.68 -23.18
CA ILE E 401 10.49 -44.61 -22.22
C ILE E 401 11.84 -43.97 -22.52
N ALA E 402 12.86 -44.77 -22.78
CA ALA E 402 14.17 -44.23 -23.10
C ALA E 402 14.12 -43.43 -24.39
N ALA E 403 13.44 -43.95 -25.41
CA ALA E 403 13.32 -43.23 -26.68
C ALA E 403 12.55 -41.93 -26.49
N MET E 404 11.61 -41.89 -25.54
CA MET E 404 10.84 -40.68 -25.29
C MET E 404 11.73 -39.59 -24.72
N ARG E 405 12.56 -39.94 -23.73
CA ARG E 405 13.51 -38.98 -23.17
C ARG E 405 14.47 -38.48 -24.24
N MET E 406 15.01 -39.39 -25.04
CA MET E 406 15.93 -38.99 -26.10
C MET E 406 15.25 -38.06 -27.10
N ALA E 407 13.99 -38.33 -27.43
CA ALA E 407 13.30 -37.52 -28.43
C ALA E 407 12.98 -36.13 -27.88
N LEU E 408 12.64 -36.04 -26.59
CA LEU E 408 12.46 -34.73 -25.97
C LEU E 408 13.75 -33.92 -26.01
N ILE E 409 14.87 -34.56 -25.68
CA ILE E 409 16.16 -33.88 -25.69
C ILE E 409 16.52 -33.41 -27.08
N LEU E 410 16.14 -34.18 -28.11
CA LEU E 410 16.37 -33.73 -29.48
C LEU E 410 15.51 -32.52 -29.83
N GLU E 411 14.35 -32.38 -29.20
CA GLU E 411 13.48 -31.23 -29.42
C GLU E 411 13.81 -30.06 -28.49
N GLY E 412 14.79 -30.21 -27.60
CA GLY E 412 15.17 -29.14 -26.72
C GLY E 412 14.50 -29.14 -25.36
N VAL E 413 13.97 -30.28 -24.91
CA VAL E 413 13.33 -30.37 -23.61
C VAL E 413 13.91 -31.56 -22.86
N ASP E 414 13.94 -31.46 -21.54
CA ASP E 414 14.37 -32.56 -20.68
C ASP E 414 13.39 -32.73 -19.55
N ILE E 415 13.00 -33.97 -19.29
CA ILE E 415 12.17 -34.31 -18.13
C ILE E 415 12.90 -35.38 -17.32
N GLY E 416 12.30 -35.84 -16.23
CA GLY E 416 12.97 -36.77 -15.35
C GLY E 416 12.51 -38.21 -15.43
N GLY E 417 13.33 -39.11 -14.90
CA GLY E 417 12.98 -40.51 -14.71
C GLY E 417 12.24 -41.13 -15.87
N ARG E 418 11.06 -41.68 -15.58
CA ARG E 418 10.24 -42.36 -16.58
C ARG E 418 9.14 -41.46 -17.12
N GLY E 419 9.31 -40.14 -17.03
CA GLY E 419 8.33 -39.22 -17.55
C GLY E 419 7.67 -38.41 -16.45
N SER E 420 8.48 -37.82 -15.58
CA SER E 420 7.99 -36.98 -14.50
C SER E 420 8.47 -35.55 -14.71
N VAL E 421 7.72 -34.60 -14.15
CA VAL E 421 7.99 -33.18 -14.32
C VAL E 421 7.82 -32.47 -12.98
N PHE E 422 8.77 -31.62 -12.63
CA PHE E 422 8.62 -30.68 -11.53
C PHE E 422 8.55 -29.26 -12.08
N LEU E 423 7.70 -28.44 -11.47
CA LEU E 423 7.56 -27.04 -11.87
C LEU E 423 8.17 -26.13 -10.81
N SER E 424 8.87 -25.10 -11.27
CA SER E 424 9.53 -24.13 -10.40
C SER E 424 8.85 -22.78 -10.51
N ALA E 425 9.29 -21.85 -9.67
CA ALA E 425 8.74 -20.50 -9.65
C ALA E 425 9.03 -19.75 -10.94
N GLN E 426 10.08 -20.13 -11.67
CA GLN E 426 10.44 -19.45 -12.91
C GLN E 426 9.76 -20.06 -14.12
N HIS E 427 9.04 -21.16 -13.96
CA HIS E 427 8.24 -21.70 -15.05
C HIS E 427 6.95 -20.90 -15.20
N GLU E 428 6.49 -20.79 -16.45
CA GLU E 428 5.31 -20.02 -16.80
C GLU E 428 4.42 -20.87 -17.70
N ARG E 429 3.21 -20.38 -17.93
CA ARG E 429 2.28 -21.10 -18.80
C ARG E 429 2.88 -21.32 -20.18
N GLU E 430 3.61 -20.33 -20.69
CA GLU E 430 4.24 -20.47 -22.00
C GLU E 430 5.18 -21.67 -22.05
N HIS E 431 5.85 -21.99 -20.94
CA HIS E 431 6.76 -23.13 -20.94
C HIS E 431 5.98 -24.44 -20.96
N VAL E 432 4.88 -24.51 -20.22
CA VAL E 432 4.06 -25.72 -20.23
C VAL E 432 3.45 -25.93 -21.61
N GLU E 433 3.09 -24.84 -22.28
CA GLU E 433 2.56 -24.96 -23.64
C GLU E 433 3.63 -25.49 -24.59
N HIS E 434 4.86 -24.99 -24.48
CA HIS E 434 5.94 -25.51 -25.31
C HIS E 434 6.18 -26.99 -25.03
N LEU E 435 6.05 -27.40 -23.77
CA LEU E 435 6.19 -28.81 -23.42
C LEU E 435 5.10 -29.65 -24.06
N VAL E 436 3.85 -29.15 -24.05
CA VAL E 436 2.75 -29.88 -24.67
C VAL E 436 2.94 -29.95 -26.18
N THR E 437 3.35 -28.84 -26.79
CA THR E 437 3.63 -28.84 -28.22
C THR E 437 4.81 -29.75 -28.55
N THR E 438 5.81 -29.80 -27.68
CA THR E 438 6.95 -30.69 -27.90
C THR E 438 6.52 -32.15 -27.80
N PHE E 439 5.70 -32.49 -26.82
CA PHE E 439 5.23 -33.86 -26.68
C PHE E 439 4.43 -34.31 -27.89
N ASP E 440 3.64 -33.40 -28.46
CA ASP E 440 2.89 -33.71 -29.68
C ASP E 440 3.83 -34.26 -30.75
N ARG E 441 4.98 -33.61 -30.96
CA ARG E 441 5.93 -34.06 -31.96
C ARG E 441 6.66 -35.32 -31.51
N VAL E 442 6.97 -35.41 -30.22
CA VAL E 442 7.70 -36.58 -29.72
C VAL E 442 6.84 -37.83 -29.87
N LEU E 443 5.54 -37.72 -29.62
CA LEU E 443 4.66 -38.86 -29.78
C LEU E 443 4.53 -39.25 -31.25
N ASP E 444 4.43 -38.27 -32.14
CA ASP E 444 4.39 -38.57 -33.57
C ASP E 444 5.65 -39.29 -34.01
N ARG E 445 6.81 -38.91 -33.45
CA ARG E 445 8.06 -39.51 -33.89
C ARG E 445 8.25 -40.91 -33.32
N LEU E 446 7.82 -41.14 -32.06
CA LEU E 446 7.84 -42.49 -31.53
C LEU E 446 6.96 -43.41 -32.38
N ALA E 447 5.79 -42.92 -32.79
CA ALA E 447 4.93 -43.68 -33.69
C ALA E 447 5.62 -43.89 -35.04
N ASP E 448 6.21 -42.82 -35.59
CA ASP E 448 6.91 -42.92 -36.88
C ASP E 448 7.92 -44.07 -36.88
N GLU E 449 8.64 -44.25 -35.78
CA GLU E 449 9.66 -45.27 -35.66
C GLU E 449 9.15 -46.53 -34.96
N ASN E 450 7.84 -46.66 -34.79
CA ASN E 450 7.25 -47.84 -34.18
C ASN E 450 7.85 -48.13 -32.80
N LEU E 451 7.85 -47.12 -31.94
CA LEU E 451 8.35 -47.25 -30.59
C LEU E 451 7.25 -47.12 -29.53
N LEU E 452 6.01 -46.87 -29.94
CA LEU E 452 4.87 -46.95 -29.03
C LEU E 452 4.39 -48.39 -28.94
N GLY F 12 36.60 -11.46 37.26
CA GLY F 12 38.10 -11.56 37.33
C GLY F 12 38.60 -12.93 36.94
N SER F 13 37.81 -13.95 37.25
CA SER F 13 38.17 -15.32 36.92
C SER F 13 38.09 -15.53 35.40
N ILE F 14 38.65 -16.66 34.95
CA ILE F 14 38.60 -17.00 33.53
C ILE F 14 37.15 -17.11 33.08
N LEU F 15 36.30 -17.74 33.88
CA LEU F 15 34.91 -17.95 33.50
C LEU F 15 34.19 -16.62 33.27
N ASN F 16 34.32 -15.68 34.20
CA ASN F 16 33.59 -14.42 34.09
C ASN F 16 34.15 -13.56 32.96
N ASP F 17 35.47 -13.48 32.83
CA ASP F 17 36.06 -12.75 31.72
C ASP F 17 35.59 -13.33 30.38
N TYR F 18 35.51 -14.65 30.30
CA TYR F 18 35.02 -15.30 29.09
C TYR F 18 33.61 -14.84 28.76
N LYS F 19 32.69 -14.95 29.72
CA LYS F 19 31.31 -14.53 29.49
C LYS F 19 31.24 -13.07 29.07
N ARG F 20 32.09 -12.22 29.64
CA ARG F 20 32.04 -10.79 29.32
C ARG F 20 32.65 -10.48 27.96
N LYS F 21 33.60 -11.30 27.48
CA LYS F 21 34.17 -11.06 26.17
C LYS F 21 33.26 -11.58 25.06
N THR F 22 32.42 -12.57 25.36
CA THR F 22 31.59 -13.19 24.34
C THR F 22 30.12 -12.92 24.62
N GLU F 23 29.79 -11.65 24.85
CA GLU F 23 28.40 -11.26 25.14
C GLU F 23 27.47 -11.70 24.02
N GLY F 24 27.88 -11.49 22.77
CA GLY F 24 27.01 -11.78 21.65
C GLY F 24 26.77 -13.27 21.46
N SER F 25 27.73 -14.11 21.85
CA SER F 25 27.57 -15.54 21.70
C SER F 25 26.54 -16.09 22.68
N VAL F 26 26.58 -15.63 23.93
CA VAL F 26 25.60 -16.09 24.91
C VAL F 26 24.19 -15.67 24.48
N PHE F 27 24.07 -14.48 23.88
CA PHE F 27 22.78 -14.08 23.32
C PHE F 27 22.33 -15.05 22.23
N TRP F 28 23.18 -15.27 21.22
CA TRP F 28 22.84 -16.20 20.15
C TRP F 28 22.69 -17.63 20.66
N ALA F 29 23.48 -18.01 21.67
CA ALA F 29 23.34 -19.34 22.24
C ALA F 29 21.99 -19.53 22.88
N GLN F 30 21.40 -18.45 23.43
CA GLN F 30 20.09 -18.54 24.04
C GLN F 30 19.01 -18.77 23.00
N ARG F 31 19.11 -18.10 21.83
CA ARG F 31 18.18 -18.36 20.74
C ARG F 31 18.37 -19.76 20.19
N ALA F 32 19.62 -20.22 20.06
CA ALA F 32 19.87 -21.56 19.56
C ALA F 32 19.26 -22.61 20.47
N ARG F 33 19.29 -22.38 21.79
CA ARG F 33 18.74 -23.34 22.73
C ARG F 33 17.23 -23.49 22.61
N SER F 34 16.55 -22.54 21.97
CA SER F 34 15.11 -22.63 21.79
C SER F 34 14.72 -23.58 20.66
N VAL F 35 15.63 -23.88 19.75
CA VAL F 35 15.26 -24.58 18.52
C VAL F 35 16.12 -25.82 18.26
N MET F 36 17.17 -26.00 19.07
CA MET F 36 18.06 -27.14 18.86
C MET F 36 18.42 -27.81 20.18
N PRO F 37 18.58 -29.14 20.20
CA PRO F 37 19.02 -29.80 21.43
C PRO F 37 20.40 -29.32 21.84
N ASP F 38 20.49 -28.82 23.09
CA ASP F 38 21.72 -28.28 23.65
C ASP F 38 22.19 -27.01 22.93
N GLY F 39 21.35 -26.41 22.09
CA GLY F 39 21.74 -25.20 21.39
C GLY F 39 22.77 -25.41 20.32
N VAL F 40 22.98 -26.65 19.88
CA VAL F 40 23.97 -26.97 18.87
C VAL F 40 23.36 -27.94 17.86
N THR F 41 23.90 -27.92 16.65
CA THR F 41 23.53 -28.89 15.63
C THR F 41 24.57 -30.01 15.49
N ALA F 42 25.49 -30.13 16.46
CA ALA F 42 26.53 -31.14 16.42
C ALA F 42 27.15 -31.27 17.81
N ASP F 43 27.36 -32.52 18.24
CA ASP F 43 27.85 -32.77 19.59
C ASP F 43 29.21 -32.14 19.84
N THR F 44 30.00 -31.94 18.78
CA THR F 44 31.33 -31.33 18.94
C THR F 44 31.26 -29.86 19.30
N ARG F 45 30.09 -29.22 19.17
CA ARG F 45 29.95 -27.81 19.48
C ARG F 45 29.62 -27.53 20.93
N VAL F 46 29.15 -28.53 21.67
CA VAL F 46 28.78 -28.32 23.07
C VAL F 46 29.98 -27.79 23.84
N PHE F 47 29.73 -26.82 24.72
CA PHE F 47 30.79 -26.24 25.53
C PHE F 47 30.22 -25.37 26.64
N ASP F 48 30.18 -25.91 27.86
CA ASP F 48 29.71 -25.11 28.99
C ASP F 48 30.72 -24.01 29.29
N PRO F 49 30.26 -22.76 29.55
CA PRO F 49 28.85 -22.35 29.59
C PRO F 49 28.22 -22.15 28.22
N HIS F 50 29.03 -21.80 27.23
CA HIS F 50 28.54 -21.56 25.87
C HIS F 50 29.73 -21.51 24.93
N GLY F 51 29.46 -21.72 23.64
CA GLY F 51 30.48 -21.67 22.62
C GLY F 51 30.47 -20.36 21.86
N LEU F 52 31.52 -20.17 21.05
CA LEU F 52 31.64 -18.97 20.23
C LEU F 52 30.70 -19.04 19.04
N PHE F 53 30.13 -17.89 18.69
CA PHE F 53 29.37 -17.73 17.45
C PHE F 53 30.20 -16.87 16.50
N ILE F 54 30.49 -17.41 15.32
CA ILE F 54 31.42 -16.80 14.38
C ILE F 54 30.63 -16.21 13.21
N SER F 55 31.04 -15.03 12.76
CA SER F 55 30.42 -14.38 11.62
C SER F 55 31.33 -14.26 10.41
N ASP F 56 32.64 -14.39 10.58
CA ASP F 56 33.56 -14.19 9.46
C ASP F 56 34.84 -14.96 9.72
N ALA F 57 35.44 -15.48 8.65
CA ALA F 57 36.75 -16.11 8.70
C ALA F 57 37.50 -15.81 7.41
N GLN F 58 38.82 -15.65 7.53
CA GLN F 58 39.67 -15.32 6.40
C GLN F 58 41.10 -15.69 6.74
N GLY F 59 41.74 -16.49 5.89
CA GLY F 59 43.11 -16.91 6.14
C GLY F 59 43.24 -17.82 7.34
N VAL F 60 43.88 -17.34 8.40
CA VAL F 60 44.04 -18.09 9.64
C VAL F 60 43.34 -17.38 10.80
N HIS F 61 42.46 -16.43 10.50
CA HIS F 61 41.75 -15.67 11.52
C HIS F 61 40.25 -15.81 11.33
N LYS F 62 39.52 -15.75 12.45
CA LYS F 62 38.06 -15.76 12.44
C LYS F 62 37.56 -14.75 13.47
N THR F 63 36.41 -14.17 13.18
CA THR F 63 35.85 -13.11 14.00
C THR F 63 34.48 -13.53 14.53
N ASP F 64 34.27 -13.38 15.83
CA ASP F 64 32.99 -13.71 16.43
C ASP F 64 32.01 -12.55 16.25
N VAL F 65 30.78 -12.75 16.76
CA VAL F 65 29.73 -11.74 16.58
C VAL F 65 29.98 -10.47 17.38
N ASP F 66 30.93 -10.49 18.32
CA ASP F 66 31.27 -9.30 19.10
C ASP F 66 32.39 -8.49 18.45
N GLY F 67 32.93 -8.93 17.33
CA GLY F 67 34.06 -8.28 16.71
C GLY F 67 35.42 -8.76 17.18
N ASN F 68 35.47 -9.72 18.11
CA ASN F 68 36.75 -10.27 18.54
C ASN F 68 37.36 -11.11 17.43
N VAL F 69 38.67 -10.96 17.24
CA VAL F 69 39.42 -11.70 16.23
C VAL F 69 40.23 -12.77 16.93
N TYR F 70 40.31 -13.95 16.31
CA TYR F 70 41.01 -15.09 16.89
C TYR F 70 41.92 -15.72 15.85
N LEU F 71 43.17 -15.93 16.22
CA LEU F 71 44.03 -16.83 15.46
C LEU F 71 43.48 -18.25 15.58
N ASP F 72 43.04 -18.80 14.46
CA ASP F 72 42.31 -20.07 14.46
C ASP F 72 43.24 -21.23 14.20
N PHE F 73 43.08 -22.31 14.97
CA PHE F 73 43.89 -23.51 14.83
C PHE F 73 43.03 -24.77 14.71
N PHE F 74 41.75 -24.64 14.35
CA PHE F 74 40.88 -25.81 14.30
C PHE F 74 39.78 -25.69 13.24
N GLY F 75 39.45 -24.47 12.83
CA GLY F 75 38.42 -24.26 11.82
C GLY F 75 38.53 -25.22 10.66
N GLY F 76 37.46 -25.97 10.40
CA GLY F 76 37.44 -26.96 9.35
C GLY F 76 37.60 -28.40 9.82
N HIS F 77 38.05 -28.60 11.07
CA HIS F 77 38.30 -29.94 11.60
C HIS F 77 39.26 -30.72 10.70
N GLY F 78 40.16 -30.00 10.04
CA GLY F 78 41.10 -30.58 9.11
C GLY F 78 40.75 -30.34 7.66
N ALA F 79 39.48 -30.06 7.35
CA ALA F 79 39.06 -29.87 5.97
C ALA F 79 39.71 -28.67 5.32
N LEU F 80 40.14 -27.68 6.11
CA LEU F 80 40.71 -26.45 5.55
C LEU F 80 42.24 -26.50 5.61
N VAL F 81 42.80 -27.48 4.87
CA VAL F 81 44.24 -27.56 4.71
C VAL F 81 44.77 -26.27 4.08
N LEU F 82 43.99 -25.65 3.21
CA LEU F 82 44.39 -24.40 2.56
C LEU F 82 43.98 -23.16 3.37
N GLY F 83 43.36 -23.34 4.53
CA GLY F 83 42.98 -22.22 5.35
C GLY F 83 41.65 -21.62 4.90
N HIS F 84 41.20 -20.62 5.66
CA HIS F 84 39.92 -19.99 5.40
C HIS F 84 39.97 -19.17 4.12
N GLY F 85 39.00 -19.38 3.24
CA GLY F 85 38.84 -18.60 2.04
C GLY F 85 40.11 -18.43 1.22
N HIS F 86 40.64 -19.53 0.71
CA HIS F 86 41.80 -19.45 -0.16
C HIS F 86 41.38 -18.89 -1.51
N PRO F 87 42.13 -17.93 -2.09
CA PRO F 87 41.64 -17.26 -3.30
C PRO F 87 41.35 -18.20 -4.45
N ARG F 88 42.22 -19.18 -4.71
CA ARG F 88 41.99 -20.08 -5.83
C ARG F 88 40.72 -20.92 -5.64
N VAL F 89 40.40 -21.28 -4.40
CA VAL F 89 39.22 -22.10 -4.14
C VAL F 89 37.95 -21.25 -4.23
N ASN F 90 37.95 -20.09 -3.59
CA ASN F 90 36.76 -19.23 -3.65
C ASN F 90 36.50 -18.73 -5.06
N ALA F 91 37.55 -18.53 -5.85
CA ALA F 91 37.37 -18.19 -7.25
C ALA F 91 36.60 -19.29 -7.97
N ALA F 92 37.05 -20.54 -7.83
CA ALA F 92 36.38 -21.64 -8.51
C ALA F 92 34.95 -21.81 -8.01
N ILE F 93 34.74 -21.73 -6.69
CA ILE F 93 33.39 -21.85 -6.15
C ILE F 93 32.48 -20.78 -6.76
N ALA F 94 32.94 -19.53 -6.75
CA ALA F 94 32.11 -18.44 -7.29
C ALA F 94 31.82 -18.67 -8.76
N GLU F 95 32.85 -18.96 -9.55
CA GLU F 95 32.63 -19.28 -10.96
C GLU F 95 31.63 -20.42 -11.12
N ALA F 96 31.80 -21.48 -10.33
CA ALA F 96 30.89 -22.62 -10.43
C ALA F 96 29.47 -22.24 -10.03
N LEU F 97 29.34 -21.35 -9.04
CA LEU F 97 28.02 -20.98 -8.55
C LEU F 97 27.17 -20.37 -9.67
N SER F 98 27.79 -19.57 -10.54
CA SER F 98 27.06 -18.92 -11.62
C SER F 98 26.63 -19.88 -12.73
N HIS F 99 27.01 -21.16 -12.65
CA HIS F 99 26.71 -22.12 -13.70
C HIS F 99 25.74 -23.22 -13.25
N GLY F 100 25.13 -23.09 -12.07
CA GLY F 100 24.12 -24.03 -11.64
C GLY F 100 24.67 -25.06 -10.66
N VAL F 101 23.74 -25.71 -9.95
CA VAL F 101 24.10 -26.60 -8.85
C VAL F 101 23.49 -27.99 -8.98
N GLN F 102 22.47 -28.21 -9.79
CA GLN F 102 21.87 -29.53 -9.93
C GLN F 102 21.22 -29.62 -11.29
N TYR F 103 21.72 -30.51 -12.15
CA TYR F 103 21.32 -30.58 -13.54
C TYR F 103 20.44 -31.79 -13.85
N ALA F 104 20.02 -32.54 -12.84
CA ALA F 104 19.38 -33.84 -13.08
C ALA F 104 20.16 -34.62 -14.12
N ALA F 105 21.49 -34.57 -14.01
CA ALA F 105 22.38 -35.16 -15.00
C ALA F 105 23.81 -34.97 -14.51
N SER F 106 24.73 -35.64 -15.20
CA SER F 106 26.15 -35.52 -14.89
C SER F 106 26.71 -34.21 -15.45
N HIS F 107 27.92 -33.88 -15.00
CA HIS F 107 28.59 -32.67 -15.43
C HIS F 107 30.09 -32.96 -15.47
N PRO F 108 30.86 -32.19 -16.25
CA PRO F 108 32.29 -32.50 -16.39
C PRO F 108 33.08 -32.30 -15.12
N LEU F 109 32.61 -31.48 -14.17
CA LEU F 109 33.40 -31.18 -12.99
C LEU F 109 33.54 -32.39 -12.07
N GLU F 110 32.50 -33.22 -11.97
CA GLU F 110 32.61 -34.42 -11.14
C GLU F 110 33.61 -35.40 -11.72
N VAL F 111 33.67 -35.50 -13.05
CA VAL F 111 34.62 -36.42 -13.69
C VAL F 111 36.05 -35.93 -13.48
N ARG F 112 36.28 -34.64 -13.71
CA ARG F 112 37.62 -34.10 -13.51
C ARG F 112 38.05 -34.24 -12.05
N TRP F 113 37.12 -34.03 -11.12
CA TRP F 113 37.41 -34.28 -9.72
C TRP F 113 37.75 -35.75 -9.50
N ALA F 114 36.94 -36.66 -10.05
CA ALA F 114 37.19 -38.08 -9.88
C ALA F 114 38.55 -38.48 -10.44
N GLU F 115 38.93 -37.89 -11.59
CA GLU F 115 40.20 -38.25 -12.22
C GLU F 115 41.38 -37.83 -11.36
N ARG F 116 41.27 -36.70 -10.66
CA ARG F 116 42.35 -36.27 -9.78
C ARG F 116 42.49 -37.19 -8.57
N ILE F 117 41.36 -37.72 -8.07
CA ILE F 117 41.41 -38.68 -6.98
C ILE F 117 42.11 -39.96 -7.44
N VAL F 118 41.70 -40.48 -8.61
CA VAL F 118 42.25 -41.74 -9.09
C VAL F 118 43.74 -41.59 -9.40
N ALA F 119 44.17 -40.41 -9.83
CA ALA F 119 45.59 -40.18 -10.04
C ALA F 119 46.35 -40.20 -8.72
N ALA F 120 45.81 -39.54 -7.69
CA ALA F 120 46.50 -39.48 -6.41
C ALA F 120 46.57 -40.83 -5.72
N PHE F 121 45.56 -41.69 -5.93
CA PHE F 121 45.42 -42.94 -5.19
C PHE F 121 45.43 -44.12 -6.16
N PRO F 122 46.58 -44.74 -6.39
CA PRO F 122 46.60 -45.98 -7.19
C PRO F 122 45.64 -47.03 -6.69
N SER F 123 45.42 -47.11 -5.38
CA SER F 123 44.50 -48.12 -4.85
C SER F 123 43.07 -47.87 -5.32
N ILE F 124 42.74 -46.63 -5.65
CA ILE F 124 41.40 -46.28 -6.12
C ILE F 124 41.38 -46.39 -7.63
N ARG F 125 40.69 -47.42 -8.14
CA ARG F 125 40.46 -47.54 -9.57
C ARG F 125 39.02 -47.23 -9.96
N LYS F 126 38.10 -47.25 -9.00
CA LYS F 126 36.76 -46.72 -9.20
C LYS F 126 36.29 -46.08 -7.90
N LEU F 127 35.47 -45.04 -8.04
CA LEU F 127 35.03 -44.28 -6.88
C LEU F 127 33.61 -43.81 -7.11
N ARG F 128 32.94 -43.46 -6.02
CA ARG F 128 31.66 -42.80 -6.08
C ARG F 128 31.58 -41.75 -4.99
N PHE F 129 31.04 -40.59 -5.33
CA PHE F 129 30.93 -39.50 -4.38
C PHE F 129 29.76 -39.75 -3.43
N THR F 130 29.82 -39.13 -2.27
CA THR F 130 28.77 -39.20 -1.27
C THR F 130 28.52 -37.81 -0.71
N GLY F 131 27.54 -37.71 0.20
CA GLY F 131 27.19 -36.43 0.76
C GLY F 131 28.10 -35.96 1.88
N SER F 132 28.74 -36.89 2.59
CA SER F 132 29.57 -36.55 3.74
C SER F 132 30.51 -37.70 4.04
N GLY F 133 31.43 -37.45 4.97
CA GLY F 133 32.28 -38.51 5.46
C GLY F 133 31.51 -39.61 6.16
N THR F 134 30.36 -39.26 6.76
CA THR F 134 29.55 -40.27 7.43
C THR F 134 28.84 -41.16 6.43
N GLU F 135 28.34 -40.59 5.33
CA GLU F 135 27.77 -41.39 4.26
C GLU F 135 28.83 -42.28 3.61
N THR F 136 30.10 -41.85 3.65
CA THR F 136 31.16 -42.60 2.99
C THR F 136 31.44 -43.91 3.72
N THR F 137 31.70 -43.84 5.03
CA THR F 137 31.96 -45.06 5.78
C THR F 137 30.72 -45.94 5.83
N LEU F 138 29.53 -45.35 5.85
CA LEU F 138 28.30 -46.15 5.80
C LEU F 138 28.22 -46.93 4.50
N LEU F 139 28.53 -46.27 3.38
CA LEU F 139 28.51 -46.95 2.09
C LEU F 139 29.63 -47.99 2.01
N ALA F 140 30.79 -47.67 2.59
CA ALA F 140 31.91 -48.61 2.57
C ALA F 140 31.54 -49.92 3.25
N LEU F 141 30.79 -49.86 4.36
CA LEU F 141 30.42 -51.07 5.07
C LEU F 141 29.39 -51.87 4.30
N ARG F 142 28.41 -51.20 3.68
CA ARG F 142 27.44 -51.90 2.85
C ARG F 142 28.10 -52.55 1.65
N VAL F 143 29.09 -51.88 1.07
CA VAL F 143 29.81 -52.44 -0.07
C VAL F 143 30.62 -53.66 0.36
N ALA F 144 31.32 -53.56 1.48
CA ALA F 144 32.14 -54.68 1.95
C ALA F 144 31.26 -55.87 2.32
N ARG F 145 30.12 -55.63 2.96
CA ARG F 145 29.24 -56.73 3.33
C ARG F 145 28.62 -57.36 2.09
N ALA F 146 28.28 -56.55 1.09
CA ALA F 146 27.67 -57.09 -0.13
C ALA F 146 28.68 -57.87 -0.96
N PHE F 147 29.91 -57.36 -1.06
CA PHE F 147 30.90 -58.01 -1.91
C PHE F 147 31.34 -59.34 -1.31
N THR F 148 31.73 -59.33 -0.03
CA THR F 148 32.21 -60.55 0.62
C THR F 148 31.09 -61.45 1.10
N GLY F 149 29.85 -60.96 1.15
CA GLY F 149 28.74 -61.76 1.64
C GLY F 149 28.78 -62.06 3.12
N ARG F 150 29.74 -61.49 3.86
CA ARG F 150 29.88 -61.74 5.27
C ARG F 150 29.08 -60.73 6.08
N ARG F 151 29.00 -60.97 7.40
CA ARG F 151 28.18 -60.17 8.30
C ARG F 151 28.98 -59.25 9.21
N MET F 152 30.16 -59.67 9.66
CA MET F 152 30.83 -58.99 10.75
C MET F 152 31.77 -57.91 10.24
N ILE F 153 31.89 -56.84 11.03
CA ILE F 153 32.77 -55.71 10.75
C ILE F 153 33.72 -55.55 11.93
N LEU F 154 35.00 -55.36 11.63
CA LEU F 154 36.03 -55.18 12.64
C LEU F 154 36.52 -53.74 12.62
N ARG F 155 36.61 -53.12 13.79
CA ARG F 155 37.17 -51.78 13.89
C ARG F 155 37.80 -51.60 15.26
N ILE F 156 38.57 -50.53 15.38
CA ILE F 156 39.35 -50.23 16.57
C ILE F 156 38.53 -49.36 17.51
N ALA F 157 38.54 -49.70 18.79
CA ALA F 157 37.78 -48.93 19.77
C ALA F 157 38.33 -47.51 19.87
N THR F 158 37.41 -46.55 19.93
CA THR F 158 37.63 -45.11 20.02
C THR F 158 37.96 -44.49 18.67
N HIS F 159 38.14 -45.27 17.60
CA HIS F 159 38.27 -44.71 16.27
C HIS F 159 36.92 -44.23 15.76
N TYR F 160 36.91 -43.08 15.09
CA TYR F 160 35.68 -42.42 14.67
C TYR F 160 35.54 -42.50 13.16
N HIS F 161 34.40 -43.02 12.69
CA HIS F 161 34.09 -43.10 11.27
C HIS F 161 32.74 -42.48 10.94
N GLY F 162 32.17 -41.70 11.86
CA GLY F 162 30.86 -41.12 11.69
C GLY F 162 29.94 -41.51 12.82
N TRP F 163 28.67 -41.08 12.68
CA TRP F 163 27.67 -41.26 13.72
C TRP F 163 26.61 -42.29 13.35
N HIS F 164 26.72 -42.93 12.18
CA HIS F 164 25.73 -43.93 11.81
C HIS F 164 25.82 -45.13 12.75
N ASP F 165 24.84 -46.04 12.62
CA ASP F 165 24.66 -47.08 13.61
C ASP F 165 25.88 -47.98 13.75
N PHE F 166 26.62 -48.21 12.66
CA PHE F 166 27.66 -49.23 12.65
C PHE F 166 28.98 -48.74 13.23
N SER F 167 29.13 -47.45 13.54
CA SER F 167 30.34 -46.94 14.16
C SER F 167 30.09 -46.21 15.47
N ALA F 168 28.85 -46.15 15.94
CA ALA F 168 28.55 -45.40 17.16
C ALA F 168 28.95 -46.15 18.41
N SER F 169 28.72 -47.46 18.45
CA SER F 169 29.03 -48.25 19.64
C SER F 169 30.52 -48.54 19.71
N GLY F 170 31.12 -48.26 20.87
CA GLY F 170 32.53 -48.49 21.08
C GLY F 170 33.43 -47.33 20.73
N TYR F 171 32.88 -46.17 20.36
CA TYR F 171 33.66 -44.99 20.08
C TYR F 171 33.95 -44.19 21.35
N ASN F 172 32.91 -43.86 22.12
CA ASN F 172 33.08 -43.16 23.39
C ASN F 172 32.38 -43.85 24.54
N SER F 173 31.79 -45.02 24.31
CA SER F 173 31.11 -45.78 25.37
C SER F 173 30.77 -47.15 24.81
N HIS F 174 30.32 -48.03 25.69
CA HIS F 174 29.95 -49.40 25.31
C HIS F 174 31.14 -50.14 24.71
N PHE F 175 32.30 -50.01 25.35
CA PHE F 175 33.51 -50.70 24.89
C PHE F 175 33.48 -52.18 25.17
N ASP F 176 32.45 -52.68 25.87
CA ASP F 176 32.27 -54.10 26.10
C ASP F 176 31.64 -54.82 24.91
N GLY F 177 31.18 -54.07 23.89
CA GLY F 177 30.54 -54.65 22.73
C GLY F 177 29.04 -54.47 22.69
N GLN F 178 28.43 -53.89 23.72
CA GLN F 178 26.99 -53.72 23.77
C GLN F 178 26.55 -52.59 22.83
N PRO F 179 25.28 -52.58 22.45
CA PRO F 179 24.80 -51.56 21.51
C PRO F 179 24.48 -50.25 22.19
N ALA F 180 24.69 -49.17 21.44
CA ALA F 180 24.32 -47.84 21.91
C ALA F 180 22.83 -47.61 21.73
N PRO F 181 22.27 -46.61 22.40
CA PRO F 181 20.84 -46.34 22.24
C PRO F 181 20.47 -46.13 20.77
N GLY F 182 19.41 -46.84 20.35
CA GLY F 182 18.97 -46.80 18.97
C GLY F 182 19.65 -47.80 18.06
N VAL F 183 20.79 -48.34 18.45
CA VAL F 183 21.52 -49.29 17.62
C VAL F 183 20.94 -50.68 17.82
N LEU F 184 20.47 -51.30 16.75
CA LEU F 184 19.94 -52.65 16.83
C LEU F 184 20.95 -53.56 17.54
N PRO F 185 20.52 -54.36 18.51
CA PRO F 185 21.49 -55.25 19.19
C PRO F 185 22.22 -56.18 18.24
N GLU F 186 21.61 -56.50 17.09
CA GLU F 186 22.25 -57.41 16.14
C GLU F 186 23.40 -56.70 15.41
N ILE F 187 23.35 -55.38 15.28
CA ILE F 187 24.47 -54.64 14.70
C ILE F 187 25.67 -54.72 15.62
N ALA F 188 25.45 -54.60 16.94
CA ALA F 188 26.55 -54.75 17.89
C ALA F 188 27.10 -56.17 17.86
N LYS F 189 26.24 -57.15 17.65
CA LYS F 189 26.70 -58.53 17.51
C LYS F 189 27.65 -58.66 16.32
N ASN F 190 27.30 -58.04 15.20
CA ASN F 190 28.11 -58.10 13.99
C ASN F 190 29.28 -57.13 14.00
N THR F 191 29.55 -56.49 15.13
CA THR F 191 30.69 -55.60 15.29
C THR F 191 31.70 -56.23 16.26
N LEU F 192 32.97 -56.14 15.91
CA LEU F 192 34.05 -56.65 16.74
C LEU F 192 35.02 -55.51 17.03
N LEU F 193 35.39 -55.36 18.31
CA LEU F 193 36.23 -54.26 18.74
C LEU F 193 37.56 -54.79 19.29
N ILE F 194 38.65 -54.12 18.92
CA ILE F 194 39.98 -54.42 19.44
C ILE F 194 40.63 -53.11 19.87
N ARG F 195 41.39 -53.16 20.96
CA ARG F 195 42.09 -51.97 21.42
C ARG F 195 43.21 -51.62 20.44
N PRO F 196 43.57 -50.35 20.32
CA PRO F 196 44.68 -49.98 19.43
C PRO F 196 45.99 -50.60 19.89
N ASP F 197 46.70 -51.22 18.95
CA ASP F 197 48.01 -51.82 19.15
C ASP F 197 47.97 -53.12 19.94
N ASP F 198 46.78 -53.63 20.27
CA ASP F 198 46.65 -54.93 20.93
C ASP F 198 46.80 -56.01 19.86
N ILE F 199 48.06 -56.25 19.48
CA ILE F 199 48.35 -57.18 18.39
C ILE F 199 47.88 -58.59 18.75
N GLU F 200 48.10 -59.00 20.00
CA GLU F 200 47.68 -60.34 20.40
C GLU F 200 46.16 -60.48 20.33
N GLY F 201 45.44 -59.41 20.65
CA GLY F 201 43.98 -59.46 20.55
C GLY F 201 43.50 -59.49 19.11
N MET F 202 44.19 -58.78 18.22
CA MET F 202 43.79 -58.76 16.81
C MET F 202 43.96 -60.13 16.17
N ARG F 203 45.02 -60.86 16.54
CA ARG F 203 45.23 -62.20 15.99
C ARG F 203 44.12 -63.15 16.45
N GLU F 204 43.77 -63.11 17.73
CA GLU F 204 42.69 -63.96 18.23
C GLU F 204 41.40 -63.73 17.46
N VAL F 205 41.08 -62.48 17.15
CA VAL F 205 39.83 -62.17 16.48
C VAL F 205 39.80 -62.79 15.09
N PHE F 206 40.89 -62.67 14.35
CA PHE F 206 40.96 -63.29 13.02
C PHE F 206 41.07 -64.80 13.10
N ALA F 207 41.43 -65.35 14.25
CA ALA F 207 41.49 -66.80 14.43
C ALA F 207 40.16 -67.39 14.87
N GLN F 208 39.27 -66.58 15.44
CA GLN F 208 37.96 -67.04 15.88
C GLN F 208 36.84 -66.72 14.88
N HIS F 209 36.86 -65.52 14.29
CA HIS F 209 35.83 -65.10 13.36
C HIS F 209 36.41 -64.63 12.03
N GLY F 210 37.65 -65.02 11.72
CA GLY F 210 38.31 -64.49 10.54
C GLY F 210 37.55 -64.73 9.25
N SER F 211 36.75 -65.79 9.19
CA SER F 211 36.00 -66.12 7.98
C SER F 211 34.66 -65.41 7.89
N ASP F 212 34.22 -64.75 8.97
CA ASP F 212 32.95 -64.02 8.98
C ASP F 212 33.14 -62.52 8.98
N ILE F 213 34.37 -62.03 8.83
CA ILE F 213 34.66 -60.60 8.90
C ILE F 213 34.60 -60.03 7.49
N ALA F 214 33.62 -59.17 7.24
CA ALA F 214 33.47 -58.57 5.92
C ALA F 214 34.57 -57.56 5.63
N ALA F 215 35.01 -56.83 6.66
CA ALA F 215 36.03 -55.81 6.46
C ALA F 215 36.64 -55.41 7.79
N PHE F 216 37.89 -54.97 7.72
CA PHE F 216 38.58 -54.35 8.86
C PHE F 216 38.76 -52.88 8.55
N ILE F 217 37.95 -52.03 9.16
CA ILE F 217 38.01 -50.58 8.96
C ILE F 217 38.80 -49.98 10.12
N ALA F 218 39.62 -48.98 9.80
CA ALA F 218 40.43 -48.32 10.82
C ALA F 218 40.83 -46.94 10.34
N GLU F 219 41.14 -46.08 11.30
CA GLU F 219 41.57 -44.70 11.05
C GLU F 219 43.08 -44.62 11.18
N PRO F 220 43.79 -44.05 10.21
CA PRO F 220 45.26 -43.96 10.33
C PRO F 220 45.68 -42.91 11.35
N VAL F 221 46.94 -43.02 11.77
CA VAL F 221 47.53 -42.13 12.77
C VAL F 221 46.92 -42.43 14.13
N GLY F 222 45.60 -42.36 14.23
CA GLY F 222 44.92 -42.70 15.45
C GLY F 222 43.51 -42.13 15.45
N SER F 223 42.81 -42.39 16.55
CA SER F 223 41.49 -41.82 16.75
C SER F 223 41.57 -40.30 16.65
N HIS F 224 40.72 -39.71 15.81
CA HIS F 224 40.68 -38.26 15.62
C HIS F 224 42.06 -37.74 15.20
N PHE F 225 42.71 -38.46 14.31
CA PHE F 225 44.01 -38.05 13.75
C PHE F 225 45.10 -38.05 14.84
N GLY F 226 45.07 -39.05 15.71
CA GLY F 226 46.15 -39.28 16.65
C GLY F 226 45.85 -38.95 18.09
N VAL F 227 44.63 -38.52 18.42
CA VAL F 227 44.29 -38.25 19.83
C VAL F 227 44.59 -39.48 20.66
N THR F 228 44.13 -40.65 20.21
CA THR F 228 44.58 -41.94 20.75
C THR F 228 45.44 -42.60 19.68
N PRO F 229 46.77 -42.53 19.78
CA PRO F 229 47.62 -43.02 18.69
C PRO F 229 47.47 -44.52 18.46
N VAL F 230 47.54 -44.91 17.19
CA VAL F 230 47.62 -46.31 16.77
C VAL F 230 48.81 -46.44 15.84
N SER F 231 49.68 -47.41 16.12
CA SER F 231 50.91 -47.55 15.36
C SER F 231 50.62 -47.91 13.91
N ASP F 232 51.54 -47.53 13.03
CA ASP F 232 51.43 -47.90 11.62
C ASP F 232 51.67 -49.40 11.42
N SER F 233 52.54 -50.00 12.22
CA SER F 233 52.77 -51.43 12.09
C SER F 233 51.55 -52.25 12.48
N PHE F 234 50.75 -51.74 13.43
CA PHE F 234 49.54 -52.44 13.85
C PHE F 234 48.49 -52.44 12.75
N LEU F 235 48.48 -51.40 11.90
CA LEU F 235 47.56 -51.38 10.77
C LEU F 235 48.10 -52.22 9.61
N ARG F 236 49.41 -52.19 9.38
CA ARG F 236 50.01 -53.10 8.41
C ARG F 236 49.69 -54.55 8.77
N GLU F 237 49.91 -54.93 10.02
CA GLU F 237 49.56 -56.28 10.46
C GLU F 237 48.07 -56.55 10.25
N GLY F 238 47.23 -55.60 10.64
CA GLY F 238 45.80 -55.77 10.45
C GLY F 238 45.41 -55.85 8.99
N ALA F 239 46.16 -55.17 8.11
CA ALA F 239 45.87 -55.23 6.69
C ALA F 239 46.27 -56.58 6.09
N GLU F 240 47.34 -57.19 6.58
CA GLU F 240 47.74 -58.50 6.07
C GLU F 240 46.78 -59.58 6.57
N LEU F 241 46.33 -59.48 7.83
CA LEU F 241 45.38 -60.46 8.35
C LEU F 241 44.07 -60.42 7.56
N ALA F 242 43.60 -59.22 7.23
CA ALA F 242 42.38 -59.10 6.46
C ALA F 242 42.48 -59.86 5.14
N ARG F 243 43.48 -59.51 4.32
CA ARG F 243 43.63 -60.16 3.02
C ARG F 243 43.76 -61.67 3.18
N GLN F 244 44.45 -62.11 4.23
CA GLN F 244 44.73 -63.54 4.39
C GLN F 244 43.55 -64.33 4.92
N TYR F 245 42.46 -63.67 5.32
CA TYR F 245 41.24 -64.35 5.72
C TYR F 245 40.07 -64.01 4.79
N GLY F 246 40.32 -63.27 3.72
CA GLY F 246 39.28 -62.95 2.75
C GLY F 246 38.48 -61.71 3.07
N ALA F 247 38.92 -60.88 4.03
CA ALA F 247 38.19 -59.68 4.42
C ALA F 247 38.81 -58.46 3.78
N LEU F 248 37.96 -57.51 3.38
CA LEU F 248 38.45 -56.26 2.83
C LEU F 248 39.12 -55.43 3.92
N PHE F 249 39.93 -54.46 3.48
CA PHE F 249 40.59 -53.53 4.40
C PHE F 249 40.18 -52.11 4.01
N ILE F 250 39.37 -51.49 4.86
CA ILE F 250 38.86 -50.13 4.64
C ILE F 250 39.72 -49.16 5.45
N LEU F 251 40.41 -48.26 4.77
CA LEU F 251 41.22 -47.24 5.42
C LEU F 251 40.47 -45.90 5.37
N ASP F 252 40.13 -45.37 6.55
CA ASP F 252 39.36 -44.13 6.65
C ASP F 252 40.33 -42.96 6.63
N GLU F 253 40.57 -42.41 5.44
CA GLU F 253 41.48 -41.29 5.25
C GLU F 253 40.75 -39.96 5.12
N VAL F 254 39.66 -39.76 5.87
CA VAL F 254 38.90 -38.52 5.76
C VAL F 254 39.75 -37.34 6.20
N ILE F 255 40.57 -37.52 7.23
CA ILE F 255 41.46 -36.47 7.68
C ILE F 255 42.81 -36.55 6.99
N SER F 256 43.37 -37.76 6.85
CA SER F 256 44.70 -37.90 6.26
C SER F 256 44.69 -37.52 4.78
N GLY F 257 43.57 -37.69 4.10
CA GLY F 257 43.48 -37.38 2.68
C GLY F 257 43.91 -35.97 2.33
N PHE F 258 44.91 -35.86 1.46
CA PHE F 258 45.42 -34.58 0.98
C PHE F 258 45.83 -33.66 2.13
N ARG F 259 46.30 -34.26 3.23
CA ARG F 259 46.88 -33.50 4.32
C ARG F 259 48.27 -34.03 4.65
N VAL F 260 48.38 -35.34 4.89
CA VAL F 260 49.68 -35.92 5.23
C VAL F 260 50.60 -35.95 4.01
N GLY F 261 50.03 -36.10 2.82
CA GLY F 261 50.83 -36.21 1.62
C GLY F 261 49.95 -36.23 0.40
N ASN F 262 50.58 -36.03 -0.76
CA ASN F 262 49.86 -35.94 -2.02
C ASN F 262 49.27 -37.28 -2.45
N HIS F 263 49.67 -38.39 -1.84
CA HIS F 263 49.16 -39.71 -2.18
C HIS F 263 48.59 -40.41 -0.96
N GLY F 264 48.16 -39.64 0.03
CA GLY F 264 47.45 -40.18 1.17
C GLY F 264 48.35 -40.93 2.14
N MET F 265 47.78 -41.31 3.28
CA MET F 265 48.54 -42.03 4.30
C MET F 265 48.91 -43.43 3.83
N GLN F 266 48.08 -44.03 2.96
CA GLN F 266 48.33 -45.41 2.54
C GLN F 266 49.67 -45.55 1.83
N ALA F 267 50.11 -44.52 1.11
CA ALA F 267 51.43 -44.56 0.49
C ALA F 267 52.54 -44.56 1.54
N LEU F 268 52.32 -43.86 2.66
CA LEU F 268 53.30 -43.88 3.74
C LEU F 268 53.26 -45.20 4.50
N LEU F 269 52.10 -45.86 4.53
CA LEU F 269 51.99 -47.17 5.16
C LEU F 269 52.43 -48.31 4.24
N ASP F 270 52.51 -48.06 2.92
CA ASP F 270 52.84 -49.09 1.95
C ASP F 270 51.79 -50.18 1.92
N VAL F 271 50.51 -49.77 2.00
CA VAL F 271 49.39 -50.67 1.86
C VAL F 271 48.47 -50.11 0.78
N GLN F 272 47.70 -51.00 0.16
CA GLN F 272 46.69 -50.61 -0.82
C GLN F 272 45.34 -51.13 -0.35
N PRO F 273 44.55 -50.29 0.34
CA PRO F 273 43.25 -50.75 0.81
C PRO F 273 42.34 -51.17 -0.33
N ASP F 274 41.41 -52.06 -0.03
CA ASP F 274 40.37 -52.41 -0.99
C ASP F 274 39.33 -51.31 -1.11
N LEU F 275 39.26 -50.42 -0.12
CA LEU F 275 38.33 -49.30 -0.11
C LEU F 275 38.95 -48.17 0.69
N THR F 276 38.92 -46.96 0.16
CA THR F 276 39.40 -45.77 0.86
C THR F 276 38.26 -44.78 1.02
N CYS F 277 38.11 -44.23 2.21
CA CYS F 277 37.13 -43.20 2.50
C CYS F 277 37.81 -41.84 2.49
N LEU F 278 37.23 -40.89 1.77
CA LEU F 278 37.77 -39.55 1.67
C LEU F 278 36.67 -38.52 1.88
N ALA F 279 37.06 -37.37 2.42
CA ALA F 279 36.17 -36.21 2.56
C ALA F 279 36.98 -35.01 3.01
N ALA F 281 39.16 -32.39 3.32
CA ALA F 281 40.07 -31.72 2.40
C ALA F 281 39.93 -32.23 0.97
N SER F 282 39.67 -33.53 0.80
CA SER F 282 39.48 -34.09 -0.53
C SER F 282 38.25 -33.53 -1.24
N ALA F 283 37.36 -32.84 -0.51
CA ALA F 283 36.19 -32.20 -1.10
C ALA F 283 36.33 -30.69 -1.13
N GLY F 284 37.56 -30.17 -1.10
CA GLY F 284 37.81 -28.76 -1.23
C GLY F 284 37.28 -27.89 -0.11
N GLY F 285 36.90 -28.48 1.02
CA GLY F 285 36.37 -27.70 2.13
C GLY F 285 34.89 -27.41 2.02
N LEU F 286 34.15 -28.28 1.35
CA LEU F 286 32.70 -28.17 1.20
C LEU F 286 32.07 -29.52 1.47
N PRO F 287 30.75 -29.56 1.66
CA PRO F 287 30.09 -30.84 1.93
C PRO F 287 30.33 -31.85 0.81
N GLY F 288 30.66 -33.07 1.21
CA GLY F 288 30.87 -34.14 0.25
C GLY F 288 31.81 -35.19 0.79
N GLY F 289 31.82 -36.33 0.10
CA GLY F 289 32.72 -37.42 0.45
C GLY F 289 32.96 -38.28 -0.76
N ILE F 290 33.94 -39.17 -0.64
CA ILE F 290 34.33 -40.06 -1.74
C ILE F 290 34.60 -41.44 -1.17
N LEU F 291 33.98 -42.46 -1.78
CA LEU F 291 34.33 -43.85 -1.55
C LEU F 291 34.97 -44.39 -2.83
N GLY F 292 36.15 -44.99 -2.69
CA GLY F 292 36.84 -45.57 -3.83
C GLY F 292 37.63 -46.79 -3.43
N GLY F 293 37.94 -47.61 -4.42
CA GLY F 293 38.74 -48.80 -4.15
C GLY F 293 38.82 -49.72 -5.35
N ARG F 294 39.03 -51.01 -5.05
CA ARG F 294 39.23 -52.01 -6.08
C ARG F 294 38.07 -52.05 -7.07
N GLU F 295 38.38 -52.40 -8.31
CA GLU F 295 37.37 -52.37 -9.37
C GLU F 295 36.27 -53.40 -9.11
N ASP F 296 36.65 -54.62 -8.70
CA ASP F 296 35.65 -55.64 -8.43
C ASP F 296 34.86 -55.34 -7.16
N VAL F 297 35.50 -54.75 -6.16
CA VAL F 297 34.80 -54.40 -4.92
C VAL F 297 33.76 -53.32 -5.19
N MET F 298 34.13 -52.30 -5.97
CA MET F 298 33.17 -51.26 -6.34
C MET F 298 32.14 -51.75 -7.34
N GLY F 299 32.35 -52.91 -7.96
CA GLY F 299 31.41 -53.40 -8.96
C GLY F 299 30.03 -53.68 -8.39
N VAL F 300 29.94 -53.96 -7.10
CA VAL F 300 28.65 -54.20 -6.46
C VAL F 300 27.74 -52.98 -6.51
N LEU F 301 28.26 -51.83 -6.97
CA LEU F 301 27.44 -50.66 -7.21
C LEU F 301 27.00 -50.53 -8.66
N SER F 302 27.38 -51.47 -9.52
CA SER F 302 27.03 -51.41 -10.94
C SER F 302 25.65 -51.98 -11.18
N ARG F 303 24.93 -51.37 -12.12
CA ARG F 303 23.60 -51.84 -12.49
C ARG F 303 23.59 -53.30 -12.92
N GLY F 304 24.74 -53.84 -13.33
CA GLY F 304 24.80 -55.21 -13.82
C GLY F 304 25.52 -56.15 -12.89
N SER F 305 25.25 -56.04 -11.58
CA SER F 305 25.86 -56.90 -10.59
C SER F 305 24.79 -57.71 -9.86
N ASP F 306 25.13 -58.96 -9.54
CA ASP F 306 24.23 -59.82 -8.78
C ASP F 306 24.16 -59.42 -7.31
N ARG F 307 25.02 -58.50 -6.86
CA ARG F 307 25.05 -58.04 -5.48
C ARG F 307 24.81 -56.53 -5.43
N LYS F 308 23.85 -56.06 -6.21
CA LYS F 308 23.66 -54.62 -6.40
C LYS F 308 23.35 -53.93 -5.08
N VAL F 309 24.05 -52.83 -4.82
CA VAL F 309 23.86 -52.01 -3.64
C VAL F 309 23.32 -50.66 -4.09
N LEU F 310 22.11 -50.33 -3.64
CA LEU F 310 21.50 -49.05 -3.99
C LEU F 310 22.32 -47.90 -3.42
N HIS F 311 22.60 -46.90 -4.27
CA HIS F 311 23.21 -45.67 -3.80
C HIS F 311 22.77 -44.52 -4.70
N GLN F 312 22.30 -43.44 -4.09
CA GLN F 312 21.89 -42.23 -4.80
C GLN F 312 22.33 -41.02 -3.99
N GLY F 313 21.96 -39.83 -4.47
CA GLY F 313 22.33 -38.60 -3.80
C GLY F 313 22.01 -37.37 -4.62
N THR F 314 21.02 -36.59 -4.16
CA THR F 314 20.57 -35.42 -4.90
C THR F 314 21.75 -34.49 -5.23
N PHE F 315 22.50 -34.08 -4.22
CA PHE F 315 23.61 -33.15 -4.38
C PHE F 315 24.96 -33.85 -4.33
N THR F 316 24.99 -35.17 -4.45
CA THR F 316 26.24 -35.92 -4.46
C THR F 316 27.02 -35.59 -5.72
N GLY F 317 28.27 -35.14 -5.55
CA GLY F 317 29.09 -34.78 -6.68
C GLY F 317 28.70 -33.49 -7.36
N ASN F 318 28.03 -32.57 -6.65
CA ASN F 318 27.53 -31.36 -7.28
C ASN F 318 28.68 -30.51 -7.79
N PRO F 319 28.41 -29.61 -8.74
CA PRO F 319 29.49 -28.82 -9.34
C PRO F 319 30.22 -27.93 -8.34
N ILE F 320 29.53 -27.41 -7.33
CA ILE F 320 30.16 -26.48 -6.40
C ILE F 320 31.26 -27.18 -5.62
N THR F 321 30.94 -28.29 -4.98
CA THR F 321 31.95 -29.07 -4.28
C THR F 321 33.07 -29.49 -5.22
N ALA F 322 32.71 -29.99 -6.40
CA ALA F 322 33.72 -30.47 -7.34
C ALA F 322 34.66 -29.35 -7.77
N ALA F 323 34.12 -28.15 -8.01
CA ALA F 323 34.97 -27.02 -8.35
C ALA F 323 35.95 -26.71 -7.22
N ALA F 324 35.44 -26.62 -6.00
CA ALA F 324 36.31 -26.42 -4.84
C ALA F 324 37.36 -27.50 -4.74
N ALA F 325 36.95 -28.77 -4.89
CA ALA F 325 37.89 -29.87 -4.73
C ALA F 325 38.99 -29.83 -5.80
N ILE F 326 38.62 -29.51 -7.05
CA ILE F 326 39.62 -29.42 -8.10
C ILE F 326 40.61 -28.29 -7.79
N ALA F 327 40.10 -27.12 -7.44
CA ALA F 327 40.98 -26.00 -7.09
C ALA F 327 41.85 -26.35 -5.90
N ALA F 328 41.29 -26.96 -4.87
CA ALA F 328 42.05 -27.27 -3.66
C ALA F 328 43.13 -28.30 -3.94
N ILE F 329 42.76 -29.42 -4.56
CA ILE F 329 43.72 -30.48 -4.83
C ILE F 329 44.87 -29.96 -5.69
N ASP F 330 44.54 -29.22 -6.74
CA ASP F 330 45.58 -28.66 -7.60
C ASP F 330 46.48 -27.71 -6.82
N THR F 331 45.91 -26.87 -5.96
CA THR F 331 46.71 -25.93 -5.18
C THR F 331 47.66 -26.67 -4.23
N ILE F 332 47.17 -27.73 -3.58
CA ILE F 332 48.01 -28.47 -2.65
C ILE F 332 49.20 -29.09 -3.37
N LEU F 333 48.97 -29.66 -4.56
CA LEU F 333 50.06 -30.27 -5.32
C LEU F 333 51.05 -29.21 -5.79
N GLU F 334 50.55 -28.20 -6.51
CA GLU F 334 51.42 -27.17 -7.08
C GLU F 334 52.29 -26.51 -6.01
N ASP F 335 51.67 -25.98 -4.97
CA ASP F 335 52.36 -25.24 -3.94
C ASP F 335 53.03 -26.12 -2.89
N ASP F 336 53.14 -27.44 -3.12
CA ASP F 336 53.79 -28.35 -2.18
C ASP F 336 53.31 -28.08 -0.75
N VAL F 337 51.99 -28.07 -0.59
CA VAL F 337 51.40 -27.68 0.69
C VAL F 337 51.67 -28.74 1.76
N CYS F 338 51.43 -30.00 1.43
CA CYS F 338 51.60 -31.07 2.41
C CYS F 338 53.00 -31.06 3.00
N ALA F 339 54.02 -30.80 2.16
CA ALA F 339 55.39 -30.73 2.66
C ALA F 339 55.55 -29.58 3.64
N LYS F 340 54.97 -28.42 3.34
CA LYS F 340 55.12 -27.27 4.21
C LYS F 340 54.45 -27.50 5.56
N ILE F 341 53.20 -27.95 5.55
CA ILE F 341 52.45 -28.04 6.81
C ILE F 341 53.00 -29.14 7.70
N ASN F 342 53.63 -30.17 7.12
CA ASN F 342 54.29 -31.18 7.94
C ASN F 342 55.52 -30.62 8.62
N ASP F 343 56.32 -29.83 7.89
CA ASP F 343 57.47 -29.15 8.50
C ASP F 343 57.01 -28.19 9.59
N LEU F 344 55.83 -27.59 9.43
CA LEU F 344 55.32 -26.66 10.43
C LEU F 344 54.80 -27.37 11.66
N GLY F 345 54.31 -28.60 11.51
CA GLY F 345 53.85 -29.36 12.67
C GLY F 345 55.01 -29.80 13.54
N GLN F 346 56.12 -30.19 12.93
CA GLN F 346 57.32 -30.52 13.70
C GLN F 346 57.79 -29.33 14.52
N PHE F 347 57.90 -28.16 13.87
CA PHE F 347 58.27 -26.94 14.58
C PHE F 347 57.35 -26.71 15.77
N ALA F 348 56.04 -26.76 15.53
CA ALA F 348 55.08 -26.51 16.59
C ALA F 348 55.24 -27.50 17.74
N ARG F 349 55.41 -28.79 17.42
CA ARG F 349 55.55 -29.78 18.47
C ARG F 349 56.81 -29.54 19.30
N GLU F 350 57.91 -29.18 18.64
CA GLU F 350 59.14 -28.88 19.36
C GLU F 350 58.96 -27.67 20.27
N ALA F 351 58.37 -26.59 19.74
CA ALA F 351 58.23 -25.37 20.52
C ALA F 351 57.35 -25.58 21.74
N MET F 352 56.20 -26.24 21.55
CA MET F 352 55.31 -26.50 22.68
C MET F 352 56.01 -27.34 23.75
N ASN F 353 56.76 -28.36 23.32
CA ASN F 353 57.52 -29.15 24.29
C ASN F 353 58.66 -28.35 24.89
N HIS F 354 59.27 -27.47 24.11
CA HIS F 354 60.30 -26.58 24.65
C HIS F 354 59.74 -25.71 25.76
N LEU F 355 58.49 -25.25 25.61
CA LEU F 355 57.89 -24.40 26.62
C LEU F 355 57.54 -25.17 27.88
N PHE F 356 56.98 -26.38 27.72
CA PHE F 356 56.62 -27.19 28.87
C PHE F 356 57.85 -27.52 29.72
N ALA F 357 58.94 -27.95 29.06
CA ALA F 357 60.17 -28.22 29.78
C ALA F 357 60.75 -26.96 30.40
N ARG F 358 60.60 -25.82 29.72
CA ARG F 358 61.13 -24.56 30.22
C ARG F 358 60.38 -24.06 31.45
N LYS F 359 59.17 -24.56 31.69
CA LYS F 359 58.35 -24.13 32.82
C LYS F 359 58.15 -25.24 33.86
N GLY F 360 58.92 -26.33 33.77
CA GLY F 360 58.78 -27.42 34.71
C GLY F 360 57.36 -27.97 34.76
N LEU F 361 56.80 -28.26 33.59
CA LEU F 361 55.43 -28.75 33.48
C LEU F 361 55.43 -30.19 32.98
N ASN F 362 54.58 -31.02 33.59
CA ASN F 362 54.36 -32.38 33.11
C ASN F 362 53.28 -32.38 32.02
N TRP F 363 53.59 -31.66 30.94
CA TRP F 363 52.72 -31.57 29.78
C TRP F 363 53.48 -32.01 28.54
N LEU F 364 52.74 -32.64 27.61
CA LEU F 364 53.33 -33.24 26.43
C LEU F 364 52.55 -32.83 25.19
N ALA F 365 53.26 -32.35 24.18
CA ALA F 365 52.69 -32.09 22.86
C ALA F 365 53.04 -33.29 21.98
N TYR F 366 52.07 -34.17 21.76
CA TYR F 366 52.25 -35.34 20.93
C TYR F 366 51.42 -35.22 19.66
N GLY F 367 51.63 -36.16 18.74
CA GLY F 367 50.97 -36.16 17.46
C GLY F 367 51.97 -36.26 16.33
N ARG F 368 51.43 -36.20 15.11
CA ARG F 368 52.23 -36.38 13.91
C ARG F 368 51.74 -35.41 12.83
N PHE F 369 52.57 -35.27 11.79
CA PHE F 369 52.22 -34.52 10.57
C PHE F 369 51.88 -33.09 10.95
N SER F 370 50.79 -32.53 10.45
CA SER F 370 50.49 -31.09 10.56
C SER F 370 49.52 -30.79 11.68
N GLY F 371 49.66 -31.46 12.83
CA GLY F 371 48.81 -31.19 13.97
C GLY F 371 49.25 -31.94 15.20
N PHE F 372 49.11 -31.32 16.37
CA PHE F 372 49.52 -31.94 17.62
C PHE F 372 48.34 -31.96 18.60
N HIS F 373 48.51 -32.76 19.65
CA HIS F 373 47.54 -32.85 20.73
C HIS F 373 48.27 -32.69 22.05
N LEU F 374 47.52 -32.34 23.09
CA LEU F 374 48.07 -32.13 24.41
C LEU F 374 47.66 -33.25 25.36
N MET F 375 48.52 -33.52 26.34
CA MET F 375 48.26 -34.55 27.33
C MET F 375 48.92 -34.15 28.64
N PRO F 376 48.19 -33.42 29.50
CA PRO F 376 48.72 -33.11 30.84
C PRO F 376 48.96 -34.39 31.63
N GLY F 377 50.19 -34.56 32.10
CA GLY F 377 50.56 -35.72 32.87
C GLY F 377 51.92 -36.27 32.50
N LEU F 378 52.19 -36.37 31.20
CA LEU F 378 53.45 -36.90 30.72
C LEU F 378 54.46 -35.78 30.53
N PRO F 379 55.76 -36.04 30.74
CA PRO F 379 56.76 -34.99 30.51
C PRO F 379 56.92 -34.69 29.03
N PRO F 380 57.43 -33.50 28.69
CA PRO F 380 57.51 -33.12 27.27
C PRO F 380 58.52 -33.92 26.45
N ASN F 381 59.34 -34.77 27.08
CA ASN F 381 60.31 -35.59 26.38
C ASN F 381 59.85 -37.03 26.22
N THR F 382 58.54 -37.28 26.34
CA THR F 382 58.00 -38.64 26.31
C THR F 382 58.03 -39.18 24.88
N THR F 383 58.91 -40.15 24.64
CA THR F 383 59.00 -40.76 23.32
C THR F 383 57.83 -41.70 23.06
N ASP F 384 57.50 -42.53 24.05
CA ASP F 384 56.48 -43.56 23.90
C ASP F 384 55.09 -42.97 24.20
N THR F 385 54.19 -43.06 23.23
CA THR F 385 52.80 -42.66 23.42
C THR F 385 51.92 -43.81 23.88
N GLY F 386 52.50 -44.99 24.12
CA GLY F 386 51.70 -46.14 24.52
C GLY F 386 50.93 -45.92 25.80
N SER F 387 51.45 -45.08 26.70
CA SER F 387 50.70 -44.75 27.91
C SER F 387 49.35 -44.11 27.57
N ILE F 388 49.24 -43.49 26.41
CA ILE F 388 47.96 -42.94 25.95
C ILE F 388 47.16 -43.97 25.19
N THR F 389 47.81 -44.72 24.30
CA THR F 389 47.13 -45.78 23.55
C THR F 389 46.42 -46.75 24.50
N ARG F 390 47.08 -47.13 25.58
CA ARG F 390 46.55 -48.13 26.51
C ARG F 390 45.69 -47.51 27.61
N ALA F 391 45.38 -46.21 27.52
CA ALA F 391 44.56 -45.54 28.52
C ALA F 391 45.15 -45.70 29.92
N GLU F 392 46.48 -45.61 30.01
CA GLU F 392 47.18 -45.74 31.27
C GLU F 392 47.45 -44.41 31.97
N VAL F 393 47.11 -43.30 31.34
CA VAL F 393 47.30 -41.97 31.91
C VAL F 393 45.93 -41.37 32.22
N ALA F 394 45.86 -40.63 33.32
CA ALA F 394 44.57 -40.12 33.79
C ALA F 394 44.02 -39.07 32.82
N ARG F 395 42.70 -39.13 32.61
CA ARG F 395 42.01 -38.10 31.84
C ARG F 395 42.14 -36.77 32.55
N PRO F 396 42.65 -35.71 31.90
CA PRO F 396 42.77 -34.43 32.58
C PRO F 396 41.44 -33.94 33.13
N ASP F 397 41.51 -33.11 34.17
CA ASP F 397 40.32 -32.60 34.83
C ASP F 397 39.43 -31.85 33.84
N VAL F 398 38.12 -32.05 33.98
CA VAL F 398 37.17 -31.40 33.09
C VAL F 398 37.29 -29.88 33.17
N LYS F 399 37.18 -29.34 34.39
CA LYS F 399 37.17 -27.90 34.56
C LYS F 399 38.45 -27.26 34.04
N MET F 400 39.58 -27.97 34.13
CA MET F 400 40.85 -27.38 33.70
C MET F 400 40.87 -27.18 32.19
N ILE F 401 40.42 -28.18 31.42
CA ILE F 401 40.43 -28.07 29.97
C ILE F 401 39.53 -26.93 29.53
N ALA F 402 38.33 -26.83 30.11
CA ALA F 402 37.43 -25.72 29.79
C ALA F 402 38.10 -24.39 30.09
N ALA F 403 38.72 -24.27 31.27
CA ALA F 403 39.45 -23.05 31.60
C ALA F 403 40.55 -22.77 30.58
N MET F 404 41.27 -23.81 30.16
CA MET F 404 42.31 -23.63 29.15
C MET F 404 41.73 -23.06 27.86
N ARG F 405 40.64 -23.67 27.38
CA ARG F 405 40.01 -23.21 26.14
C ARG F 405 39.57 -21.75 26.27
N MET F 406 38.85 -21.42 27.34
CA MET F 406 38.37 -20.06 27.53
C MET F 406 39.52 -19.08 27.66
N ALA F 407 40.56 -19.45 28.41
CA ALA F 407 41.70 -18.55 28.60
C ALA F 407 42.37 -18.25 27.27
N LEU F 408 42.55 -19.26 26.42
CA LEU F 408 43.10 -19.02 25.09
C LEU F 408 42.24 -18.05 24.31
N ILE F 409 40.92 -18.22 24.37
CA ILE F 409 40.01 -17.34 23.65
C ILE F 409 40.15 -15.90 24.16
N LEU F 410 40.39 -15.74 25.46
CA LEU F 410 40.63 -14.40 25.99
C LEU F 410 41.91 -13.80 25.42
N GLU F 411 42.89 -14.63 25.10
CA GLU F 411 44.13 -14.18 24.49
C GLU F 411 44.05 -14.09 22.96
N GLY F 412 42.85 -14.18 22.39
CA GLY F 412 42.69 -14.10 20.95
C GLY F 412 43.16 -15.32 20.19
N VAL F 413 43.09 -16.50 20.81
CA VAL F 413 43.50 -17.75 20.19
C VAL F 413 42.40 -18.78 20.40
N ASP F 414 42.23 -19.65 19.41
CA ASP F 414 41.24 -20.72 19.50
C ASP F 414 41.86 -22.02 18.99
N ILE F 415 41.87 -23.04 19.85
CA ILE F 415 42.26 -24.39 19.45
C ILE F 415 41.04 -25.30 19.57
N GLY F 416 41.22 -26.59 19.34
CA GLY F 416 40.10 -27.50 19.27
C GLY F 416 40.00 -28.50 20.41
N GLY F 417 38.77 -28.96 20.67
CA GLY F 417 38.53 -30.06 21.58
C GLY F 417 39.19 -29.90 22.94
N ARG F 418 40.01 -30.88 23.31
CA ARG F 418 40.72 -30.88 24.57
C ARG F 418 42.16 -30.38 24.44
N GLY F 419 42.52 -29.83 23.28
CA GLY F 419 43.84 -29.28 23.08
C GLY F 419 44.48 -29.80 21.81
N SER F 420 43.76 -29.69 20.70
CA SER F 420 44.24 -30.17 19.41
C SER F 420 44.38 -29.00 18.44
N VAL F 421 45.35 -29.12 17.53
CA VAL F 421 45.71 -28.04 16.63
C VAL F 421 45.94 -28.62 15.24
N PHE F 422 45.20 -28.11 14.25
CA PHE F 422 45.50 -28.33 12.85
C PHE F 422 46.17 -27.10 12.27
N LEU F 423 47.10 -27.33 11.34
CA LEU F 423 47.81 -26.27 10.66
C LEU F 423 47.43 -26.24 9.19
N SER F 424 47.44 -25.05 8.62
CA SER F 424 47.04 -24.84 7.23
C SER F 424 48.18 -24.22 6.45
N ALA F 425 48.05 -24.24 5.12
CA ALA F 425 49.06 -23.66 4.26
C ALA F 425 49.32 -22.20 4.59
N GLN F 426 48.32 -21.48 5.11
CA GLN F 426 48.47 -20.07 5.42
C GLN F 426 49.06 -19.84 6.81
N HIS F 427 49.24 -20.88 7.62
CA HIS F 427 49.94 -20.74 8.88
C HIS F 427 51.44 -20.64 8.65
N GLU F 428 52.10 -19.87 9.50
CA GLU F 428 53.54 -19.63 9.42
C GLU F 428 54.15 -19.85 10.80
N ARG F 429 55.48 -19.82 10.85
CA ARG F 429 56.16 -19.93 12.14
C ARG F 429 55.75 -18.80 13.08
N GLU F 430 55.47 -17.61 12.54
CA GLU F 430 55.06 -16.49 13.37
C GLU F 430 53.81 -16.82 14.18
N HIS F 431 52.83 -17.46 13.54
CA HIS F 431 51.61 -17.83 14.27
C HIS F 431 51.90 -18.88 15.34
N VAL F 432 52.82 -19.79 15.05
CA VAL F 432 53.15 -20.84 16.03
C VAL F 432 53.81 -20.22 17.25
N GLU F 433 54.78 -19.33 17.03
CA GLU F 433 55.42 -18.65 18.15
C GLU F 433 54.41 -17.85 18.97
N HIS F 434 53.41 -17.28 18.30
CA HIS F 434 52.35 -16.56 19.03
C HIS F 434 51.52 -17.54 19.86
N LEU F 435 51.35 -18.77 19.39
CA LEU F 435 50.61 -19.77 20.16
C LEU F 435 51.38 -20.16 21.41
N VAL F 436 52.70 -20.33 21.29
CA VAL F 436 53.52 -20.68 22.45
C VAL F 436 53.56 -19.52 23.44
N THR F 437 53.80 -18.31 22.93
CA THR F 437 53.77 -17.12 23.80
C THR F 437 52.42 -17.00 24.49
N THR F 438 51.33 -17.24 23.76
CA THR F 438 50.00 -17.18 24.38
C THR F 438 49.82 -18.29 25.40
N PHE F 439 50.36 -19.48 25.13
CA PHE F 439 50.19 -20.59 26.06
C PHE F 439 50.94 -20.35 27.35
N ASP F 440 52.09 -19.67 27.29
CA ASP F 440 52.82 -19.34 28.50
C ASP F 440 51.94 -18.57 29.46
N ARG F 441 51.23 -17.54 28.97
CA ARG F 441 50.34 -16.77 29.83
C ARG F 441 49.18 -17.62 30.32
N VAL F 442 48.56 -18.39 29.43
CA VAL F 442 47.42 -19.22 29.81
C VAL F 442 47.82 -20.16 30.94
N LEU F 443 48.90 -20.92 30.76
CA LEU F 443 49.37 -21.82 31.80
C LEU F 443 49.57 -21.07 33.11
N ASP F 444 50.23 -19.92 33.06
CA ASP F 444 50.43 -19.12 34.27
C ASP F 444 49.10 -18.76 34.92
N ARG F 445 48.11 -18.39 34.11
CA ARG F 445 46.80 -18.05 34.67
C ARG F 445 46.07 -19.28 35.19
N LEU F 446 46.27 -20.43 34.55
CA LEU F 446 45.71 -21.67 35.07
C LEU F 446 46.27 -22.00 36.44
N ALA F 447 47.52 -21.63 36.70
CA ALA F 447 48.12 -21.87 38.02
C ALA F 447 47.41 -21.06 39.09
N ASP F 448 47.08 -19.80 38.79
CA ASP F 448 46.41 -18.93 39.76
C ASP F 448 45.01 -19.41 40.12
N GLU F 449 44.52 -20.48 39.51
CA GLU F 449 43.24 -21.06 39.89
C GLU F 449 43.35 -22.58 40.02
#